data_4E1O
#
_entry.id   4E1O
#
_cell.length_a   215.163
_cell.length_b   112.723
_cell.length_c   171.393
_cell.angle_alpha   90.00
_cell.angle_beta   110.30
_cell.angle_gamma   90.00
#
_symmetry.space_group_name_H-M   'C 1 2 1'
#
loop_
_entity.id
_entity.type
_entity.pdbx_description
1 polymer 'Histidine decarboxylase'
2 non-polymer "PYRIDOXAL-5'-PHOSPHATE"
3 non-polymer HISTIDINE-METHYL-ESTER
4 water water
#
_entity_poly.entity_id   1
_entity_poly.type   'polypeptide(L)'
_entity_poly.pdbx_seq_one_letter_code
;GPLGSMEPEEYRERGREMVDYICQYLSTVRERRVTPDVQPGYLRAQLPESAPEDPDSWDSIFGDIERIIMPGVVHWQSPH
MHAYYPALTSWPSLLGDMLADAINCLGFTWASSPACTELEMNVMDWLAKMLGLPEHFLHHHPSSQGGGVLQSTVSESTLI
ALLAARKNKILEMKTSEPDADESSLNARLVAYASDQAHSSVEKAGLISLVKMKFLPVDDNFSLRGEALQKAIEEDKQRGL
VPVFVCATLGTTGVCAFD(CSX)LSELGPICAREGLWLHIDAAYAGTAFLCPEFRGFLKGIEYADSFTFNPSKWMMVHFD
CTGFWVKDKYKLQQTFSVNPIYLRHANSGVATDFMHWQIPLSRRFRSVKLWFVIRSFGVKNLQAHVRHGTEMAKYFESLV
RNDPSFEIPAKRHLGLVVFRLKGPNSLTENVLKEIAKAGRLFLIPATIQDKLIIRFTVTSQFTTRDDILRDWNLIRDAAT
LILSQ
;
_entity_poly.pdbx_strand_id   A,B,C,D,E,F
#
# COMPACT_ATOMS: atom_id res chain seq x y z
N SER A 5 -32.06 10.39 1.89
CA SER A 5 -32.19 10.13 3.35
C SER A 5 -31.38 11.13 4.18
N MET A 6 -30.07 11.07 4.02
CA MET A 6 -29.16 11.86 4.84
C MET A 6 -27.82 11.94 4.13
N GLU A 7 -27.24 13.15 4.10
CA GLU A 7 -25.96 13.38 3.44
C GLU A 7 -24.79 13.20 4.41
N PRO A 8 -23.59 12.93 3.88
CA PRO A 8 -22.37 12.72 4.68
C PRO A 8 -22.15 13.75 5.79
N GLU A 9 -22.31 15.03 5.46
CA GLU A 9 -22.10 16.08 6.46
C GLU A 9 -23.20 16.07 7.54
N GLU A 10 -24.41 15.67 7.15
CA GLU A 10 -25.49 15.53 8.11
C GLU A 10 -25.24 14.34 9.04
N TYR A 11 -24.77 13.24 8.48
CA TYR A 11 -24.34 12.10 9.31
C TYR A 11 -23.33 12.55 10.37
N ARG A 12 -22.31 13.31 9.95
CA ARG A 12 -21.29 13.82 10.89
C ARG A 12 -21.93 14.60 12.04
N GLU A 13 -22.91 15.43 11.71
CA GLU A 13 -23.66 16.23 12.68
C GLU A 13 -24.51 15.35 13.61
N ARG A 14 -25.24 14.41 13.00
CA ARG A 14 -26.13 13.53 13.78
C ARG A 14 -25.35 12.51 14.59
N GLY A 15 -24.22 12.06 14.07
CA GLY A 15 -23.32 11.19 14.81
C GLY A 15 -22.83 11.86 16.09
N ARG A 16 -22.44 13.12 15.96
CA ARG A 16 -22.04 13.91 17.12
C ARG A 16 -23.18 14.06 18.13
N GLU A 17 -24.39 14.34 17.65
CA GLU A 17 -25.52 14.48 18.54
CA GLU A 17 -25.55 14.48 18.51
C GLU A 17 -25.80 13.18 19.28
N MET A 18 -25.60 12.06 18.59
CA MET A 18 -25.83 10.73 19.18
C MET A 18 -24.76 10.39 20.22
N VAL A 19 -23.51 10.68 19.90
CA VAL A 19 -22.41 10.51 20.85
C VAL A 19 -22.69 11.30 22.13
N ASP A 20 -23.11 12.55 21.99
CA ASP A 20 -23.41 13.41 23.14
C ASP A 20 -24.63 12.91 23.91
N TYR A 21 -25.65 12.44 23.19
CA TYR A 21 -26.80 11.83 23.84
C TYR A 21 -26.39 10.62 24.68
N ILE A 22 -25.59 9.73 24.08
CA ILE A 22 -25.15 8.50 24.74
C ILE A 22 -24.32 8.81 25.98
N CYS A 23 -23.40 9.77 25.87
CA CYS A 23 -22.59 10.16 27.01
C CYS A 23 -23.46 10.61 28.18
N GLN A 24 -24.43 11.47 27.90
CA GLN A 24 -25.34 11.97 28.93
C GLN A 24 -26.22 10.83 29.49
N TYR A 25 -26.72 9.97 28.60
CA TYR A 25 -27.57 8.86 29.00
C TYR A 25 -26.86 7.91 29.97
N LEU A 26 -25.66 7.47 29.59
CA LEU A 26 -24.92 6.52 30.44
C LEU A 26 -24.42 7.17 31.72
N SER A 27 -24.12 8.46 31.66
CA SER A 27 -23.64 9.21 32.83
C SER A 27 -24.73 9.50 33.87
N THR A 28 -25.99 9.58 33.46
CA THR A 28 -27.08 9.98 34.36
C THR A 28 -28.11 8.88 34.59
N VAL A 29 -27.76 7.65 34.20
CA VAL A 29 -28.70 6.53 34.18
C VAL A 29 -29.32 6.22 35.56
N ARG A 30 -28.60 6.51 36.64
CA ARG A 30 -29.13 6.36 38.01
C ARG A 30 -30.44 7.11 38.25
N GLU A 31 -30.65 8.22 37.54
CA GLU A 31 -31.83 9.08 37.72
C GLU A 31 -33.10 8.46 37.15
N ARG A 32 -32.94 7.42 36.33
CA ARG A 32 -34.04 6.75 35.67
C ARG A 32 -34.65 5.67 36.55
N ARG A 33 -35.97 5.53 36.46
CA ARG A 33 -36.66 4.34 36.94
C ARG A 33 -36.11 3.16 36.15
N VAL A 34 -35.62 2.12 36.81
CA VAL A 34 -34.99 0.98 36.09
C VAL A 34 -36.00 0.20 35.26
N THR A 35 -37.15 -0.12 35.86
CA THR A 35 -38.21 -0.82 35.13
C THR A 35 -39.35 0.14 34.86
N PRO A 36 -39.88 0.14 33.63
CA PRO A 36 -40.90 1.09 33.22
C PRO A 36 -42.31 0.74 33.68
N ASP A 37 -43.11 1.78 33.98
CA ASP A 37 -44.49 1.60 34.39
C ASP A 37 -45.36 1.57 33.14
N VAL A 38 -45.29 0.47 32.41
CA VAL A 38 -46.08 0.30 31.20
C VAL A 38 -46.73 -1.07 31.22
N GLN A 39 -47.81 -1.22 30.45
CA GLN A 39 -48.50 -2.49 30.29
C GLN A 39 -48.28 -3.02 28.87
N PRO A 40 -48.38 -4.35 28.70
CA PRO A 40 -48.20 -4.89 27.36
C PRO A 40 -49.15 -4.25 26.34
N GLY A 41 -48.61 -3.91 25.18
CA GLY A 41 -49.38 -3.30 24.10
C GLY A 41 -49.38 -1.78 24.08
N TYR A 42 -48.71 -1.15 25.05
CA TYR A 42 -48.68 0.31 25.20
C TYR A 42 -48.18 1.08 23.97
N LEU A 43 -47.25 0.49 23.21
CA LEU A 43 -46.57 1.23 22.15
C LEU A 43 -47.39 1.38 20.88
N ARG A 44 -48.26 0.42 20.58
CA ARG A 44 -48.97 0.40 19.31
C ARG A 44 -49.69 1.71 19.00
N ALA A 45 -50.44 2.23 19.96
CA ALA A 45 -51.24 3.44 19.75
C ALA A 45 -50.38 4.70 19.66
N GLN A 46 -49.10 4.59 20.04
CA GLN A 46 -48.18 5.72 20.01
C GLN A 46 -47.39 5.82 18.70
N LEU A 47 -47.52 4.79 17.85
CA LEU A 47 -46.83 4.75 16.55
C LEU A 47 -47.84 4.73 15.41
N PRO A 48 -47.46 5.29 14.26
CA PRO A 48 -48.27 5.12 13.05
C PRO A 48 -48.52 3.65 12.71
N GLU A 49 -49.64 3.37 12.07
CA GLU A 49 -50.00 2.01 11.68
C GLU A 49 -49.22 1.51 10.46
N SER A 50 -48.60 2.43 9.72
CA SER A 50 -47.79 2.07 8.55
C SER A 50 -46.51 2.89 8.51
N ALA A 51 -45.52 2.38 7.77
CA ALA A 51 -44.27 3.10 7.57
C ALA A 51 -44.52 4.40 6.80
N PRO A 52 -43.67 5.41 7.01
CA PRO A 52 -43.87 6.68 6.31
C PRO A 52 -43.44 6.56 4.85
N GLU A 53 -44.19 7.20 3.97
CA GLU A 53 -43.88 7.18 2.53
C GLU A 53 -42.71 8.09 2.20
N ASP A 54 -42.71 9.28 2.78
CA ASP A 54 -41.62 10.23 2.65
C ASP A 54 -40.76 10.14 3.89
N PRO A 55 -39.51 10.65 3.82
CA PRO A 55 -38.64 10.65 5.01
C PRO A 55 -39.25 11.43 6.17
N ASP A 56 -39.19 10.84 7.37
CA ASP A 56 -39.45 11.60 8.58
C ASP A 56 -38.21 12.44 8.83
N SER A 57 -38.38 13.59 9.47
CA SER A 57 -37.24 14.44 9.80
C SER A 57 -36.39 13.78 10.86
N TRP A 58 -35.09 14.07 10.84
CA TRP A 58 -34.21 13.54 11.89
C TRP A 58 -34.55 14.12 13.26
N ASP A 59 -35.00 15.37 13.33
CA ASP A 59 -35.42 15.96 14.59
C ASP A 59 -36.56 15.14 15.22
N SER A 60 -37.46 14.64 14.38
CA SER A 60 -38.56 13.81 14.83
C SER A 60 -38.09 12.42 15.26
N ILE A 61 -37.19 11.83 14.46
CA ILE A 61 -36.63 10.50 14.77
C ILE A 61 -35.86 10.55 16.08
N PHE A 62 -34.96 11.52 16.20
CA PHE A 62 -34.18 11.71 17.42
C PHE A 62 -35.06 12.07 18.61
N GLY A 63 -36.03 12.95 18.40
CA GLY A 63 -36.99 13.34 19.45
C GLY A 63 -37.77 12.16 20.02
N ASP A 64 -38.02 11.16 19.20
CA ASP A 64 -38.76 9.97 19.63
C ASP A 64 -37.98 9.05 20.56
N ILE A 65 -36.68 9.25 20.69
CA ILE A 65 -35.87 8.44 21.61
C ILE A 65 -36.43 8.62 23.02
N GLU A 66 -36.48 9.85 23.52
CA GLU A 66 -37.07 10.11 24.84
C GLU A 66 -38.59 10.04 24.82
N ARG A 67 -39.21 10.45 23.72
CA ARG A 67 -40.67 10.60 23.70
C ARG A 67 -41.41 9.26 23.72
N ILE A 68 -40.93 8.27 22.96
CA ILE A 68 -41.62 6.97 22.92
C ILE A 68 -40.76 5.70 23.10
N ILE A 69 -39.44 5.78 22.92
CA ILE A 69 -38.60 4.59 23.15
C ILE A 69 -38.22 4.40 24.61
N MET A 70 -37.57 5.40 25.21
CA MET A 70 -37.10 5.30 26.59
C MET A 70 -38.17 4.96 27.64
N PRO A 71 -39.43 5.46 27.48
CA PRO A 71 -40.48 5.14 28.45
C PRO A 71 -40.79 3.65 28.64
N GLY A 72 -40.37 2.81 27.70
CA GLY A 72 -40.56 1.36 27.79
C GLY A 72 -39.29 0.54 27.93
N VAL A 73 -38.16 1.21 28.16
CA VAL A 73 -36.85 0.55 28.25
C VAL A 73 -36.56 0.13 29.69
N VAL A 74 -36.04 -1.07 29.86
CA VAL A 74 -35.39 -1.45 31.11
C VAL A 74 -33.93 -1.03 31.01
N HIS A 75 -33.48 -0.22 31.96
CA HIS A 75 -32.15 0.37 31.92
C HIS A 75 -31.12 -0.57 32.51
N TRP A 76 -30.69 -1.51 31.68
CA TRP A 76 -29.70 -2.53 32.03
C TRP A 76 -28.37 -1.96 32.49
N GLN A 77 -28.03 -0.75 32.06
CA GLN A 77 -26.78 -0.12 32.50
C GLN A 77 -26.90 0.66 33.81
N SER A 78 -28.06 0.62 34.46
CA SER A 78 -28.21 1.26 35.75
C SER A 78 -27.50 0.47 36.84
N PRO A 79 -26.75 1.15 37.72
CA PRO A 79 -26.28 0.46 38.92
C PRO A 79 -27.41 -0.11 39.77
N HIS A 80 -28.64 0.34 39.54
CA HIS A 80 -29.80 -0.17 40.27
C HIS A 80 -30.49 -1.34 39.54
N MET A 81 -29.92 -1.75 38.40
CA MET A 81 -30.28 -3.01 37.76
C MET A 81 -29.63 -4.14 38.53
N HIS A 82 -30.42 -5.06 39.06
CA HIS A 82 -29.89 -6.20 39.80
C HIS A 82 -30.50 -7.54 39.35
N ALA A 83 -31.20 -7.52 38.22
CA ALA A 83 -31.89 -8.70 37.71
C ALA A 83 -30.96 -9.52 36.83
N TYR A 84 -31.30 -10.80 36.70
CA TYR A 84 -30.64 -11.69 35.78
C TYR A 84 -29.14 -11.72 36.11
N TYR A 85 -28.30 -11.76 35.08
CA TYR A 85 -26.89 -11.46 35.27
C TYR A 85 -26.61 -10.13 34.58
N PRO A 86 -25.44 -9.53 34.84
CA PRO A 86 -25.21 -8.25 34.19
C PRO A 86 -25.13 -8.43 32.67
N ALA A 87 -25.40 -7.37 31.93
CA ALA A 87 -25.00 -7.28 30.53
C ALA A 87 -24.47 -5.86 30.34
N LEU A 88 -23.14 -5.73 30.40
CA LEU A 88 -22.51 -4.42 30.49
C LEU A 88 -21.98 -3.91 29.15
N THR A 89 -22.27 -2.64 28.87
CA THR A 89 -21.62 -1.96 27.77
C THR A 89 -20.44 -1.12 28.32
N SER A 90 -19.68 -0.53 27.41
CA SER A 90 -18.60 0.37 27.78
C SER A 90 -18.23 1.23 26.59
N TRP A 91 -17.61 2.37 26.87
CA TRP A 91 -17.23 3.31 25.81
C TRP A 91 -16.41 2.62 24.70
N PRO A 92 -15.37 1.86 25.04
CA PRO A 92 -14.57 1.19 23.99
C PRO A 92 -15.39 0.22 23.13
N SER A 93 -16.34 -0.48 23.77
CA SER A 93 -17.17 -1.45 23.06
C SER A 93 -18.03 -0.74 22.02
N LEU A 94 -18.58 0.42 22.40
CA LEU A 94 -19.39 1.24 21.50
C LEU A 94 -18.58 1.65 20.27
N LEU A 95 -17.35 2.10 20.52
CA LEU A 95 -16.51 2.65 19.45
C LEU A 95 -16.10 1.55 18.47
N GLY A 96 -15.78 0.37 19.00
CA GLY A 96 -15.43 -0.78 18.19
C GLY A 96 -16.53 -1.20 17.22
N ASP A 97 -17.76 -1.33 17.72
CA ASP A 97 -18.87 -1.74 16.86
C ASP A 97 -19.25 -0.65 15.86
N MET A 98 -19.00 0.62 16.21
CA MET A 98 -19.25 1.69 15.25
C MET A 98 -18.48 1.42 13.97
N LEU A 99 -17.20 1.04 14.12
CA LEU A 99 -16.37 0.71 12.98
C LEU A 99 -16.88 -0.54 12.25
N ALA A 100 -17.14 -1.61 13.01
CA ALA A 100 -17.60 -2.87 12.40
C ALA A 100 -18.89 -2.67 11.60
N ASP A 101 -19.83 -1.91 12.17
CA ASP A 101 -21.10 -1.63 11.51
C ASP A 101 -20.92 -0.86 10.19
N ALA A 102 -19.90 -0.01 10.15
CA ALA A 102 -19.59 0.79 8.95
C ALA A 102 -18.95 -0.05 7.87
N ILE A 103 -17.96 -0.86 8.22
CA ILE A 103 -17.34 -1.76 7.26
C ILE A 103 -18.40 -2.74 6.76
N ASN A 104 -19.17 -3.27 7.70
CA ASN A 104 -20.24 -4.24 7.41
C ASN A 104 -19.82 -5.34 6.45
N CYS A 105 -18.69 -5.96 6.74
CA CYS A 105 -18.27 -7.16 6.03
C CYS A 105 -18.86 -8.40 6.70
N LEU A 106 -18.92 -9.50 5.96
CA LEU A 106 -19.37 -10.77 6.51
C LEU A 106 -18.22 -11.76 6.41
N GLY A 107 -18.11 -12.63 7.40
CA GLY A 107 -16.94 -13.50 7.53
C GLY A 107 -17.23 -14.98 7.56
N PHE A 108 -18.17 -15.43 6.73
CA PHE A 108 -18.50 -16.87 6.66
C PHE A 108 -17.30 -17.73 6.25
N THR A 109 -16.46 -17.22 5.36
CA THR A 109 -15.19 -17.85 5.03
C THR A 109 -14.06 -16.87 5.23
N TRP A 110 -12.83 -17.39 5.27
CA TRP A 110 -11.66 -16.54 5.35
C TRP A 110 -11.66 -15.55 4.19
N ALA A 111 -11.99 -16.04 2.99
CA ALA A 111 -11.98 -15.22 1.78
C ALA A 111 -13.01 -14.07 1.78
N SER A 112 -14.16 -14.28 2.41
CA SER A 112 -15.22 -13.27 2.38
C SER A 112 -14.80 -11.97 3.13
N SER A 113 -13.86 -12.11 4.07
CA SER A 113 -13.14 -10.95 4.67
C SER A 113 -12.08 -11.45 5.65
N PRO A 114 -10.83 -11.61 5.18
CA PRO A 114 -9.77 -12.22 6.00
C PRO A 114 -9.66 -11.65 7.42
N ALA A 115 -9.70 -10.32 7.54
CA ALA A 115 -9.57 -9.66 8.83
C ALA A 115 -10.63 -10.10 9.84
N CYS A 116 -11.85 -10.33 9.37
CA CYS A 116 -12.94 -10.78 10.24
C CYS A 116 -12.61 -12.09 10.95
N THR A 117 -11.91 -12.99 10.25
CA THR A 117 -11.52 -14.28 10.78
C THR A 117 -10.22 -14.18 11.59
N GLU A 118 -9.23 -13.50 11.03
CA GLU A 118 -7.91 -13.47 11.67
C GLU A 118 -7.87 -12.63 12.94
N LEU A 119 -8.55 -11.51 13.00
CA LEU A 119 -8.57 -10.75 14.26
C LEU A 119 -9.23 -11.62 15.33
N GLU A 120 -10.33 -12.27 14.97
CA GLU A 120 -11.05 -13.12 15.91
C GLU A 120 -10.18 -14.27 16.44
N MET A 121 -9.47 -14.96 15.57
CA MET A 121 -8.58 -16.04 15.99
C MET A 121 -7.57 -15.54 17.00
N ASN A 122 -6.96 -14.38 16.71
CA ASN A 122 -5.89 -13.89 17.58
C ASN A 122 -6.42 -13.38 18.91
N VAL A 123 -7.59 -12.74 18.89
CA VAL A 123 -8.18 -12.22 20.12
C VAL A 123 -8.74 -13.35 20.98
N MET A 124 -9.26 -14.40 20.35
CA MET A 124 -9.74 -15.55 21.11
C MET A 124 -8.58 -16.28 21.79
N ASP A 125 -7.40 -16.29 21.15
CA ASP A 125 -6.20 -16.80 21.81
C ASP A 125 -5.78 -15.93 22.99
N TRP A 126 -5.77 -14.61 22.82
CA TRP A 126 -5.55 -13.67 23.93
C TRP A 126 -6.47 -14.00 25.10
N LEU A 127 -7.74 -14.15 24.80
CA LEU A 127 -8.78 -14.28 25.81
C LEU A 127 -8.68 -15.62 26.52
N ALA A 128 -8.40 -16.70 25.78
CA ALA A 128 -8.12 -18.00 26.42
C ALA A 128 -6.97 -17.88 27.43
N LYS A 129 -5.90 -17.20 27.05
CA LYS A 129 -4.78 -17.00 27.97
C LYS A 129 -5.19 -16.19 29.20
N MET A 130 -5.98 -15.14 28.98
CA MET A 130 -6.46 -14.27 30.06
C MET A 130 -7.32 -15.04 31.06
N LEU A 131 -8.06 -16.03 30.58
CA LEU A 131 -8.93 -16.86 31.45
C LEU A 131 -8.20 -18.02 32.13
N GLY A 132 -6.97 -18.30 31.74
CA GLY A 132 -6.25 -19.47 32.23
C GLY A 132 -6.75 -20.78 31.66
N LEU A 133 -7.29 -20.74 30.44
CA LEU A 133 -7.72 -21.94 29.76
C LEU A 133 -6.52 -22.74 29.26
N PRO A 134 -6.71 -24.07 29.13
CA PRO A 134 -5.69 -24.95 28.55
C PRO A 134 -5.18 -24.48 27.18
N GLU A 135 -3.90 -24.73 26.93
CA GLU A 135 -3.29 -24.36 25.65
C GLU A 135 -3.90 -25.11 24.47
N HIS A 136 -4.53 -26.25 24.72
CA HIS A 136 -5.17 -26.99 23.62
C HIS A 136 -6.46 -26.32 23.12
N PHE A 137 -6.83 -25.18 23.71
CA PHE A 137 -7.92 -24.36 23.19
C PHE A 137 -7.41 -23.20 22.33
N LEU A 138 -6.10 -23.09 22.14
CA LEU A 138 -5.52 -22.00 21.35
C LEU A 138 -5.46 -22.40 19.88
N HIS A 139 -5.82 -21.48 18.98
CA HIS A 139 -5.60 -21.69 17.55
C HIS A 139 -4.12 -21.94 17.23
N HIS A 140 -3.23 -21.16 17.87
CA HIS A 140 -1.84 -21.06 17.39
C HIS A 140 -0.76 -21.78 18.22
N HIS A 141 -1.18 -22.70 19.09
CA HIS A 141 -0.24 -23.50 19.90
C HIS A 141 0.13 -24.78 19.14
N PRO A 142 1.41 -25.21 19.21
CA PRO A 142 1.84 -26.39 18.46
C PRO A 142 1.06 -27.67 18.78
N SER A 143 0.70 -27.87 20.05
CA SER A 143 -0.02 -29.08 20.47
C SER A 143 -1.55 -29.01 20.26
N SER A 144 -2.07 -27.94 19.67
CA SER A 144 -3.50 -27.75 19.58
C SER A 144 -4.10 -28.21 18.26
N GLN A 145 -5.31 -28.77 18.33
CA GLN A 145 -6.16 -28.94 17.16
C GLN A 145 -7.54 -28.33 17.44
N GLY A 146 -7.54 -27.31 18.30
CA GLY A 146 -8.75 -26.65 18.73
C GLY A 146 -8.66 -25.17 18.47
N GLY A 147 -9.53 -24.41 19.14
CA GLY A 147 -9.59 -22.98 18.92
C GLY A 147 -10.88 -22.38 19.45
N GLY A 148 -10.89 -21.06 19.55
CA GLY A 148 -12.05 -20.31 19.98
C GLY A 148 -12.73 -19.58 18.85
N VAL A 149 -14.06 -19.53 18.91
CA VAL A 149 -14.86 -18.83 17.93
C VAL A 149 -15.91 -18.00 18.69
N LEU A 150 -16.18 -16.80 18.22
CA LEU A 150 -17.25 -16.02 18.82
C LEU A 150 -18.61 -16.55 18.37
N GLN A 151 -19.57 -16.45 19.27
CA GLN A 151 -20.97 -16.78 18.99
C GLN A 151 -21.82 -15.63 19.57
N SER A 152 -23.13 -15.73 19.41
CA SER A 152 -24.03 -14.68 19.89
C SER A 152 -24.57 -14.91 21.30
N THR A 153 -24.68 -16.18 21.69
CA THR A 153 -25.17 -16.54 23.01
C THR A 153 -24.51 -17.80 23.52
N VAL A 154 -24.55 -17.97 24.83
CA VAL A 154 -24.14 -19.23 25.44
C VAL A 154 -25.15 -20.31 25.05
N SER A 155 -26.43 -19.94 24.96
CA SER A 155 -27.47 -20.88 24.53
C SER A 155 -27.06 -21.60 23.26
N GLU A 156 -26.64 -20.83 22.26
CA GLU A 156 -26.27 -21.39 20.98
C GLU A 156 -24.96 -22.18 21.07
N SER A 157 -24.02 -21.70 21.87
CA SER A 157 -22.75 -22.40 22.07
C SER A 157 -22.98 -23.77 22.71
N THR A 158 -23.82 -23.82 23.73
CA THR A 158 -24.20 -25.09 24.35
C THR A 158 -24.90 -26.04 23.37
N LEU A 159 -25.82 -25.51 22.58
CA LEU A 159 -26.47 -26.31 21.54
C LEU A 159 -25.43 -26.86 20.55
N ILE A 160 -24.48 -26.03 20.12
CA ILE A 160 -23.46 -26.48 19.18
C ILE A 160 -22.64 -27.62 19.77
N ALA A 161 -22.29 -27.48 21.04
CA ALA A 161 -21.50 -28.50 21.72
C ALA A 161 -22.28 -29.83 21.74
N LEU A 162 -23.57 -29.74 22.05
CA LEU A 162 -24.41 -30.94 22.08
C LEU A 162 -24.55 -31.54 20.68
N LEU A 163 -24.81 -30.68 19.69
CA LEU A 163 -24.91 -31.14 18.30
C LEU A 163 -23.63 -31.84 17.84
N ALA A 164 -22.48 -31.26 18.16
CA ALA A 164 -21.19 -31.87 17.84
C ALA A 164 -20.97 -33.20 18.57
N ALA A 165 -21.35 -33.24 19.84
CA ALA A 165 -21.20 -34.45 20.64
C ALA A 165 -22.06 -35.58 20.07
N ARG A 166 -23.31 -35.28 19.76
CA ARG A 166 -24.22 -36.32 19.28
C ARG A 166 -23.84 -36.75 17.86
N LYS A 167 -23.42 -35.80 17.02
CA LYS A 167 -22.98 -36.16 15.66
C LYS A 167 -21.74 -37.05 15.72
N ASN A 168 -20.80 -36.73 16.60
CA ASN A 168 -19.59 -37.52 16.71
C ASN A 168 -19.89 -38.95 17.17
N LYS A 169 -20.76 -39.08 18.17
CA LYS A 169 -21.13 -40.40 18.70
C LYS A 169 -21.92 -41.18 17.65
N ILE A 170 -22.82 -40.50 16.94
CA ILE A 170 -23.61 -41.16 15.90
C ILE A 170 -22.70 -41.71 14.80
N LEU A 171 -21.70 -40.92 14.39
CA LEU A 171 -20.75 -41.36 13.36
C LEU A 171 -19.99 -42.61 13.81
N GLU A 172 -19.60 -42.64 15.08
CA GLU A 172 -18.92 -43.79 15.67
C GLU A 172 -19.83 -45.03 15.63
N MET A 173 -21.10 -44.85 16.02
CA MET A 173 -22.08 -45.94 16.01
C MET A 173 -22.35 -46.44 14.58
N LYS A 174 -22.35 -45.50 13.62
CA LYS A 174 -22.57 -45.81 12.20
C LYS A 174 -21.48 -46.69 11.58
N THR A 175 -20.27 -46.64 12.12
CA THR A 175 -19.19 -47.49 11.59
C THR A 175 -19.50 -48.96 11.87
N SER A 176 -20.18 -49.22 12.98
CA SER A 176 -20.60 -50.58 13.35
C SER A 176 -21.98 -50.95 12.79
N GLU A 177 -22.83 -49.94 12.61
CA GLU A 177 -24.18 -50.14 12.07
C GLU A 177 -24.45 -49.18 10.91
N PRO A 178 -23.77 -49.37 9.77
CA PRO A 178 -23.98 -48.48 8.63
C PRO A 178 -25.42 -48.45 8.11
N ASP A 179 -26.18 -49.52 8.34
CA ASP A 179 -27.57 -49.56 7.92
C ASP A 179 -28.53 -48.78 8.83
N ALA A 180 -28.04 -48.24 9.95
CA ALA A 180 -28.87 -47.48 10.89
C ALA A 180 -28.96 -46.02 10.48
N ASP A 181 -30.15 -45.45 10.60
CA ASP A 181 -30.40 -44.04 10.31
C ASP A 181 -29.82 -43.20 11.46
N GLU A 182 -29.25 -42.04 11.15
CA GLU A 182 -28.65 -41.19 12.20
C GLU A 182 -29.65 -40.80 13.29
N SER A 183 -30.87 -40.50 12.87
CA SER A 183 -31.93 -40.10 13.79
C SER A 183 -32.37 -41.26 14.67
N SER A 184 -32.35 -42.48 14.12
CA SER A 184 -32.61 -43.67 14.91
C SER A 184 -31.53 -43.89 15.97
N LEU A 185 -30.28 -43.70 15.58
CA LEU A 185 -29.15 -43.81 16.52
C LEU A 185 -29.23 -42.74 17.61
N ASN A 186 -29.64 -41.53 17.22
CA ASN A 186 -29.78 -40.43 18.17
C ASN A 186 -30.76 -40.76 19.31
N ALA A 187 -31.76 -41.58 19.00
CA ALA A 187 -32.76 -41.99 19.98
C ALA A 187 -32.20 -42.77 21.17
N ARG A 188 -31.02 -43.37 20.99
CA ARG A 188 -30.36 -44.14 22.04
C ARG A 188 -29.62 -43.26 23.05
N LEU A 189 -29.35 -42.02 22.68
CA LEU A 189 -28.44 -41.16 23.44
C LEU A 189 -29.10 -40.51 24.65
N VAL A 190 -28.28 -40.19 25.65
CA VAL A 190 -28.73 -39.42 26.82
C VAL A 190 -27.63 -38.44 27.23
N ALA A 191 -28.05 -37.23 27.60
CA ALA A 191 -27.14 -36.18 28.03
C ALA A 191 -27.51 -35.76 29.45
N TYR A 192 -26.55 -35.15 30.15
CA TYR A 192 -26.71 -34.79 31.55
C TYR A 192 -26.32 -33.35 31.82
N ALA A 193 -26.91 -32.81 32.87
CA ALA A 193 -26.43 -31.58 33.48
C ALA A 193 -26.95 -31.53 34.90
N SER A 194 -26.51 -30.54 35.66
CA SER A 194 -27.02 -30.30 37.01
C SER A 194 -28.49 -29.89 36.97
N ASP A 195 -29.25 -30.21 38.02
CA ASP A 195 -30.60 -29.63 38.14
C ASP A 195 -30.58 -28.11 38.37
N GLN A 196 -29.39 -27.53 38.55
CA GLN A 196 -29.21 -26.07 38.58
C GLN A 196 -28.77 -25.48 37.24
N ALA A 197 -28.61 -26.33 36.22
CA ALA A 197 -28.18 -25.88 34.92
C ALA A 197 -29.21 -24.91 34.32
N HIS A 198 -28.74 -23.98 33.51
CA HIS A 198 -29.61 -22.99 32.91
C HIS A 198 -30.58 -23.65 31.93
N SER A 199 -31.72 -23.02 31.75
CA SER A 199 -32.78 -23.55 30.88
C SER A 199 -32.34 -23.78 29.43
N SER A 200 -31.28 -23.10 29.00
CA SER A 200 -30.68 -23.33 27.69
C SER A 200 -30.21 -24.77 27.48
N VAL A 201 -29.86 -25.47 28.56
CA VAL A 201 -29.43 -26.87 28.45
C VAL A 201 -30.65 -27.74 28.10
N GLU A 202 -31.74 -27.57 28.85
CA GLU A 202 -33.01 -28.21 28.52
C GLU A 202 -33.45 -27.88 27.10
N LYS A 203 -33.35 -26.61 26.75
CA LYS A 203 -33.79 -26.16 25.42
C LYS A 203 -32.95 -26.81 24.32
N ALA A 204 -31.65 -26.99 24.55
CA ALA A 204 -30.80 -27.67 23.57
C ALA A 204 -31.27 -29.10 23.34
N GLY A 205 -31.64 -29.79 24.40
CA GLY A 205 -32.20 -31.15 24.29
C GLY A 205 -33.51 -31.18 23.50
N LEU A 206 -34.38 -30.20 23.75
CA LEU A 206 -35.66 -30.13 23.04
C LEU A 206 -35.47 -29.90 21.54
N ILE A 207 -34.55 -29.01 21.19
CA ILE A 207 -34.25 -28.69 19.79
C ILE A 207 -33.63 -29.88 19.06
N SER A 208 -32.66 -30.53 19.71
CA SER A 208 -31.91 -31.63 19.09
C SER A 208 -32.60 -33.00 19.21
N LEU A 209 -33.68 -33.08 19.97
CA LEU A 209 -34.34 -34.33 20.31
C LEU A 209 -33.39 -35.33 20.99
N VAL A 210 -32.50 -34.81 21.84
CA VAL A 210 -31.62 -35.65 22.65
C VAL A 210 -32.18 -35.68 24.07
N LYS A 211 -32.41 -36.87 24.59
CA LYS A 211 -32.85 -37.04 25.98
C LYS A 211 -31.86 -36.38 26.94
N MET A 212 -32.38 -35.53 27.82
CA MET A 212 -31.56 -34.75 28.75
C MET A 212 -32.06 -35.03 30.16
N LYS A 213 -31.15 -35.43 31.04
CA LYS A 213 -31.49 -35.75 32.42
C LYS A 213 -30.74 -34.82 33.36
N PHE A 214 -31.46 -34.26 34.32
CA PHE A 214 -30.90 -33.27 35.23
C PHE A 214 -30.67 -33.92 36.58
N LEU A 215 -29.44 -33.79 37.06
CA LEU A 215 -28.96 -34.61 38.17
C LEU A 215 -28.94 -33.83 39.48
N PRO A 216 -29.13 -34.56 40.61
CA PRO A 216 -29.16 -33.89 41.91
C PRO A 216 -27.79 -33.32 42.31
N VAL A 217 -27.83 -32.31 43.16
CA VAL A 217 -26.63 -31.57 43.58
C VAL A 217 -26.42 -31.68 45.09
N ASP A 218 -25.22 -31.33 45.54
CA ASP A 218 -24.89 -31.44 46.96
C ASP A 218 -25.41 -30.24 47.76
N ASP A 219 -24.97 -30.13 49.01
CA ASP A 219 -25.43 -29.05 49.90
CA ASP A 219 -25.38 -29.05 49.93
C ASP A 219 -24.89 -27.67 49.50
N ASN A 220 -23.89 -27.63 48.62
CA ASN A 220 -23.38 -26.39 48.04
C ASN A 220 -23.99 -26.16 46.64
N PHE A 221 -24.97 -26.99 46.27
CA PHE A 221 -25.69 -26.92 44.99
C PHE A 221 -24.77 -27.18 43.78
N SER A 222 -23.76 -28.00 44.04
CA SER A 222 -22.75 -28.40 43.07
C SER A 222 -23.00 -29.84 42.60
N LEU A 223 -22.89 -30.06 41.28
CA LEU A 223 -22.95 -31.41 40.73
C LEU A 223 -21.64 -32.14 41.00
N ARG A 224 -21.76 -33.32 41.60
CA ARG A 224 -20.61 -34.12 42.03
C ARG A 224 -20.47 -35.38 41.18
N GLY A 225 -19.25 -35.92 41.16
CA GLY A 225 -18.96 -37.13 40.39
C GLY A 225 -19.83 -38.32 40.70
N GLU A 226 -20.11 -38.53 42.00
CA GLU A 226 -20.94 -39.66 42.41
CA GLU A 226 -20.96 -39.62 42.45
C GLU A 226 -22.30 -39.65 41.71
N ALA A 227 -22.93 -38.48 41.61
CA ALA A 227 -24.24 -38.34 40.96
C ALA A 227 -24.17 -38.71 39.46
N LEU A 228 -23.12 -38.24 38.79
CA LEU A 228 -22.94 -38.53 37.38
C LEU A 228 -22.68 -40.02 37.18
N GLN A 229 -21.80 -40.61 38.00
CA GLN A 229 -21.48 -42.02 37.87
C GLN A 229 -22.72 -42.88 38.06
N LYS A 230 -23.53 -42.54 39.06
CA LYS A 230 -24.77 -43.26 39.34
C LYS A 230 -25.72 -43.20 38.15
N ALA A 231 -25.88 -42.01 37.58
CA ALA A 231 -26.77 -41.80 36.42
C ALA A 231 -26.32 -42.59 35.20
N ILE A 232 -25.02 -42.56 34.91
CA ILE A 232 -24.44 -43.29 33.78
C ILE A 232 -24.75 -44.79 33.90
N GLU A 233 -24.52 -45.35 35.08
CA GLU A 233 -24.77 -46.77 35.30
CA GLU A 233 -24.76 -46.78 35.30
C GLU A 233 -26.25 -47.12 35.13
N GLU A 234 -27.13 -46.33 35.73
CA GLU A 234 -28.56 -46.59 35.61
C GLU A 234 -29.06 -46.51 34.16
N ASP A 235 -28.54 -45.54 33.41
CA ASP A 235 -28.98 -45.37 32.03
C ASP A 235 -28.45 -46.46 31.09
N LYS A 236 -27.22 -46.90 31.32
CA LYS A 236 -26.68 -48.05 30.57
C LYS A 236 -27.46 -49.32 30.87
N GLN A 237 -27.95 -49.46 32.10
CA GLN A 237 -28.83 -50.59 32.47
C GLN A 237 -30.13 -50.57 31.66
N ARG A 238 -30.58 -49.37 31.28
CA ARG A 238 -31.79 -49.19 30.46
C ARG A 238 -31.49 -49.19 28.96
N GLY A 239 -30.24 -49.38 28.57
CA GLY A 239 -29.88 -49.45 27.15
C GLY A 239 -29.63 -48.09 26.52
N LEU A 240 -29.55 -47.04 27.32
CA LEU A 240 -29.25 -45.71 26.81
C LEU A 240 -27.75 -45.54 26.71
N VAL A 241 -27.33 -44.57 25.89
CA VAL A 241 -25.94 -44.32 25.58
C VAL A 241 -25.56 -42.90 26.00
N PRO A 242 -24.95 -42.74 27.17
CA PRO A 242 -24.48 -41.43 27.62
C PRO A 242 -23.56 -40.80 26.59
N VAL A 243 -23.77 -39.52 26.31
CA VAL A 243 -23.04 -38.86 25.23
C VAL A 243 -22.42 -37.50 25.60
N PHE A 244 -22.98 -36.80 26.60
CA PHE A 244 -22.69 -35.38 26.80
C PHE A 244 -22.99 -35.01 28.23
N VAL A 245 -22.12 -34.17 28.81
CA VAL A 245 -22.36 -33.59 30.13
C VAL A 245 -22.09 -32.09 30.04
N CYS A 246 -23.03 -31.28 30.52
CA CYS A 246 -22.78 -29.87 30.70
C CYS A 246 -22.53 -29.61 32.18
N ALA A 247 -21.32 -29.14 32.48
CA ALA A 247 -20.94 -28.75 33.83
C ALA A 247 -21.01 -27.22 33.86
N THR A 248 -21.63 -26.68 34.89
CA THR A 248 -21.89 -25.24 34.98
C THR A 248 -21.00 -24.63 36.05
N LEU A 249 -20.28 -23.58 35.66
CA LEU A 249 -19.46 -22.80 36.58
C LEU A 249 -20.13 -21.44 36.71
N GLY A 250 -20.85 -21.25 37.82
CA GLY A 250 -21.62 -20.02 38.07
C GLY A 250 -23.06 -20.20 37.67
N THR A 251 -23.78 -21.08 38.39
CA THR A 251 -25.17 -21.36 38.06
C THR A 251 -26.04 -20.10 38.15
N THR A 252 -27.13 -20.10 37.39
CA THR A 252 -28.01 -18.95 37.29
C THR A 252 -28.63 -18.58 38.63
N GLY A 253 -29.20 -19.57 39.31
CA GLY A 253 -29.97 -19.32 40.52
C GLY A 253 -29.15 -18.75 41.66
N VAL A 254 -28.07 -19.43 42.03
CA VAL A 254 -27.28 -19.07 43.21
C VAL A 254 -25.79 -18.94 42.95
N CYS A 255 -25.38 -19.02 41.68
CA CYS A 255 -23.96 -18.94 41.31
C CYS A 255 -23.12 -19.99 42.06
N ALA A 256 -23.55 -21.24 41.93
CA ALA A 256 -22.78 -22.39 42.39
C ALA A 256 -21.86 -22.89 41.28
N PHE A 257 -20.96 -23.80 41.63
CA PHE A 257 -19.95 -24.32 40.71
C PHE A 257 -19.95 -25.84 40.77
N ASP A 258 -20.15 -26.48 39.62
CA ASP A 258 -20.06 -27.93 39.53
C ASP A 258 -18.62 -28.39 39.75
N LEU A 260 -15.81 -29.90 38.64
CA LEU A 260 -15.07 -30.31 37.46
C LEU A 260 -13.97 -31.33 37.73
N SER A 261 -13.30 -31.22 38.88
CA SER A 261 -12.23 -32.17 39.21
C SER A 261 -12.75 -33.60 39.33
N GLU A 262 -14.02 -33.75 39.70
CA GLU A 262 -14.64 -35.06 39.79
C GLU A 262 -15.30 -35.47 38.48
N LEU A 263 -15.96 -34.52 37.82
CA LEU A 263 -16.74 -34.83 36.61
C LEU A 263 -15.83 -35.10 35.41
N GLY A 264 -14.70 -34.38 35.35
CA GLY A 264 -13.76 -34.50 34.25
C GLY A 264 -13.27 -35.92 34.00
N PRO A 265 -12.68 -36.54 35.02
CA PRO A 265 -12.16 -37.90 34.84
C PRO A 265 -13.22 -38.91 34.42
N ILE A 266 -14.45 -38.76 34.92
CA ILE A 266 -15.55 -39.62 34.52
C ILE A 266 -15.88 -39.44 33.03
N CYS A 267 -15.97 -38.21 32.58
CA CYS A 267 -16.25 -37.93 31.17
C CYS A 267 -15.16 -38.48 30.23
N ALA A 268 -13.90 -38.38 30.66
CA ALA A 268 -12.79 -38.90 29.87
C ALA A 268 -12.85 -40.43 29.78
N ARG A 269 -13.04 -41.07 30.92
CA ARG A 269 -13.09 -42.54 30.99
C ARG A 269 -14.30 -43.11 30.23
N GLU A 270 -15.43 -42.40 30.31
CA GLU A 270 -16.67 -42.89 29.72
C GLU A 270 -16.91 -42.34 28.30
N GLY A 271 -15.99 -41.52 27.80
CA GLY A 271 -16.07 -40.99 26.45
C GLY A 271 -17.25 -40.07 26.22
N LEU A 272 -17.54 -39.22 27.22
CA LEU A 272 -18.62 -38.24 27.14
C LEU A 272 -18.04 -36.87 26.83
N TRP A 273 -18.66 -36.14 25.92
CA TRP A 273 -18.29 -34.76 25.66
C TRP A 273 -18.59 -33.92 26.90
N LEU A 274 -17.57 -33.23 27.42
CA LEU A 274 -17.72 -32.39 28.60
C LEU A 274 -17.70 -30.94 28.15
N HIS A 275 -18.86 -30.30 28.25
CA HIS A 275 -19.05 -28.90 27.89
C HIS A 275 -19.18 -28.08 29.15
N ILE A 276 -18.41 -27.00 29.25
CA ILE A 276 -18.47 -26.10 30.40
C ILE A 276 -19.28 -24.86 30.06
N ASP A 277 -20.37 -24.63 30.78
CA ASP A 277 -21.13 -23.38 30.71
C ASP A 277 -20.66 -22.49 31.85
N ALA A 278 -19.88 -21.46 31.50
CA ALA A 278 -19.44 -20.46 32.48
C ALA A 278 -19.93 -19.07 32.11
N ALA A 279 -21.17 -18.98 31.60
CA ALA A 279 -21.71 -17.72 31.06
C ALA A 279 -21.28 -16.47 31.82
N TYR A 280 -21.61 -16.43 33.10
CA TYR A 280 -21.31 -15.29 33.97
C TYR A 280 -19.93 -15.37 34.58
N ALA A 281 -19.69 -16.46 35.32
CA ALA A 281 -18.49 -16.59 36.14
C ALA A 281 -17.17 -16.64 35.34
N GLY A 282 -17.23 -16.97 34.06
CA GLY A 282 -16.03 -17.00 33.24
C GLY A 282 -15.19 -15.74 33.33
N THR A 283 -15.84 -14.58 33.41
CA THR A 283 -15.13 -13.30 33.51
C THR A 283 -14.27 -13.22 34.78
N ALA A 284 -14.71 -13.87 35.86
CA ALA A 284 -13.95 -13.89 37.10
C ALA A 284 -12.61 -14.62 36.95
N PHE A 285 -12.53 -15.52 35.97
CA PHE A 285 -11.30 -16.28 35.74
C PHE A 285 -10.18 -15.42 35.14
N LEU A 286 -10.51 -14.19 34.75
CA LEU A 286 -9.50 -13.15 34.52
C LEU A 286 -8.59 -12.95 35.74
N CYS A 287 -9.14 -13.20 36.93
CA CYS A 287 -8.41 -13.07 38.18
C CYS A 287 -7.96 -14.43 38.68
N PRO A 288 -6.63 -14.62 38.86
CA PRO A 288 -6.13 -15.93 39.27
C PRO A 288 -6.71 -16.50 40.57
N GLU A 289 -7.07 -15.62 41.51
CA GLU A 289 -7.62 -16.07 42.79
C GLU A 289 -9.01 -16.72 42.68
N PHE A 290 -9.69 -16.56 41.55
CA PHE A 290 -10.99 -17.20 41.34
C PHE A 290 -10.89 -18.49 40.51
N ARG A 291 -9.66 -18.89 40.15
CA ARG A 291 -9.49 -20.04 39.25
C ARG A 291 -9.56 -21.41 39.93
N GLY A 292 -9.74 -21.43 41.25
CA GLY A 292 -10.01 -22.70 41.95
C GLY A 292 -11.19 -23.46 41.37
N PHE A 293 -12.20 -22.71 40.91
CA PHE A 293 -13.41 -23.30 40.33
C PHE A 293 -13.15 -23.90 38.95
N LEU A 294 -12.04 -23.52 38.34
CA LEU A 294 -11.66 -24.03 37.02
C LEU A 294 -10.88 -25.35 37.12
N LYS A 295 -10.56 -25.80 38.33
CA LYS A 295 -9.78 -27.04 38.49
C LYS A 295 -10.47 -28.21 37.79
N GLY A 296 -9.73 -28.93 36.96
CA GLY A 296 -10.28 -29.99 36.13
C GLY A 296 -10.61 -29.56 34.72
N ILE A 297 -10.40 -28.28 34.39
CA ILE A 297 -10.69 -27.76 33.06
C ILE A 297 -10.00 -28.52 31.92
N GLU A 298 -8.86 -29.14 32.19
CA GLU A 298 -8.14 -29.94 31.20
C GLU A 298 -8.97 -31.09 30.61
N TYR A 299 -10.01 -31.51 31.32
CA TYR A 299 -10.90 -32.58 30.86
C TYR A 299 -11.99 -32.10 29.91
N ALA A 300 -12.17 -30.79 29.79
CA ALA A 300 -13.26 -30.26 28.98
C ALA A 300 -13.01 -30.41 27.49
N ASP A 301 -14.06 -30.78 26.76
CA ASP A 301 -14.05 -30.76 25.31
C ASP A 301 -14.44 -29.39 24.75
N SER A 302 -15.18 -28.61 25.55
CA SER A 302 -15.58 -27.27 25.15
C SER A 302 -15.85 -26.38 26.36
N PHE A 303 -15.78 -25.07 26.13
CA PHE A 303 -15.95 -24.10 27.19
C PHE A 303 -16.58 -22.85 26.59
N THR A 304 -17.54 -22.28 27.29
CA THR A 304 -18.16 -21.05 26.85
C THR A 304 -18.39 -20.08 28.02
N PHE A 305 -18.21 -18.79 27.74
CA PHE A 305 -18.62 -17.74 28.67
C PHE A 305 -19.05 -16.51 27.87
N ASN A 306 -19.71 -15.58 28.55
CA ASN A 306 -20.17 -14.33 27.95
C ASN A 306 -19.38 -13.10 28.41
N PRO A 307 -18.46 -12.62 27.56
CA PRO A 307 -17.95 -11.26 27.78
C PRO A 307 -19.10 -10.25 27.79
N SER A 308 -20.20 -10.60 27.13
CA SER A 308 -21.42 -9.80 27.10
C SER A 308 -22.22 -9.82 28.40
N LYS A 309 -21.73 -10.50 29.42
CA LYS A 309 -22.34 -10.38 30.74
C LYS A 309 -21.53 -9.41 31.58
N TRP A 310 -20.33 -9.82 32.00
CA TRP A 310 -19.60 -9.08 33.04
C TRP A 310 -18.31 -8.39 32.56
N MET A 311 -17.90 -8.62 31.32
CA MET A 311 -16.61 -8.10 30.85
C MET A 311 -16.68 -6.78 30.06
N MET A 312 -17.84 -6.14 30.06
CA MET A 312 -18.03 -4.79 29.50
C MET A 312 -17.96 -4.72 27.96
N VAL A 313 -18.28 -5.84 27.32
CA VAL A 313 -18.52 -5.87 25.89
C VAL A 313 -20.03 -5.92 25.69
N HIS A 314 -20.59 -4.98 24.93
CA HIS A 314 -22.04 -5.02 24.73
C HIS A 314 -22.44 -6.23 23.88
N PHE A 315 -23.67 -6.66 24.06
CA PHE A 315 -24.20 -7.86 23.43
C PHE A 315 -24.39 -7.60 21.92
N ASP A 316 -24.08 -8.54 21.03
CA ASP A 316 -23.72 -9.94 21.30
C ASP A 316 -22.21 -10.19 21.28
N CYS A 317 -21.75 -11.04 22.19
CA CYS A 317 -20.35 -11.45 22.24
C CYS A 317 -20.17 -12.59 23.24
N THR A 318 -20.18 -13.82 22.72
CA THR A 318 -19.98 -15.05 23.49
C THR A 318 -18.73 -15.74 22.98
N GLY A 319 -17.89 -16.20 23.91
CA GLY A 319 -16.71 -16.99 23.56
C GLY A 319 -17.00 -18.47 23.66
N PHE A 320 -16.62 -19.22 22.63
CA PHE A 320 -16.82 -20.67 22.60
C PHE A 320 -15.54 -21.31 22.11
N TRP A 321 -14.93 -22.14 22.95
CA TRP A 321 -13.71 -22.85 22.60
C TRP A 321 -13.95 -24.34 22.53
N VAL A 322 -13.31 -24.98 21.55
CA VAL A 322 -13.36 -26.44 21.42
C VAL A 322 -11.94 -27.00 21.36
N LYS A 323 -11.80 -28.21 21.89
CA LYS A 323 -10.53 -28.92 21.88
C LYS A 323 -10.27 -29.53 20.49
N ASP A 324 -11.31 -29.99 19.83
CA ASP A 324 -11.17 -30.64 18.52
C ASP A 324 -12.02 -29.94 17.47
N LYS A 325 -11.40 -29.04 16.71
CA LYS A 325 -12.16 -28.28 15.72
C LYS A 325 -12.70 -29.17 14.57
N TYR A 326 -12.06 -30.31 14.33
CA TYR A 326 -12.52 -31.20 13.26
C TYR A 326 -13.86 -31.88 13.63
N LYS A 327 -14.04 -32.24 14.90
CA LYS A 327 -15.34 -32.73 15.39
C LYS A 327 -16.40 -31.67 15.22
N LEU A 328 -16.02 -30.43 15.49
CA LEU A 328 -16.96 -29.35 15.34
C LEU A 328 -17.36 -29.23 13.88
N GLN A 329 -16.37 -29.25 12.99
CA GLN A 329 -16.62 -29.00 11.58
C GLN A 329 -17.31 -30.16 10.86
N GLN A 330 -17.23 -31.38 11.40
CA GLN A 330 -17.98 -32.51 10.82
C GLN A 330 -19.49 -32.46 11.13
N THR A 331 -19.87 -31.60 12.07
CA THR A 331 -21.28 -31.39 12.43
C THR A 331 -22.07 -30.55 11.41
N PHE A 332 -21.36 -29.66 10.72
CA PHE A 332 -21.98 -28.53 10.03
C PHE A 332 -21.64 -28.39 8.56
N SER A 333 -20.74 -29.22 8.06
CA SER A 333 -20.04 -28.89 6.84
C SER A 333 -20.92 -29.05 5.60
N VAL A 334 -20.99 -27.97 4.82
CA VAL A 334 -21.53 -28.01 3.46
C VAL A 334 -20.48 -27.39 2.52
N ASN A 335 -20.58 -27.68 1.23
CA ASN A 335 -19.52 -27.30 0.27
C ASN A 335 -20.04 -26.85 -1.10
N PRO A 336 -20.91 -25.81 -1.14
CA PRO A 336 -21.38 -25.31 -2.43
C PRO A 336 -20.27 -24.54 -3.15
N ILE A 337 -20.23 -24.65 -4.48
CA ILE A 337 -19.17 -23.98 -5.26
C ILE A 337 -19.10 -22.48 -4.99
N TYR A 338 -20.25 -21.84 -4.79
CA TYR A 338 -20.28 -20.39 -4.60
C TYR A 338 -19.67 -19.90 -3.27
N LEU A 339 -19.29 -20.82 -2.37
CA LEU A 339 -18.54 -20.45 -1.16
C LEU A 339 -17.08 -20.93 -1.17
N ARG A 340 -16.68 -21.65 -2.22
CA ARG A 340 -15.30 -22.17 -2.27
C ARG A 340 -14.30 -21.07 -2.58
N HIS A 341 -13.08 -21.24 -2.07
CA HIS A 341 -11.99 -20.33 -2.38
C HIS A 341 -10.65 -21.06 -2.35
N ALA A 342 -9.64 -20.43 -2.95
CA ALA A 342 -8.33 -21.06 -3.15
C ALA A 342 -7.67 -21.59 -1.86
N ASN A 343 -7.98 -20.96 -0.73
CA ASN A 343 -7.33 -21.30 0.54
C ASN A 343 -8.17 -22.14 1.52
N SER A 344 -9.23 -22.78 1.04
CA SER A 344 -10.07 -23.66 1.87
C SER A 344 -9.27 -24.52 2.87
N GLY A 345 -8.23 -25.18 2.37
CA GLY A 345 -7.51 -26.20 3.15
C GLY A 345 -6.71 -25.66 4.31
N VAL A 346 -6.05 -24.52 4.11
CA VAL A 346 -5.20 -23.93 5.14
C VAL A 346 -5.95 -22.94 6.02
N ALA A 347 -6.85 -22.16 5.40
CA ALA A 347 -7.52 -21.07 6.10
C ALA A 347 -8.71 -21.56 6.93
N THR A 348 -8.97 -20.84 8.01
CA THR A 348 -10.13 -21.11 8.87
C THR A 348 -11.38 -20.48 8.27
N ASP A 349 -12.41 -21.30 8.04
CA ASP A 349 -13.70 -20.83 7.56
C ASP A 349 -14.69 -21.05 8.70
N PHE A 350 -15.02 -19.97 9.41
CA PHE A 350 -15.82 -20.07 10.62
C PHE A 350 -17.29 -20.49 10.41
N MET A 351 -17.80 -20.47 9.17
CA MET A 351 -19.12 -21.01 8.89
C MET A 351 -19.26 -22.48 9.34
N HIS A 352 -18.14 -23.21 9.36
CA HIS A 352 -18.15 -24.60 9.79
C HIS A 352 -18.12 -24.78 11.33
N TRP A 353 -18.03 -23.66 12.06
CA TRP A 353 -17.97 -23.68 13.53
C TRP A 353 -19.26 -23.14 14.15
N GLN A 354 -20.32 -23.02 13.36
CA GLN A 354 -21.53 -22.33 13.81
C GLN A 354 -22.75 -22.81 13.03
N ILE A 355 -23.92 -22.41 13.51
CA ILE A 355 -25.18 -22.79 12.88
C ILE A 355 -25.43 -22.07 11.55
N PRO A 356 -25.32 -20.73 11.52
CA PRO A 356 -25.69 -20.03 10.29
C PRO A 356 -24.55 -19.92 9.27
N LEU A 357 -24.82 -19.24 8.15
CA LEU A 357 -23.78 -18.91 7.19
C LEU A 357 -23.13 -17.58 7.60
N SER A 358 -23.88 -16.49 7.50
CA SER A 358 -23.32 -15.17 7.77
C SER A 358 -22.87 -15.01 9.22
N ARG A 359 -21.81 -14.26 9.40
CA ARG A 359 -21.38 -13.80 10.71
C ARG A 359 -20.70 -12.46 10.55
N ARG A 360 -20.75 -11.64 11.60
CA ARG A 360 -20.18 -10.29 11.54
C ARG A 360 -18.88 -10.14 12.31
N PHE A 361 -18.30 -8.94 12.18
CA PHE A 361 -16.98 -8.64 12.66
C PHE A 361 -17.07 -8.25 14.13
N ARG A 362 -17.49 -9.20 14.98
CA ARG A 362 -17.67 -8.95 16.41
C ARG A 362 -16.36 -8.72 17.18
N SER A 363 -15.24 -9.16 16.60
CA SER A 363 -13.97 -9.13 17.31
C SER A 363 -13.38 -7.73 17.46
N VAL A 364 -13.84 -6.75 16.66
CA VAL A 364 -13.32 -5.37 16.81
C VAL A 364 -13.66 -4.84 18.21
N LYS A 365 -14.93 -4.91 18.60
CA LYS A 365 -15.32 -4.40 19.92
C LYS A 365 -14.63 -5.16 21.07
N LEU A 366 -14.51 -6.48 20.94
CA LEU A 366 -13.79 -7.28 21.94
C LEU A 366 -12.34 -6.81 22.07
N TRP A 367 -11.66 -6.69 20.94
CA TRP A 367 -10.28 -6.18 20.87
C TRP A 367 -10.17 -4.80 21.51
N PHE A 368 -11.08 -3.89 21.16
CA PHE A 368 -11.07 -2.54 21.69
C PHE A 368 -11.26 -2.54 23.21
N VAL A 369 -12.16 -3.38 23.71
CA VAL A 369 -12.39 -3.42 25.16
C VAL A 369 -11.15 -3.88 25.90
N ILE A 370 -10.55 -4.97 25.42
CA ILE A 370 -9.38 -5.53 26.07
C ILE A 370 -8.21 -4.55 26.04
N ARG A 371 -7.98 -3.91 24.89
CA ARG A 371 -6.88 -2.95 24.75
C ARG A 371 -7.09 -1.67 25.56
N SER A 372 -8.32 -1.15 25.54
CA SER A 372 -8.61 0.12 26.19
C SER A 372 -8.58 0.02 27.71
N PHE A 373 -9.12 -1.05 28.26
CA PHE A 373 -9.05 -1.27 29.70
C PHE A 373 -7.68 -1.83 30.10
N GLY A 374 -7.19 -2.77 29.31
CA GLY A 374 -6.05 -3.59 29.71
C GLY A 374 -6.49 -4.63 30.72
N VAL A 375 -5.69 -5.68 30.86
CA VAL A 375 -6.04 -6.79 31.73
C VAL A 375 -6.21 -6.34 33.19
N LYS A 376 -5.31 -5.51 33.68
CA LYS A 376 -5.33 -5.15 35.09
C LYS A 376 -6.63 -4.44 35.48
N ASN A 377 -7.11 -3.56 34.61
CA ASN A 377 -8.37 -2.86 34.89
C ASN A 377 -9.60 -3.77 34.77
N LEU A 378 -9.58 -4.74 33.87
CA LEU A 378 -10.65 -5.75 33.81
C LEU A 378 -10.66 -6.55 35.11
N GLN A 379 -9.48 -6.93 35.60
CA GLN A 379 -9.36 -7.63 36.87
C GLN A 379 -9.89 -6.79 38.03
N ALA A 380 -9.52 -5.51 38.06
CA ALA A 380 -9.96 -4.58 39.10
C ALA A 380 -11.47 -4.44 39.11
N HIS A 381 -12.07 -4.45 37.91
CA HIS A 381 -13.53 -4.39 37.77
C HIS A 381 -14.21 -5.61 38.40
N VAL A 382 -13.75 -6.81 38.07
CA VAL A 382 -14.27 -8.03 38.70
C VAL A 382 -14.15 -7.95 40.22
N ARG A 383 -12.97 -7.57 40.70
CA ARG A 383 -12.72 -7.53 42.13
C ARG A 383 -13.61 -6.51 42.83
N HIS A 384 -13.80 -5.36 42.20
CA HIS A 384 -14.68 -4.32 42.78
C HIS A 384 -16.14 -4.77 42.82
N GLY A 385 -16.64 -5.34 41.71
CA GLY A 385 -18.02 -5.82 41.67
C GLY A 385 -18.26 -6.86 42.76
N THR A 386 -17.28 -7.73 42.95
CA THR A 386 -17.35 -8.76 43.98
C THR A 386 -17.33 -8.14 45.38
N GLU A 387 -16.51 -7.12 45.58
CA GLU A 387 -16.47 -6.40 46.86
C GLU A 387 -17.79 -5.70 47.16
N MET A 388 -18.42 -5.12 46.14
CA MET A 388 -19.73 -4.49 46.32
C MET A 388 -20.80 -5.54 46.69
N ALA A 389 -20.71 -6.73 46.10
CA ALA A 389 -21.63 -7.82 46.47
C ALA A 389 -21.38 -8.31 47.89
N LYS A 390 -20.11 -8.40 48.28
CA LYS A 390 -19.74 -8.78 49.64
C LYS A 390 -20.32 -7.77 50.64
N TYR A 391 -20.27 -6.49 50.29
CA TYR A 391 -20.89 -5.43 51.12
C TYR A 391 -22.39 -5.66 51.26
N PHE A 392 -23.08 -5.87 50.14
CA PHE A 392 -24.51 -6.15 50.19
C PHE A 392 -24.81 -7.37 51.07
N GLU A 393 -24.03 -8.43 50.88
CA GLU A 393 -24.15 -9.64 51.68
C GLU A 393 -24.07 -9.34 53.18
N SER A 394 -23.12 -8.48 53.55
CA SER A 394 -22.93 -8.13 54.96
C SER A 394 -24.14 -7.37 55.51
N LEU A 395 -24.71 -6.48 54.71
CA LEU A 395 -25.92 -5.76 55.12
C LEU A 395 -27.07 -6.73 55.40
N VAL A 396 -27.27 -7.69 54.49
CA VAL A 396 -28.29 -8.73 54.67
C VAL A 396 -27.99 -9.64 55.86
N ARG A 397 -26.74 -10.09 55.97
CA ARG A 397 -26.34 -11.04 57.02
C ARG A 397 -26.65 -10.48 58.41
N ASN A 398 -26.44 -9.18 58.57
CA ASN A 398 -26.58 -8.53 59.86
C ASN A 398 -28.03 -8.20 60.24
N ASP A 399 -28.97 -8.46 59.33
CA ASP A 399 -30.39 -8.20 59.58
C ASP A 399 -31.10 -9.51 59.93
N PRO A 400 -31.55 -9.64 61.18
CA PRO A 400 -32.13 -10.92 61.61
C PRO A 400 -33.47 -11.31 60.96
N SER A 401 -34.10 -10.42 60.21
CA SER A 401 -35.32 -10.78 59.46
C SER A 401 -35.03 -11.61 58.21
N PHE A 402 -33.77 -11.62 57.78
CA PHE A 402 -33.36 -12.23 56.52
C PHE A 402 -32.44 -13.43 56.73
N GLU A 403 -32.36 -14.28 55.70
CA GLU A 403 -31.42 -15.38 55.68
C GLU A 403 -30.79 -15.49 54.29
N ILE A 404 -29.60 -16.08 54.24
CA ILE A 404 -28.80 -16.19 53.02
C ILE A 404 -28.55 -17.68 52.77
N PRO A 405 -29.38 -18.31 51.93
CA PRO A 405 -29.31 -19.77 51.88
C PRO A 405 -28.26 -20.39 50.95
N ALA A 406 -27.47 -19.55 50.28
CA ALA A 406 -26.36 -20.04 49.47
C ALA A 406 -25.16 -19.09 49.58
N LYS A 407 -23.97 -19.63 49.36
CA LYS A 407 -22.73 -18.87 49.49
C LYS A 407 -22.56 -17.91 48.33
N ARG A 408 -22.08 -16.71 48.62
CA ARG A 408 -21.71 -15.73 47.61
C ARG A 408 -20.24 -15.92 47.27
N HIS A 409 -19.96 -16.35 46.04
CA HIS A 409 -18.59 -16.50 45.56
C HIS A 409 -18.14 -15.31 44.72
N LEU A 410 -19.08 -14.64 44.07
CA LEU A 410 -18.76 -13.54 43.16
C LEU A 410 -19.71 -12.34 43.37
N GLY A 411 -20.43 -11.92 42.32
CA GLY A 411 -21.24 -10.71 42.40
C GLY A 411 -22.72 -10.91 42.61
N LEU A 412 -23.15 -12.16 42.82
CA LEU A 412 -24.54 -12.51 43.09
C LEU A 412 -24.72 -12.93 44.54
N VAL A 413 -25.64 -12.25 45.20
CA VAL A 413 -26.09 -12.62 46.55
C VAL A 413 -27.55 -13.05 46.47
N VAL A 414 -27.89 -14.17 47.11
CA VAL A 414 -29.28 -14.61 47.19
C VAL A 414 -29.73 -14.54 48.64
N PHE A 415 -30.99 -14.17 48.84
CA PHE A 415 -31.52 -14.02 50.19
C PHE A 415 -33.03 -14.06 50.19
N ARG A 416 -33.61 -14.19 51.38
CA ARG A 416 -35.05 -14.19 51.54
C ARG A 416 -35.41 -13.77 52.95
N LEU A 417 -36.65 -13.33 53.13
CA LEU A 417 -37.16 -13.13 54.49
C LEU A 417 -37.34 -14.48 55.16
N LYS A 418 -36.97 -14.55 56.43
CA LYS A 418 -37.28 -15.71 57.24
C LYS A 418 -38.80 -15.84 57.29
N GLY A 419 -39.29 -17.04 57.05
CA GLY A 419 -40.73 -17.29 57.04
C GLY A 419 -41.20 -17.84 55.71
N PRO A 420 -42.53 -17.81 55.48
CA PRO A 420 -43.06 -18.39 54.25
C PRO A 420 -42.65 -17.64 52.98
N ASN A 421 -42.62 -18.35 51.86
CA ASN A 421 -42.27 -17.77 50.57
C ASN A 421 -43.07 -16.50 50.23
N SER A 422 -44.34 -16.47 50.63
CA SER A 422 -45.20 -15.33 50.34
C SER A 422 -44.66 -13.98 50.81
N LEU A 423 -43.94 -13.96 51.94
CA LEU A 423 -43.33 -12.71 52.42
C LEU A 423 -42.35 -12.17 51.38
N THR A 424 -41.46 -13.04 50.91
CA THR A 424 -40.45 -12.68 49.92
C THR A 424 -41.10 -12.31 48.58
N GLU A 425 -42.13 -13.05 48.21
CA GLU A 425 -42.89 -12.77 47.00
CA GLU A 425 -42.89 -12.75 47.00
C GLU A 425 -43.47 -11.35 47.07
N ASN A 426 -44.05 -11.02 48.22
CA ASN A 426 -44.69 -9.73 48.43
C ASN A 426 -43.69 -8.57 48.50
N VAL A 427 -42.48 -8.84 48.97
CA VAL A 427 -41.43 -7.83 48.96
C VAL A 427 -41.09 -7.44 47.51
N LEU A 428 -40.92 -8.43 46.65
CA LEU A 428 -40.65 -8.19 45.23
C LEU A 428 -41.79 -7.42 44.58
N LYS A 429 -43.04 -7.80 44.88
CA LYS A 429 -44.20 -7.08 44.37
C LYS A 429 -44.21 -5.62 44.81
N GLU A 430 -43.84 -5.36 46.06
CA GLU A 430 -43.80 -4.00 46.59
C GLU A 430 -42.72 -3.18 45.87
N ILE A 431 -41.53 -3.75 45.73
CA ILE A 431 -40.41 -3.07 45.04
C ILE A 431 -40.75 -2.73 43.57
N ALA A 432 -41.51 -3.62 42.94
CA ALA A 432 -41.90 -3.44 41.54
C ALA A 432 -42.80 -2.23 41.29
N LYS A 433 -43.49 -1.75 42.33
CA LYS A 433 -44.40 -0.60 42.20
C LYS A 433 -43.67 0.66 41.77
N ALA A 434 -42.55 0.96 42.43
CA ALA A 434 -41.76 2.16 42.12
C ALA A 434 -40.70 1.92 41.06
N GLY A 435 -40.27 0.66 40.91
CA GLY A 435 -39.29 0.27 39.91
C GLY A 435 -37.94 0.95 40.04
N ARG A 436 -37.56 1.37 41.25
CA ARG A 436 -36.29 2.07 41.48
C ARG A 436 -35.09 1.12 41.47
N LEU A 437 -35.34 -0.16 41.71
CA LEU A 437 -34.37 -1.20 41.42
C LEU A 437 -35.09 -2.40 40.82
N PHE A 438 -34.33 -3.24 40.11
CA PHE A 438 -34.90 -4.41 39.44
C PHE A 438 -34.27 -5.66 40.03
N LEU A 439 -35.11 -6.52 40.58
CA LEU A 439 -34.71 -7.80 41.15
C LEU A 439 -35.61 -8.87 40.58
N ILE A 440 -35.08 -10.09 40.42
CA ILE A 440 -35.91 -11.25 40.09
C ILE A 440 -35.61 -12.42 41.05
N PRO A 441 -36.53 -13.40 41.11
CA PRO A 441 -36.35 -14.50 42.04
C PRO A 441 -35.83 -15.78 41.41
N ALA A 442 -35.47 -16.73 42.27
CA ALA A 442 -35.22 -18.10 41.86
C ALA A 442 -35.69 -19.03 42.98
N THR A 443 -35.49 -20.33 42.79
CA THR A 443 -35.87 -21.34 43.77
C THR A 443 -34.66 -22.20 44.13
N ILE A 444 -34.47 -22.44 45.41
CA ILE A 444 -33.55 -23.50 45.87
C ILE A 444 -34.32 -24.42 46.78
N GLN A 445 -34.46 -25.67 46.35
CA GLN A 445 -35.28 -26.67 47.04
C GLN A 445 -36.74 -26.18 47.03
N ASP A 446 -37.34 -25.96 48.19
CA ASP A 446 -38.70 -25.40 48.21
C ASP A 446 -38.70 -23.94 48.67
N LYS A 447 -37.54 -23.29 48.65
CA LYS A 447 -37.43 -21.91 49.12
C LYS A 447 -37.34 -20.94 47.96
N LEU A 448 -38.21 -19.94 47.97
CA LEU A 448 -38.11 -18.82 47.05
C LEU A 448 -37.03 -17.88 47.59
N ILE A 449 -36.13 -17.44 46.70
CA ILE A 449 -35.08 -16.49 47.05
C ILE A 449 -35.12 -15.29 46.11
N ILE A 450 -34.69 -14.15 46.62
CA ILE A 450 -34.45 -12.98 45.78
C ILE A 450 -32.98 -13.03 45.37
N ARG A 451 -32.71 -12.80 44.09
CA ARG A 451 -31.33 -12.67 43.61
C ARG A 451 -30.96 -11.19 43.53
N PHE A 452 -29.77 -10.85 44.01
CA PHE A 452 -29.21 -9.51 43.89
C PHE A 452 -27.87 -9.59 43.16
N THR A 453 -27.87 -9.20 41.90
CA THR A 453 -26.67 -9.19 41.08
C THR A 453 -26.11 -7.78 41.04
N VAL A 454 -24.83 -7.63 41.40
CA VAL A 454 -24.12 -6.39 41.17
C VAL A 454 -23.81 -6.31 39.68
N THR A 455 -24.14 -5.18 39.04
CA THR A 455 -24.01 -5.06 37.60
C THR A 455 -23.01 -3.99 37.18
N SER A 456 -23.46 -2.74 37.13
CA SER A 456 -22.68 -1.64 36.56
C SER A 456 -21.24 -1.58 37.09
N GLN A 457 -20.29 -1.39 36.17
CA GLN A 457 -18.90 -1.18 36.54
C GLN A 457 -18.71 0.10 37.37
N PHE A 458 -19.72 0.98 37.36
CA PHE A 458 -19.69 2.22 38.13
C PHE A 458 -20.39 2.14 39.49
N THR A 459 -20.86 0.94 39.87
CA THR A 459 -21.52 0.76 41.17
C THR A 459 -20.60 1.14 42.34
N THR A 460 -21.14 1.90 43.28
CA THR A 460 -20.41 2.27 44.49
C THR A 460 -21.13 1.74 45.72
N ARG A 461 -20.49 1.87 46.88
CA ARG A 461 -21.12 1.54 48.15
C ARG A 461 -22.40 2.33 48.39
N ASP A 462 -22.43 3.59 47.94
CA ASP A 462 -23.64 4.40 48.07
C ASP A 462 -24.81 3.75 47.33
N ASP A 463 -24.56 3.27 46.11
CA ASP A 463 -25.57 2.59 45.31
C ASP A 463 -26.08 1.33 46.02
N ILE A 464 -25.16 0.54 46.57
CA ILE A 464 -25.52 -0.71 47.24
C ILE A 464 -26.39 -0.42 48.48
N LEU A 465 -25.99 0.54 49.30
CA LEU A 465 -26.74 0.86 50.52
C LEU A 465 -28.12 1.44 50.18
N ARG A 466 -28.17 2.29 49.15
CA ARG A 466 -29.43 2.86 48.68
C ARG A 466 -30.40 1.74 48.32
N ASP A 467 -29.90 0.76 47.57
CA ASP A 467 -30.75 -0.35 47.14
C ASP A 467 -31.12 -1.29 48.29
N TRP A 468 -30.19 -1.55 49.20
CA TRP A 468 -30.52 -2.33 50.40
C TRP A 468 -31.61 -1.63 51.23
N ASN A 469 -31.48 -0.32 51.40
CA ASN A 469 -32.47 0.42 52.18
C ASN A 469 -33.86 0.37 51.57
N LEU A 470 -33.95 0.38 50.24
CA LEU A 470 -35.25 0.19 49.57
C LEU A 470 -35.81 -1.21 49.81
N ILE A 471 -34.94 -2.22 49.78
CA ILE A 471 -35.35 -3.60 50.05
C ILE A 471 -35.83 -3.73 51.49
N ARG A 472 -35.07 -3.14 52.42
CA ARG A 472 -35.44 -3.18 53.83
C ARG A 472 -36.75 -2.43 54.08
N ASP A 473 -36.92 -1.27 53.45
CA ASP A 473 -38.19 -0.52 53.55
C ASP A 473 -39.38 -1.39 53.11
N ALA A 474 -39.20 -2.10 52.00
CA ALA A 474 -40.26 -3.00 51.51
C ALA A 474 -40.51 -4.14 52.49
N ALA A 475 -39.44 -4.70 53.06
CA ALA A 475 -39.57 -5.77 54.04
C ALA A 475 -40.31 -5.31 55.29
N THR A 476 -40.00 -4.10 55.74
CA THR A 476 -40.68 -3.51 56.90
C THR A 476 -42.19 -3.38 56.65
N LEU A 477 -42.57 -2.92 55.45
CA LEU A 477 -43.98 -2.83 55.09
C LEU A 477 -44.63 -4.22 55.12
N ILE A 478 -44.06 -5.16 54.38
CA ILE A 478 -44.62 -6.50 54.27
C ILE A 478 -44.75 -7.21 55.62
N LEU A 479 -43.75 -7.06 56.48
CA LEU A 479 -43.78 -7.68 57.81
C LEU A 479 -44.86 -7.06 58.72
N SER A 480 -45.29 -5.83 58.40
CA SER A 480 -46.34 -5.16 59.15
C SER A 480 -47.76 -5.54 58.68
N GLN A 481 -47.85 -6.27 57.58
CA GLN A 481 -49.15 -6.59 56.96
C GLN A 481 -49.71 -7.93 57.45
N SER B 5 -10.42 2.68 31.83
CA SER B 5 -9.62 3.92 31.95
C SER B 5 -10.21 5.07 31.14
N MET B 6 -10.65 4.81 29.90
CA MET B 6 -11.28 5.84 29.08
C MET B 6 -12.42 6.51 29.84
N GLU B 7 -12.36 7.84 29.91
CA GLU B 7 -13.33 8.66 30.64
C GLU B 7 -14.42 9.17 29.69
N PRO B 8 -15.59 9.56 30.24
CA PRO B 8 -16.68 10.09 29.44
C PRO B 8 -16.27 11.17 28.44
N GLU B 9 -15.46 12.14 28.86
CA GLU B 9 -15.04 13.20 27.95
C GLU B 9 -14.13 12.68 26.84
N GLU B 10 -13.30 11.67 27.16
CA GLU B 10 -12.47 11.02 26.15
C GLU B 10 -13.34 10.25 25.15
N TYR B 11 -14.40 9.58 25.64
CA TYR B 11 -15.37 8.94 24.74
C TYR B 11 -15.98 9.96 23.78
N ARG B 12 -16.37 11.13 24.27
CA ARG B 12 -16.94 12.16 23.40
C ARG B 12 -15.97 12.56 22.28
N GLU B 13 -14.70 12.73 22.62
CA GLU B 13 -13.64 13.07 21.65
CA GLU B 13 -13.67 13.08 21.64
C GLU B 13 -13.44 11.94 20.64
N ARG B 14 -13.30 10.72 21.14
CA ARG B 14 -13.05 9.56 20.28
C ARG B 14 -14.27 9.17 19.46
N GLY B 15 -15.46 9.39 20.03
CA GLY B 15 -16.71 9.21 19.28
C GLY B 15 -16.76 10.09 18.05
N ARG B 16 -16.35 11.35 18.22
CA ARG B 16 -16.25 12.30 17.11
C ARG B 16 -15.25 11.85 16.07
N GLU B 17 -14.07 11.43 16.53
CA GLU B 17 -13.03 10.93 15.65
C GLU B 17 -13.51 9.71 14.86
N MET B 18 -14.30 8.85 15.50
CA MET B 18 -14.78 7.64 14.83
C MET B 18 -15.84 7.98 13.79
N VAL B 19 -16.76 8.86 14.14
CA VAL B 19 -17.78 9.36 13.19
C VAL B 19 -17.10 9.96 11.95
N ASP B 20 -16.07 10.77 12.17
CA ASP B 20 -15.34 11.39 11.06
C ASP B 20 -14.59 10.37 10.21
N TYR B 21 -13.99 9.37 10.87
CA TYR B 21 -13.33 8.29 10.16
C TYR B 21 -14.33 7.50 9.28
N ILE B 22 -15.48 7.18 9.86
CA ILE B 22 -16.52 6.42 9.15
C ILE B 22 -17.06 7.20 7.94
N CYS B 23 -17.29 8.49 8.14
CA CYS B 23 -17.73 9.35 7.05
C CYS B 23 -16.75 9.28 5.88
N GLN B 24 -15.46 9.45 6.18
CA GLN B 24 -14.42 9.42 5.15
C GLN B 24 -14.27 8.02 4.54
N TYR B 25 -14.33 6.99 5.38
CA TYR B 25 -14.18 5.62 4.90
C TYR B 25 -15.26 5.27 3.87
N LEU B 26 -16.51 5.52 4.22
CA LEU B 26 -17.64 5.17 3.34
C LEU B 26 -17.72 6.07 2.11
N SER B 27 -17.29 7.33 2.26
CA SER B 27 -17.29 8.27 1.14
C SER B 27 -16.24 7.96 0.07
N THR B 28 -15.11 7.37 0.48
CA THR B 28 -13.98 7.18 -0.41
C THR B 28 -13.70 5.70 -0.73
N VAL B 29 -14.66 4.83 -0.42
CA VAL B 29 -14.45 3.38 -0.48
C VAL B 29 -14.11 2.84 -1.89
N ARG B 30 -14.53 3.53 -2.95
CA ARG B 30 -14.12 3.16 -4.33
C ARG B 30 -12.61 3.14 -4.54
N GLU B 31 -11.88 3.95 -3.77
CA GLU B 31 -10.43 4.07 -3.93
C GLU B 31 -9.69 2.82 -3.45
N ARG B 32 -10.37 2.01 -2.64
CA ARG B 32 -9.78 0.80 -2.04
C ARG B 32 -9.79 -0.34 -3.02
N ARG B 33 -8.74 -1.16 -2.96
CA ARG B 33 -8.75 -2.47 -3.57
C ARG B 33 -9.79 -3.29 -2.81
N VAL B 34 -10.76 -3.87 -3.50
CA VAL B 34 -11.89 -4.52 -2.82
C VAL B 34 -11.47 -5.78 -2.06
N THR B 35 -10.65 -6.62 -2.69
CA THR B 35 -10.14 -7.83 -2.05
C THR B 35 -8.66 -7.65 -1.72
N PRO B 36 -8.28 -7.89 -0.47
CA PRO B 36 -6.90 -7.62 -0.04
C PRO B 36 -5.89 -8.66 -0.55
N ASP B 37 -4.67 -8.21 -0.83
CA ASP B 37 -3.60 -9.11 -1.25
C ASP B 37 -2.89 -9.64 -0.01
N VAL B 38 -3.54 -10.58 0.68
CA VAL B 38 -2.97 -11.19 1.88
C VAL B 38 -3.11 -12.70 1.79
N GLN B 39 -2.24 -13.41 2.52
CA GLN B 39 -2.30 -14.86 2.63
C GLN B 39 -2.79 -15.26 4.02
N PRO B 40 -3.36 -16.47 4.15
CA PRO B 40 -3.80 -16.92 5.46
C PRO B 40 -2.67 -16.93 6.48
N GLY B 41 -2.96 -16.42 7.67
CA GLY B 41 -1.98 -16.32 8.75
C GLY B 41 -1.25 -14.98 8.82
N TYR B 42 -1.59 -14.04 7.93
CA TYR B 42 -0.89 -12.74 7.81
C TYR B 42 -0.91 -11.90 9.09
N LEU B 43 -1.98 -12.01 9.88
CA LEU B 43 -2.20 -11.07 10.99
C LEU B 43 -1.40 -11.41 12.24
N ARG B 44 -1.19 -12.70 12.50
CA ARG B 44 -0.65 -13.18 13.77
C ARG B 44 0.60 -12.43 14.21
N ALA B 45 1.58 -12.35 13.30
CA ALA B 45 2.90 -11.79 13.64
C ALA B 45 2.89 -10.27 13.73
N GLN B 46 1.78 -9.62 13.37
CA GLN B 46 1.62 -8.17 13.50
C GLN B 46 1.10 -7.75 14.88
N LEU B 47 0.57 -8.71 15.64
CA LEU B 47 -0.03 -8.44 16.94
C LEU B 47 0.82 -9.02 18.07
N PRO B 48 0.82 -8.38 19.23
CA PRO B 48 1.42 -9.04 20.39
C PRO B 48 0.74 -10.37 20.68
N GLU B 49 1.49 -11.32 21.26
CA GLU B 49 0.97 -12.65 21.55
CA GLU B 49 0.99 -12.66 21.57
C GLU B 49 0.03 -12.65 22.75
N SER B 50 0.06 -11.59 23.55
CA SER B 50 -0.81 -11.47 24.72
C SER B 50 -1.46 -10.09 24.80
N ALA B 51 -2.60 -10.04 25.49
CA ALA B 51 -3.30 -8.79 25.74
C ALA B 51 -2.44 -7.85 26.57
N PRO B 52 -2.66 -6.54 26.43
CA PRO B 52 -1.87 -5.61 27.23
C PRO B 52 -2.33 -5.58 28.68
N GLU B 53 -1.38 -5.55 29.60
CA GLU B 53 -1.69 -5.46 31.04
C GLU B 53 -2.27 -4.11 31.41
N ASP B 54 -1.69 -3.05 30.84
CA ASP B 54 -2.13 -1.69 31.05
C ASP B 54 -2.87 -1.19 29.81
N PRO B 55 -3.67 -0.11 29.95
CA PRO B 55 -4.39 0.42 28.80
C PRO B 55 -3.48 0.83 27.65
N ASP B 56 -3.79 0.39 26.44
CA ASP B 56 -3.15 0.92 25.24
C ASP B 56 -3.70 2.32 25.01
N SER B 57 -2.91 3.16 24.32
CA SER B 57 -3.36 4.51 23.97
C SER B 57 -4.41 4.44 22.87
N TRP B 58 -5.39 5.33 22.95
CA TRP B 58 -6.38 5.41 21.90
C TRP B 58 -5.82 5.90 20.57
N ASP B 59 -4.74 6.68 20.61
CA ASP B 59 -4.02 7.03 19.37
C ASP B 59 -3.53 5.74 18.67
N SER B 60 -3.03 4.80 19.45
CA SER B 60 -2.52 3.53 18.91
C SER B 60 -3.68 2.64 18.41
N ILE B 61 -4.78 2.61 19.15
CA ILE B 61 -5.94 1.81 18.74
C ILE B 61 -6.51 2.36 17.43
N PHE B 62 -6.73 3.67 17.37
CA PHE B 62 -7.18 4.33 16.12
C PHE B 62 -6.22 4.15 14.97
N GLY B 63 -4.94 4.38 15.25
CA GLY B 63 -3.89 4.21 14.25
C GLY B 63 -3.92 2.81 13.65
N ASP B 64 -4.27 1.82 14.46
CA ASP B 64 -4.28 0.42 14.02
C ASP B 64 -5.43 0.07 13.09
N ILE B 65 -6.41 0.96 12.93
CA ILE B 65 -7.51 0.70 12.00
C ILE B 65 -6.94 0.54 10.59
N GLU B 66 -6.21 1.55 10.11
CA GLU B 66 -5.57 1.47 8.80
C GLU B 66 -4.33 0.59 8.80
N ARG B 67 -3.59 0.57 9.92
CA ARG B 67 -2.31 -0.14 10.00
CA ARG B 67 -2.32 -0.15 9.94
C ARG B 67 -2.48 -1.65 10.13
N ILE B 68 -3.48 -2.08 10.91
CA ILE B 68 -3.68 -3.50 11.25
C ILE B 68 -4.95 -4.11 10.64
N ILE B 69 -6.08 -3.44 10.78
CA ILE B 69 -7.37 -4.01 10.39
C ILE B 69 -7.62 -3.95 8.88
N MET B 70 -7.60 -2.76 8.31
CA MET B 70 -8.01 -2.56 6.92
C MET B 70 -7.24 -3.36 5.86
N PRO B 71 -5.94 -3.62 6.07
CA PRO B 71 -5.22 -4.40 5.04
C PRO B 71 -5.74 -5.81 4.80
N GLY B 72 -6.52 -6.36 5.74
CA GLY B 72 -7.16 -7.67 5.55
C GLY B 72 -8.66 -7.64 5.29
N VAL B 73 -9.23 -6.44 5.14
CA VAL B 73 -10.67 -6.29 4.97
C VAL B 73 -11.10 -6.42 3.51
N VAL B 74 -12.17 -7.18 3.28
CA VAL B 74 -12.89 -7.11 2.01
C VAL B 74 -13.92 -5.97 2.14
N HIS B 75 -13.84 -5.00 1.24
CA HIS B 75 -14.67 -3.80 1.33
C HIS B 75 -16.06 -4.02 0.74
N TRP B 76 -16.92 -4.63 1.56
CA TRP B 76 -18.28 -4.96 1.18
C TRP B 76 -19.14 -3.75 0.79
N GLN B 77 -18.80 -2.55 1.27
CA GLN B 77 -19.55 -1.35 0.89
C GLN B 77 -19.04 -0.69 -0.41
N SER B 78 -18.03 -1.27 -1.06
CA SER B 78 -17.56 -0.73 -2.33
C SER B 78 -18.58 -1.00 -3.43
N PRO B 79 -18.83 0.01 -4.29
CA PRO B 79 -19.59 -0.26 -5.50
C PRO B 79 -18.94 -1.30 -6.41
N HIS B 80 -17.66 -1.60 -6.19
CA HIS B 80 -16.94 -2.61 -6.96
C HIS B 80 -16.96 -4.00 -6.29
N MET B 81 -17.67 -4.10 -5.17
CA MET B 81 -18.02 -5.39 -4.59
C MET B 81 -19.18 -5.96 -5.39
N HIS B 82 -18.97 -7.14 -5.99
CA HIS B 82 -20.01 -7.80 -6.78
C HIS B 82 -20.19 -9.27 -6.44
N ALA B 83 -19.57 -9.70 -5.34
CA ALA B 83 -19.63 -11.09 -4.89
C ALA B 83 -20.87 -11.34 -4.07
N TYR B 84 -21.27 -12.60 -3.97
CA TYR B 84 -22.32 -13.03 -3.05
C TYR B 84 -23.60 -12.26 -3.34
N TYR B 85 -24.35 -11.88 -2.31
CA TYR B 85 -25.38 -10.88 -2.47
C TYR B 85 -24.94 -9.63 -1.72
N PRO B 86 -25.63 -8.50 -1.90
CA PRO B 86 -25.17 -7.32 -1.19
C PRO B 86 -25.34 -7.50 0.32
N ALA B 87 -24.56 -6.75 1.09
CA ALA B 87 -24.85 -6.54 2.51
C ALA B 87 -24.59 -5.08 2.78
N LEU B 88 -25.64 -4.27 2.78
CA LEU B 88 -25.49 -2.82 2.77
C LEU B 88 -25.70 -2.17 4.13
N THR B 89 -24.79 -1.26 4.48
CA THR B 89 -24.99 -0.40 5.64
C THR B 89 -25.50 0.95 5.16
N SER B 90 -25.87 1.81 6.10
CA SER B 90 -26.33 3.17 5.78
C SER B 90 -26.23 4.05 7.01
N TRP B 91 -26.18 5.36 6.79
CA TRP B 91 -26.03 6.31 7.92
C TRP B 91 -27.09 6.11 9.00
N PRO B 92 -28.38 6.03 8.62
CA PRO B 92 -29.43 5.81 9.63
C PRO B 92 -29.26 4.51 10.42
N SER B 93 -28.82 3.45 9.73
CA SER B 93 -28.61 2.14 10.37
C SER B 93 -27.54 2.25 11.44
N LEU B 94 -26.43 2.90 11.10
CA LEU B 94 -25.33 3.13 12.04
C LEU B 94 -25.81 3.88 13.29
N LEU B 95 -26.57 4.95 13.08
CA LEU B 95 -27.00 5.80 14.18
C LEU B 95 -27.98 5.07 15.09
N GLY B 96 -28.86 4.26 14.51
CA GLY B 96 -29.80 3.47 15.29
C GLY B 96 -29.11 2.49 16.22
N ASP B 97 -28.12 1.78 15.69
CA ASP B 97 -27.43 0.77 16.47
C ASP B 97 -26.53 1.39 17.53
N MET B 98 -26.02 2.60 17.29
CA MET B 98 -25.28 3.32 18.31
C MET B 98 -26.12 3.44 19.59
N LEU B 99 -27.39 3.79 19.42
CA LEU B 99 -28.29 3.93 20.55
C LEU B 99 -28.53 2.58 21.22
N ALA B 100 -28.80 1.56 20.41
CA ALA B 100 -29.09 0.23 20.92
C ALA B 100 -27.90 -0.31 21.72
N ASP B 101 -26.70 -0.14 21.19
CA ASP B 101 -25.47 -0.60 21.86
C ASP B 101 -25.23 0.08 23.22
N ALA B 102 -25.64 1.34 23.36
CA ALA B 102 -25.47 2.09 24.61
C ALA B 102 -26.46 1.65 25.69
N ILE B 103 -27.73 1.54 25.32
CA ILE B 103 -28.77 1.03 26.22
C ILE B 103 -28.43 -0.40 26.60
N ASN B 104 -28.03 -1.19 25.61
CA ASN B 104 -27.63 -2.58 25.79
C ASN B 104 -28.60 -3.34 26.69
N CYS B 105 -29.87 -3.28 26.35
CA CYS B 105 -30.86 -4.10 27.01
C CYS B 105 -30.98 -5.44 26.28
N LEU B 106 -31.53 -6.44 26.97
CA LEU B 106 -31.81 -7.74 26.37
C LEU B 106 -33.31 -7.99 26.43
N GLY B 107 -33.86 -8.57 25.36
CA GLY B 107 -35.30 -8.70 25.20
C GLY B 107 -35.83 -10.12 25.14
N PHE B 108 -35.26 -11.02 25.94
CA PHE B 108 -35.69 -12.43 25.92
C PHE B 108 -37.16 -12.59 26.32
N THR B 109 -37.63 -11.75 27.26
CA THR B 109 -39.06 -11.66 27.55
C THR B 109 -39.51 -10.22 27.40
N TRP B 110 -40.83 -10.02 27.35
CA TRP B 110 -41.38 -8.67 27.35
C TRP B 110 -40.82 -7.88 28.54
N ALA B 111 -40.81 -8.50 29.73
CA ALA B 111 -40.44 -7.79 30.94
C ALA B 111 -38.97 -7.37 30.98
N SER B 112 -38.10 -8.14 30.32
CA SER B 112 -36.66 -7.86 30.39
C SER B 112 -36.31 -6.53 29.71
N SER B 113 -37.14 -6.09 28.75
CA SER B 113 -37.16 -4.70 28.25
C SER B 113 -38.34 -4.51 27.31
N PRO B 114 -39.47 -3.98 27.81
CA PRO B 114 -40.68 -3.94 26.98
C PRO B 114 -40.51 -3.30 25.60
N ALA B 115 -39.78 -2.19 25.54
CA ALA B 115 -39.54 -1.46 24.29
C ALA B 115 -38.89 -2.36 23.23
N CYS B 116 -37.98 -3.21 23.65
CA CYS B 116 -37.28 -4.09 22.72
C CYS B 116 -38.25 -4.98 21.96
N THR B 117 -39.24 -5.53 22.67
CA THR B 117 -40.27 -6.36 22.06
C THR B 117 -41.31 -5.55 21.29
N GLU B 118 -41.80 -4.45 21.88
CA GLU B 118 -42.91 -3.72 21.27
C GLU B 118 -42.52 -2.94 20.01
N LEU B 119 -41.34 -2.32 19.99
CA LEU B 119 -40.90 -1.67 18.77
C LEU B 119 -40.77 -2.72 17.67
N GLU B 120 -40.21 -3.88 18.00
CA GLU B 120 -40.02 -4.94 17.01
C GLU B 120 -41.35 -5.45 16.45
N MET B 121 -42.32 -5.72 17.32
CA MET B 121 -43.64 -6.18 16.88
C MET B 121 -44.26 -5.17 15.90
N ASN B 122 -44.21 -3.90 16.26
CA ASN B 122 -44.81 -2.86 15.42
C ASN B 122 -44.08 -2.64 14.11
N VAL B 123 -42.75 -2.68 14.14
CA VAL B 123 -41.97 -2.50 12.92
C VAL B 123 -42.04 -3.73 12.01
N MET B 124 -42.15 -4.92 12.58
CA MET B 124 -42.34 -6.13 11.77
C MET B 124 -43.70 -6.12 11.07
N ASP B 125 -44.72 -5.55 11.71
CA ASP B 125 -46.01 -5.36 11.02
C ASP B 125 -45.88 -4.33 9.89
N TRP B 126 -45.21 -3.21 10.14
CA TRP B 126 -44.91 -2.23 9.08
C TRP B 126 -44.31 -2.95 7.87
N LEU B 127 -43.27 -3.75 8.16
CA LEU B 127 -42.47 -4.37 7.13
C LEU B 127 -43.25 -5.42 6.35
N ALA B 128 -44.08 -6.20 7.04
CA ALA B 128 -44.97 -7.16 6.38
C ALA B 128 -45.89 -6.43 5.38
N LYS B 129 -46.44 -5.30 5.79
CA LYS B 129 -47.26 -4.49 4.88
C LYS B 129 -46.44 -3.95 3.72
N MET B 130 -45.21 -3.50 3.99
CA MET B 130 -44.31 -2.97 2.94
C MET B 130 -43.98 -4.00 1.87
N LEU B 131 -43.94 -5.27 2.27
CA LEU B 131 -43.61 -6.38 1.38
C LEU B 131 -44.81 -6.95 0.64
N GLY B 132 -46.00 -6.59 1.08
CA GLY B 132 -47.23 -7.14 0.53
C GLY B 132 -47.50 -8.55 1.02
N LEU B 133 -47.05 -8.87 2.23
CA LEU B 133 -47.32 -10.17 2.83
C LEU B 133 -48.76 -10.24 3.33
N PRO B 134 -49.33 -11.45 3.42
CA PRO B 134 -50.68 -11.64 3.94
C PRO B 134 -50.87 -11.07 5.33
N GLU B 135 -52.09 -10.65 5.62
CA GLU B 135 -52.42 -10.10 6.93
C GLU B 135 -52.27 -11.12 8.07
N HIS B 136 -52.33 -12.41 7.76
CA HIS B 136 -52.13 -13.44 8.78
C HIS B 136 -50.70 -13.54 9.31
N PHE B 137 -49.78 -12.72 8.77
CA PHE B 137 -48.44 -12.58 9.32
C PHE B 137 -48.31 -11.37 10.25
N LEU B 138 -49.40 -10.64 10.46
CA LEU B 138 -49.39 -9.45 11.30
C LEU B 138 -49.66 -9.82 12.75
N HIS B 139 -48.87 -9.26 13.67
CA HIS B 139 -49.16 -9.37 15.09
C HIS B 139 -50.52 -8.79 15.42
N HIS B 140 -50.79 -7.59 14.90
CA HIS B 140 -51.93 -6.78 15.32
C HIS B 140 -53.09 -6.81 14.33
N HIS B 141 -53.38 -7.98 13.77
CA HIS B 141 -54.55 -8.19 12.93
C HIS B 141 -55.48 -9.10 13.73
N PRO B 142 -56.77 -8.72 13.86
CA PRO B 142 -57.68 -9.37 14.81
C PRO B 142 -57.71 -10.90 14.75
N SER B 143 -57.76 -11.48 13.56
CA SER B 143 -57.84 -12.94 13.41
C SER B 143 -56.48 -13.64 13.37
N SER B 144 -55.40 -12.88 13.34
CA SER B 144 -54.06 -13.46 13.14
C SER B 144 -53.64 -14.34 14.33
N GLN B 145 -52.96 -15.43 14.03
CA GLN B 145 -52.31 -16.25 15.03
C GLN B 145 -50.80 -16.25 14.79
N GLY B 146 -50.34 -15.31 13.98
CA GLY B 146 -48.95 -15.25 13.54
C GLY B 146 -48.29 -13.93 13.89
N GLY B 147 -47.12 -13.72 13.32
CA GLY B 147 -46.34 -12.51 13.57
C GLY B 147 -44.93 -12.61 13.04
N GLY B 148 -44.24 -11.47 13.04
CA GLY B 148 -42.87 -11.39 12.61
C GLY B 148 -41.93 -11.20 13.78
N VAL B 149 -40.77 -11.84 13.68
CA VAL B 149 -39.71 -11.71 14.67
C VAL B 149 -38.39 -11.54 13.92
N LEU B 150 -37.51 -10.70 14.45
CA LEU B 150 -36.19 -10.53 13.87
C LEU B 150 -35.31 -11.72 14.29
N GLN B 151 -34.45 -12.12 13.36
CA GLN B 151 -33.45 -13.15 13.60
C GLN B 151 -32.10 -12.59 13.10
N SER B 152 -31.03 -13.35 13.25
CA SER B 152 -29.70 -12.89 12.81
C SER B 152 -29.36 -13.29 11.37
N THR B 153 -29.92 -14.40 10.91
CA THR B 153 -29.69 -14.91 9.56
C THR B 153 -30.93 -15.59 8.98
N VAL B 154 -30.98 -15.67 7.66
CA VAL B 154 -31.97 -16.53 6.98
C VAL B 154 -31.68 -18.01 7.33
N SER B 155 -30.41 -18.37 7.42
CA SER B 155 -30.00 -19.73 7.81
C SER B 155 -30.73 -20.21 9.06
N GLU B 156 -30.71 -19.37 10.09
CA GLU B 156 -31.34 -19.73 11.36
C GLU B 156 -32.86 -19.73 11.25
N SER B 157 -33.40 -18.79 10.48
CA SER B 157 -34.84 -18.72 10.25
C SER B 157 -35.35 -19.98 9.56
N THR B 158 -34.63 -20.42 8.53
CA THR B 158 -34.97 -21.66 7.82
C THR B 158 -34.87 -22.88 8.75
N LEU B 159 -33.84 -22.91 9.59
CA LEU B 159 -33.69 -23.97 10.57
C LEU B 159 -34.86 -23.99 11.54
N ILE B 160 -35.23 -22.83 12.08
CA ILE B 160 -36.36 -22.74 13.02
C ILE B 160 -37.65 -23.25 12.38
N ALA B 161 -37.86 -22.91 11.11
CA ALA B 161 -39.05 -23.32 10.39
C ALA B 161 -39.09 -24.86 10.26
N LEU B 162 -37.93 -25.45 9.96
CA LEU B 162 -37.84 -26.91 9.87
C LEU B 162 -38.03 -27.58 11.23
N LEU B 163 -37.45 -26.99 12.26
CA LEU B 163 -37.62 -27.51 13.62
C LEU B 163 -39.08 -27.51 14.05
N ALA B 164 -39.78 -26.41 13.73
CA ALA B 164 -41.18 -26.26 14.08
C ALA B 164 -42.04 -27.25 13.29
N ALA B 165 -41.72 -27.41 12.00
CA ALA B 165 -42.43 -28.33 11.14
C ALA B 165 -42.28 -29.77 11.62
N ARG B 166 -41.05 -30.19 11.88
CA ARG B 166 -40.80 -31.56 12.29
C ARG B 166 -41.39 -31.83 13.67
N LYS B 167 -41.30 -30.85 14.57
CA LYS B 167 -41.93 -31.01 15.88
C LYS B 167 -43.43 -31.23 15.72
N ASN B 168 -44.09 -30.40 14.92
CA ASN B 168 -45.54 -30.51 14.70
C ASN B 168 -45.93 -31.89 14.13
N LYS B 169 -45.20 -32.34 13.11
CA LYS B 169 -45.47 -33.64 12.51
C LYS B 169 -45.18 -34.79 13.48
N ILE B 170 -44.09 -34.69 14.24
CA ILE B 170 -43.77 -35.73 15.21
C ILE B 170 -44.91 -35.84 16.26
N LEU B 171 -45.41 -34.71 16.73
CA LEU B 171 -46.53 -34.74 17.68
C LEU B 171 -47.78 -35.40 17.06
N GLU B 172 -48.03 -35.14 15.78
CA GLU B 172 -49.13 -35.79 15.06
C GLU B 172 -48.93 -37.30 15.00
N MET B 173 -47.71 -37.72 14.69
CA MET B 173 -47.35 -39.14 14.63
C MET B 173 -47.48 -39.83 16.00
N LYS B 174 -47.18 -39.10 17.07
CA LYS B 174 -47.29 -39.65 18.42
C LYS B 174 -48.72 -40.02 18.81
N THR B 175 -49.70 -39.34 18.23
CA THR B 175 -51.11 -39.68 18.48
C THR B 175 -51.40 -41.15 18.19
N SER B 176 -50.90 -41.68 17.07
CA SER B 176 -51.12 -43.08 16.75
C SER B 176 -49.98 -43.99 17.23
N GLU B 177 -48.83 -43.42 17.60
CA GLU B 177 -47.70 -44.18 18.16
C GLU B 177 -47.17 -43.50 19.42
N PRO B 178 -47.95 -43.56 20.51
CA PRO B 178 -47.63 -42.78 21.71
C PRO B 178 -46.35 -43.19 22.44
N ASP B 179 -45.87 -44.41 22.23
CA ASP B 179 -44.67 -44.88 22.91
C ASP B 179 -43.39 -44.76 22.08
N ALA B 180 -43.49 -44.27 20.84
CA ALA B 180 -42.31 -44.13 19.98
C ALA B 180 -41.49 -42.91 20.41
N ASP B 181 -40.17 -43.06 20.37
CA ASP B 181 -39.28 -41.95 20.66
C ASP B 181 -39.42 -40.91 19.55
N GLU B 182 -39.39 -39.63 19.91
CA GLU B 182 -39.49 -38.55 18.92
C GLU B 182 -38.40 -38.65 17.85
N SER B 183 -37.21 -39.07 18.26
CA SER B 183 -36.08 -39.16 17.35
C SER B 183 -36.26 -40.32 16.37
N SER B 184 -36.93 -41.40 16.81
CA SER B 184 -37.25 -42.49 15.90
C SER B 184 -38.27 -42.08 14.85
N LEU B 185 -39.31 -41.35 15.27
CA LEU B 185 -40.31 -40.85 14.33
C LEU B 185 -39.68 -39.86 13.34
N ASN B 186 -38.78 -39.01 13.83
CA ASN B 186 -38.04 -38.06 13.00
C ASN B 186 -37.30 -38.75 11.85
N ALA B 187 -36.85 -39.98 12.07
CA ALA B 187 -36.14 -40.73 11.04
C ALA B 187 -36.95 -41.00 9.78
N ARG B 188 -38.28 -40.98 9.90
CA ARG B 188 -39.15 -41.29 8.77
C ARG B 188 -39.48 -40.06 7.92
N LEU B 189 -39.12 -38.88 8.42
CA LEU B 189 -39.45 -37.63 7.75
C LEU B 189 -38.55 -37.34 6.55
N VAL B 190 -39.10 -36.60 5.59
CA VAL B 190 -38.32 -36.09 4.47
C VAL B 190 -38.78 -34.67 4.15
N ALA B 191 -37.80 -33.81 3.86
CA ALA B 191 -38.07 -32.42 3.53
C ALA B 191 -37.54 -32.16 2.14
N TYR B 192 -38.06 -31.13 1.48
CA TYR B 192 -37.72 -30.85 0.10
C TYR B 192 -37.30 -29.42 -0.13
N ALA B 193 -36.47 -29.24 -1.15
CA ALA B 193 -36.17 -27.92 -1.68
C ALA B 193 -35.69 -28.08 -3.12
N SER B 194 -35.57 -26.96 -3.81
CA SER B 194 -35.00 -26.93 -5.15
C SER B 194 -33.53 -27.32 -5.10
N ASP B 195 -33.02 -27.90 -6.18
CA ASP B 195 -31.57 -28.15 -6.28
C ASP B 195 -30.79 -26.83 -6.45
N GLN B 196 -31.50 -25.71 -6.56
CA GLN B 196 -30.90 -24.37 -6.54
C GLN B 196 -30.98 -23.71 -5.16
N ALA B 197 -31.59 -24.39 -4.20
CA ALA B 197 -31.76 -23.81 -2.86
C ALA B 197 -30.40 -23.59 -2.20
N HIS B 198 -30.35 -22.58 -1.35
CA HIS B 198 -29.11 -22.19 -0.70
C HIS B 198 -28.62 -23.32 0.22
N SER B 199 -27.30 -23.38 0.43
CA SER B 199 -26.71 -24.44 1.27
C SER B 199 -27.26 -24.51 2.71
N SER B 200 -27.85 -23.42 3.19
CA SER B 200 -28.46 -23.38 4.52
C SER B 200 -29.62 -24.36 4.65
N VAL B 201 -30.28 -24.69 3.53
CA VAL B 201 -31.34 -25.70 3.58
C VAL B 201 -30.71 -27.08 3.86
N GLU B 202 -29.67 -27.44 3.10
CA GLU B 202 -28.92 -28.66 3.38
C GLU B 202 -28.41 -28.68 4.82
N LYS B 203 -27.81 -27.58 5.25
CA LYS B 203 -27.23 -27.50 6.59
C LYS B 203 -28.29 -27.69 7.67
N ALA B 204 -29.49 -27.14 7.45
CA ALA B 204 -30.59 -27.32 8.41
C ALA B 204 -30.93 -28.80 8.56
N GLY B 205 -30.91 -29.53 7.45
CA GLY B 205 -31.11 -30.98 7.47
C GLY B 205 -30.03 -31.70 8.27
N LEU B 206 -28.78 -31.33 8.04
CA LEU B 206 -27.66 -31.92 8.75
C LEU B 206 -27.75 -31.70 10.25
N ILE B 207 -28.11 -30.47 10.65
CA ILE B 207 -28.22 -30.10 12.05
C ILE B 207 -29.37 -30.87 12.73
N SER B 208 -30.51 -30.96 12.05
CA SER B 208 -31.73 -31.54 12.62
C SER B 208 -31.86 -33.06 12.41
N LEU B 209 -30.95 -33.64 11.63
CA LEU B 209 -31.04 -35.06 11.24
C LEU B 209 -32.34 -35.37 10.50
N VAL B 210 -32.83 -34.42 9.73
CA VAL B 210 -33.98 -34.62 8.85
C VAL B 210 -33.48 -34.82 7.43
N LYS B 211 -33.93 -35.91 6.81
CA LYS B 211 -33.56 -36.21 5.43
C LYS B 211 -34.06 -35.12 4.49
N MET B 212 -33.17 -34.66 3.61
CA MET B 212 -33.43 -33.57 2.68
C MET B 212 -33.29 -34.11 1.27
N LYS B 213 -34.26 -33.81 0.42
CA LYS B 213 -34.15 -34.19 -0.99
C LYS B 213 -34.30 -32.93 -1.84
N PHE B 214 -33.35 -32.75 -2.75
CA PHE B 214 -33.30 -31.56 -3.57
C PHE B 214 -33.83 -31.90 -4.94
N LEU B 215 -34.84 -31.16 -5.39
CA LEU B 215 -35.62 -31.55 -6.56
C LEU B 215 -35.17 -30.83 -7.82
N PRO B 216 -35.36 -31.47 -8.98
CA PRO B 216 -34.92 -30.85 -10.23
C PRO B 216 -35.81 -29.65 -10.61
N VAL B 217 -35.25 -28.76 -11.43
CA VAL B 217 -35.92 -27.51 -11.78
C VAL B 217 -36.18 -27.43 -13.28
N ASP B 218 -37.02 -26.47 -13.68
CA ASP B 218 -37.37 -26.29 -15.09
C ASP B 218 -36.29 -25.48 -15.82
N ASP B 219 -36.54 -25.13 -17.09
CA ASP B 219 -35.52 -24.44 -17.91
CA ASP B 219 -35.56 -24.43 -17.93
C ASP B 219 -35.24 -23.01 -17.44
N ASN B 220 -36.10 -22.47 -16.56
CA ASN B 220 -35.86 -21.19 -15.90
C ASN B 220 -35.27 -21.38 -14.49
N PHE B 221 -34.90 -22.62 -14.17
CA PHE B 221 -34.28 -22.98 -12.89
C PHE B 221 -35.23 -22.75 -11.70
N SER B 222 -36.53 -22.95 -11.99
CA SER B 222 -37.61 -22.75 -11.04
C SER B 222 -38.17 -24.11 -10.62
N LEU B 223 -38.40 -24.30 -9.32
CA LEU B 223 -39.01 -25.53 -8.82
C LEU B 223 -40.50 -25.49 -9.12
N ARG B 224 -40.98 -26.54 -9.77
CA ARG B 224 -42.38 -26.60 -10.22
C ARG B 224 -43.17 -27.64 -9.42
N GLY B 225 -44.50 -27.48 -9.44
CA GLY B 225 -45.38 -28.37 -8.69
C GLY B 225 -45.25 -29.84 -9.07
N GLU B 226 -45.10 -30.14 -10.36
CA GLU B 226 -45.06 -31.54 -10.79
C GLU B 226 -43.84 -32.29 -10.19
N ALA B 227 -42.72 -31.59 -10.04
CA ALA B 227 -41.54 -32.17 -9.40
C ALA B 227 -41.80 -32.49 -7.93
N LEU B 228 -42.49 -31.59 -7.22
CA LEU B 228 -42.81 -31.80 -5.81
C LEU B 228 -43.82 -32.95 -5.68
N GLN B 229 -44.85 -32.94 -6.52
CA GLN B 229 -45.86 -33.99 -6.49
C GLN B 229 -45.25 -35.38 -6.70
N LYS B 230 -44.38 -35.50 -7.70
CA LYS B 230 -43.69 -36.75 -7.99
C LYS B 230 -42.86 -37.26 -6.81
N ALA B 231 -42.12 -36.35 -6.18
CA ALA B 231 -41.29 -36.70 -5.03
C ALA B 231 -42.13 -37.16 -3.84
N ILE B 232 -43.21 -36.45 -3.56
CA ILE B 232 -44.11 -36.79 -2.47
C ILE B 232 -44.69 -38.19 -2.64
N GLU B 233 -45.18 -38.48 -3.85
CA GLU B 233 -45.78 -39.79 -4.14
C GLU B 233 -44.77 -40.92 -4.02
N GLU B 234 -43.58 -40.72 -4.56
CA GLU B 234 -42.53 -41.74 -4.51
C GLU B 234 -42.00 -42.01 -3.10
N ASP B 235 -41.84 -40.95 -2.32
CA ASP B 235 -41.37 -41.10 -0.94
C ASP B 235 -42.45 -41.73 -0.04
N LYS B 236 -43.71 -41.38 -0.26
CA LYS B 236 -44.80 -42.04 0.47
C LYS B 236 -44.85 -43.55 0.19
N GLN B 237 -44.55 -43.93 -1.06
CA GLN B 237 -44.47 -45.35 -1.42
C GLN B 237 -43.33 -46.05 -0.66
N ARG B 238 -42.25 -45.31 -0.39
CA ARG B 238 -41.11 -45.85 0.37
C ARG B 238 -41.34 -45.88 1.89
N GLY B 239 -42.47 -45.35 2.35
CA GLY B 239 -42.77 -45.30 3.78
C GLY B 239 -42.23 -44.08 4.48
N LEU B 240 -41.68 -43.13 3.73
CA LEU B 240 -41.21 -41.86 4.28
C LEU B 240 -42.39 -40.91 4.46
N VAL B 241 -42.20 -39.87 5.27
CA VAL B 241 -43.26 -38.94 5.63
C VAL B 241 -42.84 -37.51 5.27
N PRO B 242 -43.34 -36.99 4.12
CA PRO B 242 -43.06 -35.61 3.73
C PRO B 242 -43.50 -34.65 4.83
N VAL B 243 -42.65 -33.66 5.13
CA VAL B 243 -42.90 -32.77 6.27
C VAL B 243 -42.78 -31.28 5.96
N PHE B 244 -41.97 -30.91 4.97
CA PHE B 244 -41.49 -29.52 4.85
C PHE B 244 -41.01 -29.27 3.44
N VAL B 245 -41.33 -28.09 2.93
CA VAL B 245 -40.82 -27.64 1.64
C VAL B 245 -40.26 -26.23 1.81
N CYS B 246 -39.05 -26.00 1.33
CA CYS B 246 -38.52 -24.66 1.24
C CYS B 246 -38.59 -24.22 -0.21
N ALA B 247 -39.42 -23.22 -0.49
CA ALA B 247 -39.46 -22.58 -1.79
C ALA B 247 -38.59 -21.33 -1.73
N THR B 248 -37.75 -21.18 -2.74
CA THR B 248 -36.79 -20.09 -2.79
C THR B 248 -37.22 -19.05 -3.83
N LEU B 249 -37.31 -17.80 -3.36
CA LEU B 249 -37.56 -16.66 -4.22
C LEU B 249 -36.27 -15.84 -4.28
N GLY B 250 -35.56 -15.96 -5.39
CA GLY B 250 -34.27 -15.30 -5.57
C GLY B 250 -33.12 -16.21 -5.18
N THR B 251 -32.95 -17.28 -5.95
CA THR B 251 -31.93 -18.29 -5.66
C THR B 251 -30.53 -17.69 -5.71
N THR B 252 -29.61 -18.31 -4.98
CA THR B 252 -28.26 -17.79 -4.84
C THR B 252 -27.52 -17.69 -6.16
N GLY B 253 -27.53 -18.79 -6.92
CA GLY B 253 -26.76 -18.91 -8.14
C GLY B 253 -27.15 -17.92 -9.22
N VAL B 254 -28.43 -17.93 -9.61
CA VAL B 254 -28.89 -17.15 -10.77
C VAL B 254 -30.11 -16.28 -10.48
N CYS B 255 -30.52 -16.18 -9.21
CA CYS B 255 -31.69 -15.41 -8.82
C CYS B 255 -32.93 -15.84 -9.60
N ALA B 256 -33.19 -17.15 -9.57
CA ALA B 256 -34.45 -17.73 -10.04
C ALA B 256 -35.52 -17.72 -8.95
N PHE B 257 -36.76 -18.00 -9.33
CA PHE B 257 -37.89 -17.98 -8.41
C PHE B 257 -38.71 -19.26 -8.54
N ASP B 258 -38.89 -19.97 -7.44
CA ASP B 258 -39.71 -21.17 -7.43
C ASP B 258 -41.17 -20.80 -7.67
N LEU B 260 -44.37 -20.65 -6.65
CA LEU B 260 -45.13 -20.69 -5.42
C LEU B 260 -46.63 -20.93 -5.67
N SER B 261 -47.16 -20.42 -6.77
CA SER B 261 -48.57 -20.65 -7.10
C SER B 261 -48.88 -22.13 -7.34
N GLU B 262 -47.88 -22.91 -7.74
CA GLU B 262 -48.05 -24.36 -7.91
C GLU B 262 -47.69 -25.14 -6.65
N LEU B 263 -46.62 -24.74 -5.98
CA LEU B 263 -46.16 -25.44 -4.79
C LEU B 263 -47.12 -25.27 -3.62
N GLY B 264 -47.70 -24.08 -3.49
CA GLY B 264 -48.58 -23.75 -2.35
C GLY B 264 -49.75 -24.70 -2.17
N PRO B 265 -50.57 -24.86 -3.21
CA PRO B 265 -51.72 -25.78 -3.13
C PRO B 265 -51.35 -27.20 -2.73
N ILE B 266 -50.23 -27.69 -3.26
CA ILE B 266 -49.74 -29.03 -2.93
C ILE B 266 -49.39 -29.12 -1.43
N CYS B 267 -48.66 -28.14 -0.93
CA CYS B 267 -48.30 -28.11 0.49
C CYS B 267 -49.52 -28.06 1.40
N ALA B 268 -50.49 -27.21 1.06
CA ALA B 268 -51.75 -27.13 1.81
C ALA B 268 -52.49 -28.47 1.81
N ARG B 269 -52.64 -29.06 0.62
CA ARG B 269 -53.34 -30.33 0.45
C ARG B 269 -52.63 -31.51 1.12
N GLU B 270 -51.29 -31.51 1.07
CA GLU B 270 -50.51 -32.63 1.58
C GLU B 270 -50.05 -32.43 3.03
N GLY B 271 -50.41 -31.31 3.64
CA GLY B 271 -50.05 -31.01 5.02
C GLY B 271 -48.55 -30.82 5.25
N LEU B 272 -47.91 -30.11 4.33
CA LEU B 272 -46.47 -29.84 4.41
C LEU B 272 -46.25 -28.39 4.80
N TRP B 273 -45.36 -28.16 5.76
CA TRP B 273 -44.96 -26.81 6.12
C TRP B 273 -44.26 -26.18 4.92
N LEU B 274 -44.78 -25.06 4.44
CA LEU B 274 -44.17 -24.33 3.33
C LEU B 274 -43.45 -23.10 3.85
N HIS B 275 -42.13 -23.11 3.73
CA HIS B 275 -41.27 -22.03 4.17
C HIS B 275 -40.69 -21.32 2.93
N ILE B 276 -40.78 -19.99 2.91
CA ILE B 276 -40.24 -19.21 1.81
C ILE B 276 -38.90 -18.58 2.19
N ASP B 277 -37.86 -18.91 1.43
CA ASP B 277 -36.57 -18.26 1.54
C ASP B 277 -36.47 -17.20 0.46
N ALA B 278 -36.63 -15.94 0.88
CA ALA B 278 -36.46 -14.80 -0.03
C ALA B 278 -35.33 -13.88 0.41
N ALA B 279 -34.24 -14.48 0.91
CA ALA B 279 -33.13 -13.72 1.53
C ALA B 279 -32.80 -12.39 0.85
N TYR B 280 -32.45 -12.47 -0.43
CA TYR B 280 -32.10 -11.29 -1.22
C TYR B 280 -33.34 -10.61 -1.83
N ALA B 281 -34.11 -11.37 -2.60
CA ALA B 281 -35.19 -10.79 -3.41
C ALA B 281 -36.35 -10.18 -2.62
N GLY B 282 -36.50 -10.58 -1.36
CA GLY B 282 -37.52 -10.02 -0.48
C GLY B 282 -37.59 -8.50 -0.50
N THR B 283 -36.44 -7.83 -0.49
CA THR B 283 -36.41 -6.38 -0.52
C THR B 283 -37.07 -5.83 -1.79
N ALA B 284 -36.99 -6.57 -2.89
CA ALA B 284 -37.63 -6.17 -4.15
C ALA B 284 -39.15 -6.07 -4.01
N PHE B 285 -39.74 -6.85 -3.10
CA PHE B 285 -41.20 -6.85 -2.91
C PHE B 285 -41.71 -5.56 -2.23
N LEU B 286 -40.79 -4.68 -1.83
CA LEU B 286 -41.16 -3.29 -1.50
C LEU B 286 -41.78 -2.56 -2.70
N CYS B 287 -41.39 -2.98 -3.90
CA CYS B 287 -41.91 -2.41 -5.14
C CYS B 287 -43.02 -3.31 -5.71
N PRO B 288 -44.25 -2.79 -5.85
CA PRO B 288 -45.37 -3.60 -6.33
C PRO B 288 -45.13 -4.34 -7.64
N GLU B 289 -44.33 -3.76 -8.53
CA GLU B 289 -44.10 -4.37 -9.85
C GLU B 289 -43.28 -5.67 -9.81
N PHE B 290 -42.61 -5.96 -8.70
CA PHE B 290 -41.89 -7.23 -8.53
C PHE B 290 -42.67 -8.30 -7.75
N ARG B 291 -43.90 -7.99 -7.34
CA ARG B 291 -44.67 -8.91 -6.49
C ARG B 291 -45.31 -10.09 -7.22
N GLY B 292 -45.12 -10.17 -8.55
CA GLY B 292 -45.57 -11.33 -9.32
C GLY B 292 -44.95 -12.64 -8.83
N PHE B 293 -43.70 -12.56 -8.39
CA PHE B 293 -42.97 -13.71 -7.86
C PHE B 293 -43.53 -14.18 -6.51
N LEU B 294 -44.29 -13.30 -5.86
CA LEU B 294 -44.91 -13.57 -4.56
C LEU B 294 -46.29 -14.23 -4.69
N LYS B 295 -46.78 -14.43 -5.92
CA LYS B 295 -48.06 -15.09 -6.14
C LYS B 295 -48.05 -16.49 -5.51
N GLY B 296 -49.05 -16.77 -4.67
CA GLY B 296 -49.14 -18.01 -3.92
C GLY B 296 -48.68 -17.87 -2.47
N ILE B 297 -48.22 -16.68 -2.10
CA ILE B 297 -47.70 -16.43 -0.74
C ILE B 297 -48.70 -16.79 0.36
N GLU B 298 -49.99 -16.71 0.05
CA GLU B 298 -51.04 -17.07 1.02
C GLU B 298 -50.94 -18.52 1.53
N TYR B 299 -50.28 -19.39 0.77
CA TYR B 299 -50.07 -20.79 1.20
C TYR B 299 -48.89 -20.99 2.13
N ALA B 300 -48.05 -19.98 2.29
CA ALA B 300 -46.84 -20.09 3.10
C ALA B 300 -47.16 -20.20 4.60
N ASP B 301 -46.46 -21.10 5.29
CA ASP B 301 -46.50 -21.16 6.75
C ASP B 301 -45.46 -20.22 7.35
N SER B 302 -44.40 -19.94 6.60
CA SER B 302 -43.38 -19.02 7.06
C SER B 302 -42.66 -18.37 5.90
N PHE B 303 -42.04 -17.23 6.19
CA PHE B 303 -41.39 -16.40 5.18
C PHE B 303 -40.22 -15.69 5.82
N THR B 304 -39.09 -15.64 5.13
CA THR B 304 -37.92 -14.93 5.62
C THR B 304 -37.22 -14.15 4.50
N PHE B 305 -36.71 -12.98 4.85
CA PHE B 305 -35.81 -12.23 3.96
C PHE B 305 -34.82 -11.43 4.79
N ASN B 306 -33.76 -10.97 4.14
CA ASN B 306 -32.74 -10.18 4.82
C ASN B 306 -32.77 -8.69 4.43
N PRO B 307 -33.31 -7.84 5.32
CA PRO B 307 -33.01 -6.40 5.22
C PRO B 307 -31.49 -6.17 5.18
N SER B 308 -30.76 -7.07 5.83
CA SER B 308 -29.29 -7.02 5.87
C SER B 308 -28.61 -7.39 4.57
N LYS B 309 -29.36 -7.68 3.52
CA LYS B 309 -28.76 -7.81 2.20
C LYS B 309 -28.92 -6.52 1.43
N TRP B 310 -30.14 -6.21 0.99
CA TRP B 310 -30.36 -5.15 0.01
C TRP B 310 -31.10 -3.91 0.53
N MET B 311 -31.57 -3.94 1.78
CA MET B 311 -32.43 -2.87 2.30
C MET B 311 -31.69 -1.80 3.12
N MET B 312 -30.37 -1.87 3.15
CA MET B 312 -29.51 -0.85 3.77
C MET B 312 -29.56 -0.84 5.30
N VAL B 313 -29.92 -1.98 5.89
CA VAL B 313 -29.73 -2.22 7.31
C VAL B 313 -28.47 -3.07 7.46
N HIS B 314 -27.50 -2.60 8.24
CA HIS B 314 -26.28 -3.38 8.47
C HIS B 314 -26.59 -4.63 9.27
N PHE B 315 -25.77 -5.64 9.05
CA PHE B 315 -25.96 -6.98 9.61
C PHE B 315 -25.67 -6.94 11.11
N ASP B 316 -26.43 -7.64 11.96
CA ASP B 316 -27.46 -8.61 11.60
C ASP B 316 -28.86 -8.02 11.63
N CYS B 317 -29.70 -8.44 10.68
CA CYS B 317 -31.12 -8.09 10.64
C CYS B 317 -31.88 -8.93 9.62
N THR B 318 -32.50 -10.01 10.09
CA THR B 318 -33.30 -10.91 9.24
C THR B 318 -34.74 -10.85 9.72
N GLY B 319 -35.68 -10.77 8.78
CA GLY B 319 -37.10 -10.85 9.11
C GLY B 319 -37.61 -12.27 8.97
N PHE B 320 -38.32 -12.76 9.98
CA PHE B 320 -38.93 -14.09 9.96
C PHE B 320 -40.37 -13.98 10.40
N TRP B 321 -41.29 -14.40 9.53
CA TRP B 321 -42.72 -14.38 9.84
C TRP B 321 -43.30 -15.78 9.84
N VAL B 322 -44.18 -16.05 10.80
CA VAL B 322 -44.89 -17.33 10.86
C VAL B 322 -46.40 -17.10 10.94
N LYS B 323 -47.16 -18.03 10.35
CA LYS B 323 -48.60 -17.98 10.38
C LYS B 323 -49.17 -18.45 11.71
N ASP B 324 -48.49 -19.41 12.34
CA ASP B 324 -48.97 -20.02 13.59
C ASP B 324 -47.88 -19.93 14.65
N LYS B 325 -47.92 -18.87 15.45
CA LYS B 325 -46.88 -18.63 16.44
C LYS B 325 -46.83 -19.69 17.54
N TYR B 326 -47.96 -20.34 17.85
CA TYR B 326 -47.93 -21.39 18.87
C TYR B 326 -47.12 -22.62 18.43
N LYS B 327 -47.17 -22.97 17.15
CA LYS B 327 -46.33 -24.06 16.64
C LYS B 327 -44.87 -23.80 16.92
N LEU B 328 -44.47 -22.54 16.78
CA LEU B 328 -43.11 -22.13 17.07
C LEU B 328 -42.80 -22.33 18.55
N GLN B 329 -43.70 -21.86 19.40
CA GLN B 329 -43.51 -21.92 20.87
CA GLN B 329 -43.44 -21.90 20.82
C GLN B 329 -43.44 -23.35 21.35
N GLN B 330 -44.20 -24.24 20.70
CA GLN B 330 -44.15 -25.66 21.04
C GLN B 330 -42.79 -26.30 20.78
N THR B 331 -42.06 -25.75 19.82
CA THR B 331 -40.74 -26.23 19.46
C THR B 331 -39.69 -25.91 20.54
N PHE B 332 -39.92 -24.82 21.26
CA PHE B 332 -38.86 -24.16 22.03
C PHE B 332 -39.12 -23.96 23.51
N SER B 333 -40.36 -24.20 23.96
CA SER B 333 -40.78 -23.73 25.27
C SER B 333 -40.04 -24.35 26.43
N VAL B 334 -39.51 -23.49 27.30
CA VAL B 334 -39.07 -23.88 28.64
C VAL B 334 -39.65 -22.85 29.63
N ASN B 335 -39.67 -23.21 30.91
CA ASN B 335 -40.35 -22.37 31.90
C ASN B 335 -39.65 -22.33 33.26
N PRO B 336 -38.40 -21.83 33.31
CA PRO B 336 -37.76 -21.65 34.60
C PRO B 336 -38.36 -20.46 35.37
N ILE B 337 -38.44 -20.57 36.68
CA ILE B 337 -39.04 -19.50 37.50
C ILE B 337 -38.37 -18.15 37.28
N TYR B 338 -37.06 -18.16 37.07
CA TYR B 338 -36.30 -16.93 36.93
C TYR B 338 -36.54 -16.13 35.64
N LEU B 339 -37.31 -16.68 34.70
CA LEU B 339 -37.72 -15.94 33.50
C LEU B 339 -39.20 -15.54 33.52
N ARG B 340 -39.94 -15.97 34.53
CA ARG B 340 -41.35 -15.62 34.62
C ARG B 340 -41.51 -14.16 35.01
N HIS B 341 -42.60 -13.54 34.59
CA HIS B 341 -42.89 -12.15 34.94
C HIS B 341 -44.37 -11.92 35.15
N ALA B 342 -44.73 -10.72 35.61
CA ALA B 342 -46.10 -10.38 35.96
C ALA B 342 -47.09 -10.49 34.80
N ASN B 343 -46.58 -10.45 33.56
CA ASN B 343 -47.43 -10.52 32.37
C ASN B 343 -47.21 -11.76 31.51
N SER B 344 -46.58 -12.78 32.09
CA SER B 344 -46.35 -14.03 31.38
C SER B 344 -47.68 -14.57 30.87
N GLY B 345 -47.69 -15.02 29.63
CA GLY B 345 -48.90 -15.58 29.02
C GLY B 345 -49.70 -14.59 28.19
N VAL B 346 -49.64 -13.31 28.55
CA VAL B 346 -50.38 -12.31 27.78
C VAL B 346 -49.42 -11.52 26.86
N ALA B 347 -48.23 -11.20 27.35
CA ALA B 347 -47.24 -10.45 26.59
C ALA B 347 -46.45 -11.38 25.66
N THR B 348 -45.85 -10.81 24.63
CA THR B 348 -45.01 -11.57 23.73
C THR B 348 -43.61 -11.74 24.33
N ASP B 349 -43.18 -12.99 24.49
CA ASP B 349 -41.83 -13.33 24.93
C ASP B 349 -41.10 -13.98 23.75
N PHE B 350 -40.25 -13.20 23.09
CA PHE B 350 -39.62 -13.64 21.84
C PHE B 350 -38.60 -14.77 22.02
N MET B 351 -38.21 -15.08 23.25
CA MET B 351 -37.37 -16.27 23.48
C MET B 351 -38.04 -17.56 22.96
N HIS B 352 -39.37 -17.59 22.94
CA HIS B 352 -40.10 -18.75 22.43
C HIS B 352 -40.22 -18.79 20.91
N TRP B 353 -39.63 -17.81 20.22
CA TRP B 353 -39.69 -17.73 18.76
C TRP B 353 -38.30 -17.91 18.15
N GLN B 354 -37.35 -18.41 18.93
CA GLN B 354 -35.95 -18.44 18.51
C GLN B 354 -35.17 -19.53 19.25
N ILE B 355 -33.97 -19.80 18.79
CA ILE B 355 -33.10 -20.81 19.42
C ILE B 355 -32.53 -20.34 20.77
N PRO B 356 -31.90 -19.15 20.82
CA PRO B 356 -31.24 -18.77 22.07
C PRO B 356 -32.16 -18.06 23.06
N LEU B 357 -31.61 -17.73 24.23
CA LEU B 357 -32.33 -16.92 25.21
C LEU B 357 -32.16 -15.45 24.87
N SER B 358 -30.95 -14.91 25.07
CA SER B 358 -30.72 -13.49 24.88
C SER B 358 -30.97 -13.06 23.44
N ARG B 359 -31.46 -11.83 23.31
CA ARG B 359 -31.62 -11.18 22.03
C ARG B 359 -31.52 -9.68 22.28
N ARG B 360 -31.05 -8.95 21.28
CA ARG B 360 -30.81 -7.51 21.43
C ARG B 360 -31.83 -6.67 20.68
N PHE B 361 -31.69 -5.35 20.85
CA PHE B 361 -32.66 -4.37 20.39
C PHE B 361 -32.35 -4.01 18.93
N ARG B 362 -32.48 -5.00 18.04
CA ARG B 362 -32.15 -4.82 16.63
C ARG B 362 -33.16 -3.92 15.91
N SER B 363 -34.35 -3.73 16.50
CA SER B 363 -35.41 -3.01 15.79
C SER B 363 -35.16 -1.51 15.68
N VAL B 364 -34.26 -0.95 16.50
CA VAL B 364 -33.98 0.49 16.42
C VAL B 364 -33.39 0.84 15.05
N LYS B 365 -32.34 0.13 14.63
CA LYS B 365 -31.71 0.43 13.33
C LYS B 365 -32.69 0.22 12.16
N LEU B 366 -33.49 -0.84 12.23
CA LEU B 366 -34.51 -1.11 11.22
C LEU B 366 -35.53 0.03 11.14
N TRP B 367 -36.02 0.47 12.29
CA TRP B 367 -36.96 1.59 12.40
C TRP B 367 -36.33 2.87 11.82
N PHE B 368 -35.09 3.14 12.20
CA PHE B 368 -34.37 4.33 11.74
C PHE B 368 -34.17 4.34 10.23
N VAL B 369 -33.83 3.19 9.66
CA VAL B 369 -33.63 3.10 8.22
C VAL B 369 -34.94 3.37 7.48
N ILE B 370 -35.99 2.68 7.91
CA ILE B 370 -37.30 2.82 7.27
C ILE B 370 -37.83 4.26 7.37
N ARG B 371 -37.64 4.88 8.53
CA ARG B 371 -38.08 6.27 8.76
C ARG B 371 -37.21 7.31 8.03
N SER B 372 -35.90 7.13 8.07
CA SER B 372 -34.99 8.11 7.45
C SER B 372 -35.09 8.16 5.92
N PHE B 373 -35.21 6.99 5.28
CA PHE B 373 -35.40 6.92 3.83
C PHE B 373 -36.86 7.14 3.45
N GLY B 374 -37.76 6.53 4.20
CA GLY B 374 -39.17 6.45 3.82
C GLY B 374 -39.32 5.38 2.75
N VAL B 375 -40.55 4.89 2.60
CA VAL B 375 -40.80 3.78 1.67
C VAL B 375 -40.42 4.14 0.24
N LYS B 376 -40.84 5.32 -0.23
CA LYS B 376 -40.56 5.70 -1.61
C LYS B 376 -39.08 5.68 -1.96
N ASN B 377 -38.22 6.12 -1.05
CA ASN B 377 -36.77 6.12 -1.32
C ASN B 377 -36.15 4.73 -1.25
N LEU B 378 -36.70 3.86 -0.40
CA LEU B 378 -36.29 2.46 -0.40
C LEU B 378 -36.66 1.82 -1.74
N GLN B 379 -37.85 2.15 -2.25
CA GLN B 379 -38.29 1.65 -3.56
C GLN B 379 -37.39 2.19 -4.69
N ALA B 380 -37.02 3.47 -4.59
CA ALA B 380 -36.14 4.09 -5.58
C ALA B 380 -34.77 3.40 -5.61
N HIS B 381 -34.28 3.03 -4.42
CA HIS B 381 -33.03 2.29 -4.31
C HIS B 381 -33.08 0.93 -5.01
N VAL B 382 -34.12 0.15 -4.75
CA VAL B 382 -34.29 -1.13 -5.41
C VAL B 382 -34.31 -0.94 -6.94
N ARG B 383 -35.08 0.03 -7.39
CA ARG B 383 -35.23 0.28 -8.82
C ARG B 383 -33.93 0.72 -9.47
N HIS B 384 -33.19 1.59 -8.79
CA HIS B 384 -31.89 2.03 -9.30
C HIS B 384 -30.88 0.89 -9.38
N GLY B 385 -30.80 0.08 -8.32
CA GLY B 385 -29.94 -1.09 -8.33
C GLY B 385 -30.27 -2.01 -9.49
N THR B 386 -31.56 -2.22 -9.72
CA THR B 386 -32.01 -3.06 -10.82
C THR B 386 -31.62 -2.43 -12.18
N GLU B 387 -31.73 -1.11 -12.29
CA GLU B 387 -31.35 -0.40 -13.52
C GLU B 387 -29.86 -0.53 -13.84
N MET B 388 -29.03 -0.45 -12.80
CA MET B 388 -27.59 -0.66 -12.95
C MET B 388 -27.28 -2.08 -13.43
N ALA B 389 -28.01 -3.06 -12.91
CA ALA B 389 -27.85 -4.45 -13.35
C ALA B 389 -28.32 -4.64 -14.80
N LYS B 390 -29.40 -3.96 -15.17
CA LYS B 390 -29.92 -3.98 -16.55
C LYS B 390 -28.88 -3.39 -17.51
N TYR B 391 -28.22 -2.32 -17.08
CA TYR B 391 -27.12 -1.71 -17.85
C TYR B 391 -25.98 -2.70 -18.00
N PHE B 392 -25.57 -3.33 -16.90
CA PHE B 392 -24.52 -4.34 -16.99
C PHE B 392 -24.92 -5.45 -17.98
N GLU B 393 -26.14 -5.95 -17.82
CA GLU B 393 -26.66 -6.98 -18.73
C GLU B 393 -26.50 -6.57 -20.19
N SER B 394 -26.85 -5.32 -20.50
CA SER B 394 -26.79 -4.83 -21.88
C SER B 394 -25.34 -4.78 -22.39
N LEU B 395 -24.41 -4.44 -21.50
CA LEU B 395 -22.98 -4.47 -21.86
C LEU B 395 -22.53 -5.87 -22.24
N VAL B 396 -22.93 -6.86 -21.45
CA VAL B 396 -22.60 -8.26 -21.74
C VAL B 396 -23.28 -8.73 -23.03
N ARG B 397 -24.56 -8.41 -23.16
CA ARG B 397 -25.37 -8.88 -24.28
C ARG B 397 -24.88 -8.33 -25.62
N ASN B 398 -24.26 -7.16 -25.59
CA ASN B 398 -23.67 -6.53 -26.77
C ASN B 398 -22.32 -7.15 -27.20
N ASP B 399 -21.80 -8.07 -26.40
CA ASP B 399 -20.50 -8.69 -26.68
C ASP B 399 -20.71 -10.17 -27.03
N PRO B 400 -20.54 -10.53 -28.32
CA PRO B 400 -20.85 -11.91 -28.72
C PRO B 400 -19.84 -12.97 -28.26
N SER B 401 -18.75 -12.58 -27.62
CA SER B 401 -17.85 -13.54 -26.96
C SER B 401 -18.45 -14.09 -25.66
N PHE B 402 -19.44 -13.40 -25.11
CA PHE B 402 -20.10 -13.79 -23.86
C PHE B 402 -21.50 -14.31 -24.07
N GLU B 403 -22.01 -15.05 -23.09
CA GLU B 403 -23.42 -15.47 -23.07
C GLU B 403 -24.02 -15.27 -21.68
N ILE B 404 -25.35 -15.20 -21.63
CA ILE B 404 -26.10 -14.96 -20.39
C ILE B 404 -27.07 -16.12 -20.21
N PRO B 405 -26.64 -17.16 -19.45
CA PRO B 405 -27.42 -18.41 -19.42
C PRO B 405 -28.64 -18.43 -18.50
N ALA B 406 -28.97 -17.32 -17.84
CA ALA B 406 -30.20 -17.20 -17.06
C ALA B 406 -30.69 -15.76 -17.07
N LYS B 407 -31.99 -15.59 -16.89
CA LYS B 407 -32.64 -14.28 -16.93
C LYS B 407 -32.31 -13.43 -15.71
N ARG B 408 -32.07 -12.14 -15.94
CA ARG B 408 -31.92 -11.17 -14.87
C ARG B 408 -33.27 -10.57 -14.50
N HIS B 409 -33.72 -10.84 -13.27
CA HIS B 409 -34.96 -10.26 -12.75
C HIS B 409 -34.73 -9.04 -11.86
N LEU B 410 -33.58 -9.02 -11.19
CA LEU B 410 -33.28 -7.98 -10.22
C LEU B 410 -31.84 -7.47 -10.42
N GLY B 411 -31.01 -7.50 -9.39
CA GLY B 411 -29.68 -6.89 -9.43
C GLY B 411 -28.52 -7.83 -9.70
N LEU B 412 -28.82 -9.09 -9.99
CA LEU B 412 -27.80 -10.09 -10.30
C LEU B 412 -27.83 -10.48 -11.77
N VAL B 413 -26.69 -10.35 -12.42
CA VAL B 413 -26.51 -10.85 -13.79
C VAL B 413 -25.52 -12.01 -13.78
N VAL B 414 -25.84 -13.09 -14.48
CA VAL B 414 -24.90 -14.19 -14.62
C VAL B 414 -24.44 -14.28 -16.07
N PHE B 415 -23.17 -14.61 -16.26
CA PHE B 415 -22.60 -14.65 -17.60
C PHE B 415 -21.33 -15.48 -17.63
N ARG B 416 -20.90 -15.83 -18.84
CA ARG B 416 -19.69 -16.58 -19.04
C ARG B 416 -19.19 -16.36 -20.46
N LEU B 417 -17.93 -16.68 -20.71
CA LEU B 417 -17.41 -16.71 -22.07
C LEU B 417 -17.95 -17.96 -22.76
N LYS B 418 -18.38 -17.81 -24.01
CA LYS B 418 -18.74 -18.97 -24.82
C LYS B 418 -17.49 -19.84 -24.97
N GLY B 419 -17.68 -21.15 -24.88
CA GLY B 419 -16.58 -22.11 -24.96
C GLY B 419 -16.39 -22.85 -23.65
N PRO B 420 -15.22 -23.51 -23.49
CA PRO B 420 -14.99 -24.33 -22.29
C PRO B 420 -14.95 -23.51 -20.99
N ASN B 421 -15.32 -24.15 -19.88
CA ASN B 421 -15.35 -23.51 -18.57
C ASN B 421 -14.02 -22.85 -18.16
N SER B 422 -12.92 -23.45 -18.60
CA SER B 422 -11.58 -22.95 -18.30
C SER B 422 -11.37 -21.48 -18.70
N LEU B 423 -12.01 -21.05 -19.78
CA LEU B 423 -11.91 -19.65 -20.22
C LEU B 423 -12.46 -18.72 -19.13
N THR B 424 -13.66 -19.04 -18.65
CA THR B 424 -14.32 -18.24 -17.61
C THR B 424 -13.56 -18.33 -16.28
N GLU B 425 -13.10 -19.52 -15.93
CA GLU B 425 -12.28 -19.71 -14.73
C GLU B 425 -11.02 -18.85 -14.80
N ASN B 426 -10.41 -18.80 -15.98
CA ASN B 426 -9.18 -18.01 -16.16
C ASN B 426 -9.43 -16.50 -16.14
N VAL B 427 -10.59 -16.06 -16.63
CA VAL B 427 -10.99 -14.66 -16.47
C VAL B 427 -11.08 -14.29 -15.00
N LEU B 428 -11.72 -15.15 -14.19
CA LEU B 428 -11.84 -14.88 -12.76
C LEU B 428 -10.46 -14.78 -12.09
N LYS B 429 -9.56 -15.70 -12.42
CA LYS B 429 -8.21 -15.69 -11.87
C LYS B 429 -7.46 -14.41 -12.23
N GLU B 430 -7.61 -13.96 -13.47
CA GLU B 430 -6.95 -12.73 -13.93
C GLU B 430 -7.45 -11.52 -13.15
N ILE B 431 -8.77 -11.41 -13.01
CA ILE B 431 -9.38 -10.30 -12.24
C ILE B 431 -8.93 -10.31 -10.78
N ALA B 432 -8.75 -11.50 -10.21
CA ALA B 432 -8.34 -11.63 -8.81
C ALA B 432 -6.94 -11.05 -8.53
N LYS B 433 -6.10 -10.96 -9.55
CA LYS B 433 -4.74 -10.47 -9.39
C LYS B 433 -4.68 -9.05 -8.79
N ALA B 434 -5.46 -8.14 -9.38
CA ALA B 434 -5.49 -6.76 -8.89
C ALA B 434 -6.58 -6.53 -7.84
N GLY B 435 -7.59 -7.39 -7.82
CA GLY B 435 -8.68 -7.28 -6.84
C GLY B 435 -9.43 -5.97 -6.88
N ARG B 436 -9.50 -5.33 -8.05
CA ARG B 436 -10.18 -4.04 -8.17
C ARG B 436 -11.70 -4.18 -8.20
N LEU B 437 -12.19 -5.37 -8.55
CA LEU B 437 -13.57 -5.76 -8.30
C LEU B 437 -13.59 -7.19 -7.80
N PHE B 438 -14.60 -7.53 -7.00
CA PHE B 438 -14.73 -8.86 -6.43
C PHE B 438 -15.93 -9.58 -7.07
N LEU B 439 -15.65 -10.72 -7.70
CA LEU B 439 -16.64 -11.58 -8.35
C LEU B 439 -16.47 -13.00 -7.87
N ILE B 440 -17.56 -13.76 -7.81
CA ILE B 440 -17.49 -15.19 -7.49
C ILE B 440 -18.31 -16.00 -8.50
N PRO B 441 -18.04 -17.31 -8.59
CA PRO B 441 -18.76 -18.13 -9.56
C PRO B 441 -19.93 -18.94 -8.99
N ALA B 442 -20.72 -19.50 -9.90
CA ALA B 442 -21.68 -20.53 -9.56
C ALA B 442 -21.71 -21.52 -10.73
N THR B 443 -22.55 -22.55 -10.60
CA THR B 443 -22.73 -23.53 -11.64
C THR B 443 -24.21 -23.62 -12.01
N ILE B 444 -24.50 -23.73 -13.31
CA ILE B 444 -25.84 -24.12 -13.76
C ILE B 444 -25.67 -25.22 -14.80
N GLN B 445 -26.33 -26.35 -14.56
CA GLN B 445 -26.08 -27.57 -15.32
C GLN B 445 -24.57 -27.84 -15.35
N ASP B 446 -23.95 -27.94 -16.52
CA ASP B 446 -22.50 -28.23 -16.54
C ASP B 446 -21.64 -26.99 -16.80
N LYS B 447 -22.23 -25.80 -16.70
CA LYS B 447 -21.54 -24.56 -17.05
C LYS B 447 -21.15 -23.74 -15.83
N LEU B 448 -19.89 -23.33 -15.79
CA LEU B 448 -19.41 -22.36 -14.83
C LEU B 448 -19.87 -20.97 -15.28
N ILE B 449 -20.46 -20.22 -14.35
CA ILE B 449 -20.88 -18.84 -14.62
C ILE B 449 -20.22 -17.89 -13.63
N ILE B 450 -20.00 -16.65 -14.07
CA ILE B 450 -19.61 -15.55 -13.19
C ILE B 450 -20.86 -14.82 -12.76
N ARG B 451 -21.00 -14.56 -11.46
CA ARG B 451 -22.10 -13.77 -10.94
C ARG B 451 -21.65 -12.31 -10.79
N PHE B 452 -22.50 -11.39 -11.23
CA PHE B 452 -22.25 -9.97 -11.03
C PHE B 452 -23.44 -9.39 -10.28
N THR B 453 -23.24 -9.13 -9.00
CA THR B 453 -24.28 -8.54 -8.16
C THR B 453 -24.02 -7.05 -8.02
N VAL B 454 -25.02 -6.23 -8.34
CA VAL B 454 -24.97 -4.80 -8.03
C VAL B 454 -25.19 -4.65 -6.52
N THR B 455 -24.30 -3.93 -5.84
CA THR B 455 -24.36 -3.84 -4.38
C THR B 455 -24.67 -2.40 -3.93
N SER B 456 -23.63 -1.58 -3.76
CA SER B 456 -23.75 -0.26 -3.12
C SER B 456 -24.94 0.57 -3.61
N GLN B 457 -25.69 1.12 -2.67
CA GLN B 457 -26.74 2.07 -3.01
C GLN B 457 -26.21 3.31 -3.75
N PHE B 458 -24.89 3.52 -3.71
CA PHE B 458 -24.25 4.64 -4.40
C PHE B 458 -23.64 4.26 -5.76
N THR B 459 -23.90 3.03 -6.22
CA THR B 459 -23.41 2.59 -7.53
C THR B 459 -23.94 3.51 -8.64
N THR B 460 -23.03 3.92 -9.52
CA THR B 460 -23.37 4.80 -10.64
C THR B 460 -23.16 4.03 -11.94
N ARG B 461 -23.63 4.61 -13.04
CA ARG B 461 -23.40 4.05 -14.38
C ARG B 461 -21.90 3.98 -14.67
N ASP B 462 -21.17 4.97 -14.18
CA ASP B 462 -19.72 5.01 -14.37
C ASP B 462 -19.03 3.84 -13.68
N ASP B 463 -19.51 3.49 -12.48
CA ASP B 463 -18.98 2.33 -11.75
C ASP B 463 -19.22 1.04 -12.54
N ILE B 464 -20.43 0.89 -13.10
CA ILE B 464 -20.78 -0.31 -13.83
C ILE B 464 -19.89 -0.46 -15.06
N LEU B 465 -19.73 0.63 -15.80
CA LEU B 465 -18.91 0.64 -17.01
C LEU B 465 -17.45 0.35 -16.67
N ARG B 466 -16.97 0.91 -15.58
CA ARG B 466 -15.59 0.72 -15.13
C ARG B 466 -15.33 -0.76 -14.88
N ASP B 467 -16.26 -1.40 -14.17
CA ASP B 467 -16.14 -2.81 -13.84
C ASP B 467 -16.29 -3.70 -15.07
N TRP B 468 -17.23 -3.37 -15.95
CA TRP B 468 -17.35 -4.12 -17.20
C TRP B 468 -16.06 -4.05 -18.01
N ASN B 469 -15.48 -2.86 -18.14
CA ASN B 469 -14.24 -2.69 -18.91
C ASN B 469 -13.09 -3.53 -18.34
N LEU B 470 -13.03 -3.69 -17.01
CA LEU B 470 -12.00 -4.53 -16.40
C LEU B 470 -12.24 -6.00 -16.74
N ILE B 471 -13.51 -6.40 -16.74
CA ILE B 471 -13.89 -7.77 -17.11
C ILE B 471 -13.53 -8.02 -18.58
N ARG B 472 -13.86 -7.08 -19.46
CA ARG B 472 -13.54 -7.22 -20.88
C ARG B 472 -12.02 -7.26 -21.12
N ASP B 473 -11.27 -6.43 -20.40
CA ASP B 473 -9.80 -6.48 -20.47
C ASP B 473 -9.27 -7.89 -20.14
N ALA B 474 -9.83 -8.50 -19.11
CA ALA B 474 -9.47 -9.87 -18.72
C ALA B 474 -9.83 -10.87 -19.82
N ALA B 475 -11.02 -10.72 -20.39
CA ALA B 475 -11.49 -11.59 -21.47
C ALA B 475 -10.61 -11.46 -22.71
N THR B 476 -10.25 -10.24 -23.08
CA THR B 476 -9.41 -10.02 -24.25
C THR B 476 -8.05 -10.69 -24.08
N LEU B 477 -7.51 -10.63 -22.86
CA LEU B 477 -6.27 -11.30 -22.52
C LEU B 477 -6.42 -12.82 -22.64
N ILE B 478 -7.42 -13.36 -21.94
CA ILE B 478 -7.66 -14.81 -21.90
C ILE B 478 -7.98 -15.39 -23.29
N LEU B 479 -8.73 -14.67 -24.12
CA LEU B 479 -9.14 -15.19 -25.43
C LEU B 479 -7.99 -15.29 -26.45
N SER B 480 -6.86 -14.64 -26.19
CA SER B 480 -5.69 -14.79 -27.05
C SER B 480 -4.57 -15.62 -26.39
N GLN B 481 -4.86 -16.23 -25.24
CA GLN B 481 -3.92 -17.17 -24.59
C GLN B 481 -4.01 -18.55 -25.24
N GLY C 1 31.76 35.64 38.83
CA GLY C 1 32.64 35.72 37.64
C GLY C 1 32.28 34.67 36.59
N PRO C 2 32.56 33.39 36.88
CA PRO C 2 32.42 32.36 35.84
C PRO C 2 30.98 32.03 35.50
N LEU C 3 30.79 31.43 34.33
CA LEU C 3 29.50 30.86 33.96
C LEU C 3 29.26 29.63 34.82
N GLY C 4 28.00 29.17 34.87
CA GLY C 4 27.64 27.98 35.62
C GLY C 4 27.60 26.78 34.71
N SER C 5 27.53 25.59 35.31
CA SER C 5 27.28 24.36 34.57
C SER C 5 25.90 24.43 33.92
N MET C 6 25.71 23.65 32.86
CA MET C 6 24.45 23.67 32.12
C MET C 6 23.30 23.21 33.01
N GLU C 7 22.19 23.94 32.95
CA GLU C 7 20.99 23.64 33.70
C GLU C 7 19.97 22.97 32.77
N PRO C 8 18.95 22.28 33.33
CA PRO C 8 17.94 21.62 32.51
C PRO C 8 17.23 22.53 31.50
N GLU C 9 16.94 23.76 31.93
CA GLU C 9 16.27 24.73 31.06
C GLU C 9 17.17 25.05 29.86
N GLU C 10 18.47 25.15 30.13
CA GLU C 10 19.45 25.42 29.10
C GLU C 10 19.62 24.22 28.17
N TYR C 11 19.59 23.01 28.74
CA TYR C 11 19.62 21.79 27.93
C TYR C 11 18.45 21.79 26.93
N ARG C 12 17.27 22.17 27.40
CA ARG C 12 16.11 22.17 26.50
C ARG C 12 16.29 23.13 25.32
N GLU C 13 16.90 24.29 25.57
CA GLU C 13 17.16 25.27 24.52
CA GLU C 13 17.19 25.28 24.53
C GLU C 13 18.25 24.75 23.57
N ARG C 14 19.36 24.31 24.14
CA ARG C 14 20.51 23.84 23.36
CA ARG C 14 20.50 23.88 23.34
C ARG C 14 20.20 22.56 22.61
N GLY C 15 19.37 21.71 23.21
CA GLY C 15 18.88 20.50 22.53
C GLY C 15 18.08 20.85 21.28
N ARG C 16 17.23 21.86 21.38
CA ARG C 16 16.51 22.36 20.20
C ARG C 16 17.45 22.90 19.15
N GLU C 17 18.45 23.66 19.58
CA GLU C 17 19.45 24.21 18.67
C GLU C 17 20.22 23.09 17.95
N MET C 18 20.54 22.03 18.67
CA MET C 18 21.26 20.89 18.09
C MET C 18 20.40 20.12 17.09
N VAL C 19 19.15 19.86 17.45
CA VAL C 19 18.21 19.23 16.50
C VAL C 19 18.13 20.04 15.19
N ASP C 20 18.01 21.36 15.31
CA ASP C 20 17.91 22.20 14.11
C ASP C 20 19.20 22.20 13.29
N TYR C 21 20.33 22.22 14.00
CA TYR C 21 21.64 22.15 13.33
C TYR C 21 21.77 20.85 12.55
N ILE C 22 21.37 19.75 13.19
CA ILE C 22 21.47 18.43 12.60
C ILE C 22 20.57 18.32 11.38
N CYS C 23 19.35 18.84 11.49
CA CYS C 23 18.43 18.81 10.35
C CYS C 23 19.06 19.51 9.14
N GLN C 24 19.58 20.71 9.38
CA GLN C 24 20.21 21.50 8.32
CA GLN C 24 20.27 21.54 8.37
C GLN C 24 21.47 20.82 7.79
N TYR C 25 22.31 20.30 8.70
CA TYR C 25 23.54 19.63 8.30
C TYR C 25 23.27 18.44 7.37
N LEU C 26 22.39 17.54 7.79
CA LEU C 26 22.11 16.36 6.99
C LEU C 26 21.36 16.69 5.69
N SER C 27 20.55 17.75 5.72
CA SER C 27 19.76 18.14 4.55
C SER C 27 20.61 18.84 3.47
N THR C 28 21.71 19.48 3.87
CA THR C 28 22.52 20.28 2.96
C THR C 28 23.91 19.69 2.73
N VAL C 29 24.11 18.45 3.16
CA VAL C 29 25.44 17.84 3.19
C VAL C 29 26.12 17.76 1.79
N ARG C 30 25.35 17.73 0.72
CA ARG C 30 25.94 17.71 -0.64
C ARG C 30 26.81 18.91 -0.95
N GLU C 31 26.56 20.03 -0.26
CA GLU C 31 27.25 21.30 -0.54
CA GLU C 31 27.25 21.28 -0.56
C GLU C 31 28.69 21.31 -0.03
N ARG C 32 29.00 20.39 0.89
CA ARG C 32 30.33 20.32 1.49
C ARG C 32 31.32 19.49 0.69
N ARG C 33 32.61 19.84 0.77
CA ARG C 33 33.63 18.95 0.24
C ARG C 33 33.64 17.74 1.18
N VAL C 34 33.64 16.54 0.61
CA VAL C 34 33.51 15.32 1.39
C VAL C 34 34.77 15.08 2.23
N THR C 35 35.94 15.25 1.63
CA THR C 35 37.21 15.07 2.34
C THR C 35 37.80 16.45 2.59
N PRO C 36 38.27 16.68 3.83
CA PRO C 36 38.76 17.99 4.24
C PRO C 36 40.14 18.34 3.70
N ASP C 37 40.36 19.65 3.53
CA ASP C 37 41.64 20.18 3.13
C ASP C 37 42.48 20.44 4.38
N VAL C 38 43.03 19.38 4.96
CA VAL C 38 43.83 19.50 6.17
C VAL C 38 45.03 18.57 6.12
N GLN C 39 46.08 18.93 6.86
CA GLN C 39 47.25 18.07 7.04
C GLN C 39 47.25 17.53 8.46
N PRO C 40 47.89 16.36 8.67
CA PRO C 40 47.97 15.84 10.03
C PRO C 40 48.56 16.85 11.01
N GLY C 41 47.92 16.98 12.17
CA GLY C 41 48.36 17.90 13.21
C GLY C 41 47.66 19.25 13.20
N TYR C 42 46.81 19.51 12.19
CA TYR C 42 46.13 20.81 12.03
C TYR C 42 45.40 21.28 13.30
N LEU C 43 44.82 20.37 14.05
CA LEU C 43 43.90 20.76 15.11
C LEU C 43 44.59 21.27 16.37
N ARG C 44 45.77 20.74 16.68
CA ARG C 44 46.44 21.05 17.95
CA ARG C 44 46.46 21.06 17.93
C ARG C 44 46.58 22.55 18.20
N ALA C 45 47.06 23.29 17.21
CA ALA C 45 47.28 24.73 17.37
C ALA C 45 45.97 25.52 17.51
N GLN C 46 44.85 24.90 17.13
CA GLN C 46 43.54 25.55 17.17
C GLN C 46 42.80 25.32 18.49
N LEU C 47 43.32 24.44 19.33
CA LEU C 47 42.73 24.13 20.63
C LEU C 47 43.63 24.60 21.76
N PRO C 48 43.03 24.99 22.90
CA PRO C 48 43.86 25.25 24.07
C PRO C 48 44.67 24.03 24.47
N GLU C 49 45.83 24.27 25.09
CA GLU C 49 46.70 23.21 25.58
C GLU C 49 46.18 22.50 26.83
N SER C 50 45.24 23.13 27.55
CA SER C 50 44.63 22.52 28.73
C SER C 50 43.12 22.73 28.74
N ALA C 51 42.42 21.85 29.45
CA ALA C 51 40.99 22.00 29.69
C ALA C 51 40.69 23.31 30.40
N PRO C 52 39.50 23.88 30.15
CA PRO C 52 39.16 25.14 30.82
C PRO C 52 38.80 24.93 32.30
N GLU C 53 39.25 25.83 33.15
CA GLU C 53 38.99 25.74 34.58
C GLU C 53 37.52 26.03 34.88
N ASP C 54 37.00 27.05 34.21
CA ASP C 54 35.60 27.45 34.33
C ASP C 54 34.85 27.06 33.06
N PRO C 55 33.52 26.99 33.13
CA PRO C 55 32.78 26.59 31.93
C PRO C 55 33.00 27.51 30.74
N ASP C 56 33.18 26.92 29.56
CA ASP C 56 33.09 27.66 28.31
C ASP C 56 31.62 27.96 28.03
N SER C 57 31.35 29.06 27.35
CA SER C 57 29.98 29.38 26.97
C SER C 57 29.50 28.39 25.91
N TRP C 58 28.20 28.11 25.89
N TRP C 58 28.20 28.10 25.93
CA TRP C 58 27.67 27.23 24.86
CA TRP C 58 27.58 27.28 24.89
C TRP C 58 27.61 27.89 23.48
C TRP C 58 27.74 27.90 23.51
N ASP C 59 27.60 29.22 23.43
CA ASP C 59 27.78 29.93 22.16
C ASP C 59 29.14 29.58 21.55
N SER C 60 30.18 29.53 22.37
CA SER C 60 31.53 29.17 21.92
C SER C 60 31.65 27.68 21.57
N ILE C 61 31.06 26.81 22.39
CA ILE C 61 31.08 25.37 22.10
C ILE C 61 30.38 25.08 20.77
N PHE C 62 29.17 25.61 20.62
CA PHE C 62 28.39 25.41 19.40
CA PHE C 62 28.37 25.43 19.39
C PHE C 62 29.07 26.06 18.19
N GLY C 63 29.61 27.26 18.39
CA GLY C 63 30.30 27.97 17.32
C GLY C 63 31.53 27.22 16.82
N ASP C 64 32.15 26.43 17.70
CA ASP C 64 33.31 25.64 17.33
C ASP C 64 33.00 24.48 16.39
N ILE C 65 31.73 24.10 16.27
CA ILE C 65 31.36 23.01 15.38
C ILE C 65 31.78 23.37 13.95
N GLU C 66 31.34 24.53 13.46
CA GLU C 66 31.75 24.96 12.13
C GLU C 66 33.15 25.57 12.13
N ARG C 67 33.56 26.23 13.21
CA ARG C 67 34.85 26.90 13.21
C ARG C 67 36.05 25.94 13.16
N ILE C 68 36.02 24.88 13.98
CA ILE C 68 37.20 23.99 14.08
C ILE C 68 36.93 22.48 13.93
N ILE C 69 35.70 22.01 14.15
CA ILE C 69 35.43 20.57 14.01
C ILE C 69 35.15 20.16 12.56
N MET C 70 34.11 20.75 11.96
CA MET C 70 33.72 20.38 10.59
C MET C 70 34.84 20.53 9.54
N PRO C 71 35.73 21.52 9.69
CA PRO C 71 36.81 21.61 8.70
C PRO C 71 37.72 20.40 8.60
N GLY C 72 37.70 19.51 9.59
CA GLY C 72 38.49 18.26 9.55
C GLY C 72 37.66 17.00 9.42
N VAL C 73 36.36 17.15 9.21
CA VAL C 73 35.45 16.00 9.15
C VAL C 73 35.36 15.44 7.72
N VAL C 74 35.37 14.12 7.60
CA VAL C 74 34.93 13.45 6.38
C VAL C 74 33.42 13.23 6.49
N HIS C 75 32.67 13.74 5.53
CA HIS C 75 31.23 13.72 5.59
C HIS C 75 30.66 12.41 5.04
N TRP C 76 30.68 11.41 5.92
CA TRP C 76 30.21 10.07 5.59
C TRP C 76 28.74 10.02 5.18
N GLN C 77 27.94 11.03 5.55
CA GLN C 77 26.54 11.06 5.13
C GLN C 77 26.32 11.78 3.80
N SER C 78 27.39 12.19 3.13
CA SER C 78 27.24 12.80 1.82
C SER C 78 26.91 11.75 0.77
N PRO C 79 25.95 12.04 -0.13
CA PRO C 79 25.79 11.19 -1.31
C PRO C 79 27.04 11.07 -2.16
N HIS C 80 27.98 12.01 -1.99
CA HIS C 80 29.24 11.99 -2.72
C HIS C 80 30.37 11.25 -1.96
N MET C 81 30.04 10.67 -0.80
CA MET C 81 30.92 9.71 -0.13
C MET C 81 30.79 8.38 -0.85
N HIS C 82 31.91 7.85 -1.34
CA HIS C 82 31.91 6.58 -2.06
C HIS C 82 33.04 5.66 -1.62
N ALA C 83 33.72 6.01 -0.53
CA ALA C 83 34.82 5.24 0.01
C ALA C 83 34.36 4.12 0.93
N TYR C 84 35.18 3.10 1.08
CA TYR C 84 34.96 2.05 2.07
C TYR C 84 33.61 1.38 1.77
N TYR C 85 32.86 1.02 2.80
CA TYR C 85 31.45 0.67 2.61
C TYR C 85 30.61 1.78 3.28
N PRO C 86 29.30 1.81 3.02
CA PRO C 86 28.53 2.88 3.68
C PRO C 86 28.53 2.75 5.19
N ALA C 87 28.33 3.85 5.89
CA ALA C 87 27.96 3.85 7.31
C ALA C 87 26.88 4.91 7.44
N LEU C 88 25.63 4.47 7.44
CA LEU C 88 24.51 5.40 7.32
C LEU C 88 23.80 5.63 8.65
N THR C 89 23.50 6.89 8.89
CA THR C 89 22.60 7.30 9.96
C THR C 89 21.21 7.59 9.38
N SER C 90 20.25 7.79 10.27
CA SER C 90 18.88 8.17 9.89
C SER C 90 18.21 8.86 11.06
N TRP C 91 17.15 9.62 10.77
CA TRP C 91 16.42 10.33 11.81
C TRP C 91 15.99 9.42 12.96
N PRO C 92 15.38 8.26 12.66
CA PRO C 92 14.94 7.40 13.77
C PRO C 92 16.08 6.86 14.62
N SER C 93 17.22 6.56 13.97
CA SER C 93 18.41 6.10 14.67
C SER C 93 18.87 7.13 15.68
N LEU C 94 18.90 8.40 15.26
CA LEU C 94 19.29 9.50 16.14
C LEU C 94 18.39 9.59 17.37
N LEU C 95 17.08 9.52 17.13
CA LEU C 95 16.09 9.67 18.19
C LEU C 95 16.17 8.53 19.20
N GLY C 96 16.37 7.31 18.72
CA GLY C 96 16.51 6.14 19.58
C GLY C 96 17.70 6.22 20.52
N ASP C 97 18.84 6.63 20.00
CA ASP C 97 20.03 6.72 20.80
C ASP C 97 19.97 7.88 21.77
N MET C 98 19.23 8.94 21.42
CA MET C 98 19.03 10.05 22.35
C MET C 98 18.44 9.51 23.64
N LEU C 99 17.42 8.65 23.51
CA LEU C 99 16.76 8.04 24.67
C LEU C 99 17.72 7.13 25.43
N ALA C 100 18.41 6.24 24.71
CA ALA C 100 19.35 5.33 25.35
C ALA C 100 20.44 6.07 26.14
N ASP C 101 20.98 7.15 25.58
CA ASP C 101 22.05 7.92 26.23
C ASP C 101 21.57 8.63 27.51
N ALA C 102 20.28 8.98 27.55
CA ALA C 102 19.67 9.62 28.73
C ALA C 102 19.42 8.62 29.86
N ILE C 103 18.85 7.48 29.53
CA ILE C 103 18.67 6.40 30.51
C ILE C 103 20.04 5.93 31.02
N ASN C 104 20.97 5.76 30.09
CA ASN C 104 22.33 5.34 30.38
C ASN C 104 22.41 4.17 31.36
N CYS C 105 21.65 3.11 31.08
CA CYS C 105 21.79 1.87 31.83
C CYS C 105 22.86 0.99 31.20
N LEU C 106 23.34 0.01 31.98
CA LEU C 106 24.28 -0.99 31.48
C LEU C 106 23.64 -2.36 31.60
N GLY C 107 23.89 -3.22 30.61
CA GLY C 107 23.21 -4.50 30.51
C GLY C 107 24.07 -5.73 30.56
N PHE C 108 25.09 -5.72 31.41
CA PHE C 108 26.02 -6.87 31.53
C PHE C 108 25.31 -8.12 32.00
N THR C 109 24.31 -7.95 32.88
CA THR C 109 23.44 -9.06 33.25
C THR C 109 22.01 -8.66 33.01
N TRP C 110 21.11 -9.63 32.96
CA TRP C 110 19.69 -9.36 32.89
C TRP C 110 19.29 -8.40 34.01
N ALA C 111 19.79 -8.68 35.21
CA ALA C 111 19.42 -7.93 36.40
C ALA C 111 19.86 -6.47 36.36
N SER C 112 20.98 -6.18 35.70
CA SER C 112 21.52 -4.81 35.69
C SER C 112 20.62 -3.83 34.93
N SER C 113 19.82 -4.35 33.99
CA SER C 113 18.68 -3.63 33.38
C SER C 113 17.93 -4.58 32.43
N PRO C 114 16.85 -5.22 32.92
CA PRO C 114 16.16 -6.21 32.09
C PRO C 114 15.83 -5.76 30.66
N ALA C 115 15.31 -4.55 30.51
CA ALA C 115 14.93 -4.03 29.20
C ALA C 115 16.08 -4.05 28.19
N CYS C 116 17.29 -3.78 28.66
CA CYS C 116 18.48 -3.74 27.79
C CYS C 116 18.72 -5.09 27.12
N THR C 117 18.47 -6.16 27.87
CA THR C 117 18.65 -7.52 27.37
C THR C 117 17.41 -7.95 26.59
N GLU C 118 16.23 -7.74 27.15
CA GLU C 118 15.02 -8.29 26.52
C GLU C 118 14.62 -7.60 25.22
N LEU C 119 14.74 -6.29 25.11
CA LEU C 119 14.45 -5.63 23.83
C LEU C 119 15.41 -6.18 22.78
N GLU C 120 16.68 -6.35 23.17
CA GLU C 120 17.71 -6.83 22.25
C GLU C 120 17.41 -8.26 21.76
N MET C 121 17.04 -9.15 22.67
CA MET C 121 16.70 -10.52 22.29
C MET C 121 15.57 -10.53 21.27
N ASN C 122 14.52 -9.75 21.55
CA ASN C 122 13.36 -9.74 20.67
C ASN C 122 13.63 -9.08 19.33
N VAL C 123 14.39 -7.99 19.32
CA VAL C 123 14.71 -7.31 18.05
C VAL C 123 15.71 -8.12 17.22
N MET C 124 16.62 -8.82 17.87
CA MET C 124 17.54 -9.73 17.16
C MET C 124 16.80 -10.90 16.51
N ASP C 125 15.75 -11.40 17.15
CA ASP C 125 14.87 -12.38 16.49
C ASP C 125 14.14 -11.78 15.29
N TRP C 126 13.57 -10.58 15.46
CA TRP C 126 12.96 -9.85 14.34
C TRP C 126 13.93 -9.80 13.16
N LEU C 127 15.16 -9.40 13.46
CA LEU C 127 16.17 -9.15 12.42
C LEU C 127 16.63 -10.45 11.75
N ALA C 128 16.78 -11.51 12.53
CA ALA C 128 17.09 -12.83 11.96
C ALA C 128 16.04 -13.24 10.93
N LYS C 129 14.77 -13.05 11.30
CA LYS C 129 13.67 -13.35 10.39
C LYS C 129 13.70 -12.47 9.13
N MET C 130 13.99 -11.17 9.33
CA MET C 130 14.08 -10.23 8.21
C MET C 130 15.15 -10.63 7.20
N LEU C 131 16.24 -11.23 7.68
CA LEU C 131 17.36 -11.62 6.83
C LEU C 131 17.19 -12.99 6.19
N GLY C 132 16.18 -13.75 6.62
CA GLY C 132 16.03 -15.12 6.18
C GLY C 132 17.06 -16.07 6.80
N LEU C 133 17.47 -15.78 8.02
CA LEU C 133 18.39 -16.68 8.73
C LEU C 133 17.64 -17.89 9.26
N PRO C 134 18.35 -19.01 9.44
CA PRO C 134 17.78 -20.21 10.04
C PRO C 134 17.12 -19.97 11.39
N GLU C 135 16.07 -20.74 11.67
CA GLU C 135 15.33 -20.60 12.92
C GLU C 135 16.17 -20.97 14.15
N HIS C 136 17.22 -21.76 13.95
CA HIS C 136 18.12 -22.11 15.05
C HIS C 136 19.05 -20.96 15.49
N PHE C 137 18.92 -19.79 14.86
CA PHE C 137 19.57 -18.58 15.34
C PHE C 137 18.64 -17.71 16.21
N LEU C 138 17.40 -18.15 16.40
CA LEU C 138 16.42 -17.38 17.18
C LEU C 138 16.52 -17.73 18.66
N HIS C 139 16.45 -16.71 19.52
CA HIS C 139 16.33 -16.94 20.96
C HIS C 139 15.08 -17.74 21.28
N HIS C 140 13.98 -17.36 20.65
CA HIS C 140 12.66 -17.86 21.02
C HIS C 140 12.11 -18.78 19.92
N HIS C 141 12.80 -19.88 19.70
CA HIS C 141 12.28 -20.93 18.84
C HIS C 141 12.46 -22.23 19.60
N PRO C 142 11.41 -23.08 19.63
CA PRO C 142 11.43 -24.30 20.45
C PRO C 142 12.73 -25.07 20.37
N SER C 143 13.16 -25.41 19.16
CA SER C 143 14.34 -26.24 18.96
C SER C 143 15.69 -25.49 19.00
N SER C 144 15.66 -24.17 19.18
CA SER C 144 16.90 -23.39 19.16
C SER C 144 17.71 -23.52 20.44
N GLN C 145 19.03 -23.54 20.27
CA GLN C 145 20.01 -23.50 21.34
C GLN C 145 20.89 -22.25 21.18
N GLY C 146 20.44 -21.32 20.33
CA GLY C 146 21.25 -20.20 19.88
C GLY C 146 20.55 -18.86 20.08
N GLY C 147 21.03 -17.85 19.37
CA GLY C 147 20.51 -16.50 19.54
C GLY C 147 21.41 -15.44 18.95
N GLY C 148 20.87 -14.23 18.81
CA GLY C 148 21.60 -13.06 18.36
C GLY C 148 21.92 -12.09 19.48
N VAL C 149 23.11 -11.51 19.41
CA VAL C 149 23.55 -10.49 20.35
C VAL C 149 24.18 -9.36 19.55
N LEU C 150 23.96 -8.13 19.98
CA LEU C 150 24.60 -7.00 19.33
C LEU C 150 26.04 -6.90 19.80
N GLN C 151 26.90 -6.44 18.88
CA GLN C 151 28.30 -6.16 19.15
C GLN C 151 28.59 -4.79 18.54
N SER C 152 29.82 -4.30 18.71
CA SER C 152 30.19 -2.99 18.18
C SER C 152 30.73 -3.03 16.74
N THR C 153 31.32 -4.16 16.35
CA THR C 153 31.95 -4.31 15.04
C THR C 153 31.87 -5.78 14.59
N VAL C 154 31.96 -5.98 13.28
CA VAL C 154 32.14 -7.32 12.72
C VAL C 154 33.51 -7.87 13.14
N SER C 155 34.51 -7.00 13.15
CA SER C 155 35.86 -7.38 13.62
C SER C 155 35.78 -8.16 14.93
N GLU C 156 35.12 -7.57 15.93
CA GLU C 156 35.01 -8.20 17.25
CA GLU C 156 35.05 -8.21 17.24
C GLU C 156 34.18 -9.48 17.22
N SER C 157 33.13 -9.46 16.40
CA SER C 157 32.26 -10.64 16.26
C SER C 157 33.02 -11.82 15.68
N THR C 158 33.81 -11.57 14.63
CA THR C 158 34.65 -12.58 14.01
C THR C 158 35.69 -13.10 15.01
N LEU C 159 36.30 -12.19 15.78
CA LEU C 159 37.23 -12.61 16.82
C LEU C 159 36.55 -13.51 17.84
N ILE C 160 35.36 -13.12 18.29
CA ILE C 160 34.60 -13.92 19.24
C ILE C 160 34.32 -15.31 18.70
N ALA C 161 33.97 -15.41 17.42
CA ALA C 161 33.67 -16.70 16.80
C ALA C 161 34.91 -17.59 16.82
N LEU C 162 36.06 -17.00 16.50
CA LEU C 162 37.33 -17.72 16.50
C LEU C 162 37.69 -18.17 17.91
N LEU C 163 37.54 -17.26 18.88
CA LEU C 163 37.80 -17.58 20.28
C LEU C 163 36.95 -18.73 20.79
N ALA C 164 35.67 -18.72 20.44
CA ALA C 164 34.74 -19.78 20.83
C ALA C 164 35.10 -21.10 20.16
N ALA C 165 35.46 -21.02 18.88
CA ALA C 165 35.85 -22.20 18.12
C ALA C 165 37.08 -22.86 18.72
N ARG C 166 38.13 -22.09 18.99
CA ARG C 166 39.36 -22.65 19.48
C ARG C 166 39.19 -23.15 20.91
N LYS C 167 38.43 -22.42 21.72
CA LYS C 167 38.16 -22.87 23.08
C LYS C 167 37.44 -24.22 23.07
N ASN C 168 36.41 -24.34 22.25
CA ASN C 168 35.66 -25.60 22.16
C ASN C 168 36.54 -26.79 21.74
N LYS C 169 37.36 -26.56 20.72
CA LYS C 169 38.25 -27.61 20.23
C LYS C 169 39.31 -27.96 21.27
N ILE C 170 39.87 -26.95 21.94
CA ILE C 170 40.86 -27.18 23.00
C ILE C 170 40.26 -28.00 24.16
N LEU C 171 39.03 -27.69 24.56
CA LEU C 171 38.35 -28.46 25.59
C LEU C 171 38.18 -29.93 25.17
N GLU C 172 37.85 -30.14 23.91
CA GLU C 172 37.70 -31.48 23.34
C GLU C 172 39.05 -32.21 23.33
N MET C 173 40.10 -31.52 22.93
CA MET C 173 41.47 -32.07 22.93
C MET C 173 41.95 -32.45 24.34
N LYS C 174 41.55 -31.68 25.34
CA LYS C 174 41.99 -31.92 26.72
C LYS C 174 41.40 -33.19 27.34
N THR C 175 40.30 -33.71 26.80
CA THR C 175 39.73 -34.96 27.31
C THR C 175 40.69 -36.14 27.08
N SER C 176 41.42 -36.12 25.96
CA SER C 176 42.40 -37.17 25.67
C SER C 176 43.82 -36.79 26.13
N GLU C 177 44.07 -35.49 26.32
CA GLU C 177 45.36 -35.01 26.83
C GLU C 177 45.13 -34.07 28.02
N PRO C 178 44.78 -34.65 29.19
CA PRO C 178 44.38 -33.87 30.36
C PRO C 178 45.47 -32.99 30.99
N ASP C 179 46.74 -33.31 30.74
CA ASP C 179 47.85 -32.57 31.32
C ASP C 179 48.41 -31.48 30.39
N ALA C 180 47.90 -31.40 29.16
CA ALA C 180 48.39 -30.43 28.20
C ALA C 180 47.86 -29.03 28.50
N ASP C 181 48.73 -28.03 28.34
CA ASP C 181 48.35 -26.63 28.54
C ASP C 181 47.46 -26.18 27.37
N GLU C 182 46.43 -25.38 27.66
CA GLU C 182 45.52 -24.92 26.61
C GLU C 182 46.26 -24.17 25.49
N SER C 183 47.23 -23.35 25.88
CA SER C 183 48.02 -22.59 24.92
C SER C 183 48.90 -23.50 24.07
N SER C 184 49.41 -24.59 24.66
CA SER C 184 50.20 -25.56 23.89
C SER C 184 49.31 -26.23 22.84
N LEU C 185 48.10 -26.61 23.26
CA LEU C 185 47.13 -27.23 22.36
C LEU C 185 46.72 -26.27 21.23
N ASN C 186 46.57 -24.99 21.57
CA ASN C 186 46.24 -23.95 20.58
C ASN C 186 47.25 -23.89 19.43
N ALA C 187 48.51 -24.21 19.73
CA ALA C 187 49.58 -24.18 18.74
C ALA C 187 49.34 -25.13 17.55
N ARG C 188 48.52 -26.14 17.74
CA ARG C 188 48.26 -27.14 16.69
C ARG C 188 47.14 -26.72 15.75
N LEU C 189 46.40 -25.68 16.14
CA LEU C 189 45.19 -25.29 15.42
C LEU C 189 45.52 -24.49 14.16
N VAL C 190 44.64 -24.60 13.17
CA VAL C 190 44.75 -23.79 11.97
C VAL C 190 43.35 -23.32 11.55
N ALA C 191 43.25 -22.06 11.18
CA ALA C 191 41.99 -21.48 10.72
C ALA C 191 42.15 -21.01 9.27
N TYR C 192 41.02 -20.89 8.57
CA TYR C 192 41.01 -20.55 7.14
C TYR C 192 40.04 -19.42 6.79
N ALA C 193 40.39 -18.70 5.73
CA ALA C 193 39.49 -17.76 5.08
C ALA C 193 39.94 -17.58 3.64
N SER C 194 39.11 -16.89 2.85
CA SER C 194 39.47 -16.48 1.50
C SER C 194 40.61 -15.48 1.53
N ASP C 195 41.46 -15.49 0.49
CA ASP C 195 42.47 -14.43 0.35
C ASP C 195 41.84 -13.05 0.07
N GLN C 196 40.51 -13.01 -0.13
CA GLN C 196 39.75 -11.77 -0.23
C GLN C 196 39.11 -11.35 1.10
N ALA C 197 39.27 -12.19 2.13
CA ALA C 197 38.65 -11.92 3.43
C ALA C 197 39.18 -10.61 4.00
N HIS C 198 38.34 -9.95 4.79
CA HIS C 198 38.70 -8.66 5.36
C HIS C 198 39.87 -8.82 6.35
N SER C 199 40.65 -7.75 6.52
CA SER C 199 41.84 -7.78 7.37
C SER C 199 41.54 -8.14 8.83
N SER C 200 40.29 -7.95 9.26
CA SER C 200 39.83 -8.38 10.59
C SER C 200 40.01 -9.88 10.85
N VAL C 201 39.98 -10.69 9.79
CA VAL C 201 40.21 -12.14 9.94
C VAL C 201 41.67 -12.42 10.30
N GLU C 202 42.60 -11.84 9.53
CA GLU C 202 44.02 -11.89 9.87
C GLU C 202 44.28 -11.34 11.27
N LYS C 203 43.64 -10.23 11.59
CA LYS C 203 43.86 -9.58 12.89
C LYS C 203 43.38 -10.48 14.03
N ALA C 204 42.25 -11.18 13.82
CA ALA C 204 41.75 -12.12 14.82
C ALA C 204 42.77 -13.22 15.07
N GLY C 205 43.44 -13.68 14.02
CA GLY C 205 44.51 -14.67 14.16
C GLY C 205 45.69 -14.13 14.97
N LEU C 206 46.09 -12.90 14.68
CA LEU C 206 47.20 -12.25 15.40
C LEU C 206 46.91 -12.09 16.88
N ILE C 207 45.70 -11.67 17.20
CA ILE C 207 45.25 -11.48 18.59
C ILE C 207 45.19 -12.81 19.35
N SER C 208 44.66 -13.85 18.71
CA SER C 208 44.42 -15.12 19.37
C SER C 208 45.60 -16.09 19.30
N LEU C 209 46.61 -15.76 18.50
CA LEU C 209 47.76 -16.65 18.23
C LEU C 209 47.33 -17.95 17.57
N VAL C 210 46.24 -17.90 16.79
CA VAL C 210 45.81 -19.04 15.99
C VAL C 210 46.33 -18.86 14.56
N LYS C 211 47.03 -19.88 14.07
CA LYS C 211 47.53 -19.87 12.70
C LYS C 211 46.36 -19.69 11.73
N MET C 212 46.53 -18.75 10.81
CA MET C 212 45.50 -18.41 9.84
C MET C 212 46.07 -18.61 8.44
N LYS C 213 45.37 -19.36 7.60
CA LYS C 213 45.80 -19.56 6.22
C LYS C 213 44.75 -19.03 5.26
N PHE C 214 45.20 -18.25 4.30
CA PHE C 214 44.30 -17.60 3.36
C PHE C 214 44.35 -18.33 2.02
N LEU C 215 43.17 -18.71 1.55
CA LEU C 215 43.03 -19.68 0.46
C LEU C 215 42.72 -18.98 -0.86
N PRO C 216 43.17 -19.59 -1.97
CA PRO C 216 42.96 -19.00 -3.29
C PRO C 216 41.50 -19.03 -3.71
N VAL C 217 41.12 -18.11 -4.60
CA VAL C 217 39.74 -17.96 -5.05
C VAL C 217 39.62 -18.22 -6.55
N ASP C 218 38.38 -18.40 -7.00
CA ASP C 218 38.11 -18.69 -8.41
C ASP C 218 38.08 -17.40 -9.25
N ASP C 219 37.61 -17.50 -10.49
CA ASP C 219 37.56 -16.34 -11.40
C ASP C 219 36.56 -15.26 -11.00
N ASN C 220 35.59 -15.60 -10.15
CA ASN C 220 34.67 -14.63 -9.57
C ASN C 220 35.10 -14.17 -8.17
N PHE C 221 36.34 -14.51 -7.80
CA PHE C 221 36.95 -14.13 -6.52
C PHE C 221 36.23 -14.75 -5.32
N SER C 222 35.70 -15.95 -5.55
CA SER C 222 34.90 -16.69 -4.59
C SER C 222 35.70 -17.88 -4.04
N LEU C 223 35.61 -18.11 -2.73
CA LEU C 223 36.26 -19.27 -2.13
C LEU C 223 35.40 -20.51 -2.38
N ARG C 224 36.03 -21.55 -2.93
CA ARG C 224 35.32 -22.76 -3.34
C ARG C 224 35.68 -23.94 -2.45
N GLY C 225 34.78 -24.91 -2.40
CA GLY C 225 34.95 -26.09 -1.56
C GLY C 225 36.25 -26.83 -1.80
N GLU C 226 36.63 -26.97 -3.06
CA GLU C 226 37.82 -27.77 -3.39
C GLU C 226 39.10 -27.17 -2.81
N ALA C 227 39.16 -25.83 -2.76
CA ALA C 227 40.29 -25.14 -2.13
C ALA C 227 40.38 -25.44 -0.64
N LEU C 228 39.23 -25.39 0.04
CA LEU C 228 39.18 -25.71 1.47
C LEU C 228 39.55 -27.18 1.71
N GLN C 229 38.95 -28.07 0.92
CA GLN C 229 39.22 -29.50 1.07
C GLN C 229 40.71 -29.80 0.96
N LYS C 230 41.36 -29.25 -0.06
CA LYS C 230 42.80 -29.46 -0.26
C LYS C 230 43.61 -28.94 0.93
N ALA C 231 43.26 -27.75 1.43
CA ALA C 231 43.97 -27.16 2.56
C ALA C 231 43.84 -28.01 3.83
N ILE C 232 42.62 -28.47 4.11
CA ILE C 232 42.36 -29.32 5.28
C ILE C 232 43.19 -30.61 5.22
N GLU C 233 43.25 -31.24 4.05
CA GLU C 233 43.99 -32.48 3.89
C GLU C 233 45.49 -32.28 4.09
N GLU C 234 46.04 -31.24 3.45
CA GLU C 234 47.46 -30.91 3.59
C GLU C 234 47.85 -30.61 5.03
N ASP C 235 47.04 -29.84 5.73
CA ASP C 235 47.37 -29.47 7.12
C ASP C 235 47.22 -30.64 8.08
N LYS C 236 46.19 -31.47 7.88
CA LYS C 236 46.05 -32.71 8.65
C LYS C 236 47.27 -33.62 8.48
N GLN C 237 47.86 -33.64 7.29
CA GLN C 237 49.07 -34.41 7.04
C GLN C 237 50.30 -33.84 7.74
N ARG C 238 50.33 -32.52 7.93
CA ARG C 238 51.37 -31.86 8.71
C ARG C 238 51.15 -32.01 10.23
N GLY C 239 50.07 -32.67 10.63
CA GLY C 239 49.74 -32.82 12.04
C GLY C 239 48.99 -31.64 12.64
N LEU C 240 48.53 -30.73 11.79
CA LEU C 240 47.77 -29.57 12.26
C LEU C 240 46.28 -29.94 12.39
N VAL C 241 45.55 -29.12 13.14
CA VAL C 241 44.15 -29.41 13.45
C VAL C 241 43.25 -28.27 12.99
N PRO C 242 42.60 -28.44 11.82
CA PRO C 242 41.64 -27.44 11.34
C PRO C 242 40.54 -27.18 12.36
N VAL C 243 40.23 -25.92 12.59
CA VAL C 243 39.28 -25.55 13.65
C VAL C 243 38.19 -24.56 13.24
N PHE C 244 38.44 -23.74 12.21
CA PHE C 244 37.59 -22.57 11.94
C PHE C 244 37.71 -22.14 10.49
N VAL C 245 36.58 -21.79 9.89
CA VAL C 245 36.55 -21.19 8.57
C VAL C 245 35.68 -19.95 8.62
N CYS C 246 36.19 -18.85 8.08
CA CYS C 246 35.37 -17.67 7.85
C CYS C 246 35.04 -17.59 6.36
N ALA C 247 33.75 -17.68 6.03
CA ALA C 247 33.26 -17.47 4.68
C ALA C 247 32.70 -16.06 4.58
N THR C 248 33.12 -15.33 3.56
CA THR C 248 32.71 -13.94 3.42
C THR C 248 31.64 -13.78 2.35
N LEU C 249 30.55 -13.12 2.73
CA LEU C 249 29.51 -12.76 1.80
C LEU C 249 29.56 -11.24 1.60
N GLY C 250 30.17 -10.82 0.49
CA GLY C 250 30.36 -9.41 0.18
C GLY C 250 31.74 -8.94 0.61
N THR C 251 32.76 -9.44 -0.09
CA THR C 251 34.15 -9.13 0.26
C THR C 251 34.39 -7.62 0.10
N THR C 252 35.38 -7.12 0.82
CA THR C 252 35.66 -5.68 0.85
C THR C 252 36.09 -5.12 -0.50
N GLY C 253 37.03 -5.80 -1.15
CA GLY C 253 37.62 -5.30 -2.39
C GLY C 253 36.63 -5.14 -3.52
N VAL C 254 35.95 -6.22 -3.88
CA VAL C 254 35.08 -6.25 -5.06
C VAL C 254 33.66 -6.79 -4.78
N CYS C 255 33.31 -6.97 -3.51
CA CYS C 255 31.99 -7.51 -3.13
C CYS C 255 31.69 -8.84 -3.85
N ALA C 256 32.60 -9.78 -3.68
CA ALA C 256 32.41 -11.15 -4.13
C ALA C 256 31.79 -11.97 -3.00
N PHE C 257 31.36 -13.19 -3.33
CA PHE C 257 30.64 -14.04 -2.38
C PHE C 257 31.23 -15.45 -2.38
N ASP C 258 31.67 -15.89 -1.21
CA ASP C 258 32.18 -17.24 -1.03
C ASP C 258 31.05 -18.27 -1.22
N LEU C 260 29.08 -20.77 -0.12
CA LEU C 260 28.60 -21.40 1.11
C LEU C 260 28.05 -22.81 0.88
N SER C 261 27.39 -23.01 -0.26
CA SER C 261 26.87 -24.31 -0.66
C SER C 261 27.91 -25.42 -0.60
N GLU C 262 29.15 -25.07 -0.95
CA GLU C 262 30.23 -26.05 -1.00
C GLU C 262 31.00 -26.08 0.31
N LEU C 263 31.22 -24.91 0.90
CA LEU C 263 32.00 -24.81 2.12
C LEU C 263 31.26 -25.41 3.32
N GLY C 264 29.94 -25.20 3.37
CA GLY C 264 29.12 -25.70 4.48
C GLY C 264 29.24 -27.19 4.80
N PRO C 265 28.93 -28.06 3.81
CA PRO C 265 29.05 -29.51 4.04
C PRO C 265 30.44 -29.95 4.49
N ILE C 266 31.48 -29.33 3.97
CA ILE C 266 32.85 -29.64 4.35
C ILE C 266 33.10 -29.30 5.82
N CYS C 267 32.66 -28.12 6.24
CA CYS C 267 32.82 -27.71 7.63
C CYS C 267 32.06 -28.64 8.58
N ALA C 268 30.87 -29.04 8.18
CA ALA C 268 30.05 -29.92 9.02
C ALA C 268 30.68 -31.31 9.21
N ARG C 269 31.18 -31.93 8.14
CA ARG C 269 31.71 -33.28 8.25
C ARG C 269 33.11 -33.31 8.87
N GLU C 270 33.87 -32.22 8.71
CA GLU C 270 35.21 -32.12 9.29
C GLU C 270 35.21 -31.47 10.67
N GLY C 271 34.04 -31.05 11.15
CA GLY C 271 33.90 -30.47 12.48
C GLY C 271 34.60 -29.12 12.64
N LEU C 272 34.47 -28.26 11.64
CA LEU C 272 35.02 -26.91 11.70
C LEU C 272 33.92 -25.89 11.94
N TRP C 273 34.19 -24.94 12.83
CA TRP C 273 33.29 -23.82 13.06
C TRP C 273 33.23 -22.98 11.79
N LEU C 274 32.03 -22.84 11.24
CA LEU C 274 31.81 -22.01 10.06
C LEU C 274 31.20 -20.68 10.47
N HIS C 275 31.98 -19.60 10.31
CA HIS C 275 31.56 -18.24 10.63
C HIS C 275 31.36 -17.45 9.35
N ILE C 276 30.21 -16.78 9.24
CA ILE C 276 29.92 -15.96 8.08
C ILE C 276 30.12 -14.48 8.38
N ASP C 277 31.02 -13.85 7.62
CA ASP C 277 31.17 -12.40 7.64
C ASP C 277 30.39 -11.84 6.46
N ALA C 278 29.24 -11.25 6.77
CA ALA C 278 28.43 -10.55 5.76
C ALA C 278 28.30 -9.06 6.09
N ALA C 279 29.39 -8.45 6.59
CA ALA C 279 29.37 -7.07 7.10
C ALA C 279 28.46 -6.13 6.32
N TYR C 280 28.76 -5.97 5.02
CA TYR C 280 28.01 -5.08 4.14
C TYR C 280 26.78 -5.75 3.54
N ALA C 281 27.01 -6.87 2.85
CA ALA C 281 25.98 -7.51 2.04
C ALA C 281 24.81 -8.09 2.84
N GLY C 282 25.00 -8.31 4.14
CA GLY C 282 23.91 -8.82 4.98
C GLY C 282 22.61 -8.04 4.88
N THR C 283 22.72 -6.72 4.74
CA THR C 283 21.55 -5.87 4.62
C THR C 283 20.74 -6.21 3.37
N ALA C 284 21.43 -6.59 2.29
CA ALA C 284 20.77 -7.01 1.04
C ALA C 284 19.81 -8.19 1.27
N PHE C 285 20.12 -9.04 2.24
CA PHE C 285 19.29 -10.22 2.50
C PHE C 285 17.93 -9.88 3.10
N LEU C 286 17.69 -8.60 3.42
CA LEU C 286 16.33 -8.11 3.67
C LEU C 286 15.43 -8.33 2.45
N CYS C 287 16.03 -8.39 1.26
CA CYS C 287 15.31 -8.60 0.02
C CYS C 287 15.44 -10.05 -0.43
N PRO C 288 14.31 -10.78 -0.56
CA PRO C 288 14.44 -12.20 -0.92
C PRO C 288 15.19 -12.48 -2.21
N GLU C 289 15.12 -11.57 -3.19
CA GLU C 289 15.80 -11.79 -4.46
C GLU C 289 17.34 -11.80 -4.38
N PHE C 290 17.91 -11.31 -3.28
CA PHE C 290 19.36 -11.37 -3.07
C PHE C 290 19.83 -12.55 -2.23
N ARG C 291 18.91 -13.39 -1.75
CA ARG C 291 19.26 -14.47 -0.84
C ARG C 291 19.89 -15.72 -1.49
N GLY C 292 20.06 -15.72 -2.81
CA GLY C 292 20.82 -16.76 -3.48
C GLY C 292 22.22 -16.91 -2.89
N PHE C 293 22.83 -15.79 -2.51
CA PHE C 293 24.16 -15.77 -1.91
C PHE C 293 24.18 -16.36 -0.49
N LEU C 294 23.00 -16.50 0.12
CA LEU C 294 22.86 -17.08 1.45
C LEU C 294 22.68 -18.61 1.41
N LYS C 295 22.62 -19.19 0.20
CA LYS C 295 22.46 -20.64 0.08
C LYS C 295 23.58 -21.39 0.83
N GLY C 296 23.18 -22.32 1.70
CA GLY C 296 24.12 -23.07 2.52
C GLY C 296 24.25 -22.51 3.93
N ILE C 297 23.47 -21.46 4.25
CA ILE C 297 23.53 -20.78 5.55
C ILE C 297 23.19 -21.73 6.71
N GLU C 298 22.42 -22.78 6.44
CA GLU C 298 22.07 -23.77 7.47
C GLU C 298 23.29 -24.49 8.07
N TYR C 299 24.42 -24.46 7.36
CA TYR C 299 25.68 -25.04 7.86
C TYR C 299 26.49 -24.12 8.79
N ALA C 300 26.13 -22.85 8.88
CA ALA C 300 26.92 -21.90 9.66
C ALA C 300 26.74 -22.10 11.17
N ASP C 301 27.84 -21.95 11.90
CA ASP C 301 27.81 -21.92 13.37
C ASP C 301 27.62 -20.50 13.87
N SER C 302 27.97 -19.53 13.03
CA SER C 302 27.77 -18.13 13.38
C SER C 302 27.64 -17.26 12.13
N PHE C 303 27.03 -16.09 12.32
CA PHE C 303 26.76 -15.15 11.23
C PHE C 303 26.84 -13.74 11.78
N THR C 304 27.52 -12.86 11.06
CA THR C 304 27.56 -11.46 11.45
C THR C 304 27.36 -10.52 10.26
N PHE C 305 26.65 -9.43 10.52
CA PHE C 305 26.57 -8.33 9.54
C PHE C 305 26.40 -7.01 10.26
N ASN C 306 26.61 -5.92 9.52
CA ASN C 306 26.51 -4.58 10.08
C ASN C 306 25.29 -3.78 9.64
N PRO C 307 24.24 -3.72 10.48
CA PRO C 307 23.23 -2.69 10.28
C PRO C 307 23.86 -1.30 10.20
N SER C 308 25.02 -1.14 10.85
CA SER C 308 25.77 0.10 10.84
C SER C 308 26.49 0.41 9.53
N LYS C 309 26.38 -0.45 8.53
CA LYS C 309 26.85 -0.10 7.20
C LYS C 309 25.70 0.42 6.34
N TRP C 310 24.77 -0.45 5.96
CA TRP C 310 23.82 -0.11 4.89
C TRP C 310 22.38 -0.01 5.36
N MET C 311 22.10 -0.34 6.63
CA MET C 311 20.71 -0.41 7.10
C MET C 311 20.22 0.84 7.83
N MET C 312 21.03 1.91 7.85
CA MET C 312 20.63 3.23 8.37
C MET C 312 20.55 3.29 9.90
N VAL C 313 21.28 2.40 10.56
CA VAL C 313 21.51 2.51 11.99
C VAL C 313 22.91 3.10 12.14
N HIS C 314 23.03 4.20 12.86
CA HIS C 314 24.35 4.81 13.05
C HIS C 314 25.22 3.92 13.94
N PHE C 315 26.52 4.06 13.75
CA PHE C 315 27.51 3.21 14.43
C PHE C 315 27.59 3.56 15.92
N ASP C 316 27.68 2.59 16.83
CA ASP C 316 27.91 1.17 16.58
C ASP C 316 26.65 0.31 16.61
N CYS C 317 26.56 -0.66 15.70
CA CYS C 317 25.48 -1.65 15.72
C CYS C 317 25.79 -2.81 14.78
N THR C 318 26.32 -3.89 15.35
CA THR C 318 26.64 -5.13 14.62
C THR C 318 25.79 -6.27 15.13
N GLY C 319 25.22 -7.07 14.23
CA GLY C 319 24.47 -8.25 14.64
C GLY C 319 25.36 -9.47 14.60
N PHE C 320 25.37 -10.24 15.68
CA PHE C 320 26.13 -11.49 15.78
C PHE C 320 25.23 -12.61 16.27
N TRP C 321 25.07 -13.65 15.46
CA TRP C 321 24.22 -14.79 15.78
C TRP C 321 25.05 -16.07 15.92
N VAL C 322 24.76 -16.87 16.94
CA VAL C 322 25.39 -18.17 17.11
C VAL C 322 24.36 -19.28 17.20
N LYS C 323 24.74 -20.45 16.72
CA LYS C 323 23.89 -21.62 16.76
C LYS C 323 23.83 -22.24 18.16
N ASP C 324 24.95 -22.19 18.88
CA ASP C 324 25.07 -22.82 20.20
C ASP C 324 25.58 -21.81 21.20
N LYS C 325 24.68 -21.21 21.97
CA LYS C 325 25.05 -20.17 22.92
C LYS C 325 25.93 -20.70 24.06
N TYR C 326 25.86 -21.99 24.34
CA TYR C 326 26.64 -22.57 25.44
C TYR C 326 28.13 -22.64 25.07
N LYS C 327 28.43 -22.94 23.81
CA LYS C 327 29.82 -22.83 23.31
C LYS C 327 30.32 -21.41 23.46
N LEU C 328 29.48 -20.46 23.11
CA LEU C 328 29.85 -19.08 23.24
C LEU C 328 30.17 -18.79 24.70
N GLN C 329 29.27 -19.19 25.60
CA GLN C 329 29.41 -18.83 27.01
C GLN C 329 30.52 -19.60 27.76
N GLN C 330 30.97 -20.74 27.26
CA GLN C 330 32.12 -21.44 27.86
C GLN C 330 33.46 -20.75 27.52
N THR C 331 33.46 -19.87 26.52
CA THR C 331 34.64 -19.11 26.13
C THR C 331 34.99 -17.98 27.12
N PHE C 332 33.97 -17.45 27.78
CA PHE C 332 34.05 -16.15 28.45
C PHE C 332 33.71 -16.15 29.93
N SER C 333 33.16 -17.25 30.45
CA SER C 333 32.44 -17.18 31.71
C SER C 333 33.32 -16.90 32.93
N VAL C 334 32.93 -15.86 33.69
CA VAL C 334 33.44 -15.62 35.04
C VAL C 334 32.24 -15.42 35.97
N ASN C 335 32.45 -15.58 37.28
CA ASN C 335 31.33 -15.67 38.22
C ASN C 335 31.63 -15.01 39.58
N PRO C 336 31.98 -13.71 39.57
CA PRO C 336 32.21 -13.01 40.83
C PRO C 336 30.88 -12.77 41.57
N ILE C 337 30.90 -12.82 42.90
CA ILE C 337 29.67 -12.66 43.69
C ILE C 337 28.94 -11.34 43.37
N TYR C 338 29.69 -10.29 43.08
CA TYR C 338 29.11 -8.96 42.88
C TYR C 338 28.37 -8.78 41.54
N LEU C 339 28.39 -9.82 40.69
CA LEU C 339 27.57 -9.83 39.47
C LEU C 339 26.45 -10.86 39.51
N ARG C 340 26.40 -11.67 40.58
CA ARG C 340 25.37 -12.72 40.70
C ARG C 340 24.00 -12.11 40.97
N HIS C 341 22.97 -12.79 40.48
CA HIS C 341 21.60 -12.39 40.76
C HIS C 341 20.68 -13.60 40.83
N ALA C 342 19.46 -13.39 41.30
CA ALA C 342 18.54 -14.49 41.61
C ALA C 342 18.11 -15.31 40.38
N ASN C 343 18.14 -14.67 39.20
CA ASN C 343 17.66 -15.30 37.96
C ASN C 343 18.76 -15.77 37.00
N SER C 344 19.99 -15.86 37.49
CA SER C 344 21.16 -16.19 36.65
C SER C 344 20.91 -17.38 35.72
N GLY C 345 20.42 -18.49 36.28
CA GLY C 345 20.24 -19.73 35.52
C GLY C 345 19.17 -19.68 34.45
N VAL C 346 18.18 -18.81 34.62
CA VAL C 346 17.07 -18.72 33.66
C VAL C 346 17.25 -17.56 32.67
N ALA C 347 17.74 -16.44 33.17
CA ALA C 347 17.82 -15.21 32.38
C ALA C 347 19.09 -15.19 31.54
N THR C 348 19.04 -14.46 30.43
CA THR C 348 20.19 -14.29 29.56
C THR C 348 21.08 -13.17 30.09
N ASP C 349 22.35 -13.48 30.34
CA ASP C 349 23.34 -12.50 30.77
C ASP C 349 24.35 -12.32 29.62
N PHE C 350 24.23 -11.21 28.91
CA PHE C 350 24.98 -11.01 27.67
C PHE C 350 26.48 -10.79 27.91
N MET C 351 26.91 -10.51 29.14
CA MET C 351 28.36 -10.43 29.42
C MET C 351 29.09 -11.72 29.02
N HIS C 352 28.40 -12.86 29.08
CA HIS C 352 28.99 -14.13 28.66
C HIS C 352 29.01 -14.37 27.14
N TRP C 353 28.43 -13.46 26.35
CA TRP C 353 28.43 -13.57 24.89
C TRP C 353 29.38 -12.56 24.24
N GLN C 354 30.28 -11.98 25.02
CA GLN C 354 31.08 -10.86 24.55
C GLN C 354 32.39 -10.75 25.32
N ILE C 355 33.31 -9.95 24.79
CA ILE C 355 34.59 -9.74 25.46
C ILE C 355 34.50 -8.90 26.74
N PRO C 356 33.86 -7.73 26.70
CA PRO C 356 33.87 -6.90 27.90
C PRO C 356 32.77 -7.25 28.90
N LEU C 357 32.76 -6.53 30.03
CA LEU C 357 31.65 -6.62 30.98
C LEU C 357 30.53 -5.67 30.54
N SER C 358 30.73 -4.36 30.66
CA SER C 358 29.67 -3.40 30.33
C SER C 358 29.20 -3.45 28.88
N ARG C 359 27.91 -3.19 28.70
CA ARG C 359 27.33 -3.01 27.37
C ARG C 359 26.17 -2.04 27.49
N ARG C 360 25.90 -1.34 26.41
CA ARG C 360 24.85 -0.32 26.45
C ARG C 360 23.60 -0.75 25.70
N PHE C 361 22.60 0.12 25.75
CA PHE C 361 21.24 -0.16 25.27
C PHE C 361 21.12 0.17 23.79
N ARG C 362 21.91 -0.54 22.97
CA ARG C 362 21.97 -0.29 21.54
C ARG C 362 20.71 -0.69 20.80
N SER C 363 19.89 -1.56 21.41
CA SER C 363 18.71 -2.07 20.72
C SER C 363 17.62 -1.04 20.49
N VAL C 364 17.63 0.07 21.25
CA VAL C 364 16.59 1.11 21.07
C VAL C 364 16.67 1.72 19.68
N LYS C 365 17.85 2.16 19.27
CA LYS C 365 18.00 2.77 17.94
C LYS C 365 17.69 1.76 16.82
N LEU C 366 18.05 0.49 17.00
CA LEU C 366 17.76 -0.55 16.00
C LEU C 366 16.24 -0.80 15.89
N TRP C 367 15.58 -0.91 17.03
CA TRP C 367 14.15 -1.04 17.11
C TRP C 367 13.46 0.15 16.44
N PHE C 368 13.91 1.37 16.76
CA PHE C 368 13.32 2.59 16.18
C PHE C 368 13.49 2.65 14.66
N VAL C 369 14.66 2.29 14.15
CA VAL C 369 14.90 2.30 12.71
C VAL C 369 13.96 1.30 12.02
N ILE C 370 13.88 0.09 12.54
CA ILE C 370 13.06 -0.95 11.92
C ILE C 370 11.59 -0.53 11.94
N ARG C 371 11.13 0.01 13.07
CA ARG C 371 9.74 0.44 13.20
C ARG C 371 9.38 1.66 12.36
N SER C 372 10.27 2.66 12.34
CA SER C 372 10.01 3.91 11.64
C SER C 372 9.99 3.74 10.12
N PHE C 373 10.91 2.93 9.60
CA PHE C 373 10.95 2.66 8.16
C PHE C 373 9.94 1.59 7.78
N GLY C 374 9.87 0.53 8.60
CA GLY C 374 9.16 -0.68 8.23
C GLY C 374 10.00 -1.49 7.26
N VAL C 375 9.72 -2.78 7.16
CA VAL C 375 10.51 -3.67 6.33
C VAL C 375 10.49 -3.23 4.85
N LYS C 376 9.31 -2.87 4.34
CA LYS C 376 9.18 -2.56 2.91
C LYS C 376 10.09 -1.39 2.50
N ASN C 377 10.11 -0.34 3.31
CA ASN C 377 11.00 0.80 3.01
C ASN C 377 12.47 0.45 3.14
N LEU C 378 12.83 -0.39 4.11
CA LEU C 378 14.21 -0.88 4.18
C LEU C 378 14.57 -1.65 2.90
N GLN C 379 13.65 -2.49 2.44
CA GLN C 379 13.87 -3.21 1.18
C GLN C 379 13.97 -2.27 -0.03
N ALA C 380 13.13 -1.25 -0.06
CA ALA C 380 13.17 -0.25 -1.15
C ALA C 380 14.50 0.50 -1.16
N HIS C 381 15.01 0.80 0.02
CA HIS C 381 16.33 1.44 0.16
C HIS C 381 17.45 0.61 -0.47
N VAL C 382 17.50 -0.67 -0.10
CA VAL C 382 18.48 -1.59 -0.67
C VAL C 382 18.35 -1.66 -2.19
N ARG C 383 17.12 -1.81 -2.67
CA ARG C 383 16.87 -1.90 -4.11
C ARG C 383 17.29 -0.62 -4.86
N HIS C 384 16.97 0.53 -4.28
CA HIS C 384 17.32 1.80 -4.90
C HIS C 384 18.84 2.02 -4.93
N GLY C 385 19.51 1.75 -3.82
CA GLY C 385 20.98 1.84 -3.78
C GLY C 385 21.62 0.99 -4.85
N THR C 386 21.14 -0.25 -4.96
CA THR C 386 21.64 -1.19 -5.96
C THR C 386 21.39 -0.66 -7.40
N GLU C 387 20.21 -0.09 -7.63
CA GLU C 387 19.89 0.52 -8.94
C GLU C 387 20.78 1.72 -9.28
N MET C 388 21.10 2.53 -8.28
CA MET C 388 22.03 3.64 -8.49
C MET C 388 23.44 3.14 -8.83
N ALA C 389 23.86 2.04 -8.20
CA ALA C 389 25.14 1.43 -8.53
C ALA C 389 25.12 0.82 -9.94
N LYS C 390 23.99 0.23 -10.31
CA LYS C 390 23.80 -0.30 -11.66
C LYS C 390 23.91 0.82 -12.71
N TYR C 391 23.38 1.99 -12.37
CA TYR C 391 23.46 3.15 -13.24
C TYR C 391 24.91 3.60 -13.36
N PHE C 392 25.59 3.73 -12.22
CA PHE C 392 27.02 4.04 -12.26
C PHE C 392 27.80 3.05 -13.13
N GLU C 393 27.58 1.77 -12.90
CA GLU C 393 28.23 0.71 -13.68
C GLU C 393 28.02 0.91 -15.17
N SER C 394 26.81 1.25 -15.57
CA SER C 394 26.51 1.50 -16.98
C SER C 394 27.29 2.69 -17.54
N LEU C 395 27.39 3.78 -16.76
CA LEU C 395 28.18 4.94 -17.20
C LEU C 395 29.64 4.54 -17.47
N VAL C 396 30.20 3.72 -16.59
CA VAL C 396 31.58 3.24 -16.74
C VAL C 396 31.70 2.26 -17.92
N ARG C 397 30.78 1.30 -18.01
CA ARG C 397 30.79 0.29 -19.08
CA ARG C 397 30.81 0.29 -19.07
C ARG C 397 30.78 0.93 -20.46
N ASN C 398 30.04 2.03 -20.59
CA ASN C 398 29.89 2.72 -21.88
C ASN C 398 31.08 3.57 -22.29
N ASP C 399 32.08 3.68 -21.41
CA ASP C 399 33.25 4.51 -21.68
C ASP C 399 34.44 3.59 -22.00
N PRO C 400 34.92 3.62 -23.25
CA PRO C 400 35.96 2.70 -23.70
C PRO C 400 37.35 2.92 -23.07
N SER C 401 37.57 4.03 -22.38
CA SER C 401 38.84 4.26 -21.66
C SER C 401 38.94 3.41 -20.38
N PHE C 402 37.80 2.96 -19.88
CA PHE C 402 37.71 2.24 -18.61
C PHE C 402 37.39 0.76 -18.80
N GLU C 403 37.74 -0.03 -17.79
CA GLU C 403 37.36 -1.45 -17.71
C GLU C 403 36.84 -1.77 -16.31
N ILE C 404 36.03 -2.83 -16.22
CA ILE C 404 35.38 -3.25 -14.97
C ILE C 404 35.78 -4.71 -14.70
N PRO C 405 36.75 -4.92 -13.80
CA PRO C 405 37.33 -6.25 -13.64
C PRO C 405 36.59 -7.23 -12.72
N ALA C 406 35.49 -6.81 -12.13
CA ALA C 406 34.66 -7.70 -11.32
C ALA C 406 33.18 -7.34 -11.46
N LYS C 407 32.32 -8.33 -11.24
CA LYS C 407 30.88 -8.18 -11.34
C LYS C 407 30.31 -7.35 -10.19
N ARG C 408 29.38 -6.47 -10.50
CA ARG C 408 28.61 -5.72 -9.48
C ARG C 408 27.36 -6.50 -9.11
N HIS C 409 27.30 -6.98 -7.88
CA HIS C 409 26.13 -7.68 -7.36
C HIS C 409 25.21 -6.75 -6.55
N LEU C 410 25.79 -5.74 -5.92
CA LEU C 410 25.03 -4.83 -5.03
C LEU C 410 25.38 -3.37 -5.32
N GLY C 411 25.83 -2.62 -4.31
CA GLY C 411 26.05 -1.18 -4.46
C GLY C 411 27.50 -0.76 -4.66
N LEU C 412 28.39 -1.73 -4.86
CA LEU C 412 29.80 -1.46 -5.12
C LEU C 412 30.15 -1.77 -6.57
N VAL C 413 30.76 -0.80 -7.26
CA VAL C 413 31.30 -1.01 -8.60
C VAL C 413 32.80 -0.77 -8.55
N VAL C 414 33.59 -1.65 -9.18
CA VAL C 414 35.03 -1.48 -9.25
C VAL C 414 35.44 -1.29 -10.71
N PHE C 415 36.40 -0.39 -10.94
CA PHE C 415 36.82 -0.03 -12.29
C PHE C 415 38.20 0.61 -12.29
N ARG C 416 38.77 0.72 -13.47
CA ARG C 416 40.06 1.39 -13.61
C ARG C 416 40.22 1.85 -15.04
N LEU C 417 41.14 2.78 -15.26
CA LEU C 417 41.53 3.16 -16.61
C LEU C 417 42.31 2.01 -17.23
N LYS C 418 42.04 1.71 -18.49
CA LYS C 418 42.85 0.75 -19.24
C LYS C 418 44.29 1.28 -19.31
N GLY C 419 45.25 0.40 -19.09
CA GLY C 419 46.65 0.77 -19.12
C GLY C 419 47.29 0.65 -17.75
N PRO C 420 48.46 1.28 -17.56
CA PRO C 420 49.19 1.07 -16.31
C PRO C 420 48.48 1.68 -15.10
N ASN C 421 48.79 1.16 -13.91
CA ASN C 421 48.18 1.65 -12.67
C ASN C 421 48.30 3.16 -12.45
N SER C 422 49.40 3.75 -12.94
CA SER C 422 49.67 5.16 -12.74
C SER C 422 48.56 6.09 -13.24
N LEU C 423 47.90 5.71 -14.34
CA LEU C 423 46.78 6.50 -14.86
C LEU C 423 45.67 6.59 -13.82
N THR C 424 45.33 5.44 -13.23
CA THR C 424 44.26 5.35 -12.24
C THR C 424 44.68 6.03 -10.94
N GLU C 425 45.94 5.88 -10.54
CA GLU C 425 46.46 6.58 -9.37
CA GLU C 425 46.49 6.59 -9.37
C GLU C 425 46.35 8.10 -9.55
N ASN C 426 46.71 8.57 -10.74
CA ASN C 426 46.66 9.99 -11.03
C ASN C 426 45.25 10.57 -11.10
N VAL C 427 44.30 9.76 -11.56
CA VAL C 427 42.88 10.15 -11.51
C VAL C 427 42.46 10.43 -10.07
N LEU C 428 42.81 9.50 -9.17
CA LEU C 428 42.47 9.64 -7.75
C LEU C 428 43.16 10.87 -7.15
N LYS C 429 44.41 11.11 -7.55
CA LYS C 429 45.15 12.27 -7.07
C LYS C 429 44.49 13.57 -7.53
N GLU C 430 44.03 13.62 -8.77
CA GLU C 430 43.32 14.81 -9.28
C GLU C 430 42.03 15.04 -8.49
N ILE C 431 41.26 13.97 -8.28
CA ILE C 431 39.99 14.06 -7.57
C ILE C 431 40.17 14.56 -6.13
N ALA C 432 41.24 14.11 -5.49
CA ALA C 432 41.53 14.44 -4.10
C ALA C 432 41.82 15.93 -3.86
N LYS C 433 42.22 16.66 -4.90
CA LYS C 433 42.50 18.09 -4.73
C LYS C 433 41.27 18.86 -4.25
N ALA C 434 40.16 18.74 -4.97
CA ALA C 434 38.92 19.44 -4.59
C ALA C 434 38.11 18.68 -3.53
N GLY C 435 38.30 17.36 -3.49
CA GLY C 435 37.61 16.51 -2.50
C GLY C 435 36.11 16.52 -2.61
N ARG C 436 35.58 16.72 -3.83
CA ARG C 436 34.13 16.84 -4.04
CA ARG C 436 34.14 16.84 -4.01
C ARG C 436 33.43 15.49 -3.95
N LEU C 437 34.19 14.42 -4.16
CA LEU C 437 33.73 13.06 -3.85
C LEU C 437 34.90 12.30 -3.26
N PHE C 438 34.61 11.23 -2.52
CA PHE C 438 35.64 10.46 -1.85
C PHE C 438 35.62 9.03 -2.37
N LEU C 439 36.73 8.61 -2.96
CA LEU C 439 36.94 7.27 -3.50
C LEU C 439 38.23 6.71 -2.92
N ILE C 440 38.28 5.40 -2.70
CA ILE C 440 39.54 4.74 -2.32
C ILE C 440 39.77 3.53 -3.21
N PRO C 441 41.05 3.12 -3.35
CA PRO C 441 41.35 2.02 -4.25
C PRO C 441 41.49 0.68 -3.53
N ALA C 442 41.55 -0.38 -4.33
CA ALA C 442 41.88 -1.72 -3.85
C ALA C 442 42.71 -2.41 -4.93
N THR C 443 43.00 -3.69 -4.73
CA THR C 443 43.87 -4.45 -5.64
C THR C 443 43.22 -5.75 -6.10
N ILE C 444 43.39 -6.04 -7.39
CA ILE C 444 43.14 -7.37 -7.93
C ILE C 444 44.45 -7.87 -8.52
N GLN C 445 44.96 -8.97 -7.99
CA GLN C 445 46.23 -9.53 -8.47
C GLN C 445 47.28 -8.42 -8.44
N ASP C 446 47.61 -7.81 -9.58
CA ASP C 446 48.52 -6.66 -9.62
C ASP C 446 47.88 -5.41 -10.23
N LYS C 447 46.56 -5.42 -10.37
CA LYS C 447 45.85 -4.29 -10.92
C LYS C 447 45.23 -3.43 -9.80
N LEU C 448 45.57 -2.15 -9.81
CA LEU C 448 44.92 -1.18 -8.95
C LEU C 448 43.53 -0.89 -9.50
N ILE C 449 42.54 -0.87 -8.63
CA ILE C 449 41.16 -0.56 -9.03
C ILE C 449 40.61 0.54 -8.14
N ILE C 450 39.69 1.33 -8.70
CA ILE C 450 38.94 2.29 -7.91
C ILE C 450 37.66 1.60 -7.48
N ARG C 451 37.33 1.70 -6.20
CA ARG C 451 36.03 1.27 -5.69
C ARG C 451 35.06 2.46 -5.68
N PHE C 452 33.83 2.24 -6.14
CA PHE C 452 32.75 3.23 -6.05
C PHE C 452 31.58 2.60 -5.31
N THR C 453 31.36 3.02 -4.07
CA THR C 453 30.27 2.53 -3.24
C THR C 453 29.16 3.55 -3.19
N VAL C 454 27.95 3.11 -3.54
CA VAL C 454 26.76 3.93 -3.34
C VAL C 454 26.45 3.92 -1.84
N THR C 455 26.27 5.10 -1.26
CA THR C 455 26.11 5.21 0.18
C THR C 455 24.74 5.77 0.56
N SER C 456 24.62 7.09 0.59
CA SER C 456 23.45 7.76 1.17
C SER C 456 22.14 7.18 0.67
N GLN C 457 21.19 6.98 1.58
CA GLN C 457 19.82 6.61 1.24
C GLN C 457 19.14 7.67 0.37
N PHE C 458 19.69 8.88 0.32
CA PHE C 458 19.11 9.97 -0.45
C PHE C 458 19.77 10.17 -1.83
N THR C 459 20.72 9.30 -2.17
CA THR C 459 21.39 9.35 -3.47
C THR C 459 20.36 9.28 -4.59
N THR C 460 20.51 10.17 -5.58
CA THR C 460 19.67 10.19 -6.77
C THR C 460 20.53 9.96 -7.99
N ARG C 461 19.88 9.81 -9.15
CA ARG C 461 20.62 9.69 -10.41
C ARG C 461 21.46 10.95 -10.68
N ASP C 462 20.95 12.11 -10.27
CA ASP C 462 21.70 13.36 -10.46
C ASP C 462 23.04 13.29 -9.74
N ASP C 463 23.00 12.75 -8.52
CA ASP C 463 24.21 12.57 -7.70
C ASP C 463 25.21 11.63 -8.37
N ILE C 464 24.71 10.51 -8.87
CA ILE C 464 25.57 9.51 -9.53
C ILE C 464 26.24 10.10 -10.78
N LEU C 465 25.46 10.77 -11.62
CA LEU C 465 26.00 11.35 -12.85
C LEU C 465 27.00 12.46 -12.54
N ARG C 466 26.70 13.27 -11.52
CA ARG C 466 27.57 14.34 -11.09
C ARG C 466 28.95 13.77 -10.73
N ASP C 467 28.95 12.69 -9.98
CA ASP C 467 30.18 12.07 -9.51
C ASP C 467 30.91 11.33 -10.64
N TRP C 468 30.17 10.65 -11.51
CA TRP C 468 30.79 10.07 -12.69
C TRP C 468 31.44 11.14 -13.55
N ASN C 469 30.77 12.28 -13.73
CA ASN C 469 31.33 13.34 -14.57
C ASN C 469 32.60 13.94 -13.98
N LEU C 470 32.70 14.00 -12.65
CA LEU C 470 33.94 14.41 -11.99
C LEU C 470 35.07 13.39 -12.23
N ILE C 471 34.73 12.11 -12.17
CA ILE C 471 35.68 11.03 -12.42
C ILE C 471 36.14 11.05 -13.88
N ARG C 472 35.18 11.18 -14.79
CA ARG C 472 35.51 11.24 -16.22
C ARG C 472 36.33 12.48 -16.56
N ASP C 473 35.98 13.62 -15.95
CA ASP C 473 36.73 14.87 -16.20
C ASP C 473 38.18 14.75 -15.73
N ALA C 474 38.37 14.09 -14.59
CA ALA C 474 39.73 13.80 -14.08
C ALA C 474 40.48 12.86 -15.03
N ALA C 475 39.78 11.87 -15.56
CA ALA C 475 40.35 10.95 -16.55
C ALA C 475 40.76 11.68 -17.82
N THR C 476 39.88 12.57 -18.30
CA THR C 476 40.17 13.33 -19.51
C THR C 476 41.43 14.18 -19.33
N LEU C 477 41.54 14.85 -18.19
CA LEU C 477 42.73 15.63 -17.87
C LEU C 477 43.98 14.74 -17.86
N ILE C 478 43.91 13.67 -17.08
CA ILE C 478 45.04 12.72 -16.96
C ILE C 478 45.43 12.09 -18.30
N LEU C 479 44.43 11.81 -19.15
CA LEU C 479 44.69 11.21 -20.46
C LEU C 479 45.19 12.23 -21.50
N SER C 480 45.16 13.53 -21.15
CA SER C 480 45.71 14.58 -22.01
C SER C 480 47.14 14.95 -21.62
N GLN C 481 47.53 14.64 -20.40
CA GLN C 481 48.86 14.97 -19.88
C GLN C 481 49.93 13.99 -20.41
N GLY D 4 5.04 6.41 3.28
CA GLY D 4 6.22 7.29 3.54
C GLY D 4 6.67 7.25 4.99
N SER D 5 7.97 7.42 5.19
CA SER D 5 8.59 7.40 6.51
C SER D 5 9.03 8.80 6.92
N MET D 6 9.55 8.92 8.15
CA MET D 6 9.89 10.21 8.75
C MET D 6 10.66 11.16 7.84
N GLU D 7 10.15 12.39 7.73
CA GLU D 7 10.76 13.43 6.92
C GLU D 7 11.45 14.46 7.81
N PRO D 8 12.28 15.35 7.22
CA PRO D 8 13.07 16.27 8.03
C PRO D 8 12.28 17.12 9.02
N GLU D 9 11.13 17.65 8.62
CA GLU D 9 10.35 18.49 9.54
C GLU D 9 9.73 17.68 10.67
N GLU D 10 9.43 16.41 10.41
CA GLU D 10 8.95 15.50 11.43
C GLU D 10 10.08 15.15 12.40
N TYR D 11 11.30 15.00 11.89
CA TYR D 11 12.46 14.85 12.78
C TYR D 11 12.62 16.04 13.73
N ARG D 12 12.51 17.26 13.22
CA ARG D 12 12.66 18.45 14.06
C ARG D 12 11.64 18.46 15.19
N GLU D 13 10.40 18.08 14.88
CA GLU D 13 9.31 18.04 15.86
CA GLU D 13 9.32 18.02 15.86
C GLU D 13 9.55 16.92 16.88
N ARG D 14 9.91 15.73 16.41
CA ARG D 14 10.12 14.59 17.30
C ARG D 14 11.40 14.72 18.11
N GLY D 15 12.40 15.39 17.54
CA GLY D 15 13.62 15.71 18.28
C GLY D 15 13.33 16.62 19.45
N ARG D 16 12.47 17.61 19.24
CA ARG D 16 12.05 18.49 20.32
C ARG D 16 11.26 17.73 21.37
N GLU D 17 10.38 16.84 20.93
CA GLU D 17 9.61 15.99 21.83
C GLU D 17 10.54 15.12 22.68
N MET D 18 11.61 14.61 22.08
CA MET D 18 12.55 13.74 22.79
C MET D 18 13.36 14.54 23.80
N VAL D 19 13.84 15.71 23.38
CA VAL D 19 14.57 16.58 24.30
C VAL D 19 13.71 16.89 25.54
N ASP D 20 12.44 17.23 25.31
CA ASP D 20 11.55 17.50 26.44
C ASP D 20 11.28 16.27 27.28
N TYR D 21 11.06 15.13 26.64
CA TYR D 21 10.90 13.87 27.36
C TYR D 21 12.12 13.59 28.25
N ILE D 22 13.32 13.74 27.68
CA ILE D 22 14.56 13.49 28.40
C ILE D 22 14.71 14.41 29.62
N CYS D 23 14.41 15.69 29.42
CA CYS D 23 14.54 16.66 30.49
C CYS D 23 13.65 16.26 31.66
N GLN D 24 12.41 15.91 31.36
CA GLN D 24 11.46 15.47 32.37
C GLN D 24 11.89 14.16 33.01
N TYR D 25 12.35 13.21 32.20
CA TYR D 25 12.76 11.91 32.70
C TYR D 25 13.88 12.05 33.72
N LEU D 26 14.95 12.74 33.33
CA LEU D 26 16.12 12.91 34.21
C LEU D 26 15.81 13.79 35.42
N SER D 27 14.91 14.76 35.26
CA SER D 27 14.54 15.66 36.36
C SER D 27 13.67 15.01 37.43
N THR D 28 12.88 14.00 37.05
CA THR D 28 11.92 13.38 37.97
C THR D 28 12.28 11.93 38.33
N VAL D 29 13.51 11.53 38.03
CA VAL D 29 13.94 10.12 38.13
C VAL D 29 13.77 9.53 39.55
N ARG D 30 13.86 10.37 40.59
CA ARG D 30 13.64 9.89 41.98
C ARG D 30 12.28 9.24 42.19
N GLU D 31 11.29 9.66 41.41
CA GLU D 31 9.92 9.17 41.54
C GLU D 31 9.80 7.70 41.10
N ARG D 32 10.77 7.23 40.32
CA ARG D 32 10.76 5.87 39.77
C ARG D 32 11.21 4.85 40.81
N ARG D 33 10.60 3.67 40.77
CA ARG D 33 11.16 2.49 41.38
C ARG D 33 12.46 2.19 40.63
N VAL D 34 13.59 2.09 41.33
CA VAL D 34 14.90 1.95 40.67
C VAL D 34 15.05 0.61 39.94
N THR D 35 14.65 -0.47 40.59
CA THR D 35 14.69 -1.80 39.97
C THR D 35 13.26 -2.22 39.68
N PRO D 36 12.99 -2.70 38.46
CA PRO D 36 11.63 -3.01 38.04
C PRO D 36 11.12 -4.35 38.58
N ASP D 37 9.83 -4.42 38.86
CA ASP D 37 9.21 -5.65 39.33
C ASP D 37 8.80 -6.45 38.10
N VAL D 38 9.78 -7.08 37.46
CA VAL D 38 9.52 -7.94 36.29
C VAL D 38 10.25 -9.27 36.45
N GLN D 39 9.78 -10.27 35.72
CA GLN D 39 10.41 -11.57 35.67
C GLN D 39 11.04 -11.79 34.30
N PRO D 40 12.09 -12.62 34.22
CA PRO D 40 12.66 -12.91 32.91
C PRO D 40 11.63 -13.39 31.90
N GLY D 41 11.72 -12.87 30.68
CA GLY D 41 10.78 -13.21 29.61
C GLY D 41 9.56 -12.31 29.49
N TYR D 42 9.44 -11.33 30.38
CA TYR D 42 8.27 -10.44 30.46
C TYR D 42 7.96 -9.69 29.15
N LEU D 43 8.99 -9.38 28.35
CA LEU D 43 8.81 -8.48 27.21
C LEU D 43 8.24 -9.14 25.96
N ARG D 44 8.61 -10.40 25.74
CA ARG D 44 8.31 -11.12 24.49
CA ARG D 44 8.32 -11.11 24.49
C ARG D 44 6.86 -10.99 24.06
N ALA D 45 5.94 -11.33 24.97
CA ALA D 45 4.51 -11.34 24.66
C ALA D 45 3.89 -9.95 24.52
N GLN D 46 4.63 -8.90 24.84
CA GLN D 46 4.15 -7.53 24.66
C GLN D 46 4.42 -6.97 23.26
N LEU D 47 5.28 -7.65 22.49
CA LEU D 47 5.75 -7.17 21.20
C LEU D 47 5.23 -8.09 20.10
N PRO D 48 4.96 -7.54 18.90
CA PRO D 48 4.69 -8.43 17.78
C PRO D 48 5.86 -9.39 17.55
N GLU D 49 5.57 -10.58 17.03
CA GLU D 49 6.62 -11.57 16.76
C GLU D 49 7.44 -11.21 15.51
N SER D 50 6.97 -10.25 14.72
CA SER D 50 7.72 -9.82 13.54
C SER D 50 7.72 -8.31 13.40
N ALA D 51 8.76 -7.81 12.74
CA ALA D 51 8.87 -6.39 12.41
C ALA D 51 7.68 -5.95 11.58
N PRO D 52 7.33 -4.66 11.65
CA PRO D 52 6.21 -4.18 10.84
C PRO D 52 6.62 -3.98 9.38
N GLU D 53 5.74 -4.36 8.46
CA GLU D 53 6.00 -4.20 7.04
C GLU D 53 5.94 -2.73 6.62
N ASP D 54 4.97 -2.01 7.17
CA ASP D 54 4.81 -0.58 6.93
C ASP D 54 5.29 0.23 8.14
N PRO D 55 5.58 1.54 7.94
CA PRO D 55 6.02 2.35 9.06
C PRO D 55 5.02 2.38 10.21
N ASP D 56 5.49 2.12 11.44
CA ASP D 56 4.70 2.38 12.63
C ASP D 56 4.60 3.89 12.82
N SER D 57 3.56 4.35 13.49
CA SER D 57 3.40 5.77 13.73
C SER D 57 4.37 6.19 14.82
N TRP D 58 4.86 7.42 14.73
CA TRP D 58 5.74 7.92 15.79
C TRP D 58 5.02 8.17 17.10
N ASP D 59 3.72 8.42 17.05
CA ASP D 59 2.93 8.49 18.29
C ASP D 59 3.03 7.16 19.03
N SER D 60 2.95 6.06 18.28
CA SER D 60 3.03 4.72 18.86
CA SER D 60 3.03 4.73 18.87
C SER D 60 4.43 4.43 19.39
N ILE D 61 5.45 4.77 18.61
CA ILE D 61 6.84 4.56 19.02
C ILE D 61 7.17 5.32 20.31
N PHE D 62 6.88 6.63 20.33
CA PHE D 62 7.09 7.47 21.52
CA PHE D 62 7.12 7.45 21.51
C PHE D 62 6.28 6.97 22.69
N GLY D 63 5.04 6.59 22.43
CA GLY D 63 4.17 6.05 23.44
C GLY D 63 4.71 4.78 24.08
N ASP D 64 5.45 3.99 23.30
CA ASP D 64 6.03 2.75 23.80
C ASP D 64 7.24 2.97 24.72
N ILE D 65 7.73 4.20 24.84
CA ILE D 65 8.80 4.48 25.80
C ILE D 65 8.32 4.15 27.22
N GLU D 66 7.22 4.74 27.66
CA GLU D 66 6.66 4.43 28.98
C GLU D 66 5.90 3.12 29.01
N ARG D 67 5.26 2.77 27.90
CA ARG D 67 4.38 1.63 27.86
CA ARG D 67 4.37 1.61 27.84
C ARG D 67 5.15 0.31 27.77
N ILE D 68 6.26 0.32 27.02
CA ILE D 68 7.02 -0.90 26.74
C ILE D 68 8.44 -0.92 27.32
N ILE D 69 9.19 0.17 27.15
CA ILE D 69 10.61 0.16 27.55
C ILE D 69 10.79 0.35 29.05
N MET D 70 10.27 1.45 29.59
CA MET D 70 10.57 1.85 30.97
C MET D 70 10.20 0.82 32.05
N PRO D 71 9.11 0.05 31.86
CA PRO D 71 8.78 -0.93 32.91
C PRO D 71 9.84 -1.99 33.21
N GLY D 72 10.79 -2.19 32.30
CA GLY D 72 11.88 -3.14 32.50
C GLY D 72 13.25 -2.50 32.71
N VAL D 73 13.28 -1.19 32.82
CA VAL D 73 14.55 -0.45 32.97
C VAL D 73 14.97 -0.34 34.43
N VAL D 74 16.26 -0.53 34.68
CA VAL D 74 16.87 -0.11 35.94
C VAL D 74 17.34 1.32 35.75
N HIS D 75 16.91 2.20 36.65
CA HIS D 75 17.17 3.63 36.48
C HIS D 75 18.51 4.02 37.08
N TRP D 76 19.55 3.77 36.29
CA TRP D 76 20.94 4.05 36.65
C TRP D 76 21.21 5.52 36.99
N GLN D 77 20.36 6.44 36.50
CA GLN D 77 20.53 7.86 36.81
C GLN D 77 19.79 8.27 38.07
N SER D 78 19.15 7.34 38.75
CA SER D 78 18.50 7.66 40.02
C SER D 78 19.52 7.89 41.13
N PRO D 79 19.31 8.96 41.93
CA PRO D 79 20.09 9.10 43.16
C PRO D 79 19.95 7.87 44.09
N HIS D 80 18.89 7.08 43.92
CA HIS D 80 18.66 5.87 44.71
C HIS D 80 19.26 4.60 44.07
N MET D 81 19.93 4.75 42.94
CA MET D 81 20.79 3.70 42.42
C MET D 81 22.08 3.72 43.24
N HIS D 82 22.39 2.59 43.89
CA HIS D 82 23.60 2.47 44.70
C HIS D 82 24.39 1.18 44.41
N ALA D 83 24.01 0.51 43.33
CA ALA D 83 24.63 -0.74 42.92
C ALA D 83 25.87 -0.49 42.06
N TYR D 84 26.76 -1.47 42.04
CA TYR D 84 27.89 -1.49 41.11
C TYR D 84 28.75 -0.25 41.36
N TYR D 85 29.26 0.37 40.30
CA TYR D 85 29.80 1.72 40.42
C TYR D 85 28.87 2.64 39.61
N PRO D 86 29.01 3.95 39.78
CA PRO D 86 28.11 4.81 39.01
C PRO D 86 28.33 4.68 37.52
N ALA D 87 27.31 4.98 36.72
CA ALA D 87 27.50 5.24 35.29
C ALA D 87 26.63 6.44 34.98
N LEU D 88 27.25 7.61 34.92
CA LEU D 88 26.50 8.86 34.87
C LEU D 88 26.46 9.50 33.49
N THR D 89 25.27 9.95 33.12
CA THR D 89 25.09 10.79 31.96
C THR D 89 25.04 12.25 32.42
N SER D 90 25.02 13.18 31.46
CA SER D 90 24.85 14.60 31.74
C SER D 90 24.38 15.29 30.49
N TRP D 91 23.76 16.46 30.66
CA TRP D 91 23.24 17.21 29.51
C TRP D 91 24.30 17.42 28.40
N PRO D 92 25.50 17.91 28.76
CA PRO D 92 26.51 18.14 27.70
C PRO D 92 26.91 16.87 26.96
N SER D 93 26.94 15.75 27.67
CA SER D 93 27.31 14.47 27.07
C SER D 93 26.27 14.10 26.02
N LEU D 94 24.99 14.28 26.37
CA LEU D 94 23.90 14.04 25.42
C LEU D 94 24.04 14.87 24.15
N LEU D 95 24.29 16.16 24.31
CA LEU D 95 24.36 17.08 23.18
C LEU D 95 25.55 16.75 22.26
N GLY D 96 26.69 16.41 22.85
CA GLY D 96 27.87 16.04 22.09
C GLY D 96 27.64 14.82 21.21
N ASP D 97 27.06 13.77 21.78
CA ASP D 97 26.80 12.55 21.02
C ASP D 97 25.73 12.74 19.96
N MET D 98 24.79 13.66 20.20
CA MET D 98 23.80 13.99 19.16
C MET D 98 24.50 14.40 17.87
N LEU D 99 25.51 15.27 17.99
CA LEU D 99 26.30 15.71 16.84
C LEU D 99 27.08 14.54 16.21
N ALA D 100 27.79 13.78 17.05
CA ALA D 100 28.57 12.63 16.57
C ALA D 100 27.71 11.63 15.80
N ASP D 101 26.55 11.30 16.38
CA ASP D 101 25.61 10.36 15.75
C ASP D 101 25.09 10.83 14.38
N ALA D 102 24.95 12.15 14.20
CA ALA D 102 24.50 12.74 12.95
C ALA D 102 25.59 12.73 11.88
N ILE D 103 26.81 13.13 12.26
CA ILE D 103 27.94 13.07 11.34
C ILE D 103 28.19 11.61 10.97
N ASN D 104 28.17 10.75 11.99
CA ASN D 104 28.39 9.30 11.84
C ASN D 104 29.59 8.98 10.96
N CYS D 105 30.72 9.59 11.26
CA CYS D 105 31.96 9.25 10.59
C CYS D 105 32.63 8.11 11.33
N LEU D 106 33.54 7.41 10.66
CA LEU D 106 34.33 6.37 11.31
C LEU D 106 35.79 6.76 11.23
N GLY D 107 36.53 6.45 12.29
CA GLY D 107 37.90 6.93 12.44
C GLY D 107 38.96 5.85 12.58
N PHE D 108 38.85 4.79 11.78
CA PHE D 108 39.84 3.71 11.84
C PHE D 108 41.25 4.19 11.44
N THR D 109 41.31 5.14 10.52
CA THR D 109 42.55 5.80 10.15
C THR D 109 42.38 7.31 10.25
N TRP D 110 43.49 8.03 10.29
CA TRP D 110 43.42 9.48 10.24
C TRP D 110 42.61 9.93 9.02
N ALA D 111 42.89 9.32 7.87
CA ALA D 111 42.25 9.70 6.60
C ALA D 111 40.74 9.48 6.60
N SER D 112 40.26 8.45 7.29
CA SER D 112 38.83 8.13 7.22
C SER D 112 37.95 9.24 7.85
N SER D 113 38.51 10.00 8.79
CA SER D 113 37.94 11.28 9.27
C SER D 113 38.93 11.97 10.22
N PRO D 114 39.77 12.88 9.70
CA PRO D 114 40.81 13.50 10.52
C PRO D 114 40.33 14.02 11.88
N ALA D 115 39.18 14.70 11.89
CA ALA D 115 38.65 15.27 13.12
C ALA D 115 38.43 14.23 14.22
N CYS D 116 37.96 13.05 13.83
CA CYS D 116 37.68 11.98 14.79
C CYS D 116 38.94 11.59 15.56
N THR D 117 40.08 11.57 14.85
CA THR D 117 41.34 11.25 15.45
C THR D 117 41.95 12.44 16.18
N GLU D 118 41.96 13.62 15.56
CA GLU D 118 42.66 14.75 16.17
C GLU D 118 41.96 15.34 17.38
N LEU D 119 40.64 15.39 17.39
CA LEU D 119 39.95 15.85 18.61
C LEU D 119 40.27 14.89 19.76
N GLU D 120 40.25 13.60 19.47
CA GLU D 120 40.53 12.58 20.47
C GLU D 120 41.95 12.70 21.04
N MET D 121 42.95 12.91 20.18
CA MET D 121 44.33 13.03 20.63
C MET D 121 44.47 14.22 21.58
N ASN D 122 43.86 15.33 21.20
CA ASN D 122 43.96 16.55 21.98
C ASN D 122 43.23 16.48 23.30
N VAL D 123 42.04 15.89 23.29
CA VAL D 123 41.24 15.76 24.50
C VAL D 123 41.83 14.71 25.44
N MET D 124 42.41 13.66 24.88
CA MET D 124 43.07 12.67 25.74
C MET D 124 44.30 13.25 26.45
N ASP D 125 45.03 14.16 25.77
CA ASP D 125 46.10 14.92 26.44
C ASP D 125 45.55 15.82 27.55
N TRP D 126 44.48 16.55 27.26
CA TRP D 126 43.78 17.33 28.30
C TRP D 126 43.52 16.45 29.51
N LEU D 127 42.96 15.28 29.26
CA LEU D 127 42.46 14.41 30.33
C LEU D 127 43.62 13.82 31.13
N ALA D 128 44.69 13.40 30.45
CA ALA D 128 45.93 12.99 31.13
C ALA D 128 46.45 14.08 32.09
N LYS D 129 46.52 15.32 31.63
CA LYS D 129 46.91 16.42 32.50
C LYS D 129 45.94 16.60 33.67
N MET D 130 44.64 16.48 33.40
CA MET D 130 43.61 16.61 34.44
C MET D 130 43.75 15.56 35.56
N LEU D 131 44.20 14.37 35.20
CA LEU D 131 44.36 13.25 36.12
C LEU D 131 45.72 13.27 36.85
N GLY D 132 46.63 14.12 36.40
CA GLY D 132 48.00 14.15 36.93
C GLY D 132 48.84 12.99 36.43
N LEU D 133 48.54 12.47 35.24
CA LEU D 133 49.34 11.38 34.67
C LEU D 133 50.68 11.91 34.16
N PRO D 134 51.70 11.03 34.11
CA PRO D 134 52.99 11.41 33.55
C PRO D 134 52.88 11.93 32.12
N GLU D 135 53.77 12.87 31.79
CA GLU D 135 53.79 13.46 30.47
C GLU D 135 54.15 12.46 29.37
N HIS D 136 54.74 11.32 29.72
CA HIS D 136 55.02 10.28 28.73
C HIS D 136 53.75 9.56 28.23
N PHE D 137 52.58 9.92 28.77
CA PHE D 137 51.30 9.45 28.24
C PHE D 137 50.66 10.45 27.27
N LEU D 138 51.36 11.53 26.95
CA LEU D 138 50.82 12.57 26.07
C LEU D 138 51.20 12.36 24.61
N HIS D 139 50.23 12.52 23.72
CA HIS D 139 50.50 12.50 22.28
C HIS D 139 51.46 13.61 21.87
N HIS D 140 51.26 14.79 22.43
CA HIS D 140 51.86 16.00 21.87
C HIS D 140 53.03 16.56 22.64
N HIS D 141 53.48 15.85 23.66
CA HIS D 141 54.73 16.22 24.30
C HIS D 141 55.84 15.74 23.38
N PRO D 142 56.78 16.63 23.02
CA PRO D 142 57.81 16.24 22.04
C PRO D 142 58.73 15.12 22.52
N SER D 143 58.76 14.88 23.83
CA SER D 143 59.63 13.87 24.41
C SER D 143 58.91 12.55 24.66
N SER D 144 57.61 12.50 24.36
CA SER D 144 56.78 11.31 24.59
C SER D 144 56.75 10.42 23.36
N GLN D 145 56.60 9.12 23.56
CA GLN D 145 56.25 8.20 22.49
C GLN D 145 55.00 7.41 22.85
N GLY D 146 54.18 8.01 23.73
CA GLY D 146 52.96 7.39 24.21
C GLY D 146 51.74 8.19 23.78
N GLY D 147 50.60 7.86 24.36
CA GLY D 147 49.37 8.55 24.01
C GLY D 147 48.16 7.85 24.60
N GLY D 148 47.04 8.57 24.62
CA GLY D 148 45.77 8.04 25.07
C GLY D 148 44.84 7.78 23.91
N VAL D 149 44.09 6.69 24.01
CA VAL D 149 43.08 6.33 23.02
C VAL D 149 41.83 5.93 23.79
N LEU D 150 40.67 6.33 23.26
CA LEU D 150 39.41 5.94 23.87
C LEU D 150 39.09 4.50 23.49
N GLN D 151 38.47 3.79 24.43
CA GLN D 151 37.99 2.43 24.25
C GLN D 151 36.56 2.37 24.78
N SER D 152 35.90 1.23 24.65
CA SER D 152 34.53 1.08 25.12
C SER D 152 34.39 0.66 26.58
N THR D 153 35.40 -0.03 27.10
CA THR D 153 35.37 -0.58 28.45
C THR D 153 36.78 -0.70 29.02
N VAL D 154 36.86 -0.69 30.34
CA VAL D 154 38.10 -1.01 31.02
C VAL D 154 38.47 -2.47 30.73
N SER D 155 37.46 -3.34 30.68
CA SER D 155 37.66 -4.76 30.34
C SER D 155 38.51 -4.92 29.09
N GLU D 156 38.12 -4.23 28.02
CA GLU D 156 38.84 -4.35 26.75
C GLU D 156 40.22 -3.71 26.84
N SER D 157 40.31 -2.61 27.58
CA SER D 157 41.59 -1.92 27.77
C SER D 157 42.60 -2.82 28.49
N THR D 158 42.15 -3.49 29.54
CA THR D 158 43.01 -4.41 30.29
C THR D 158 43.42 -5.59 29.40
N LEU D 159 42.50 -6.11 28.60
CA LEU D 159 42.81 -7.19 27.66
C LEU D 159 43.89 -6.74 26.67
N ILE D 160 43.74 -5.53 26.14
CA ILE D 160 44.71 -5.01 25.16
C ILE D 160 46.09 -4.87 25.80
N ALA D 161 46.13 -4.37 27.02
CA ALA D 161 47.40 -4.25 27.75
C ALA D 161 48.08 -5.62 27.90
N LEU D 162 47.29 -6.61 28.29
CA LEU D 162 47.81 -7.98 28.41
C LEU D 162 48.24 -8.53 27.06
N LEU D 163 47.43 -8.29 26.02
CA LEU D 163 47.81 -8.74 24.67
C LEU D 163 49.12 -8.11 24.19
N ALA D 164 49.29 -6.82 24.44
CA ALA D 164 50.52 -6.09 24.08
C ALA D 164 51.70 -6.62 24.89
N ALA D 165 51.49 -6.83 26.18
CA ALA D 165 52.52 -7.38 27.07
C ALA D 165 53.01 -8.75 26.60
N ARG D 166 52.09 -9.65 26.32
CA ARG D 166 52.49 -11.01 25.94
C ARG D 166 53.08 -11.06 24.54
N LYS D 167 52.55 -10.27 23.60
CA LYS D 167 53.15 -10.21 22.26
C LYS D 167 54.60 -9.71 22.34
N ASN D 168 54.83 -8.67 23.13
CA ASN D 168 56.17 -8.11 23.28
C ASN D 168 57.17 -9.13 23.85
N LYS D 169 56.76 -9.84 24.92
CA LYS D 169 57.63 -10.85 25.53
C LYS D 169 57.84 -12.04 24.60
N ILE D 170 56.79 -12.45 23.89
CA ILE D 170 56.91 -13.58 22.97
C ILE D 170 57.91 -13.27 21.84
N LEU D 171 57.85 -12.06 21.31
CA LEU D 171 58.80 -11.63 20.27
C LEU D 171 60.23 -11.70 20.78
N GLU D 172 60.43 -11.25 22.01
CA GLU D 172 61.73 -11.32 22.66
C GLU D 172 62.19 -12.77 22.84
N MET D 173 61.28 -13.63 23.28
CA MET D 173 61.57 -15.06 23.45
C MET D 173 61.92 -15.75 22.13
N LYS D 174 61.27 -15.35 21.05
CA LYS D 174 61.54 -15.93 19.73
C LYS D 174 62.96 -15.67 19.26
N THR D 175 63.57 -14.57 19.73
CA THR D 175 64.92 -14.23 19.28
C THR D 175 65.95 -15.24 19.76
N SER D 176 65.66 -15.99 20.82
CA SER D 176 66.52 -17.09 21.27
C SER D 176 65.91 -18.49 21.08
N GLU D 177 64.62 -18.57 20.78
CA GLU D 177 63.94 -19.82 20.40
C GLU D 177 63.13 -19.59 19.12
N PRO D 178 63.82 -19.43 17.98
CA PRO D 178 63.16 -19.07 16.73
C PRO D 178 62.23 -20.14 16.15
N ASP D 179 62.44 -21.42 16.46
CA ASP D 179 61.56 -22.47 15.96
C ASP D 179 60.29 -22.66 16.79
N ALA D 180 60.19 -21.96 17.92
CA ALA D 180 59.04 -22.15 18.82
C ALA D 180 57.81 -21.38 18.33
N ASP D 181 56.66 -22.04 18.38
CA ASP D 181 55.37 -21.44 18.06
C ASP D 181 55.03 -20.38 19.12
N GLU D 182 54.42 -19.28 18.69
CA GLU D 182 54.03 -18.20 19.62
C GLU D 182 53.15 -18.70 20.76
N SER D 183 52.23 -19.59 20.42
CA SER D 183 51.29 -20.14 21.38
C SER D 183 51.99 -21.08 22.38
N SER D 184 53.04 -21.77 21.93
CA SER D 184 53.87 -22.58 22.82
C SER D 184 54.64 -21.71 23.81
N LEU D 185 55.23 -20.62 23.31
CA LEU D 185 55.92 -19.67 24.19
C LEU D 185 54.96 -19.01 25.17
N ASN D 186 53.75 -18.70 24.69
CA ASN D 186 52.70 -18.12 25.52
C ASN D 186 52.35 -19.00 26.73
N ALA D 187 52.45 -20.31 26.55
CA ALA D 187 52.17 -21.28 27.61
C ALA D 187 53.07 -21.13 28.85
N ARG D 188 54.25 -20.55 28.69
CA ARG D 188 55.18 -20.32 29.81
C ARG D 188 54.90 -19.08 30.62
N LEU D 189 54.06 -18.19 30.08
CA LEU D 189 53.85 -16.87 30.69
C LEU D 189 52.94 -16.94 31.90
N VAL D 190 53.12 -15.98 32.82
CA VAL D 190 52.21 -15.84 33.95
C VAL D 190 51.99 -14.35 34.24
N ALA D 191 50.74 -14.00 34.51
CA ALA D 191 50.32 -12.62 34.77
C ALA D 191 49.77 -12.57 36.17
N TYR D 192 49.84 -11.40 36.81
CA TYR D 192 49.45 -11.25 38.22
C TYR D 192 48.47 -10.10 38.43
N ALA D 193 47.67 -10.23 39.47
CA ALA D 193 46.83 -9.14 39.96
C ALA D 193 46.42 -9.46 41.39
N SER D 194 45.88 -8.46 42.08
CA SER D 194 45.31 -8.66 43.41
C SER D 194 44.16 -9.67 43.41
N ASP D 195 43.97 -10.40 44.50
CA ASP D 195 42.75 -11.21 44.64
C ASP D 195 41.48 -10.35 44.76
N GLN D 196 41.64 -9.02 44.84
CA GLN D 196 40.52 -8.08 44.78
C GLN D 196 40.29 -7.51 43.37
N ALA D 197 41.13 -7.90 42.41
CA ALA D 197 41.03 -7.38 41.06
C ALA D 197 39.69 -7.75 40.45
N HIS D 198 39.21 -6.87 39.56
CA HIS D 198 37.92 -7.05 38.93
C HIS D 198 37.94 -8.29 38.03
N SER D 199 36.79 -8.91 37.83
CA SER D 199 36.71 -10.15 37.05
C SER D 199 37.22 -10.04 35.61
N SER D 200 37.28 -8.82 35.08
CA SER D 200 37.86 -8.57 33.76
C SER D 200 39.32 -8.98 33.65
N VAL D 201 40.05 -9.03 34.76
CA VAL D 201 41.44 -9.48 34.72
C VAL D 201 41.48 -10.99 34.48
N GLU D 202 40.72 -11.75 35.27
CA GLU D 202 40.53 -13.18 35.03
C GLU D 202 40.04 -13.46 33.61
N LYS D 203 39.06 -12.69 33.16
CA LYS D 203 38.48 -12.89 31.85
C LYS D 203 39.50 -12.63 30.73
N ALA D 204 40.35 -11.62 30.90
CA ALA D 204 41.44 -11.38 29.94
C ALA D 204 42.37 -12.60 29.84
N GLY D 205 42.68 -13.21 30.98
CA GLY D 205 43.49 -14.43 30.97
C GLY D 205 42.79 -15.58 30.25
N LEU D 206 41.51 -15.75 30.52
CA LEU D 206 40.70 -16.78 29.88
C LEU D 206 40.67 -16.61 28.34
N ILE D 207 40.53 -15.37 27.90
CA ILE D 207 40.45 -15.04 26.48
C ILE D 207 41.79 -15.28 25.77
N SER D 208 42.87 -14.85 26.43
CA SER D 208 44.22 -14.88 25.84
C SER D 208 44.98 -16.19 26.09
N LEU D 209 44.40 -17.07 26.90
CA LEU D 209 45.06 -18.30 27.37
C LEU D 209 46.38 -18.01 28.10
N VAL D 210 46.43 -16.88 28.82
CA VAL D 210 47.58 -16.55 29.65
C VAL D 210 47.24 -16.91 31.08
N LYS D 211 48.13 -17.68 31.73
CA LYS D 211 47.94 -18.05 33.12
C LYS D 211 47.91 -16.80 34.01
N MET D 212 46.91 -16.73 34.88
CA MET D 212 46.70 -15.59 35.77
C MET D 212 46.75 -16.08 37.20
N LYS D 213 47.57 -15.44 38.02
CA LYS D 213 47.63 -15.75 39.44
C LYS D 213 47.22 -14.55 40.26
N PHE D 214 46.31 -14.79 41.19
CA PHE D 214 45.75 -13.72 42.01
C PHE D 214 46.38 -13.74 43.39
N LEU D 215 47.00 -12.62 43.75
CA LEU D 215 47.88 -12.55 44.91
C LEU D 215 47.15 -12.05 46.16
N PRO D 216 47.61 -12.48 47.34
CA PRO D 216 46.99 -12.06 48.59
C PRO D 216 47.25 -10.58 48.90
N VAL D 217 46.34 -9.97 49.68
CA VAL D 217 46.41 -8.56 50.00
C VAL D 217 46.62 -8.35 51.51
N ASP D 218 46.95 -7.12 51.88
CA ASP D 218 47.20 -6.81 53.30
C ASP D 218 45.88 -6.52 54.04
N ASP D 219 45.99 -6.01 55.27
CA ASP D 219 44.81 -5.72 56.10
C ASP D 219 43.95 -4.57 55.56
N ASN D 220 44.52 -3.77 54.66
CA ASN D 220 43.78 -2.72 53.96
C ASN D 220 43.29 -3.18 52.59
N PHE D 221 43.44 -4.48 52.32
CA PHE D 221 43.06 -5.11 51.05
C PHE D 221 43.84 -4.56 49.85
N SER D 222 45.08 -4.11 50.11
CA SER D 222 46.02 -3.66 49.08
C SER D 222 47.00 -4.76 48.70
N LEU D 223 47.26 -4.88 47.40
CA LEU D 223 48.40 -5.68 46.94
C LEU D 223 49.69 -4.94 47.26
N ARG D 224 50.61 -5.64 47.91
CA ARG D 224 51.88 -5.08 48.35
C ARG D 224 53.05 -5.68 47.56
N GLY D 225 54.15 -4.93 47.48
CA GLY D 225 55.34 -5.38 46.76
C GLY D 225 55.86 -6.74 47.20
N GLU D 226 55.80 -6.99 48.51
CA GLU D 226 56.29 -8.26 49.07
C GLU D 226 55.61 -9.48 48.44
N ALA D 227 54.30 -9.39 48.26
CA ALA D 227 53.52 -10.50 47.69
C ALA D 227 53.88 -10.73 46.23
N LEU D 228 54.12 -9.65 45.49
CA LEU D 228 54.50 -9.75 44.07
C LEU D 228 55.90 -10.34 43.96
N GLN D 229 56.83 -9.82 44.75
CA GLN D 229 58.22 -10.30 44.71
C GLN D 229 58.27 -11.81 44.97
N LYS D 230 57.57 -12.25 46.00
CA LYS D 230 57.49 -13.67 46.36
C LYS D 230 56.96 -14.53 45.21
N ALA D 231 55.86 -14.10 44.60
CA ALA D 231 55.23 -14.85 43.52
C ALA D 231 56.14 -14.96 42.29
N ILE D 232 56.79 -13.84 41.93
CA ILE D 232 57.71 -13.82 40.80
C ILE D 232 58.84 -14.84 41.00
N GLU D 233 59.41 -14.85 42.20
CA GLU D 233 60.50 -15.78 42.52
C GLU D 233 60.07 -17.23 42.42
N GLU D 234 58.93 -17.55 43.03
CA GLU D 234 58.41 -18.92 43.02
C GLU D 234 58.04 -19.43 41.63
N ASP D 235 57.49 -18.54 40.79
CA ASP D 235 57.13 -18.90 39.42
C ASP D 235 58.33 -19.03 38.50
N LYS D 236 59.31 -18.14 38.66
CA LYS D 236 60.59 -18.27 37.94
C LYS D 236 61.28 -19.60 38.31
N GLN D 237 61.18 -20.01 39.57
CA GLN D 237 61.73 -21.30 40.01
C GLN D 237 61.03 -22.47 39.31
N ARG D 238 59.74 -22.31 39.04
CA ARG D 238 58.94 -23.32 38.33
C ARG D 238 59.15 -23.34 36.81
N GLY D 239 59.95 -22.41 36.29
CA GLY D 239 60.16 -22.29 34.84
C GLY D 239 59.12 -21.44 34.14
N LEU D 240 58.25 -20.78 34.90
CA LEU D 240 57.27 -19.85 34.32
C LEU D 240 57.93 -18.50 34.05
N VAL D 241 57.31 -17.70 33.20
CA VAL D 241 57.88 -16.41 32.78
C VAL D 241 56.90 -15.27 33.12
N PRO D 242 57.12 -14.58 34.26
CA PRO D 242 56.30 -13.42 34.61
C PRO D 242 56.30 -12.36 33.52
N VAL D 243 55.12 -11.85 33.18
CA VAL D 243 54.97 -10.99 32.01
C VAL D 243 54.18 -9.70 32.26
N PHE D 244 53.27 -9.70 33.24
CA PHE D 244 52.25 -8.66 33.35
C PHE D 244 51.72 -8.59 34.78
N VAL D 245 51.51 -7.37 35.26
CA VAL D 245 50.88 -7.13 36.54
C VAL D 245 49.77 -6.11 36.32
N CYS D 246 48.57 -6.42 36.81
CA CYS D 246 47.53 -5.41 36.91
C CYS D 246 47.40 -4.94 38.35
N ALA D 247 47.71 -3.68 38.58
CA ALA D 247 47.49 -3.01 39.86
C ALA D 247 46.18 -2.23 39.77
N THR D 248 45.34 -2.39 40.80
CA THR D 248 44.02 -1.80 40.81
C THR D 248 43.97 -0.62 41.79
N LEU D 249 43.53 0.53 41.29
CA LEU D 249 43.26 1.69 42.13
C LEU D 249 41.75 1.90 42.21
N GLY D 250 41.16 1.48 43.32
CA GLY D 250 39.72 1.53 43.54
C GLY D 250 39.06 0.21 43.19
N THR D 251 39.36 -0.81 43.98
CA THR D 251 38.86 -2.16 43.71
C THR D 251 37.33 -2.18 43.81
N THR D 252 36.72 -3.10 43.08
CA THR D 252 35.26 -3.19 42.98
C THR D 252 34.58 -3.40 44.32
N GLY D 253 35.07 -4.36 45.09
CA GLY D 253 34.40 -4.78 46.32
C GLY D 253 34.32 -3.70 47.37
N VAL D 254 35.47 -3.16 47.76
CA VAL D 254 35.57 -2.21 48.87
C VAL D 254 36.34 -0.92 48.54
N CYS D 255 36.67 -0.74 47.26
CA CYS D 255 37.44 0.44 46.83
C CYS D 255 38.74 0.60 47.62
N ALA D 256 39.54 -0.47 47.61
CA ALA D 256 40.91 -0.45 48.11
C ALA D 256 41.86 -0.02 47.00
N PHE D 257 43.13 0.23 47.35
CA PHE D 257 44.12 0.71 46.40
C PHE D 257 45.41 -0.10 46.55
N ASP D 258 45.87 -0.70 45.45
CA ASP D 258 47.15 -1.40 45.45
C ASP D 258 48.30 -0.42 45.63
N LEU D 260 51.14 1.08 44.53
CA LEU D 260 51.93 1.36 43.32
C LEU D 260 53.36 1.76 43.61
N SER D 261 53.59 2.47 44.72
CA SER D 261 54.94 2.84 45.15
C SER D 261 55.86 1.62 45.27
N GLU D 262 55.29 0.50 45.67
CA GLU D 262 56.06 -0.73 45.88
C GLU D 262 56.07 -1.61 44.63
N LEU D 263 54.90 -1.71 43.98
CA LEU D 263 54.77 -2.55 42.81
C LEU D 263 55.56 -2.01 41.60
N GLY D 264 55.61 -0.69 41.47
CA GLY D 264 56.23 -0.06 40.30
C GLY D 264 57.70 -0.40 40.13
N PRO D 265 58.52 -0.11 41.15
CA PRO D 265 59.94 -0.48 41.13
C PRO D 265 60.20 -1.95 40.78
N ILE D 266 59.39 -2.86 41.31
CA ILE D 266 59.53 -4.28 41.02
C ILE D 266 59.25 -4.57 39.56
N CYS D 267 58.15 -4.04 39.03
CA CYS D 267 57.82 -4.26 37.64
C CYS D 267 58.91 -3.69 36.73
N ALA D 268 59.43 -2.51 37.07
CA ALA D 268 60.47 -1.85 36.29
C ALA D 268 61.73 -2.72 36.21
N ARG D 269 62.26 -3.10 37.36
CA ARG D 269 63.51 -3.85 37.36
C ARG D 269 63.35 -5.30 36.87
N GLU D 270 62.14 -5.87 36.98
CA GLU D 270 61.88 -7.23 36.49
C GLU D 270 61.31 -7.28 35.07
N GLY D 271 61.13 -6.13 34.44
CA GLY D 271 60.67 -6.07 33.05
C GLY D 271 59.25 -6.57 32.83
N LEU D 272 58.38 -6.35 33.82
CA LEU D 272 56.96 -6.74 33.72
C LEU D 272 56.12 -5.55 33.29
N TRP D 273 55.22 -5.76 32.34
CA TRP D 273 54.24 -4.74 31.94
C TRP D 273 53.33 -4.44 33.14
N LEU D 274 53.33 -3.19 33.59
CA LEU D 274 52.50 -2.75 34.70
C LEU D 274 51.31 -1.96 34.15
N HIS D 275 50.12 -2.54 34.32
CA HIS D 275 48.87 -1.92 33.86
C HIS D 275 48.06 -1.49 35.06
N ILE D 276 47.57 -0.25 35.05
CA ILE D 276 46.75 0.27 36.14
C ILE D 276 45.27 0.26 35.76
N ASP D 277 44.46 -0.45 36.54
CA ASP D 277 43.01 -0.42 36.41
C ASP D 277 42.50 0.54 37.46
N ALA D 278 42.09 1.73 37.03
CA ALA D 278 41.51 2.73 37.93
C ALA D 278 40.09 3.08 37.48
N ALA D 279 39.35 2.07 37.00
CA ALA D 279 38.02 2.27 36.36
C ALA D 279 37.18 3.37 37.03
N TYR D 280 36.92 3.20 38.31
CA TYR D 280 36.09 4.13 39.09
C TYR D 280 36.91 5.29 39.66
N ALA D 281 37.93 4.95 40.44
CA ALA D 281 38.66 5.93 41.24
C ALA D 281 39.46 6.94 40.42
N GLY D 282 39.75 6.59 39.15
CA GLY D 282 40.43 7.49 38.24
C GLY D 282 39.87 8.89 38.23
N THR D 283 38.55 9.01 38.23
CA THR D 283 37.89 10.31 38.21
C THR D 283 38.29 11.15 39.41
N ALA D 284 38.53 10.52 40.56
CA ALA D 284 38.95 11.24 41.78
C ALA D 284 40.28 11.94 41.60
N PHE D 285 41.12 11.43 40.70
CA PHE D 285 42.43 12.05 40.46
C PHE D 285 42.35 13.41 39.77
N LEU D 286 41.15 13.82 39.35
CA LEU D 286 40.91 15.20 38.95
C LEU D 286 41.18 16.18 40.10
N CYS D 287 41.05 15.69 41.34
CA CYS D 287 41.28 16.48 42.54
C CYS D 287 42.66 16.16 43.10
N PRO D 288 43.53 17.16 43.24
CA PRO D 288 44.89 16.86 43.69
C PRO D 288 44.97 16.12 45.03
N GLU D 289 44.02 16.37 45.92
CA GLU D 289 44.08 15.79 47.26
C GLU D 289 43.83 14.29 47.30
N PHE D 290 43.33 13.71 46.21
CA PHE D 290 43.17 12.25 46.12
C PHE D 290 44.32 11.56 45.38
N ARG D 291 45.34 12.31 44.96
CA ARG D 291 46.40 11.72 44.15
C ARG D 291 47.46 10.96 44.95
N GLY D 292 47.33 10.91 46.27
CA GLY D 292 48.18 10.05 47.10
C GLY D 292 48.15 8.60 46.63
N PHE D 293 46.97 8.15 46.19
CA PHE D 293 46.79 6.79 45.71
C PHE D 293 47.47 6.55 44.35
N LEU D 294 47.80 7.63 43.64
CA LEU D 294 48.42 7.55 42.33
C LEU D 294 49.95 7.53 42.40
N LYS D 295 50.51 7.71 43.60
CA LYS D 295 51.95 7.70 43.79
C LYS D 295 52.56 6.41 43.22
N GLY D 296 53.59 6.56 42.38
CA GLY D 296 54.20 5.43 41.67
C GLY D 296 53.71 5.27 40.23
N ILE D 297 52.78 6.13 39.81
CA ILE D 297 52.21 6.08 38.44
C ILE D 297 53.27 6.16 37.35
N GLU D 298 54.40 6.81 37.66
CA GLU D 298 55.52 6.92 36.72
C GLU D 298 56.12 5.58 36.28
N TYR D 299 55.84 4.50 37.03
CA TYR D 299 56.28 3.16 36.63
C TYR D 299 55.32 2.41 35.70
N ALA D 300 54.12 2.96 35.48
CA ALA D 300 53.09 2.27 34.70
C ALA D 300 53.41 2.26 33.21
N ASP D 301 53.22 1.12 32.57
CA ASP D 301 53.27 1.02 31.12
C ASP D 301 51.92 1.38 30.49
N SER D 302 50.85 1.22 31.27
CA SER D 302 49.54 1.63 30.81
C SER D 302 48.63 1.99 31.98
N PHE D 303 47.60 2.77 31.66
CA PHE D 303 46.66 3.25 32.66
C PHE D 303 45.28 3.33 32.00
N THR D 304 44.24 2.89 32.71
CA THR D 304 42.87 3.04 32.23
C THR D 304 41.93 3.47 33.33
N PHE D 305 40.96 4.32 32.97
CA PHE D 305 39.83 4.60 33.85
C PHE D 305 38.60 4.90 33.00
N ASN D 306 37.44 4.90 33.65
CA ASN D 306 36.18 5.17 32.96
C ASN D 306 35.58 6.54 33.31
N PRO D 307 35.73 7.52 32.39
CA PRO D 307 34.87 8.69 32.47
C PRO D 307 33.39 8.29 32.51
N SER D 308 33.07 7.15 31.90
CA SER D 308 31.73 6.57 31.87
C SER D 308 31.26 6.02 33.21
N LYS D 309 32.06 6.13 34.26
CA LYS D 309 31.57 5.78 35.60
C LYS D 309 31.15 7.04 36.34
N TRP D 310 32.14 7.83 36.74
CA TRP D 310 31.90 8.92 37.68
C TRP D 310 32.07 10.33 37.08
N MET D 311 32.53 10.44 35.84
CA MET D 311 32.86 11.76 35.28
C MET D 311 31.77 12.40 34.42
N MET D 312 30.58 11.79 34.40
CA MET D 312 29.37 12.34 33.76
C MET D 312 29.40 12.31 32.23
N VAL D 313 30.18 11.39 31.68
CA VAL D 313 30.10 11.06 30.26
C VAL D 313 29.33 9.77 30.13
N HIS D 314 28.27 9.77 29.33
CA HIS D 314 27.49 8.54 29.16
C HIS D 314 28.29 7.47 28.43
N PHE D 315 27.93 6.23 28.70
CA PHE D 315 28.67 5.08 28.20
C PHE D 315 28.40 4.91 26.69
N ASP D 316 29.39 4.57 25.85
CA ASP D 316 30.75 4.13 26.22
C ASP D 316 31.79 5.26 26.15
N CYS D 317 32.72 5.26 27.10
CA CYS D 317 33.84 6.19 27.12
C CYS D 317 34.86 5.75 28.15
N THR D 318 35.85 5.01 27.71
CA THR D 318 36.96 4.55 28.55
C THR D 318 38.24 5.17 28.04
N GLY D 319 39.06 5.68 28.96
CA GLY D 319 40.38 6.21 28.60
C GLY D 319 41.44 5.13 28.80
N PHE D 320 42.30 4.97 27.80
CA PHE D 320 43.42 4.01 27.85
C PHE D 320 44.69 4.70 27.36
N TRP D 321 45.69 4.78 28.23
CA TRP D 321 46.96 5.42 27.90
C TRP D 321 48.09 4.40 27.93
N VAL D 322 48.99 4.50 26.97
CA VAL D 322 50.21 3.69 26.95
C VAL D 322 51.43 4.59 26.86
N LYS D 323 52.52 4.11 27.44
CA LYS D 323 53.80 4.79 27.41
C LYS D 323 54.51 4.61 26.07
N ASP D 324 54.34 3.46 25.45
CA ASP D 324 55.02 3.13 24.20
C ASP D 324 54.01 2.71 23.16
N LYS D 325 53.58 3.65 22.34
CA LYS D 325 52.57 3.37 21.32
C LYS D 325 53.06 2.39 20.25
N TYR D 326 54.38 2.31 20.05
CA TYR D 326 54.92 1.39 19.04
C TYR D 326 54.75 -0.06 19.52
N LYS D 327 55.00 -0.30 20.80
CA LYS D 327 54.70 -1.59 21.43
C LYS D 327 53.25 -1.97 21.29
N LEU D 328 52.38 -0.99 21.50
CA LEU D 328 50.97 -1.24 21.36
C LEU D 328 50.64 -1.65 19.92
N GLN D 329 51.18 -0.91 18.96
CA GLN D 329 50.82 -1.10 17.56
C GLN D 329 51.44 -2.36 16.92
N GLN D 330 52.49 -2.93 17.52
CA GLN D 330 53.04 -4.21 17.04
C GLN D 330 52.15 -5.41 17.44
N THR D 331 51.19 -5.18 18.34
CA THR D 331 50.29 -6.23 18.78
C THR D 331 49.25 -6.58 17.72
N PHE D 332 48.82 -5.57 16.97
CA PHE D 332 47.59 -5.62 16.20
C PHE D 332 47.74 -5.39 14.71
N SER D 333 48.95 -5.11 14.24
CA SER D 333 49.10 -4.46 12.94
C SER D 333 48.71 -5.34 11.75
N VAL D 334 47.83 -4.80 10.92
CA VAL D 334 47.56 -5.34 9.58
C VAL D 334 47.61 -4.17 8.59
N ASN D 335 47.89 -4.45 7.32
CA ASN D 335 48.19 -3.39 6.35
C ASN D 335 47.56 -3.62 4.97
N PRO D 336 46.22 -3.80 4.92
CA PRO D 336 45.58 -3.99 3.62
C PRO D 336 45.60 -2.70 2.80
N ILE D 337 45.73 -2.84 1.48
CA ILE D 337 45.87 -1.67 0.60
C ILE D 337 44.65 -0.75 0.69
N TYR D 338 43.48 -1.31 0.92
CA TYR D 338 42.25 -0.52 0.98
C TYR D 338 42.12 0.37 2.24
N LEU D 339 43.05 0.26 3.18
CA LEU D 339 43.09 1.14 4.35
C LEU D 339 44.31 2.09 4.33
N ARG D 340 45.16 1.95 3.32
CA ARG D 340 46.36 2.80 3.22
C ARG D 340 45.99 4.19 2.76
N HIS D 341 46.73 5.18 3.25
CA HIS D 341 46.55 6.54 2.82
C HIS D 341 47.89 7.27 2.76
N ALA D 342 47.88 8.44 2.12
CA ALA D 342 49.09 9.19 1.82
C ALA D 342 49.89 9.57 3.07
N ASN D 343 49.20 9.65 4.21
CA ASN D 343 49.85 9.99 5.47
C ASN D 343 50.04 8.79 6.41
N SER D 344 49.91 7.57 5.88
CA SER D 344 50.23 6.33 6.62
C SER D 344 51.72 6.37 7.00
N GLY D 345 52.01 6.58 8.28
CA GLY D 345 53.40 6.67 8.75
C GLY D 345 53.68 7.92 9.58
N VAL D 346 53.03 9.02 9.24
CA VAL D 346 53.13 10.28 9.98
C VAL D 346 51.92 10.48 10.90
N ALA D 347 50.74 10.22 10.35
CA ALA D 347 49.48 10.39 11.07
C ALA D 347 49.20 9.21 12.01
N THR D 348 48.40 9.47 13.04
CA THR D 348 47.96 8.43 13.96
C THR D 348 46.76 7.69 13.39
N ASP D 349 46.87 6.37 13.26
CA ASP D 349 45.76 5.52 12.81
C ASP D 349 45.36 4.65 13.99
N PHE D 350 44.23 4.98 14.62
CA PHE D 350 43.87 4.36 15.88
C PHE D 350 43.41 2.90 15.75
N MET D 351 43.19 2.41 14.52
CA MET D 351 42.89 0.99 14.37
C MET D 351 44.00 0.12 14.96
N HIS D 352 45.23 0.60 14.93
CA HIS D 352 46.37 -0.17 15.44
C HIS D 352 46.48 -0.14 16.97
N TRP D 353 45.60 0.60 17.63
CA TRP D 353 45.59 0.77 19.09
C TRP D 353 44.39 0.09 19.73
N GLN D 354 43.73 -0.80 18.99
CA GLN D 354 42.49 -1.39 19.46
C GLN D 354 42.23 -2.73 18.76
N ILE D 355 41.25 -3.47 19.27
CA ILE D 355 40.88 -4.75 18.68
C ILE D 355 40.17 -4.59 17.32
N PRO D 356 39.11 -3.78 17.27
CA PRO D 356 38.36 -3.73 16.02
C PRO D 356 38.96 -2.80 14.95
N LEU D 357 38.32 -2.78 13.79
CA LEU D 357 38.64 -1.78 12.78
C LEU D 357 37.87 -0.49 13.06
N SER D 358 36.56 -0.50 12.87
CA SER D 358 35.76 0.71 12.99
C SER D 358 35.79 1.27 14.42
N ARG D 359 35.72 2.59 14.51
CA ARG D 359 35.54 3.28 15.78
C ARG D 359 34.83 4.59 15.49
N ARG D 360 34.11 5.09 16.49
CA ARG D 360 33.29 6.28 16.29
C ARG D 360 33.86 7.49 17.02
N PHE D 361 33.17 8.62 16.80
CA PHE D 361 33.63 9.93 17.21
C PHE D 361 33.22 10.18 18.67
N ARG D 362 33.73 9.35 19.57
CA ARG D 362 33.35 9.43 20.98
C ARG D 362 33.92 10.67 21.68
N SER D 363 34.90 11.33 21.06
CA SER D 363 35.57 12.44 21.74
C SER D 363 34.72 13.71 21.80
N VAL D 364 33.69 13.82 20.97
CA VAL D 364 32.83 15.01 21.01
C VAL D 364 32.13 15.14 22.36
N LYS D 365 31.49 14.07 22.83
CA LYS D 365 30.78 14.12 24.12
C LYS D 365 31.75 14.38 25.29
N LEU D 366 32.93 13.77 25.23
CA LEU D 366 33.95 13.98 26.27
C LEU D 366 34.39 15.45 26.30
N TRP D 367 34.64 16.00 25.13
CA TRP D 367 35.03 17.40 24.97
C TRP D 367 33.94 18.33 25.51
N PHE D 368 32.70 18.05 25.15
CA PHE D 368 31.55 18.84 25.61
C PHE D 368 31.39 18.80 27.13
N VAL D 369 31.57 17.62 27.73
CA VAL D 369 31.44 17.49 29.19
C VAL D 369 32.53 18.31 29.88
N ILE D 370 33.77 18.18 29.42
CA ILE D 370 34.87 18.89 30.05
C ILE D 370 34.71 20.41 29.90
N ARG D 371 34.31 20.86 28.72
CA ARG D 371 34.13 22.29 28.47
C ARG D 371 32.92 22.89 29.18
N SER D 372 31.83 22.14 29.22
CA SER D 372 30.58 22.66 29.76
C SER D 372 30.62 22.76 31.28
N PHE D 373 31.26 21.78 31.91
CA PHE D 373 31.48 21.82 33.36
C PHE D 373 32.69 22.66 33.72
N GLY D 374 33.77 22.52 32.96
CA GLY D 374 35.08 23.03 33.38
C GLY D 374 35.66 22.16 34.48
N VAL D 375 36.99 22.21 34.62
CA VAL D 375 37.69 21.38 35.60
C VAL D 375 37.17 21.62 37.02
N LYS D 376 36.97 22.88 37.40
CA LYS D 376 36.60 23.18 38.79
C LYS D 376 35.27 22.53 39.20
N ASN D 377 34.28 22.56 38.31
CA ASN D 377 32.98 21.94 38.60
C ASN D 377 33.03 20.41 38.59
N LEU D 378 33.87 19.83 37.73
CA LEU D 378 34.14 18.39 37.78
C LEU D 378 34.76 17.99 39.13
N GLN D 379 35.72 18.80 39.61
CA GLN D 379 36.31 18.56 40.93
C GLN D 379 35.27 18.71 42.04
N ALA D 380 34.38 19.71 41.91
CA ALA D 380 33.34 19.93 42.92
C ALA D 380 32.37 18.74 42.98
N HIS D 381 32.10 18.16 41.83
CA HIS D 381 31.26 16.96 41.74
C HIS D 381 31.89 15.78 42.49
N VAL D 382 33.18 15.52 42.24
CA VAL D 382 33.87 14.43 42.94
C VAL D 382 33.84 14.65 44.46
N ARG D 383 34.13 15.88 44.86
CA ARG D 383 34.19 16.22 46.28
C ARG D 383 32.81 16.06 46.93
N HIS D 384 31.77 16.46 46.21
CA HIS D 384 30.41 16.35 46.71
C HIS D 384 29.96 14.88 46.87
N GLY D 385 30.23 14.08 45.85
CA GLY D 385 29.93 12.64 45.92
C GLY D 385 30.62 11.98 47.10
N THR D 386 31.89 12.35 47.32
CA THR D 386 32.64 11.81 48.46
C THR D 386 32.07 12.30 49.78
N GLU D 387 31.62 13.55 49.83
CA GLU D 387 30.97 14.08 51.04
C GLU D 387 29.65 13.37 51.32
N MET D 388 28.91 13.02 50.26
CA MET D 388 27.67 12.26 50.45
C MET D 388 27.96 10.87 51.03
N ALA D 389 29.03 10.23 50.58
CA ALA D 389 29.47 8.94 51.12
C ALA D 389 29.95 9.07 52.57
N LYS D 390 30.66 10.14 52.88
CA LYS D 390 31.08 10.45 54.26
C LYS D 390 29.89 10.57 55.20
N TYR D 391 28.86 11.24 54.71
CA TYR D 391 27.63 11.42 55.44
C TYR D 391 26.96 10.07 55.67
N PHE D 392 26.83 9.27 54.61
CA PHE D 392 26.28 7.93 54.75
C PHE D 392 27.07 7.10 55.77
N GLU D 393 28.39 7.16 55.68
CA GLU D 393 29.25 6.47 56.63
C GLU D 393 28.95 6.91 58.07
N SER D 394 28.77 8.22 58.27
CA SER D 394 28.48 8.73 59.62
C SER D 394 27.15 8.18 60.14
N LEU D 395 26.18 7.97 59.25
CA LEU D 395 24.88 7.41 59.64
C LEU D 395 25.02 5.97 60.09
N VAL D 396 25.78 5.19 59.32
CA VAL D 396 26.03 3.78 59.68
C VAL D 396 26.75 3.69 61.01
N ARG D 397 27.78 4.53 61.17
CA ARG D 397 28.64 4.49 62.34
C ARG D 397 27.88 4.84 63.64
N ASN D 398 26.80 5.60 63.51
CA ASN D 398 25.96 5.96 64.66
C ASN D 398 24.99 4.85 65.09
N ASP D 399 24.93 3.78 64.31
CA ASP D 399 24.01 2.70 64.59
C ASP D 399 24.79 1.45 65.00
N PRO D 400 24.76 1.11 66.29
CA PRO D 400 25.60 0.01 66.79
C PRO D 400 25.18 -1.39 66.34
N SER D 401 24.06 -1.51 65.62
CA SER D 401 23.70 -2.78 64.98
C SER D 401 24.56 -3.11 63.75
N PHE D 402 25.23 -2.10 63.20
CA PHE D 402 26.01 -2.25 61.97
C PHE D 402 27.50 -2.12 62.21
N GLU D 403 28.28 -2.60 61.25
CA GLU D 403 29.73 -2.41 61.26
C GLU D 403 30.22 -2.07 59.86
N ILE D 404 31.39 -1.44 59.79
CA ILE D 404 32.00 -1.04 58.53
C ILE D 404 33.38 -1.72 58.42
N PRO D 405 33.45 -2.82 57.65
CA PRO D 405 34.69 -3.63 57.67
C PRO D 405 35.81 -3.21 56.70
N ALA D 406 35.61 -2.12 55.97
CA ALA D 406 36.68 -1.54 55.16
C ALA D 406 36.57 -0.02 55.12
N LYS D 407 37.71 0.64 54.95
CA LYS D 407 37.77 2.10 54.93
C LYS D 407 37.11 2.70 53.69
N ARG D 408 36.38 3.79 53.89
CA ARG D 408 35.84 4.57 52.78
C ARG D 408 36.83 5.64 52.37
N HIS D 409 37.35 5.54 51.15
CA HIS D 409 38.25 6.55 50.59
C HIS D 409 37.56 7.54 49.66
N LEU D 410 36.50 7.08 48.99
CA LEU D 410 35.81 7.89 47.98
C LEU D 410 34.29 7.77 48.17
N GLY D 411 33.56 7.35 47.13
CA GLY D 411 32.09 7.38 47.17
C GLY D 411 31.41 6.05 47.48
N LEU D 412 32.20 5.04 47.84
CA LEU D 412 31.68 3.71 48.18
C LEU D 412 31.87 3.45 49.67
N VAL D 413 30.78 3.10 50.35
CA VAL D 413 30.82 2.66 51.74
C VAL D 413 30.35 1.20 51.76
N VAL D 414 31.08 0.36 52.49
CA VAL D 414 30.65 -1.02 52.68
C VAL D 414 30.27 -1.25 54.14
N PHE D 415 29.23 -2.03 54.36
CA PHE D 415 28.70 -2.24 55.70
C PHE D 415 27.90 -3.54 55.79
N ARG D 416 27.67 -3.98 57.02
CA ARG D 416 26.85 -5.16 57.26
C ARG D 416 26.27 -5.06 58.66
N LEU D 417 25.22 -5.84 58.92
CA LEU D 417 24.72 -6.02 60.27
C LEU D 417 25.71 -6.89 61.03
N LYS D 418 25.95 -6.57 62.30
CA LYS D 418 26.75 -7.43 63.15
C LYS D 418 26.02 -8.76 63.31
N GLY D 419 26.76 -9.87 63.22
CA GLY D 419 26.18 -11.20 63.35
C GLY D 419 26.37 -12.02 62.08
N PRO D 420 25.66 -13.16 61.99
CA PRO D 420 25.83 -14.05 60.84
C PRO D 420 25.44 -13.39 59.51
N ASN D 421 26.06 -13.87 58.43
CA ASN D 421 25.82 -13.31 57.10
C ASN D 421 24.35 -13.29 56.68
N SER D 422 23.55 -14.23 57.20
CA SER D 422 22.14 -14.33 56.82
C SER D 422 21.32 -13.08 57.15
N LEU D 423 21.65 -12.40 58.25
CA LEU D 423 20.96 -11.15 58.59
C LEU D 423 21.10 -10.11 57.47
N THR D 424 22.33 -9.96 56.98
CA THR D 424 22.63 -9.00 55.91
C THR D 424 22.00 -9.43 54.59
N GLU D 425 22.08 -10.73 54.27
CA GLU D 425 21.41 -11.26 53.08
C GLU D 425 19.90 -11.01 53.11
N ASN D 426 19.28 -11.19 54.27
CA ASN D 426 17.84 -10.99 54.41
C ASN D 426 17.44 -9.51 54.35
N VAL D 427 18.30 -8.63 54.83
CA VAL D 427 18.09 -7.20 54.64
C VAL D 427 18.07 -6.84 53.15
N LEU D 428 19.02 -7.37 52.39
CA LEU D 428 19.05 -7.15 50.94
C LEU D 428 17.77 -7.69 50.29
N LYS D 429 17.38 -8.91 50.65
CA LYS D 429 16.16 -9.49 50.09
C LYS D 429 14.95 -8.63 50.42
N GLU D 430 14.89 -8.09 51.63
CA GLU D 430 13.78 -7.24 52.04
C GLU D 430 13.74 -5.95 51.21
N ILE D 431 14.90 -5.31 51.09
CA ILE D 431 15.00 -4.08 50.29
C ILE D 431 14.59 -4.30 48.83
N ALA D 432 14.94 -5.45 48.27
CA ALA D 432 14.61 -5.78 46.87
C ALA D 432 13.12 -5.89 46.58
N LYS D 433 12.30 -6.12 47.61
CA LYS D 433 10.86 -6.26 47.40
C LYS D 433 10.23 -5.02 46.77
N ALA D 434 10.48 -3.85 47.33
CA ALA D 434 9.93 -2.60 46.81
C ALA D 434 10.85 -1.94 45.77
N GLY D 435 12.13 -2.28 45.79
CA GLY D 435 13.08 -1.77 44.79
C GLY D 435 13.21 -0.25 44.78
N ARG D 436 13.04 0.37 45.93
CA ARG D 436 13.10 1.83 46.05
CA ARG D 436 13.10 1.84 46.04
C ARG D 436 14.54 2.35 46.03
N LEU D 437 15.48 1.46 46.35
CA LEU D 437 16.90 1.70 46.14
C LEU D 437 17.50 0.37 45.67
N PHE D 438 18.59 0.44 44.93
CA PHE D 438 19.25 -0.74 44.39
C PHE D 438 20.63 -0.86 45.03
N LEU D 439 20.84 -1.98 45.72
CA LEU D 439 22.11 -2.31 46.38
C LEU D 439 22.54 -3.71 45.94
N ILE D 440 23.86 -3.95 45.90
CA ILE D 440 24.39 -5.30 45.67
C ILE D 440 25.47 -5.64 46.69
N PRO D 441 25.70 -6.94 46.91
CA PRO D 441 26.68 -7.38 47.89
C PRO D 441 28.07 -7.66 47.31
N ALA D 442 29.03 -7.77 48.21
CA ALA D 442 30.36 -8.29 47.91
C ALA D 442 30.82 -9.12 49.11
N THR D 443 32.01 -9.68 49.02
CA THR D 443 32.59 -10.46 50.11
C THR D 443 33.96 -9.89 50.47
N ILE D 444 34.24 -9.82 51.75
CA ILE D 444 35.62 -9.56 52.21
C ILE D 444 35.94 -10.54 53.33
N GLN D 445 37.04 -11.27 53.17
CA GLN D 445 37.36 -12.40 54.03
C GLN D 445 36.17 -13.37 54.01
N ASP D 446 35.56 -13.70 55.14
CA ASP D 446 34.38 -14.57 55.12
C ASP D 446 33.09 -13.80 55.47
N LYS D 447 33.11 -12.49 55.26
CA LYS D 447 31.97 -11.64 55.61
C LYS D 447 31.24 -11.17 54.35
N LEU D 448 29.92 -11.31 54.36
CA LEU D 448 29.07 -10.71 53.34
C LEU D 448 28.88 -9.24 53.70
N ILE D 449 29.08 -8.37 52.71
CA ILE D 449 28.88 -6.93 52.92
C ILE D 449 27.90 -6.37 51.89
N ILE D 450 27.19 -5.32 52.29
CA ILE D 450 26.40 -4.51 51.38
C ILE D 450 27.27 -3.34 50.91
N ARG D 451 27.32 -3.12 49.60
CA ARG D 451 27.99 -1.96 49.03
C ARG D 451 26.98 -0.84 48.86
N PHE D 452 27.38 0.36 49.26
CA PHE D 452 26.58 1.56 49.02
C PHE D 452 27.42 2.54 48.22
N THR D 453 27.13 2.64 46.93
CA THR D 453 27.82 3.58 46.05
C THR D 453 26.99 4.84 45.84
N VAL D 454 27.59 6.00 46.09
CA VAL D 454 26.97 7.27 45.75
C VAL D 454 27.09 7.45 44.24
N THR D 455 25.98 7.77 43.57
CA THR D 455 25.98 7.80 42.11
C THR D 455 25.66 9.20 41.60
N SER D 456 24.38 9.51 41.44
CA SER D 456 23.97 10.73 40.76
C SER D 456 24.70 11.98 41.23
N GLN D 457 25.10 12.80 40.26
CA GLN D 457 25.65 14.12 40.54
C GLN D 457 24.64 15.03 41.25
N PHE D 458 23.36 14.66 41.20
CA PHE D 458 22.31 15.43 41.88
C PHE D 458 21.94 14.90 43.26
N THR D 459 22.66 13.89 43.74
CA THR D 459 22.43 13.32 45.07
C THR D 459 22.58 14.41 46.13
N THR D 460 21.64 14.45 47.07
CA THR D 460 21.68 15.37 48.19
C THR D 460 21.72 14.57 49.50
N ARG D 461 22.03 15.26 50.59
CA ARG D 461 21.98 14.63 51.91
CA ARG D 461 22.00 14.63 51.91
C ARG D 461 20.61 14.02 52.17
N ASP D 462 19.55 14.71 51.77
CA ASP D 462 18.21 14.18 51.96
C ASP D 462 18.03 12.82 51.26
N ASP D 463 18.56 12.68 50.05
CA ASP D 463 18.48 11.42 49.32
C ASP D 463 19.21 10.30 50.06
N ILE D 464 20.40 10.62 50.57
CA ILE D 464 21.21 9.65 51.30
C ILE D 464 20.47 9.19 52.56
N LEU D 465 19.88 10.14 53.28
CA LEU D 465 19.16 9.84 54.52
C LEU D 465 17.91 9.01 54.24
N ARG D 466 17.20 9.38 53.18
CA ARG D 466 16.01 8.63 52.74
C ARG D 466 16.38 7.17 52.51
N ASP D 467 17.49 6.94 51.82
CA ASP D 467 17.94 5.59 51.54
C ASP D 467 18.44 4.87 52.79
N TRP D 468 19.21 5.56 53.63
CA TRP D 468 19.59 4.97 54.93
C TRP D 468 18.36 4.54 55.74
N ASN D 469 17.31 5.36 55.76
CA ASN D 469 16.11 5.04 56.55
C ASN D 469 15.37 3.82 56.00
N LEU D 470 15.39 3.63 54.68
CA LEU D 470 14.86 2.40 54.08
C LEU D 470 15.69 1.18 54.49
N ILE D 471 17.00 1.37 54.56
CA ILE D 471 17.89 0.31 55.04
C ILE D 471 17.61 0.02 56.52
N ARG D 472 17.47 1.06 57.33
CA ARG D 472 17.19 0.88 58.75
CA ARG D 472 17.15 0.91 58.76
C ARG D 472 15.81 0.22 58.95
N ASP D 473 14.83 0.60 58.14
CA ASP D 473 13.51 -0.04 58.16
C ASP D 473 13.67 -1.54 57.98
N ALA D 474 14.38 -1.93 56.94
CA ALA D 474 14.64 -3.35 56.64
C ALA D 474 15.37 -4.07 57.77
N ALA D 475 16.38 -3.41 58.35
CA ALA D 475 17.16 -3.98 59.44
C ALA D 475 16.29 -4.19 60.69
N THR D 476 15.43 -3.22 60.98
CA THR D 476 14.53 -3.31 62.13
C THR D 476 13.59 -4.51 61.95
N LEU D 477 13.09 -4.67 60.74
CA LEU D 477 12.23 -5.79 60.38
C LEU D 477 12.96 -7.11 60.60
N ILE D 478 14.16 -7.24 60.02
CA ILE D 478 14.95 -8.46 60.10
C ILE D 478 15.37 -8.78 61.54
N LEU D 479 15.78 -7.77 62.29
CA LEU D 479 16.17 -7.97 63.68
C LEU D 479 14.96 -8.27 64.58
N SER D 480 13.77 -7.84 64.15
CA SER D 480 12.50 -8.14 64.85
C SER D 480 11.97 -9.55 64.50
N GLN D 481 12.54 -10.20 63.49
CA GLN D 481 12.19 -11.58 63.14
C GLN D 481 12.84 -12.54 64.14
N GLY E 4 -17.21 9.47 -65.03
CA GLY E 4 -17.70 10.42 -63.99
C GLY E 4 -19.15 10.78 -64.22
N SER E 5 -19.70 11.61 -63.33
CA SER E 5 -21.11 12.02 -63.41
C SER E 5 -21.30 13.55 -63.46
N MET E 6 -21.34 14.20 -62.30
CA MET E 6 -21.59 15.65 -62.21
C MET E 6 -20.57 16.45 -63.02
N GLU E 7 -21.05 17.52 -63.67
CA GLU E 7 -20.20 18.38 -64.51
C GLU E 7 -20.24 19.85 -64.07
N PRO E 8 -19.32 20.69 -64.59
CA PRO E 8 -19.08 22.05 -64.04
C PRO E 8 -20.33 22.92 -63.84
N GLU E 9 -21.23 22.93 -64.81
CA GLU E 9 -22.46 23.74 -64.70
C GLU E 9 -23.39 23.17 -63.63
N GLU E 10 -23.43 21.85 -63.49
CA GLU E 10 -24.21 21.21 -62.43
CA GLU E 10 -24.22 21.24 -62.42
C GLU E 10 -23.60 21.53 -61.07
N TYR E 11 -22.26 21.54 -60.99
CA TYR E 11 -21.59 21.90 -59.74
C TYR E 11 -21.97 23.33 -59.34
N ARG E 12 -21.98 24.26 -60.29
CA ARG E 12 -22.36 25.65 -59.98
C ARG E 12 -23.78 25.73 -59.43
N GLU E 13 -24.68 24.95 -60.01
CA GLU E 13 -26.08 24.90 -59.57
C GLU E 13 -26.20 24.28 -58.17
N ARG E 14 -25.56 23.13 -57.98
CA ARG E 14 -25.63 22.43 -56.70
C ARG E 14 -24.82 23.14 -55.61
N GLY E 15 -23.74 23.82 -56.00
CA GLY E 15 -22.99 24.67 -55.07
C GLY E 15 -23.89 25.77 -54.51
N ARG E 16 -24.65 26.42 -55.38
CA ARG E 16 -25.62 27.44 -54.96
C ARG E 16 -26.69 26.87 -54.05
N GLU E 17 -27.20 25.70 -54.41
CA GLU E 17 -28.20 25.02 -53.58
C GLU E 17 -27.67 24.75 -52.17
N MET E 18 -26.41 24.33 -52.09
CA MET E 18 -25.80 24.01 -50.79
C MET E 18 -25.58 25.28 -49.95
N VAL E 19 -25.08 26.34 -50.59
CA VAL E 19 -24.94 27.64 -49.92
C VAL E 19 -26.29 28.06 -49.32
N ASP E 20 -27.35 27.96 -50.10
CA ASP E 20 -28.67 28.34 -49.64
C ASP E 20 -29.17 27.46 -48.50
N TYR E 21 -28.95 26.16 -48.62
CA TYR E 21 -29.30 25.23 -47.56
C TYR E 21 -28.58 25.58 -46.25
N ILE E 22 -27.28 25.87 -46.35
CA ILE E 22 -26.45 26.21 -45.20
C ILE E 22 -26.92 27.50 -44.54
N CYS E 23 -27.19 28.50 -45.37
CA CYS E 23 -27.67 29.78 -44.85
C CYS E 23 -28.92 29.56 -43.99
N GLN E 24 -29.87 28.81 -44.52
CA GLN E 24 -31.11 28.50 -43.81
C GLN E 24 -30.85 27.65 -42.56
N TYR E 25 -30.03 26.62 -42.70
CA TYR E 25 -29.73 25.73 -41.57
C TYR E 25 -29.17 26.52 -40.39
N LEU E 26 -28.13 27.30 -40.63
CA LEU E 26 -27.47 28.02 -39.55
C LEU E 26 -28.33 29.17 -39.00
N SER E 27 -29.20 29.71 -39.84
CA SER E 27 -30.09 30.81 -39.41
C SER E 27 -31.24 30.32 -38.51
N THR E 28 -31.65 29.07 -38.67
CA THR E 28 -32.84 28.56 -37.97
C THR E 28 -32.52 27.43 -37.00
N VAL E 29 -31.24 27.27 -36.67
CA VAL E 29 -30.79 26.14 -35.87
C VAL E 29 -31.44 26.09 -34.47
N ARG E 30 -31.88 27.24 -33.95
CA ARG E 30 -32.61 27.27 -32.67
C ARG E 30 -33.85 26.38 -32.64
N GLU E 31 -34.50 26.24 -33.80
CA GLU E 31 -35.76 25.51 -33.90
C GLU E 31 -35.58 23.99 -33.79
N ARG E 32 -34.34 23.52 -33.86
CA ARG E 32 -34.04 22.10 -33.87
C ARG E 32 -33.94 21.53 -32.45
N ARG E 33 -34.41 20.31 -32.26
CA ARG E 33 -34.06 19.52 -31.09
C ARG E 33 -32.54 19.32 -31.11
N VAL E 34 -31.85 19.70 -30.04
CA VAL E 34 -30.37 19.69 -30.05
C VAL E 34 -29.79 18.28 -30.09
N THR E 35 -30.32 17.39 -29.25
CA THR E 35 -29.90 15.99 -29.21
C THR E 35 -31.02 15.10 -29.78
N PRO E 36 -30.65 14.20 -30.71
CA PRO E 36 -31.66 13.41 -31.41
C PRO E 36 -32.22 12.25 -30.59
N ASP E 37 -33.49 11.95 -30.80
CA ASP E 37 -34.12 10.81 -30.15
C ASP E 37 -33.89 9.56 -31.01
N VAL E 38 -32.67 9.03 -30.95
CA VAL E 38 -32.32 7.80 -31.66
C VAL E 38 -31.56 6.87 -30.74
N GLN E 39 -31.53 5.59 -31.10
CA GLN E 39 -30.79 4.56 -30.36
C GLN E 39 -29.62 4.09 -31.24
N PRO E 40 -28.53 3.60 -30.61
CA PRO E 40 -27.43 3.08 -31.41
C PRO E 40 -27.87 2.02 -32.41
N GLY E 41 -27.39 2.15 -33.65
CA GLY E 41 -27.77 1.26 -34.74
C GLY E 41 -28.92 1.76 -35.60
N TYR E 42 -29.50 2.91 -35.26
CA TYR E 42 -30.67 3.43 -35.95
C TYR E 42 -30.48 3.60 -37.47
N LEU E 43 -29.27 3.98 -37.89
CA LEU E 43 -29.05 4.38 -39.29
C LEU E 43 -28.98 3.21 -40.28
N ARG E 44 -28.50 2.06 -39.84
CA ARG E 44 -28.24 0.94 -40.74
C ARG E 44 -29.50 0.56 -41.54
N ALA E 45 -30.64 0.53 -40.87
CA ALA E 45 -31.91 0.16 -41.52
C ALA E 45 -32.41 1.21 -42.52
N GLN E 46 -31.84 2.41 -42.46
CA GLN E 46 -32.22 3.53 -43.31
C GLN E 46 -31.30 3.74 -44.52
N LEU E 47 -30.21 2.97 -44.57
CA LEU E 47 -29.25 3.07 -45.64
C LEU E 47 -29.22 1.77 -46.43
N PRO E 48 -28.87 1.85 -47.73
CA PRO E 48 -28.58 0.63 -48.49
C PRO E 48 -27.43 -0.17 -47.89
N GLU E 49 -27.49 -1.49 -47.99
CA GLU E 49 -26.43 -2.36 -47.47
C GLU E 49 -25.13 -2.27 -48.28
N SER E 50 -25.23 -1.83 -49.52
CA SER E 50 -24.08 -1.68 -50.40
C SER E 50 -24.09 -0.34 -51.14
N ALA E 51 -22.91 0.09 -51.57
CA ALA E 51 -22.77 1.26 -52.44
C ALA E 51 -23.55 1.05 -53.75
N PRO E 52 -24.01 2.14 -54.38
CA PRO E 52 -24.74 2.06 -55.62
C PRO E 52 -23.80 1.85 -56.81
N GLU E 53 -24.19 0.94 -57.70
CA GLU E 53 -23.45 0.66 -58.94
C GLU E 53 -23.46 1.88 -59.84
N ASP E 54 -24.68 2.39 -60.08
CA ASP E 54 -24.91 3.57 -60.90
C ASP E 54 -24.98 4.81 -60.01
N PRO E 55 -24.69 5.98 -60.57
CA PRO E 55 -24.81 7.23 -59.81
C PRO E 55 -26.21 7.45 -59.26
N ASP E 56 -26.30 7.80 -57.99
CA ASP E 56 -27.54 8.30 -57.43
C ASP E 56 -27.75 9.72 -57.94
N SER E 57 -29.01 10.13 -58.07
CA SER E 57 -29.31 11.49 -58.52
C SER E 57 -28.91 12.48 -57.44
N TRP E 58 -28.49 13.67 -57.84
CA TRP E 58 -28.17 14.68 -56.84
C TRP E 58 -29.40 15.05 -56.02
N ASP E 59 -30.58 15.06 -56.63
CA ASP E 59 -31.80 15.34 -55.86
C ASP E 59 -31.95 14.35 -54.70
N SER E 60 -31.58 13.10 -54.94
CA SER E 60 -31.68 12.05 -53.91
C SER E 60 -30.63 12.24 -52.81
N ILE E 61 -29.42 12.57 -53.23
CA ILE E 61 -28.32 12.78 -52.28
C ILE E 61 -28.68 13.97 -51.40
N PHE E 62 -29.01 15.09 -52.02
CA PHE E 62 -29.40 16.29 -51.29
C PHE E 62 -30.63 16.07 -50.40
N GLY E 63 -31.61 15.33 -50.92
CA GLY E 63 -32.81 15.01 -50.17
C GLY E 63 -32.54 14.21 -48.91
N ASP E 64 -31.47 13.41 -48.93
CA ASP E 64 -31.13 12.59 -47.77
C ASP E 64 -30.54 13.40 -46.61
N ILE E 65 -30.15 14.66 -46.86
CA ILE E 65 -29.61 15.48 -45.78
C ILE E 65 -30.65 15.58 -44.66
N GLU E 66 -31.85 16.05 -44.98
CA GLU E 66 -32.89 16.14 -43.95
C GLU E 66 -33.53 14.78 -43.67
N ARG E 67 -33.57 13.91 -44.68
CA ARG E 67 -34.32 12.66 -44.51
C ARG E 67 -33.67 11.70 -43.53
N ILE E 68 -32.36 11.49 -43.67
CA ILE E 68 -31.68 10.49 -42.84
C ILE E 68 -30.41 10.96 -42.13
N ILE E 69 -29.81 12.09 -42.52
CA ILE E 69 -28.63 12.59 -41.81
C ILE E 69 -29.01 13.46 -40.61
N MET E 70 -29.78 14.51 -40.82
CA MET E 70 -30.14 15.43 -39.74
C MET E 70 -30.85 14.77 -38.54
N PRO E 71 -31.68 13.73 -38.79
CA PRO E 71 -32.34 13.09 -37.64
C PRO E 71 -31.41 12.46 -36.60
N GLY E 72 -30.14 12.26 -36.95
CA GLY E 72 -29.15 11.72 -36.01
C GLY E 72 -28.05 12.69 -35.62
N VAL E 73 -28.17 13.95 -36.05
CA VAL E 73 -27.16 14.98 -35.77
C VAL E 73 -27.39 15.64 -34.42
N VAL E 74 -26.33 15.85 -33.65
CA VAL E 74 -26.34 16.81 -32.54
C VAL E 74 -25.99 18.18 -33.12
N HIS E 75 -26.86 19.16 -32.89
CA HIS E 75 -26.69 20.48 -33.50
C HIS E 75 -25.79 21.37 -32.66
N TRP E 76 -24.48 21.16 -32.85
CA TRP E 76 -23.43 21.90 -32.17
C TRP E 76 -23.49 23.42 -32.37
N GLN E 77 -24.11 23.89 -33.45
CA GLN E 77 -24.22 25.33 -33.69
C GLN E 77 -25.47 25.96 -33.06
N SER E 78 -26.28 25.16 -32.37
CA SER E 78 -27.43 25.71 -31.65
C SER E 78 -27.00 26.52 -30.42
N PRO E 79 -27.62 27.69 -30.20
CA PRO E 79 -27.45 28.39 -28.92
C PRO E 79 -27.87 27.56 -27.69
N HIS E 80 -28.66 26.52 -27.91
CA HIS E 80 -29.11 25.65 -26.83
C HIS E 80 -28.17 24.45 -26.64
N MET E 81 -27.11 24.38 -27.45
CA MET E 81 -26.02 23.44 -27.20
C MET E 81 -25.22 23.99 -26.03
N HIS E 82 -25.14 23.25 -24.93
CA HIS E 82 -24.34 23.69 -23.79
C HIS E 82 -23.39 22.62 -23.27
N ALA E 83 -23.16 21.59 -24.08
CA ALA E 83 -22.33 20.46 -23.72
C ALA E 83 -20.88 20.73 -24.05
N TYR E 84 -20.00 20.01 -23.37
CA TYR E 84 -18.59 19.99 -23.71
C TYR E 84 -18.05 21.43 -23.65
N TYR E 85 -17.18 21.79 -24.59
CA TYR E 85 -16.86 23.19 -24.81
C TYR E 85 -17.39 23.53 -26.19
N PRO E 86 -17.42 24.82 -26.54
CA PRO E 86 -17.98 25.15 -27.85
C PRO E 86 -17.14 24.57 -28.98
N ALA E 87 -17.77 24.39 -30.14
CA ALA E 87 -17.05 24.19 -31.40
C ALA E 87 -17.81 24.97 -32.44
N LEU E 88 -17.37 26.21 -32.67
CA LEU E 88 -18.13 27.16 -33.47
C LEU E 88 -17.66 27.24 -34.92
N THR E 89 -18.62 27.24 -35.83
CA THR E 89 -18.34 27.57 -37.21
C THR E 89 -18.72 29.03 -37.47
N SER E 90 -18.37 29.53 -38.66
CA SER E 90 -18.78 30.87 -39.09
C SER E 90 -18.71 30.97 -40.60
N TRP E 91 -19.45 31.93 -41.16
CA TRP E 91 -19.52 32.10 -42.62
C TRP E 91 -18.12 32.21 -43.24
N PRO E 92 -17.26 33.09 -42.68
CA PRO E 92 -15.91 33.24 -43.26
C PRO E 92 -15.10 31.95 -43.24
N SER E 93 -15.23 31.18 -42.16
CA SER E 93 -14.54 29.89 -42.03
C SER E 93 -14.95 28.94 -43.16
N LEU E 94 -16.26 28.89 -43.43
CA LEU E 94 -16.81 28.06 -44.50
C LEU E 94 -16.20 28.41 -45.85
N LEU E 95 -16.15 29.71 -46.15
CA LEU E 95 -15.68 30.19 -47.45
C LEU E 95 -14.20 29.92 -47.68
N GLY E 96 -13.39 30.10 -46.64
CA GLY E 96 -11.96 29.80 -46.72
C GLY E 96 -11.66 28.35 -47.04
N ASP E 97 -12.34 27.43 -46.35
CA ASP E 97 -12.09 26.01 -46.55
C ASP E 97 -12.64 25.52 -47.90
N MET E 98 -13.67 26.20 -48.43
CA MET E 98 -14.14 25.88 -49.77
C MET E 98 -13.01 26.03 -50.78
N LEU E 99 -12.25 27.11 -50.65
CA LEU E 99 -11.09 27.34 -51.52
C LEU E 99 -10.03 26.25 -51.28
N ALA E 100 -9.71 25.98 -50.02
CA ALA E 100 -8.67 25.00 -49.69
C ALA E 100 -9.00 23.61 -50.27
N ASP E 101 -10.25 23.19 -50.10
CA ASP E 101 -10.71 21.87 -50.58
C ASP E 101 -10.62 21.73 -52.11
N ALA E 102 -10.82 22.86 -52.80
CA ALA E 102 -10.75 22.93 -54.26
C ALA E 102 -9.32 22.81 -54.77
N ILE E 103 -8.41 23.60 -54.18
CA ILE E 103 -6.99 23.50 -54.53
C ILE E 103 -6.46 22.12 -54.17
N ASN E 104 -6.84 21.64 -52.99
CA ASN E 104 -6.45 20.32 -52.47
C ASN E 104 -4.97 20.03 -52.65
N CYS E 105 -4.13 20.98 -52.23
CA CYS E 105 -2.70 20.77 -52.17
C CYS E 105 -2.32 20.17 -50.82
N LEU E 106 -1.16 19.53 -50.77
CA LEU E 106 -0.64 18.98 -49.52
C LEU E 106 0.66 19.69 -49.19
N GLY E 107 0.87 19.98 -47.91
CA GLY E 107 1.97 20.84 -47.49
C GLY E 107 2.97 20.18 -46.57
N PHE E 108 3.31 18.91 -46.84
CA PHE E 108 4.29 18.19 -46.01
C PHE E 108 5.68 18.83 -46.03
N THR E 109 6.06 19.40 -47.16
CA THR E 109 7.29 20.19 -47.27
C THR E 109 6.96 21.53 -47.87
N TRP E 110 7.88 22.47 -47.72
CA TRP E 110 7.72 23.77 -48.35
C TRP E 110 7.47 23.58 -49.86
N ALA E 111 8.23 22.69 -50.49
CA ALA E 111 8.19 22.49 -51.94
C ALA E 111 6.88 21.89 -52.42
N SER E 112 6.25 21.05 -51.61
CA SER E 112 5.01 20.38 -52.00
C SER E 112 3.87 21.38 -52.22
N SER E 113 3.94 22.54 -51.54
CA SER E 113 3.11 23.71 -51.86
C SER E 113 3.51 24.92 -50.99
N PRO E 114 4.37 25.81 -51.50
CA PRO E 114 4.89 26.89 -50.65
C PRO E 114 3.84 27.71 -49.91
N ALA E 115 2.74 28.07 -50.58
CA ALA E 115 1.69 28.89 -49.96
C ALA E 115 1.10 28.24 -48.72
N CYS E 116 0.96 26.92 -48.74
CA CYS E 116 0.39 26.18 -47.60
C CYS E 116 1.22 26.38 -46.34
N THR E 117 2.54 26.42 -46.51
CA THR E 117 3.46 26.62 -45.39
C THR E 117 3.61 28.11 -45.04
N GLU E 118 3.73 28.96 -46.05
CA GLU E 118 4.01 30.38 -45.79
C GLU E 118 2.81 31.15 -45.22
N LEU E 119 1.59 30.91 -45.71
CA LEU E 119 0.42 31.56 -45.11
C LEU E 119 0.30 31.13 -43.64
N GLU E 120 0.48 29.83 -43.39
CA GLU E 120 0.40 29.30 -42.04
C GLU E 120 1.42 29.95 -41.11
N MET E 121 2.67 30.07 -41.57
CA MET E 121 3.71 30.70 -40.76
C MET E 121 3.32 32.12 -40.36
N ASN E 122 2.90 32.91 -41.34
CA ASN E 122 2.53 34.31 -41.10
C ASN E 122 1.28 34.47 -40.24
N VAL E 123 0.30 33.60 -40.44
CA VAL E 123 -0.95 33.68 -39.70
C VAL E 123 -0.76 33.18 -38.26
N MET E 124 0.08 32.16 -38.08
CA MET E 124 0.38 31.71 -36.72
C MET E 124 1.14 32.78 -35.91
N ASP E 125 2.01 33.54 -36.58
CA ASP E 125 2.63 34.71 -35.94
C ASP E 125 1.57 35.77 -35.58
N TRP E 126 0.63 36.04 -36.48
CA TRP E 126 -0.49 36.94 -36.17
C TRP E 126 -1.19 36.50 -34.89
N LEU E 127 -1.46 35.21 -34.82
CA LEU E 127 -2.30 34.67 -33.76
C LEU E 127 -1.56 34.67 -32.43
N ALA E 128 -0.27 34.35 -32.46
CA ALA E 128 0.56 34.44 -31.26
C ALA E 128 0.51 35.86 -30.67
N LYS E 129 0.63 36.87 -31.52
CA LYS E 129 0.53 38.27 -31.07
C LYS E 129 -0.86 38.59 -30.50
N MET E 130 -1.91 38.10 -31.17
CA MET E 130 -3.28 38.29 -30.71
C MET E 130 -3.53 37.69 -29.32
N LEU E 131 -2.81 36.61 -29.01
CA LEU E 131 -2.95 35.93 -27.71
C LEU E 131 -2.05 36.53 -26.61
N GLY E 132 -1.16 37.44 -26.97
CA GLY E 132 -0.17 37.96 -26.04
C GLY E 132 0.91 36.96 -25.66
N LEU E 133 1.18 36.01 -26.55
CA LEU E 133 2.24 35.00 -26.33
C LEU E 133 3.62 35.64 -26.46
N PRO E 134 4.64 35.06 -25.79
CA PRO E 134 6.01 35.53 -25.93
C PRO E 134 6.49 35.58 -27.38
N GLU E 135 7.28 36.59 -27.71
CA GLU E 135 7.75 36.76 -29.09
C GLU E 135 8.64 35.62 -29.55
N HIS E 136 9.17 34.83 -28.61
CA HIS E 136 9.99 33.66 -28.96
C HIS E 136 9.18 32.50 -29.54
N PHE E 137 7.86 32.65 -29.60
CA PHE E 137 7.01 31.68 -30.29
C PHE E 137 6.75 32.08 -31.75
N LEU E 138 7.30 33.21 -32.18
CA LEU E 138 7.08 33.70 -33.55
C LEU E 138 8.10 33.09 -34.50
N HIS E 139 7.64 32.66 -35.68
CA HIS E 139 8.55 32.21 -36.73
C HIS E 139 9.57 33.28 -37.08
N HIS E 140 9.12 34.54 -37.12
CA HIS E 140 9.93 35.62 -37.67
C HIS E 140 10.65 36.49 -36.63
N HIS E 141 10.53 36.17 -35.34
CA HIS E 141 11.32 36.85 -34.32
C HIS E 141 12.80 36.46 -34.55
N PRO E 142 13.72 37.43 -34.53
CA PRO E 142 15.12 37.11 -34.84
C PRO E 142 15.75 36.06 -33.89
N SER E 143 15.48 36.20 -32.60
CA SER E 143 16.04 35.29 -31.58
C SER E 143 15.38 33.92 -31.57
N SER E 144 14.17 33.84 -32.13
CA SER E 144 13.34 32.64 -32.05
C SER E 144 14.00 31.38 -32.63
N GLN E 145 13.97 30.32 -31.84
CA GLN E 145 14.31 29.00 -32.30
C GLN E 145 13.00 28.24 -32.57
N GLY E 146 11.88 28.96 -32.68
CA GLY E 146 10.55 28.35 -32.61
C GLY E 146 9.53 28.88 -33.60
N GLY E 147 8.26 28.62 -33.30
CA GLY E 147 7.18 28.96 -34.22
C GLY E 147 5.91 28.23 -33.90
N GLY E 148 4.83 28.64 -34.56
CA GLY E 148 3.53 27.97 -34.45
C GLY E 148 3.22 27.10 -35.66
N VAL E 149 2.61 25.96 -35.41
CA VAL E 149 2.14 25.06 -36.46
C VAL E 149 0.72 24.65 -36.14
N LEU E 150 -0.11 24.57 -37.18
CA LEU E 150 -1.46 24.08 -36.98
C LEU E 150 -1.44 22.56 -36.82
N GLN E 151 -2.36 22.08 -36.00
CA GLN E 151 -2.60 20.65 -35.78
C GLN E 151 -4.12 20.44 -35.81
N SER E 152 -4.57 19.20 -35.67
CA SER E 152 -6.00 18.92 -35.73
C SER E 152 -6.69 18.94 -34.36
N THR E 153 -5.93 18.66 -33.31
CA THR E 153 -6.47 18.64 -31.96
C THR E 153 -5.43 19.09 -30.93
N VAL E 154 -5.93 19.50 -29.77
CA VAL E 154 -5.07 19.69 -28.60
C VAL E 154 -4.51 18.35 -28.14
N SER E 155 -5.33 17.30 -28.19
CA SER E 155 -4.88 15.95 -27.82
C SER E 155 -3.54 15.63 -28.50
N GLU E 156 -3.50 15.82 -29.81
CA GLU E 156 -2.30 15.51 -30.59
C GLU E 156 -1.17 16.48 -30.29
N SER E 157 -1.51 17.74 -30.06
CA SER E 157 -0.51 18.76 -29.73
C SER E 157 0.18 18.41 -28.41
N THR E 158 -0.61 18.02 -27.41
CA THR E 158 -0.07 17.61 -26.12
C THR E 158 0.79 16.34 -26.25
N LEU E 159 0.32 15.37 -27.02
CA LEU E 159 1.11 14.17 -27.28
C LEU E 159 2.45 14.53 -27.93
N ILE E 160 2.43 15.38 -28.95
CA ILE E 160 3.65 15.81 -29.63
C ILE E 160 4.62 16.48 -28.65
N ALA E 161 4.09 17.34 -27.78
CA ALA E 161 4.92 17.99 -26.76
C ALA E 161 5.60 16.96 -25.86
N LEU E 162 4.83 15.97 -25.40
CA LEU E 162 5.38 14.89 -24.57
C LEU E 162 6.40 14.06 -25.32
N LEU E 163 6.07 13.68 -26.57
CA LEU E 163 7.01 12.97 -27.42
C LEU E 163 8.35 13.73 -27.56
N ALA E 164 8.25 15.03 -27.83
CA ALA E 164 9.45 15.84 -28.01
C ALA E 164 10.25 15.95 -26.70
N ALA E 165 9.54 16.11 -25.59
CA ALA E 165 10.18 16.20 -24.28
C ALA E 165 10.91 14.91 -23.95
N ARG E 166 10.23 13.78 -24.10
CA ARG E 166 10.87 12.49 -23.78
C ARG E 166 11.99 12.15 -24.75
N LYS E 167 11.82 12.45 -26.03
CA LYS E 167 12.91 12.22 -26.99
C LYS E 167 14.17 13.05 -26.64
N ASN E 168 13.96 14.32 -26.30
CA ASN E 168 15.08 15.20 -25.97
C ASN E 168 15.85 14.70 -24.75
N LYS E 169 15.13 14.29 -23.71
CA LYS E 169 15.77 13.78 -22.51
C LYS E 169 16.49 12.45 -22.78
N ILE E 170 15.84 11.58 -23.56
CA ILE E 170 16.45 10.29 -23.94
C ILE E 170 17.74 10.48 -24.73
N LEU E 171 17.76 11.46 -25.64
CA LEU E 171 18.98 11.75 -26.40
C LEU E 171 20.11 12.21 -25.48
N GLU E 172 19.76 13.01 -24.47
CA GLU E 172 20.72 13.46 -23.46
C GLU E 172 21.29 12.25 -22.70
N MET E 173 20.41 11.35 -22.27
CA MET E 173 20.81 10.11 -21.62
C MET E 173 21.69 9.22 -22.50
N LYS E 174 21.39 9.16 -23.80
CA LYS E 174 22.18 8.32 -24.71
C LYS E 174 23.61 8.77 -24.89
N THR E 175 23.90 10.04 -24.64
CA THR E 175 25.28 10.53 -24.77
C THR E 175 26.18 9.89 -23.71
N SER E 176 25.60 9.59 -22.54
CA SER E 176 26.32 8.94 -21.44
C SER E 176 26.19 7.42 -21.47
N GLU E 177 25.07 6.92 -21.98
CA GLU E 177 24.82 5.48 -22.11
C GLU E 177 24.42 5.12 -23.53
N PRO E 178 25.38 5.18 -24.48
CA PRO E 178 25.05 4.83 -25.86
C PRO E 178 24.53 3.38 -26.07
N ASP E 179 24.87 2.45 -25.17
CA ASP E 179 24.39 1.06 -25.30
C ASP E 179 22.96 0.84 -24.79
N ALA E 180 22.36 1.86 -24.18
CA ALA E 180 21.01 1.75 -23.66
C ALA E 180 19.97 1.91 -24.77
N ASP E 181 18.97 1.05 -24.78
CA ASP E 181 17.85 1.18 -25.71
C ASP E 181 17.01 2.39 -25.32
N GLU E 182 16.54 3.16 -26.30
CA GLU E 182 15.73 4.35 -26.02
C GLU E 182 14.53 4.02 -25.16
N SER E 183 13.92 2.86 -25.40
CA SER E 183 12.72 2.47 -24.68
C SER E 183 13.03 2.11 -23.23
N SER E 184 14.19 1.52 -22.98
CA SER E 184 14.65 1.27 -21.61
C SER E 184 14.84 2.60 -20.87
N LEU E 185 15.44 3.58 -21.56
CA LEU E 185 15.65 4.91 -20.97
C LEU E 185 14.33 5.61 -20.71
N ASN E 186 13.37 5.43 -21.61
CA ASN E 186 12.04 5.98 -21.43
C ASN E 186 11.37 5.51 -20.12
N ALA E 187 11.70 4.30 -19.66
CA ALA E 187 11.09 3.75 -18.45
C ALA E 187 11.48 4.53 -17.17
N ARG E 188 12.56 5.32 -17.25
CA ARG E 188 13.02 6.12 -16.13
C ARG E 188 12.21 7.40 -15.97
N LEU E 189 11.47 7.79 -17.01
CA LEU E 189 10.87 9.11 -17.04
C LEU E 189 9.55 9.17 -16.29
N VAL E 190 9.20 10.36 -15.79
CA VAL E 190 7.88 10.61 -15.25
C VAL E 190 7.40 11.98 -15.69
N ALA E 191 6.11 12.09 -15.98
CA ALA E 191 5.50 13.36 -16.38
C ALA E 191 4.39 13.68 -15.40
N TYR E 192 4.05 14.97 -15.33
CA TYR E 192 3.02 15.44 -14.39
C TYR E 192 1.94 16.29 -15.04
N ALA E 193 0.76 16.27 -14.43
CA ALA E 193 -0.31 17.21 -14.75
C ALA E 193 -1.21 17.34 -13.52
N SER E 194 -2.10 18.33 -13.54
CA SER E 194 -3.13 18.45 -12.52
C SER E 194 -4.07 17.24 -12.54
N ASP E 195 -4.68 16.93 -11.38
CA ASP E 195 -5.75 15.92 -11.36
C ASP E 195 -7.03 16.41 -12.06
N GLN E 196 -7.04 17.69 -12.47
CA GLN E 196 -8.10 18.25 -13.30
C GLN E 196 -7.75 18.27 -14.79
N ALA E 197 -6.56 17.81 -15.15
CA ALA E 197 -6.13 17.81 -16.54
C ALA E 197 -7.09 16.99 -17.40
N HIS E 198 -7.23 17.38 -18.65
CA HIS E 198 -8.10 16.67 -19.58
C HIS E 198 -7.57 15.25 -19.81
N SER E 199 -8.48 14.33 -20.14
CA SER E 199 -8.15 12.91 -20.36
C SER E 199 -7.10 12.68 -21.45
N SER E 200 -6.95 13.64 -22.35
CA SER E 200 -5.90 13.59 -23.37
C SER E 200 -4.49 13.56 -22.76
N VAL E 201 -4.34 14.03 -21.53
CA VAL E 201 -3.02 13.96 -20.88
C VAL E 201 -2.72 12.53 -20.45
N GLU E 202 -3.67 11.88 -19.79
CA GLU E 202 -3.55 10.45 -19.46
C GLU E 202 -3.34 9.64 -20.73
N LYS E 203 -4.11 9.94 -21.76
CA LYS E 203 -4.04 9.20 -23.01
C LYS E 203 -2.68 9.32 -23.69
N ALA E 204 -2.09 10.52 -23.66
CA ALA E 204 -0.72 10.73 -24.14
C ALA E 204 0.27 9.81 -23.43
N GLY E 205 0.11 9.66 -22.12
CA GLY E 205 0.95 8.76 -21.33
C GLY E 205 0.74 7.31 -21.73
N LEU E 206 -0.52 6.94 -21.92
CA LEU E 206 -0.89 5.58 -22.36
C LEU E 206 -0.25 5.25 -23.71
N ILE E 207 -0.30 6.21 -24.63
CA ILE E 207 0.26 6.03 -25.98
C ILE E 207 1.79 5.93 -25.98
N SER E 208 2.44 6.81 -25.23
CA SER E 208 3.90 6.96 -25.25
C SER E 208 4.63 6.04 -24.28
N LEU E 209 3.88 5.36 -23.41
CA LEU E 209 4.43 4.55 -22.32
C LEU E 209 5.27 5.38 -21.35
N VAL E 210 4.91 6.65 -21.18
CA VAL E 210 5.53 7.52 -20.20
C VAL E 210 4.64 7.55 -18.97
N LYS E 211 5.22 7.19 -17.83
CA LYS E 211 4.49 7.25 -16.56
C LYS E 211 4.02 8.66 -16.32
N MET E 212 2.73 8.80 -16.01
CA MET E 212 2.09 10.10 -15.84
C MET E 212 1.47 10.11 -14.45
N LYS E 213 1.80 11.12 -13.66
CA LYS E 213 1.27 11.25 -12.31
C LYS E 213 0.46 12.53 -12.20
N PHE E 214 -0.76 12.41 -11.68
CA PHE E 214 -1.67 13.54 -11.58
C PHE E 214 -1.64 14.07 -10.16
N LEU E 215 -1.41 15.37 -10.04
CA LEU E 215 -1.09 16.00 -8.77
C LEU E 215 -2.30 16.71 -8.18
N PRO E 216 -2.36 16.78 -6.84
CA PRO E 216 -3.49 17.43 -6.19
C PRO E 216 -3.53 18.93 -6.45
N VAL E 217 -4.71 19.52 -6.28
CA VAL E 217 -4.93 20.93 -6.56
C VAL E 217 -5.38 21.67 -5.29
N ASP E 218 -5.38 22.98 -5.34
CA ASP E 218 -5.77 23.82 -4.19
C ASP E 218 -7.29 24.04 -4.16
N ASP E 219 -7.75 24.93 -3.28
CA ASP E 219 -9.18 25.20 -3.11
C ASP E 219 -9.87 25.80 -4.33
N ASN E 220 -9.09 26.46 -5.20
CA ASN E 220 -9.57 26.95 -6.49
C ASN E 220 -9.36 25.93 -7.62
N PHE E 221 -8.97 24.71 -7.27
CA PHE E 221 -8.75 23.60 -8.21
C PHE E 221 -7.58 23.87 -9.17
N SER E 222 -6.64 24.67 -8.68
CA SER E 222 -5.47 25.10 -9.42
C SER E 222 -4.25 24.29 -8.95
N LEU E 223 -3.41 23.87 -9.90
CA LEU E 223 -2.17 23.17 -9.57
C LEU E 223 -1.11 24.18 -9.14
N ARG E 224 -0.48 23.92 -8.00
CA ARG E 224 0.47 24.86 -7.40
C ARG E 224 1.90 24.31 -7.40
N GLY E 225 2.87 25.22 -7.31
CA GLY E 225 4.28 24.85 -7.33
C GLY E 225 4.67 23.84 -6.25
N GLU E 226 4.12 24.02 -5.05
CA GLU E 226 4.43 23.14 -3.92
C GLU E 226 4.16 21.68 -4.24
N ALA E 227 3.04 21.42 -4.91
CA ALA E 227 2.68 20.05 -5.30
C ALA E 227 3.67 19.48 -6.30
N LEU E 228 4.06 20.29 -7.29
CA LEU E 228 5.04 19.87 -8.29
C LEU E 228 6.42 19.66 -7.65
N GLN E 229 6.82 20.60 -6.80
CA GLN E 229 8.11 20.49 -6.12
C GLN E 229 8.21 19.21 -5.30
N LYS E 230 7.15 18.91 -4.55
CA LYS E 230 7.10 17.70 -3.71
C LYS E 230 7.20 16.43 -4.56
N ALA E 231 6.41 16.37 -5.64
CA ALA E 231 6.42 15.22 -6.55
C ALA E 231 7.79 14.95 -7.17
N ILE E 232 8.44 16.02 -7.64
CA ILE E 232 9.79 15.91 -8.23
C ILE E 232 10.78 15.30 -7.24
N GLU E 233 10.77 15.81 -6.01
CA GLU E 233 11.69 15.31 -4.99
C GLU E 233 11.43 13.84 -4.69
N GLU E 234 10.15 13.48 -4.53
CA GLU E 234 9.78 12.10 -4.21
C GLU E 234 10.15 11.13 -5.33
N ASP E 235 9.87 11.52 -6.57
CA ASP E 235 10.18 10.67 -7.72
C ASP E 235 11.67 10.52 -7.97
N LYS E 236 12.43 11.59 -7.78
CA LYS E 236 13.90 11.50 -7.88
C LYS E 236 14.47 10.54 -6.83
N GLN E 237 13.87 10.50 -5.64
CA GLN E 237 14.27 9.57 -4.60
C GLN E 237 13.99 8.11 -4.97
N ARG E 238 13.02 7.90 -5.87
CA ARG E 238 12.69 6.57 -6.36
C ARG E 238 13.42 6.23 -7.66
N GLY E 239 14.32 7.11 -8.10
CA GLY E 239 15.12 6.84 -9.30
C GLY E 239 14.44 7.22 -10.61
N LEU E 240 13.33 7.96 -10.53
CA LEU E 240 12.64 8.45 -11.72
C LEU E 240 13.21 9.80 -12.13
N VAL E 241 13.02 10.13 -13.40
CA VAL E 241 13.54 11.34 -14.01
C VAL E 241 12.37 12.19 -14.51
N PRO E 242 11.99 13.23 -13.75
CA PRO E 242 10.93 14.14 -14.23
C PRO E 242 11.29 14.73 -15.59
N VAL E 243 10.33 14.76 -16.51
CA VAL E 243 10.61 15.18 -17.89
C VAL E 243 9.62 16.24 -18.45
N PHE E 244 8.42 16.33 -17.90
CA PHE E 244 7.35 17.05 -18.58
C PHE E 244 6.25 17.42 -17.59
N VAL E 245 5.73 18.64 -17.74
CA VAL E 245 4.55 19.06 -17.01
C VAL E 245 3.55 19.64 -18.00
N CYS E 246 2.30 19.20 -17.92
CA CYS E 246 1.21 19.88 -18.61
C CYS E 246 0.48 20.75 -17.60
N ALA E 247 0.56 22.05 -17.78
CA ALA E 247 -0.23 23.01 -17.02
C ALA E 247 -1.45 23.37 -17.85
N THR E 248 -2.62 23.37 -17.21
CA THR E 248 -3.88 23.59 -17.91
C THR E 248 -4.44 24.96 -17.56
N LEU E 249 -4.72 25.75 -18.59
CA LEU E 249 -5.44 27.01 -18.44
C LEU E 249 -6.85 26.83 -19.01
N GLY E 250 -7.81 26.64 -18.11
CA GLY E 250 -9.20 26.42 -18.50
C GLY E 250 -9.52 24.93 -18.50
N THR E 251 -9.53 24.34 -17.31
CA THR E 251 -9.76 22.89 -17.18
C THR E 251 -11.15 22.49 -17.65
N THR E 252 -11.27 21.25 -18.10
CA THR E 252 -12.51 20.74 -18.68
C THR E 252 -13.68 20.77 -17.71
N GLY E 253 -13.46 20.24 -16.52
CA GLY E 253 -14.52 20.08 -15.53
C GLY E 253 -15.16 21.41 -15.14
N VAL E 254 -14.35 22.31 -14.60
CA VAL E 254 -14.86 23.56 -14.01
C VAL E 254 -14.17 24.82 -14.50
N CYS E 255 -13.32 24.69 -15.52
CA CYS E 255 -12.58 25.83 -16.09
C CYS E 255 -11.74 26.56 -15.02
N ALA E 256 -10.89 25.79 -14.35
CA ALA E 256 -9.90 26.33 -13.41
C ALA E 256 -8.61 26.58 -14.16
N PHE E 257 -7.67 27.27 -13.51
CA PHE E 257 -6.40 27.64 -14.14
C PHE E 257 -5.23 27.30 -13.24
N ASP E 258 -4.27 26.54 -13.77
CA ASP E 258 -3.06 26.18 -13.03
C ASP E 258 -2.15 27.40 -12.85
N LEU E 260 0.82 29.08 -13.34
CA LEU E 260 2.04 29.15 -14.16
C LEU E 260 3.17 29.92 -13.50
N SER E 261 2.83 30.97 -12.76
CA SER E 261 3.82 31.77 -12.02
C SER E 261 4.70 30.93 -11.14
N GLU E 262 4.11 29.89 -10.54
CA GLU E 262 4.81 29.00 -9.63
C GLU E 262 5.43 27.82 -10.36
N LEU E 263 4.66 27.24 -11.27
CA LEU E 263 5.08 26.04 -12.00
C LEU E 263 6.23 26.33 -12.94
N GLY E 264 6.22 27.51 -13.56
CA GLY E 264 7.22 27.86 -14.56
C GLY E 264 8.65 27.82 -14.05
N PRO E 265 8.95 28.59 -13.00
CA PRO E 265 10.31 28.60 -12.44
C PRO E 265 10.82 27.20 -12.08
N ILE E 266 9.94 26.33 -11.56
CA ILE E 266 10.31 24.98 -11.18
C ILE E 266 10.70 24.16 -12.42
N CYS E 267 9.87 24.24 -13.47
CA CYS E 267 10.18 23.55 -14.73
C CYS E 267 11.51 24.00 -15.33
N ALA E 268 11.77 25.30 -15.32
CA ALA E 268 13.03 25.85 -15.82
C ALA E 268 14.23 25.35 -15.01
N ARG E 269 14.07 25.34 -13.69
CA ARG E 269 15.15 24.95 -12.78
C ARG E 269 15.46 23.46 -12.83
N GLU E 270 14.40 22.65 -12.94
CA GLU E 270 14.53 21.20 -12.86
C GLU E 270 14.64 20.53 -14.24
N GLY E 271 14.62 21.33 -15.30
CA GLY E 271 14.80 20.82 -16.67
C GLY E 271 13.61 20.07 -17.22
N LEU E 272 12.40 20.52 -16.85
CA LEU E 272 11.15 19.87 -17.30
C LEU E 272 10.51 20.68 -18.43
N TRP E 273 10.09 19.99 -19.49
CA TRP E 273 9.34 20.61 -20.58
C TRP E 273 8.01 21.07 -20.03
N LEU E 274 7.72 22.36 -20.12
CA LEU E 274 6.43 22.89 -19.68
C LEU E 274 5.52 23.13 -20.86
N HIS E 275 4.45 22.33 -20.93
CA HIS E 275 3.46 22.43 -21.99
C HIS E 275 2.16 22.99 -21.43
N ILE E 276 1.61 23.98 -22.11
CA ILE E 276 0.36 24.63 -21.67
C ILE E 276 -0.81 24.16 -22.53
N ASP E 277 -1.79 23.52 -21.89
CA ASP E 277 -3.05 23.18 -22.54
C ASP E 277 -4.06 24.27 -22.21
N ALA E 278 -4.36 25.11 -23.19
CA ALA E 278 -5.36 26.16 -23.07
C ALA E 278 -6.47 25.97 -24.10
N ALA E 279 -6.82 24.72 -24.39
CA ALA E 279 -7.78 24.37 -25.44
C ALA E 279 -8.90 25.39 -25.62
N TYR E 280 -9.70 25.56 -24.57
CA TYR E 280 -10.84 26.47 -24.57
C TYR E 280 -10.44 27.91 -24.26
N ALA E 281 -9.85 28.10 -23.08
CA ALA E 281 -9.59 29.43 -22.54
C ALA E 281 -8.63 30.28 -23.39
N GLY E 282 -7.78 29.63 -24.17
CA GLY E 282 -6.85 30.35 -25.05
C GLY E 282 -7.50 31.48 -25.85
N THR E 283 -8.72 31.25 -26.31
CA THR E 283 -9.43 32.25 -27.09
C THR E 283 -9.67 33.53 -26.29
N ALA E 284 -9.94 33.38 -24.99
CA ALA E 284 -10.13 34.52 -24.09
C ALA E 284 -8.92 35.44 -24.03
N PHE E 285 -7.73 34.91 -24.31
CA PHE E 285 -6.51 35.72 -24.25
C PHE E 285 -6.38 36.71 -25.41
N LEU E 286 -7.32 36.67 -26.35
CA LEU E 286 -7.49 37.77 -27.32
C LEU E 286 -7.83 39.09 -26.62
N CYS E 287 -8.44 39.00 -25.44
CA CYS E 287 -8.80 40.16 -24.63
C CYS E 287 -7.77 40.36 -23.52
N PRO E 288 -7.09 41.52 -23.48
CA PRO E 288 -6.06 41.70 -22.44
C PRO E 288 -6.52 41.49 -21.00
N GLU E 289 -7.78 41.79 -20.69
CA GLU E 289 -8.28 41.67 -19.31
C GLU E 289 -8.36 40.22 -18.78
N PHE E 290 -8.23 39.23 -19.65
CA PHE E 290 -8.17 37.81 -19.21
C PHE E 290 -6.75 37.25 -19.14
N ARG E 291 -5.75 38.07 -19.45
CA ARG E 291 -4.37 37.58 -19.55
C ARG E 291 -3.67 37.38 -18.20
N GLY E 292 -4.33 37.72 -17.10
CA GLY E 292 -3.84 37.40 -15.76
C GLY E 292 -3.50 35.92 -15.62
N PHE E 293 -4.32 35.07 -16.21
CA PHE E 293 -4.13 33.62 -16.18
C PHE E 293 -2.90 33.16 -16.99
N LEU E 294 -2.39 34.04 -17.84
CA LEU E 294 -1.24 33.75 -18.68
C LEU E 294 0.09 34.14 -18.01
N LYS E 295 0.04 34.69 -16.80
CA LYS E 295 1.26 35.08 -16.11
C LYS E 295 2.17 33.87 -15.91
N GLY E 296 3.43 34.01 -16.31
CA GLY E 296 4.38 32.91 -16.28
C GLY E 296 4.55 32.20 -17.61
N ILE E 297 3.83 32.65 -18.63
CA ILE E 297 3.91 32.05 -19.98
C ILE E 297 5.33 32.01 -20.55
N GLU E 298 6.16 32.98 -20.16
CA GLU E 298 7.55 33.03 -20.58
C GLU E 298 8.36 31.77 -20.26
N TYR E 299 7.89 30.99 -19.28
CA TYR E 299 8.56 29.74 -18.91
C TYR E 299 8.15 28.54 -19.77
N ALA E 300 7.10 28.68 -20.59
CA ALA E 300 6.58 27.54 -21.34
C ALA E 300 7.48 27.17 -22.51
N ASP E 301 7.59 25.86 -22.75
CA ASP E 301 8.26 25.32 -23.91
C ASP E 301 7.28 25.12 -25.05
N SER E 302 6.00 24.94 -24.69
CA SER E 302 4.95 24.81 -25.70
C SER E 302 3.62 25.31 -25.19
N PHE E 303 2.77 25.70 -26.14
CA PHE E 303 1.45 26.25 -25.85
C PHE E 303 0.50 25.78 -26.94
N THR E 304 -0.69 25.36 -26.54
CA THR E 304 -1.72 24.97 -27.50
C THR E 304 -3.09 25.50 -27.08
N PHE E 305 -3.88 25.91 -28.06
CA PHE E 305 -5.30 26.16 -27.85
C PHE E 305 -6.06 25.86 -29.13
N ASN E 306 -7.39 25.82 -29.03
CA ASN E 306 -8.26 25.55 -30.17
C ASN E 306 -9.07 26.76 -30.62
N PRO E 307 -8.64 27.38 -31.74
CA PRO E 307 -9.55 28.26 -32.46
C PRO E 307 -10.84 27.52 -32.83
N SER E 308 -10.74 26.19 -32.96
CA SER E 308 -11.89 25.34 -33.28
C SER E 308 -12.85 25.12 -32.11
N LYS E 309 -12.57 25.71 -30.95
CA LYS E 309 -13.55 25.75 -29.87
C LYS E 309 -14.35 27.04 -29.89
N TRP E 310 -13.71 28.14 -29.51
CA TRP E 310 -14.43 29.36 -29.21
C TRP E 310 -14.15 30.52 -30.16
N MET E 311 -13.25 30.35 -31.12
CA MET E 311 -12.86 31.46 -32.01
C MET E 311 -13.54 31.46 -33.40
N MET E 312 -14.55 30.61 -33.58
CA MET E 312 -15.39 30.58 -34.80
C MET E 312 -14.69 30.08 -36.07
N VAL E 313 -13.62 29.30 -35.89
CA VAL E 313 -13.04 28.54 -37.00
C VAL E 313 -13.59 27.12 -36.88
N HIS E 314 -14.16 26.58 -37.95
CA HIS E 314 -14.72 25.23 -37.86
C HIS E 314 -13.59 24.21 -37.75
N PHE E 315 -13.91 23.05 -37.18
CA PHE E 315 -12.93 22.01 -36.89
C PHE E 315 -12.49 21.35 -38.20
N ASP E 316 -11.21 21.05 -38.41
CA ASP E 316 -10.14 21.08 -37.41
C ASP E 316 -9.27 22.33 -37.56
N CYS E 317 -8.83 22.85 -36.41
CA CYS E 317 -7.90 23.97 -36.38
C CYS E 317 -7.40 24.17 -34.95
N THR E 318 -6.25 23.59 -34.66
CA THR E 318 -5.58 23.74 -33.36
C THR E 318 -4.28 24.47 -33.57
N GLY E 319 -3.98 25.43 -32.71
CA GLY E 319 -2.70 26.14 -32.74
C GLY E 319 -1.73 25.50 -31.75
N PHE E 320 -0.52 25.20 -32.22
CA PHE E 320 0.53 24.59 -31.39
C PHE E 320 1.82 25.38 -31.58
N TRP E 321 2.32 25.98 -30.50
CA TRP E 321 3.55 26.77 -30.57
C TRP E 321 4.65 26.12 -29.75
N VAL E 322 5.87 26.10 -30.28
CA VAL E 322 7.03 25.59 -29.55
C VAL E 322 8.14 26.64 -29.52
N LYS E 323 8.90 26.61 -28.43
CA LYS E 323 10.03 27.51 -28.24
C LYS E 323 11.25 27.07 -29.06
N ASP E 324 11.44 25.75 -29.16
CA ASP E 324 12.61 25.18 -29.83
CA ASP E 324 12.61 25.18 -29.83
C ASP E 324 12.18 24.16 -30.88
N LYS E 325 12.06 24.61 -32.13
CA LYS E 325 11.61 23.73 -33.21
C LYS E 325 12.55 22.56 -33.50
N TYR E 326 13.83 22.69 -33.16
CA TYR E 326 14.77 21.61 -33.41
CA TYR E 326 14.80 21.62 -33.37
C TYR E 326 14.44 20.39 -32.54
N LYS E 327 13.89 20.62 -31.36
CA LYS E 327 13.43 19.51 -30.50
C LYS E 327 12.26 18.75 -31.11
N LEU E 328 11.34 19.48 -31.74
CA LEU E 328 10.29 18.84 -32.52
C LEU E 328 10.92 17.98 -33.61
N GLN E 329 11.77 18.61 -34.41
CA GLN E 329 12.32 17.94 -35.58
C GLN E 329 13.18 16.71 -35.17
N GLN E 330 13.84 16.80 -34.01
CA GLN E 330 14.47 15.65 -33.35
C GLN E 330 13.59 14.41 -33.19
N THR E 331 12.32 14.66 -32.89
CA THR E 331 11.37 13.60 -32.56
C THR E 331 10.89 12.86 -33.81
N PHE E 332 10.87 13.56 -34.93
CA PHE E 332 10.07 13.14 -36.09
C PHE E 332 10.84 12.97 -37.38
N SER E 333 12.10 13.43 -37.40
CA SER E 333 12.79 13.59 -38.68
C SER E 333 13.05 12.27 -39.39
N VAL E 334 12.61 12.20 -40.64
CA VAL E 334 13.05 11.16 -41.59
C VAL E 334 13.48 11.87 -42.88
N ASN E 335 14.25 11.17 -43.72
CA ASN E 335 14.91 11.81 -44.88
C ASN E 335 14.97 10.93 -46.14
N PRO E 336 13.81 10.48 -46.64
CA PRO E 336 13.80 9.74 -47.89
C PRO E 336 14.04 10.67 -49.08
N ILE E 337 14.72 10.17 -50.12
CA ILE E 337 15.05 11.00 -51.28
C ILE E 337 13.79 11.61 -51.92
N TYR E 338 12.70 10.84 -51.95
CA TYR E 338 11.47 11.30 -52.62
C TYR E 338 10.75 12.48 -51.92
N LEU E 339 11.21 12.87 -50.74
CA LEU E 339 10.70 14.09 -50.08
C LEU E 339 11.71 15.24 -50.07
N ARG E 340 12.92 15.01 -50.55
CA ARG E 340 13.96 16.06 -50.55
C ARG E 340 13.67 17.10 -51.61
N HIS E 341 14.05 18.35 -51.32
CA HIS E 341 13.95 19.43 -52.30
C HIS E 341 15.12 20.39 -52.15
N ALA E 342 15.30 21.23 -53.16
CA ALA E 342 16.46 22.11 -53.26
C ALA E 342 16.61 23.02 -52.04
N ASN E 343 15.48 23.38 -51.43
CA ASN E 343 15.48 24.24 -50.25
C ASN E 343 15.34 23.48 -48.92
N SER E 344 15.55 22.16 -48.93
CA SER E 344 15.63 21.37 -47.70
C SER E 344 16.74 21.96 -46.83
N GLY E 345 16.45 22.21 -45.56
CA GLY E 345 17.44 22.80 -44.64
C GLY E 345 17.38 24.32 -44.55
N VAL E 346 16.76 24.96 -45.53
CA VAL E 346 16.59 26.42 -45.52
C VAL E 346 15.13 26.83 -45.28
N ALA E 347 14.20 26.12 -45.91
CA ALA E 347 12.75 26.38 -45.77
C ALA E 347 12.15 25.55 -44.65
N THR E 348 10.95 25.92 -44.23
CA THR E 348 10.25 25.20 -43.17
C THR E 348 9.46 24.03 -43.79
N ASP E 349 9.76 22.81 -43.35
CA ASP E 349 9.03 21.61 -43.77
C ASP E 349 8.22 21.11 -42.59
N PHE E 350 6.91 21.37 -42.60
CA PHE E 350 6.07 21.12 -41.43
C PHE E 350 5.85 19.64 -41.12
N MET E 351 6.22 18.73 -42.02
CA MET E 351 6.17 17.30 -41.71
C MET E 351 7.02 16.96 -40.48
N HIS E 352 8.10 17.72 -40.27
CA HIS E 352 8.96 17.53 -39.11
C HIS E 352 8.41 18.09 -37.81
N TRP E 353 7.23 18.72 -37.86
CA TRP E 353 6.58 19.33 -36.68
C TRP E 353 5.30 18.58 -36.27
N GLN E 354 5.09 17.39 -36.81
CA GLN E 354 3.84 16.70 -36.63
C GLN E 354 4.05 15.19 -36.79
N ILE E 355 3.03 14.43 -36.42
CA ILE E 355 3.09 12.97 -36.50
C ILE E 355 3.03 12.44 -37.95
N PRO E 356 2.06 12.89 -38.75
CA PRO E 356 1.93 12.31 -40.09
C PRO E 356 2.81 12.94 -41.14
N LEU E 357 2.73 12.44 -42.37
CA LEU E 357 3.34 13.12 -43.51
C LEU E 357 2.41 14.21 -44.04
N SER E 358 1.31 13.83 -44.68
CA SER E 358 0.40 14.78 -45.29
C SER E 358 -0.21 15.77 -44.32
N ARG E 359 -0.43 16.99 -44.80
CA ARG E 359 -1.19 18.00 -44.08
C ARG E 359 -1.84 18.92 -45.10
N ARG E 360 -2.97 19.51 -44.73
CA ARG E 360 -3.74 20.30 -45.67
C ARG E 360 -3.63 21.79 -45.39
N PHE E 361 -4.24 22.57 -46.28
CA PHE E 361 -4.12 24.03 -46.28
C PHE E 361 -5.12 24.63 -45.28
N ARG E 362 -4.97 24.30 -44.00
CA ARG E 362 -5.92 24.75 -42.97
C ARG E 362 -5.86 26.26 -42.69
N SER E 363 -4.76 26.92 -43.06
CA SER E 363 -4.58 28.33 -42.71
C SER E 363 -5.49 29.28 -43.49
N VAL E 364 -6.06 28.83 -44.60
CA VAL E 364 -6.95 29.71 -45.37
C VAL E 364 -8.18 30.10 -44.53
N LYS E 365 -8.84 29.12 -43.93
CA LYS E 365 -10.04 29.41 -43.12
C LYS E 365 -9.72 30.25 -41.88
N LEU E 366 -8.56 29.98 -41.27
CA LEU E 366 -8.14 30.76 -40.11
C LEU E 366 -7.90 32.21 -40.50
N TRP E 367 -7.21 32.40 -41.62
CA TRP E 367 -6.91 33.72 -42.16
C TRP E 367 -8.21 34.47 -42.46
N PHE E 368 -9.13 33.79 -43.13
CA PHE E 368 -10.44 34.39 -43.48
C PHE E 368 -11.21 34.85 -42.25
N VAL E 369 -11.24 34.01 -41.22
CA VAL E 369 -12.00 34.32 -40.00
C VAL E 369 -11.42 35.57 -39.33
N ILE E 370 -10.10 35.60 -39.17
CA ILE E 370 -9.43 36.72 -38.52
C ILE E 370 -9.65 38.01 -39.30
N ARG E 371 -9.51 37.94 -40.62
CA ARG E 371 -9.69 39.10 -41.48
C ARG E 371 -11.14 39.58 -41.55
N SER E 372 -12.08 38.63 -41.65
CA SER E 372 -13.48 38.97 -41.83
C SER E 372 -14.06 39.61 -40.57
N PHE E 373 -13.72 39.06 -39.42
CA PHE E 373 -14.17 39.62 -38.14
C PHE E 373 -13.31 40.81 -37.72
N GLY E 374 -11.99 40.65 -37.83
CA GLY E 374 -11.05 41.61 -37.23
C GLY E 374 -10.90 41.36 -35.74
N VAL E 375 -9.80 41.82 -35.17
CA VAL E 375 -9.49 41.53 -33.78
C VAL E 375 -10.59 42.01 -32.85
N LYS E 376 -11.06 43.25 -33.08
CA LYS E 376 -12.07 43.87 -32.21
C LYS E 376 -13.38 43.07 -32.08
N ASN E 377 -13.89 42.54 -33.21
CA ASN E 377 -15.12 41.73 -33.16
C ASN E 377 -14.91 40.36 -32.51
N LEU E 378 -13.74 39.77 -32.71
CA LEU E 378 -13.39 38.55 -31.99
C LEU E 378 -13.38 38.81 -30.49
N GLN E 379 -12.76 39.92 -30.07
CA GLN E 379 -12.77 40.33 -28.67
C GLN E 379 -14.20 40.54 -28.15
N ALA E 380 -15.03 41.21 -28.95
CA ALA E 380 -16.43 41.46 -28.58
C ALA E 380 -17.21 40.15 -28.40
N HIS E 381 -16.91 39.18 -29.26
CA HIS E 381 -17.50 37.84 -29.16
C HIS E 381 -17.17 37.17 -27.82
N VAL E 382 -15.88 37.14 -27.48
CA VAL E 382 -15.45 36.55 -26.21
C VAL E 382 -16.16 37.22 -25.02
N ARG E 383 -16.21 38.55 -25.03
CA ARG E 383 -16.83 39.29 -23.94
C ARG E 383 -18.34 39.02 -23.83
N HIS E 384 -19.02 38.91 -24.98
CA HIS E 384 -20.45 38.64 -24.98
C HIS E 384 -20.75 37.24 -24.46
N GLY E 385 -20.00 36.24 -24.92
CA GLY E 385 -20.16 34.88 -24.41
C GLY E 385 -20.01 34.83 -22.89
N THR E 386 -18.99 35.52 -22.38
CA THR E 386 -18.74 35.57 -20.95
C THR E 386 -19.90 36.27 -20.22
N GLU E 387 -20.41 37.35 -20.81
CA GLU E 387 -21.58 38.04 -20.24
C GLU E 387 -22.83 37.16 -20.16
N MET E 388 -23.06 36.36 -21.20
CA MET E 388 -24.17 35.42 -21.21
C MET E 388 -24.03 34.39 -20.09
N ALA E 389 -22.80 33.92 -19.86
CA ALA E 389 -22.50 32.97 -18.78
C ALA E 389 -22.69 33.62 -17.42
N LYS E 390 -22.25 34.88 -17.30
CA LYS E 390 -22.45 35.67 -16.08
C LYS E 390 -23.93 35.81 -15.76
N TYR E 391 -24.74 36.02 -16.80
CA TYR E 391 -26.19 36.11 -16.65
C TYR E 391 -26.76 34.76 -16.20
N PHE E 392 -26.35 33.68 -16.85
CA PHE E 392 -26.80 32.35 -16.42
C PHE E 392 -26.47 32.09 -14.96
N GLU E 393 -25.23 32.39 -14.58
CA GLU E 393 -24.78 32.23 -13.20
C GLU E 393 -25.70 32.96 -12.20
N SER E 394 -26.08 34.20 -12.53
CA SER E 394 -26.96 34.99 -11.68
C SER E 394 -28.33 34.34 -11.47
N LEU E 395 -28.83 33.65 -12.50
CA LEU E 395 -30.12 32.95 -12.39
C LEU E 395 -30.02 31.74 -11.47
N VAL E 396 -28.92 31.01 -11.56
CA VAL E 396 -28.69 29.85 -10.70
C VAL E 396 -28.47 30.30 -9.26
N ARG E 397 -27.64 31.34 -9.10
CA ARG E 397 -27.26 31.85 -7.79
C ARG E 397 -28.45 32.33 -6.97
N ASN E 398 -29.46 32.86 -7.67
CA ASN E 398 -30.68 33.36 -7.05
C ASN E 398 -31.64 32.26 -6.54
N ASP E 399 -31.40 31.01 -6.93
CA ASP E 399 -32.29 29.90 -6.61
C ASP E 399 -31.69 29.01 -5.51
N PRO E 400 -32.27 29.04 -4.31
CA PRO E 400 -31.67 28.33 -3.16
C PRO E 400 -31.71 26.79 -3.22
N SER E 401 -32.41 26.22 -4.20
CA SER E 401 -32.34 24.77 -4.44
C SER E 401 -31.00 24.35 -5.05
N PHE E 402 -30.29 25.30 -5.65
CA PHE E 402 -29.03 25.00 -6.36
C PHE E 402 -27.81 25.55 -5.64
N GLU E 403 -26.64 25.02 -6.01
CA GLU E 403 -25.37 25.56 -5.57
C GLU E 403 -24.38 25.56 -6.74
N ILE E 404 -23.41 26.45 -6.65
CA ILE E 404 -22.39 26.64 -7.69
C ILE E 404 -21.04 26.32 -7.06
N PRO E 405 -20.57 25.06 -7.18
CA PRO E 405 -19.38 24.63 -6.43
C PRO E 405 -18.01 25.10 -6.96
N ALA E 406 -17.99 25.86 -8.07
CA ALA E 406 -16.74 26.40 -8.59
C ALA E 406 -16.94 27.78 -9.23
N LYS E 407 -15.88 28.58 -9.26
CA LYS E 407 -15.96 29.94 -9.78
C LYS E 407 -16.06 29.96 -11.32
N ARG E 408 -16.92 30.82 -11.84
CA ARG E 408 -17.01 31.07 -13.29
C ARG E 408 -16.06 32.20 -13.68
N HIS E 409 -15.05 31.87 -14.49
CA HIS E 409 -14.11 32.86 -15.02
C HIS E 409 -14.43 33.26 -16.47
N LEU E 410 -15.05 32.34 -17.22
CA LEU E 410 -15.32 32.55 -18.63
C LEU E 410 -16.77 32.14 -18.96
N GLY E 411 -16.95 31.22 -19.92
CA GLY E 411 -18.29 30.92 -20.43
C GLY E 411 -18.87 29.62 -19.91
N LEU E 412 -18.18 29.00 -18.95
CA LEU E 412 -18.66 27.76 -18.33
C LEU E 412 -19.13 28.03 -16.91
N VAL E 413 -20.38 27.65 -16.62
CA VAL E 413 -20.92 27.68 -15.27
C VAL E 413 -21.23 26.25 -14.86
N VAL E 414 -20.81 25.86 -13.67
CA VAL E 414 -21.13 24.54 -13.15
C VAL E 414 -22.07 24.69 -11.95
N PHE E 415 -23.01 23.76 -11.83
CA PHE E 415 -24.00 23.83 -10.76
C PHE E 415 -24.56 22.44 -10.46
N ARG E 416 -25.30 22.36 -9.37
CA ARG E 416 -26.00 21.15 -9.00
C ARG E 416 -27.12 21.49 -8.04
N LEU E 417 -28.07 20.57 -7.89
CA LEU E 417 -29.07 20.67 -6.82
C LEU E 417 -28.40 20.32 -5.50
N LYS E 418 -28.74 21.05 -4.44
CA LYS E 418 -28.33 20.68 -3.10
C LYS E 418 -28.96 19.31 -2.78
N GLY E 419 -28.15 18.40 -2.25
CA GLY E 419 -28.61 17.06 -1.92
C GLY E 419 -27.74 16.00 -2.58
N PRO E 420 -28.20 14.73 -2.55
CA PRO E 420 -27.39 13.63 -3.09
C PRO E 420 -27.15 13.77 -4.59
N ASN E 421 -26.06 13.18 -5.07
CA ASN E 421 -25.71 13.25 -6.49
C ASN E 421 -26.85 12.78 -7.40
N SER E 422 -27.63 11.81 -6.95
CA SER E 422 -28.71 11.22 -7.76
C SER E 422 -29.79 12.23 -8.16
N LEU E 423 -30.01 13.25 -7.35
CA LEU E 423 -30.95 14.33 -7.71
C LEU E 423 -30.50 15.01 -9.00
N THR E 424 -29.22 15.35 -9.05
CA THR E 424 -28.65 16.06 -10.18
C THR E 424 -28.56 15.14 -11.40
N GLU E 425 -28.19 13.88 -11.18
CA GLU E 425 -28.21 12.90 -12.28
C GLU E 425 -29.64 12.75 -12.82
N ASN E 426 -30.62 12.76 -11.93
CA ASN E 426 -32.03 12.67 -12.35
C ASN E 426 -32.50 13.90 -13.13
N VAL E 427 -32.01 15.09 -12.77
CA VAL E 427 -32.31 16.30 -13.56
C VAL E 427 -31.76 16.18 -14.99
N LEU E 428 -30.53 15.66 -15.13
CA LEU E 428 -29.96 15.41 -16.45
C LEU E 428 -30.81 14.43 -17.28
N LYS E 429 -31.27 13.35 -16.65
CA LYS E 429 -32.14 12.38 -17.35
C LYS E 429 -33.40 13.05 -17.85
N GLU E 430 -34.01 13.88 -17.00
CA GLU E 430 -35.26 14.57 -17.33
C GLU E 430 -35.07 15.49 -18.53
N ILE E 431 -34.03 16.32 -18.50
CA ILE E 431 -33.74 17.24 -19.60
C ILE E 431 -33.48 16.49 -20.91
N ALA E 432 -32.85 15.33 -20.80
CA ALA E 432 -32.51 14.50 -21.97
C ALA E 432 -33.73 13.94 -22.70
N LYS E 433 -34.86 13.81 -22.01
CA LYS E 433 -36.08 13.29 -22.64
C LYS E 433 -36.52 14.11 -23.86
N ALA E 434 -36.61 15.43 -23.69
CA ALA E 434 -37.04 16.31 -24.77
C ALA E 434 -35.88 16.78 -25.65
N GLY E 435 -34.67 16.81 -25.08
CA GLY E 435 -33.47 17.20 -25.84
C GLY E 435 -33.46 18.63 -26.37
N ARG E 436 -34.17 19.53 -25.68
CA ARG E 436 -34.26 20.94 -26.11
C ARG E 436 -32.98 21.72 -25.77
N LEU E 437 -32.19 21.21 -24.84
CA LEU E 437 -30.82 21.70 -24.64
C LEU E 437 -29.95 20.51 -24.27
N PHE E 438 -28.65 20.64 -24.51
CA PHE E 438 -27.70 19.56 -24.29
C PHE E 438 -26.76 19.97 -23.16
N LEU E 439 -26.74 19.16 -22.09
CA LEU E 439 -25.86 19.35 -20.94
C LEU E 439 -25.16 18.03 -20.66
N ILE E 440 -24.02 18.09 -19.97
CA ILE E 440 -23.28 16.88 -19.58
C ILE E 440 -22.80 16.98 -18.13
N PRO E 441 -22.54 15.83 -17.49
CA PRO E 441 -22.06 15.80 -16.11
C PRO E 441 -20.53 15.93 -15.99
N ALA E 442 -20.09 16.35 -14.82
CA ALA E 442 -18.70 16.23 -14.42
C ALA E 442 -18.66 15.98 -12.92
N THR E 443 -17.45 15.83 -12.39
CA THR E 443 -17.24 15.60 -10.97
C THR E 443 -16.22 16.59 -10.42
N ILE E 444 -16.52 17.19 -9.27
CA ILE E 444 -15.55 18.04 -8.58
C ILE E 444 -15.60 17.71 -7.09
N GLN E 445 -14.52 17.14 -6.56
CA GLN E 445 -14.47 16.65 -5.16
C GLN E 445 -15.66 15.76 -4.80
N ASP E 446 -15.80 14.64 -5.50
CA ASP E 446 -16.89 13.69 -5.22
C ASP E 446 -18.33 14.28 -5.31
N LYS E 447 -18.47 15.51 -5.83
CA LYS E 447 -19.78 16.09 -6.12
C LYS E 447 -20.06 15.98 -7.62
N LEU E 448 -21.20 15.42 -7.98
CA LEU E 448 -21.68 15.43 -9.37
C LEU E 448 -22.19 16.82 -9.68
N ILE E 449 -21.73 17.39 -10.80
CA ILE E 449 -22.16 18.71 -11.25
C ILE E 449 -22.68 18.63 -12.66
N ILE E 450 -23.53 19.58 -13.02
CA ILE E 450 -23.94 19.82 -14.40
C ILE E 450 -23.11 20.98 -14.94
N ARG E 451 -22.49 20.77 -16.10
CA ARG E 451 -21.79 21.83 -16.81
C ARG E 451 -22.73 22.53 -17.78
N PHE E 452 -22.65 23.86 -17.81
CA PHE E 452 -23.42 24.68 -18.75
C PHE E 452 -22.43 25.59 -19.45
N THR E 453 -22.17 25.30 -20.73
CA THR E 453 -21.25 26.08 -21.54
C THR E 453 -22.01 26.96 -22.50
N VAL E 454 -21.70 28.26 -22.49
CA VAL E 454 -22.20 29.19 -23.49
C VAL E 454 -21.44 28.90 -24.80
N THR E 455 -22.18 28.69 -25.88
CA THR E 455 -21.58 28.28 -27.16
C THR E 455 -21.79 29.31 -28.27
N SER E 456 -22.90 29.22 -29.00
CA SER E 456 -23.12 30.03 -30.21
C SER E 456 -22.76 31.49 -30.04
N GLN E 457 -22.04 32.02 -31.03
CA GLN E 457 -21.77 33.47 -31.08
C GLN E 457 -23.05 34.30 -31.19
N PHE E 458 -24.17 33.66 -31.51
CA PHE E 458 -25.46 34.34 -31.63
C PHE E 458 -26.35 34.21 -30.39
N THR E 459 -25.82 33.62 -29.32
CA THR E 459 -26.58 33.43 -28.08
C THR E 459 -27.04 34.76 -27.52
N THR E 460 -28.33 34.85 -27.15
CA THR E 460 -28.90 36.03 -26.51
C THR E 460 -29.32 35.75 -25.07
N ARG E 461 -29.62 36.82 -24.33
CA ARG E 461 -30.17 36.68 -22.98
C ARG E 461 -31.47 35.87 -22.99
N ASP E 462 -32.28 36.05 -24.04
CA ASP E 462 -33.51 35.27 -24.18
C ASP E 462 -33.19 33.78 -24.24
N ASP E 463 -32.17 33.42 -25.03
CA ASP E 463 -31.73 32.02 -25.13
C ASP E 463 -31.32 31.48 -23.75
N ILE E 464 -30.59 32.29 -22.98
CA ILE E 464 -30.11 31.86 -21.66
C ILE E 464 -31.27 31.65 -20.69
N LEU E 465 -32.19 32.60 -20.65
CA LEU E 465 -33.37 32.50 -19.80
C LEU E 465 -34.25 31.31 -20.19
N ARG E 466 -34.42 31.10 -21.49
CA ARG E 466 -35.19 29.95 -21.99
C ARG E 466 -34.60 28.65 -21.45
N ASP E 467 -33.29 28.50 -21.57
CA ASP E 467 -32.62 27.28 -21.14
C ASP E 467 -32.63 27.12 -19.62
N TRP E 468 -32.41 28.21 -18.89
CA TRP E 468 -32.51 28.16 -17.44
C TRP E 468 -33.90 27.71 -16.99
N ASN E 469 -34.94 28.27 -17.62
CA ASN E 469 -36.32 27.89 -17.27
C ASN E 469 -36.57 26.40 -17.51
N LEU E 470 -36.01 25.84 -18.57
CA LEU E 470 -36.13 24.41 -18.84
C LEU E 470 -35.43 23.57 -17.76
N ILE E 471 -34.28 24.05 -17.29
CA ILE E 471 -33.54 23.38 -16.22
C ILE E 471 -34.32 23.44 -14.90
N ARG E 472 -34.86 24.61 -14.58
CA ARG E 472 -35.64 24.79 -13.36
C ARG E 472 -36.94 23.96 -13.38
N ASP E 473 -37.60 23.90 -14.54
CA ASP E 473 -38.78 23.04 -14.69
C ASP E 473 -38.43 21.59 -14.35
N ALA E 474 -37.31 21.11 -14.88
CA ALA E 474 -36.84 19.74 -14.61
C ALA E 474 -36.57 19.53 -13.12
N ALA E 475 -35.89 20.50 -12.50
CA ALA E 475 -35.58 20.45 -11.07
C ALA E 475 -36.84 20.41 -10.21
N THR E 476 -37.83 21.23 -10.57
CA THR E 476 -39.12 21.26 -9.88
C THR E 476 -39.84 19.91 -9.95
N LEU E 477 -39.81 19.27 -11.12
CA LEU E 477 -40.40 17.94 -11.29
C LEU E 477 -39.68 16.92 -10.40
N ILE E 478 -38.36 16.89 -10.46
CA ILE E 478 -37.56 15.94 -9.69
C ILE E 478 -37.69 16.16 -8.17
N LEU E 479 -37.69 17.43 -7.75
CA LEU E 479 -37.83 17.76 -6.32
C LEU E 479 -39.22 17.43 -5.75
N SER E 480 -40.24 17.40 -6.62
CA SER E 480 -41.59 17.06 -6.19
C SER E 480 -41.87 15.54 -6.18
N GLN E 481 -40.96 14.75 -6.73
CA GLN E 481 -41.11 13.29 -6.76
C GLN E 481 -40.96 12.71 -5.36
N GLY F 4 -18.33 46.18 -40.20
CA GLY F 4 -19.28 45.11 -39.71
C GLY F 4 -18.88 43.73 -40.19
N SER F 5 -19.17 42.70 -39.39
CA SER F 5 -18.90 41.32 -39.79
C SER F 5 -20.00 40.79 -40.72
N MET F 6 -19.69 39.69 -41.42
CA MET F 6 -20.54 39.15 -42.49
C MET F 6 -21.94 38.74 -42.04
N GLU F 7 -22.96 39.20 -42.78
CA GLU F 7 -24.37 38.85 -42.54
C GLU F 7 -24.79 37.69 -43.45
N PRO F 8 -25.89 36.98 -43.10
CA PRO F 8 -26.37 35.82 -43.87
C PRO F 8 -26.53 36.07 -45.38
N GLU F 9 -27.04 37.25 -45.74
CA GLU F 9 -27.27 37.56 -47.15
CA GLU F 9 -27.27 37.62 -47.13
C GLU F 9 -25.94 37.77 -47.87
N GLU F 10 -24.96 38.32 -47.17
CA GLU F 10 -23.62 38.50 -47.72
C GLU F 10 -22.93 37.15 -47.90
N TYR F 11 -23.10 36.23 -46.94
CA TYR F 11 -22.63 34.86 -47.12
C TYR F 11 -23.19 34.24 -48.40
N ARG F 12 -24.49 34.37 -48.64
CA ARG F 12 -25.10 33.81 -49.83
C ARG F 12 -24.44 34.34 -51.10
N GLU F 13 -24.17 35.65 -51.13
CA GLU F 13 -23.53 36.28 -52.29
CA GLU F 13 -23.54 36.28 -52.29
C GLU F 13 -22.09 35.82 -52.45
N ARG F 14 -21.33 35.81 -51.35
CA ARG F 14 -19.92 35.43 -51.40
C ARG F 14 -19.71 33.93 -51.63
N GLY F 15 -20.62 33.11 -51.12
CA GLY F 15 -20.62 31.67 -51.38
C GLY F 15 -20.79 31.37 -52.86
N ARG F 16 -21.69 32.10 -53.52
CA ARG F 16 -21.85 32.00 -54.96
C ARG F 16 -20.61 32.44 -55.70
N GLU F 17 -19.99 33.53 -55.23
CA GLU F 17 -18.75 34.00 -55.83
C GLU F 17 -17.66 32.94 -55.74
N MET F 18 -17.59 32.27 -54.59
CA MET F 18 -16.56 31.26 -54.35
C MET F 18 -16.81 30.01 -55.21
N VAL F 19 -18.07 29.57 -55.26
CA VAL F 19 -18.45 28.48 -56.15
C VAL F 19 -18.02 28.78 -57.59
N ASP F 20 -18.32 29.98 -58.07
CA ASP F 20 -17.96 30.35 -59.44
C ASP F 20 -16.45 30.40 -59.64
N TYR F 21 -15.73 30.90 -58.65
CA TYR F 21 -14.27 30.92 -58.71
C TYR F 21 -13.71 29.50 -58.79
N ILE F 22 -14.24 28.63 -57.93
CA ILE F 22 -13.78 27.24 -57.88
C ILE F 22 -14.05 26.53 -59.20
N CYS F 23 -15.23 26.77 -59.77
CA CYS F 23 -15.57 26.14 -61.05
C CYS F 23 -14.56 26.52 -62.12
N GLN F 24 -14.25 27.82 -62.20
CA GLN F 24 -13.30 28.33 -63.18
C GLN F 24 -11.89 27.83 -62.88
N TYR F 25 -11.51 27.83 -61.61
CA TYR F 25 -10.17 27.38 -61.22
C TYR F 25 -9.92 25.93 -61.67
N LEU F 26 -10.81 25.03 -61.28
CA LEU F 26 -10.65 23.61 -61.58
C LEU F 26 -10.82 23.30 -63.07
N SER F 27 -11.64 24.09 -63.76
CA SER F 27 -11.84 23.91 -65.21
C SER F 27 -10.63 24.37 -66.05
N THR F 28 -9.87 25.33 -65.55
CA THR F 28 -8.77 25.92 -66.33
C THR F 28 -7.38 25.65 -65.74
N VAL F 29 -7.29 24.73 -64.79
CA VAL F 29 -6.03 24.48 -64.07
C VAL F 29 -4.83 24.12 -64.97
N ARG F 30 -5.07 23.51 -66.13
CA ARG F 30 -4.00 23.22 -67.11
C ARG F 30 -3.21 24.45 -67.53
N GLU F 31 -3.87 25.61 -67.56
CA GLU F 31 -3.24 26.84 -68.04
C GLU F 31 -2.15 27.34 -67.08
N ARG F 32 -2.19 26.86 -65.84
CA ARG F 32 -1.26 27.33 -64.82
C ARG F 32 0.05 26.55 -64.78
N ARG F 33 1.12 27.28 -64.45
CA ARG F 33 2.40 26.69 -64.14
C ARG F 33 2.22 25.84 -62.88
N VAL F 34 2.57 24.57 -62.93
CA VAL F 34 2.26 23.64 -61.82
C VAL F 34 3.04 23.97 -60.54
N THR F 35 4.35 24.19 -60.67
CA THR F 35 5.17 24.57 -59.54
C THR F 35 5.50 26.06 -59.64
N PRO F 36 5.27 26.82 -58.56
CA PRO F 36 5.41 28.28 -58.60
C PRO F 36 6.87 28.72 -58.59
N ASP F 37 7.16 29.80 -59.31
CA ASP F 37 8.50 30.40 -59.32
C ASP F 37 8.63 31.36 -58.12
N VAL F 38 8.77 30.79 -56.93
CA VAL F 38 8.97 31.57 -55.69
C VAL F 38 10.15 31.02 -54.89
N GLN F 39 10.71 31.87 -54.04
CA GLN F 39 11.78 31.48 -53.12
C GLN F 39 11.24 31.48 -51.68
N PRO F 40 11.81 30.62 -50.81
CA PRO F 40 11.35 30.59 -49.43
C PRO F 40 11.35 31.98 -48.78
N GLY F 41 10.27 32.31 -48.09
CA GLY F 41 10.10 33.60 -47.43
C GLY F 41 9.40 34.68 -48.25
N TYR F 42 8.99 34.35 -49.47
CA TYR F 42 8.37 35.33 -50.40
C TYR F 42 7.08 35.99 -49.87
N LEU F 43 6.34 35.31 -49.00
CA LEU F 43 5.00 35.79 -48.62
C LEU F 43 5.02 36.88 -47.53
N ARG F 44 6.02 36.84 -46.65
CA ARG F 44 6.05 37.71 -45.47
C ARG F 44 5.83 39.19 -45.79
N ALA F 45 6.59 39.70 -46.75
CA ALA F 45 6.52 41.12 -47.11
C ALA F 45 5.24 41.50 -47.86
N GLN F 46 4.53 40.50 -48.37
CA GLN F 46 3.27 40.72 -49.08
C GLN F 46 2.05 40.74 -48.15
N LEU F 47 2.25 40.42 -46.87
CA LEU F 47 1.18 40.43 -45.87
C LEU F 47 1.47 41.45 -44.77
N PRO F 48 0.41 42.02 -44.16
CA PRO F 48 0.59 42.83 -42.96
C PRO F 48 1.29 42.05 -41.85
N GLU F 49 2.05 42.75 -41.01
CA GLU F 49 2.75 42.12 -39.89
C GLU F 49 1.83 41.73 -38.74
N SER F 50 0.62 42.31 -38.70
CA SER F 50 -0.35 41.99 -37.65
C SER F 50 -1.75 41.82 -38.23
N ALA F 51 -2.59 41.10 -37.49
CA ALA F 51 -3.99 40.92 -37.86
C ALA F 51 -4.69 42.28 -37.92
N PRO F 52 -5.71 42.41 -38.78
CA PRO F 52 -6.45 43.65 -38.86
C PRO F 52 -7.36 43.85 -37.65
N GLU F 53 -7.37 45.08 -37.14
CA GLU F 53 -8.13 45.41 -35.95
C GLU F 53 -9.64 45.45 -36.29
N ASP F 54 -9.97 46.07 -37.41
CA ASP F 54 -11.32 46.09 -37.96
C ASP F 54 -11.43 45.13 -39.13
N PRO F 55 -12.66 44.75 -39.54
CA PRO F 55 -12.83 43.84 -40.67
C PRO F 55 -12.19 44.32 -41.96
N ASP F 56 -11.49 43.43 -42.67
CA ASP F 56 -11.11 43.69 -44.04
C ASP F 56 -12.34 43.51 -44.92
N SER F 57 -12.37 44.21 -46.05
CA SER F 57 -13.47 44.06 -47.00
C SER F 57 -13.35 42.71 -47.69
N TRP F 58 -14.49 42.14 -48.07
CA TRP F 58 -14.48 40.86 -48.76
C TRP F 58 -13.95 40.96 -50.19
N ASP F 59 -14.14 42.12 -50.82
CA ASP F 59 -13.48 42.39 -52.10
C ASP F 59 -11.96 42.20 -51.96
N SER F 60 -11.40 42.73 -50.87
CA SER F 60 -9.97 42.62 -50.61
C SER F 60 -9.54 41.18 -50.28
N ILE F 61 -10.37 40.49 -49.51
CA ILE F 61 -10.09 39.10 -49.15
C ILE F 61 -10.14 38.20 -50.40
N PHE F 62 -11.22 38.33 -51.18
CA PHE F 62 -11.37 37.56 -52.39
CA PHE F 62 -11.38 37.57 -52.43
C PHE F 62 -10.30 37.91 -53.44
N GLY F 63 -9.97 39.20 -53.55
CA GLY F 63 -8.97 39.65 -54.50
C GLY F 63 -7.59 39.09 -54.19
N ASP F 64 -7.34 38.82 -52.91
CA ASP F 64 -6.07 38.28 -52.46
C ASP F 64 -5.83 36.82 -52.84
N ILE F 65 -6.88 36.11 -53.27
CA ILE F 65 -6.72 34.71 -53.69
C ILE F 65 -5.74 34.64 -54.87
N GLU F 66 -6.01 35.41 -55.93
CA GLU F 66 -5.12 35.43 -57.10
C GLU F 66 -3.91 36.33 -56.88
N ARG F 67 -4.09 37.39 -56.10
CA ARG F 67 -3.02 38.39 -55.94
C ARG F 67 -1.85 37.85 -55.13
N ILE F 68 -2.12 37.14 -54.03
CA ILE F 68 -1.03 36.66 -53.17
C ILE F 68 -1.05 35.16 -52.79
N ILE F 69 -2.18 34.48 -52.84
CA ILE F 69 -2.19 33.05 -52.51
C ILE F 69 -1.76 32.18 -53.70
N MET F 70 -2.47 32.27 -54.82
CA MET F 70 -2.19 31.42 -55.97
C MET F 70 -0.74 31.44 -56.49
N PRO F 71 -0.06 32.61 -56.42
CA PRO F 71 1.33 32.63 -56.90
C PRO F 71 2.33 31.71 -56.19
N GLY F 72 1.97 31.18 -55.03
CA GLY F 72 2.82 30.23 -54.32
C GLY F 72 2.26 28.83 -54.19
N VAL F 73 1.16 28.56 -54.89
CA VAL F 73 0.47 27.28 -54.82
C VAL F 73 1.04 26.27 -55.82
N VAL F 74 1.22 25.03 -55.38
CA VAL F 74 1.46 23.92 -56.31
C VAL F 74 0.07 23.37 -56.68
N HIS F 75 -0.23 23.35 -57.97
CA HIS F 75 -1.58 22.97 -58.42
C HIS F 75 -1.69 21.47 -58.56
N TRP F 76 -1.97 20.85 -57.42
CA TRP F 76 -2.13 19.41 -57.31
C TRP F 76 -3.23 18.84 -58.20
N GLN F 77 -4.21 19.67 -58.58
CA GLN F 77 -5.31 19.23 -59.46
C GLN F 77 -4.99 19.36 -60.96
N SER F 78 -3.79 19.82 -61.30
CA SER F 78 -3.38 19.85 -62.70
C SER F 78 -3.12 18.46 -63.24
N PRO F 79 -3.59 18.18 -64.47
CA PRO F 79 -3.15 16.96 -65.15
C PRO F 79 -1.63 16.90 -65.37
N HIS F 80 -0.96 18.05 -65.22
CA HIS F 80 0.51 18.11 -65.38
C HIS F 80 1.24 17.98 -64.04
N MET F 81 0.48 17.78 -62.97
CA MET F 81 1.04 17.34 -61.70
C MET F 81 1.34 15.86 -61.79
N HIS F 82 2.59 15.48 -61.58
CA HIS F 82 3.01 14.09 -61.65
C HIS F 82 3.92 13.68 -60.48
N ALA F 83 4.03 14.55 -59.47
CA ALA F 83 4.84 14.28 -58.29
C ALA F 83 4.07 13.45 -57.29
N TYR F 84 4.81 12.76 -56.43
CA TYR F 84 4.25 12.08 -55.27
C TYR F 84 3.25 11.03 -55.77
N TYR F 85 2.15 10.85 -55.04
CA TYR F 85 1.01 10.14 -55.58
C TYR F 85 -0.11 11.16 -55.78
N PRO F 86 -1.20 10.79 -56.48
CA PRO F 86 -2.24 11.81 -56.66
C PRO F 86 -2.88 12.20 -55.33
N ALA F 87 -3.46 13.40 -55.29
CA ALA F 87 -4.38 13.77 -54.23
C ALA F 87 -5.50 14.53 -54.92
N LEU F 88 -6.58 13.82 -55.22
CA LEU F 88 -7.62 14.31 -56.11
C LEU F 88 -8.84 14.81 -55.37
N THR F 89 -9.30 15.99 -55.76
CA THR F 89 -10.59 16.51 -55.33
C THR F 89 -11.64 16.20 -56.39
N SER F 90 -12.90 16.46 -56.07
CA SER F 90 -14.00 16.33 -57.03
C SER F 90 -15.15 17.18 -56.54
N TRP F 91 -16.03 17.56 -57.48
CA TRP F 91 -17.22 18.38 -57.16
C TRP F 91 -18.04 17.80 -56.00
N PRO F 92 -18.36 16.48 -56.04
CA PRO F 92 -19.16 15.91 -54.94
C PRO F 92 -18.47 16.00 -53.58
N SER F 93 -17.15 15.82 -53.56
CA SER F 93 -16.38 15.89 -52.31
C SER F 93 -16.48 17.28 -51.71
N LEU F 94 -16.34 18.28 -52.57
CA LEU F 94 -16.46 19.69 -52.14
C LEU F 94 -17.82 19.95 -51.51
N LEU F 95 -18.87 19.46 -52.16
CA LEU F 95 -20.22 19.71 -51.70
C LEU F 95 -20.51 19.03 -50.35
N GLY F 96 -19.98 17.82 -50.18
CA GLY F 96 -20.15 17.07 -48.95
C GLY F 96 -19.55 17.77 -47.75
N ASP F 97 -18.33 18.28 -47.91
CA ASP F 97 -17.63 18.93 -46.82
C ASP F 97 -18.21 20.31 -46.51
N MET F 98 -18.79 20.98 -47.52
CA MET F 98 -19.53 22.22 -47.26
C MET F 98 -20.57 21.98 -46.17
N LEU F 99 -21.32 20.89 -46.30
CA LEU F 99 -22.35 20.56 -45.32
C LEU F 99 -21.73 20.25 -43.95
N ALA F 100 -20.73 19.36 -43.95
CA ALA F 100 -20.04 18.99 -42.70
C ALA F 100 -19.49 20.22 -41.97
N ASP F 101 -18.87 21.13 -42.72
CA ASP F 101 -18.25 22.32 -42.12
C ASP F 101 -19.31 23.25 -41.48
N ALA F 102 -20.52 23.26 -42.05
CA ALA F 102 -21.63 24.07 -41.54
C ALA F 102 -22.24 23.48 -40.28
N ILE F 103 -22.46 22.17 -40.28
CA ILE F 103 -22.98 21.49 -39.08
C ILE F 103 -21.94 21.57 -37.97
N ASN F 104 -20.68 21.33 -38.35
CA ASN F 104 -19.53 21.37 -37.44
C ASN F 104 -19.81 20.66 -36.12
N CYS F 105 -20.28 19.42 -36.23
CA CYS F 105 -20.40 18.57 -35.06
C CYS F 105 -19.08 17.81 -34.86
N LEU F 106 -18.89 17.28 -33.65
CA LEU F 106 -17.74 16.45 -33.33
C LEU F 106 -18.24 15.07 -32.88
N GLY F 107 -17.49 14.04 -33.27
CA GLY F 107 -17.93 12.66 -33.10
C GLY F 107 -17.02 11.81 -32.25
N PHE F 108 -16.49 12.37 -31.17
CA PHE F 108 -15.61 11.61 -30.28
C PHE F 108 -16.32 10.43 -29.61
N THR F 109 -17.60 10.61 -29.31
CA THR F 109 -18.44 9.52 -28.82
C THR F 109 -19.69 9.43 -29.69
N TRP F 110 -20.39 8.30 -29.62
CA TRP F 110 -21.66 8.15 -30.33
C TRP F 110 -22.61 9.30 -29.97
N ALA F 111 -22.71 9.60 -28.67
CA ALA F 111 -23.66 10.63 -28.23
C ALA F 111 -23.31 12.04 -28.68
N SER F 112 -22.02 12.34 -28.86
CA SER F 112 -21.63 13.72 -29.22
C SER F 112 -22.18 14.12 -30.60
N SER F 113 -22.44 13.14 -31.48
CA SER F 113 -23.28 13.29 -32.67
C SER F 113 -23.47 11.92 -33.34
N PRO F 114 -24.59 11.24 -33.05
CA PRO F 114 -24.76 9.87 -33.56
C PRO F 114 -24.49 9.69 -35.06
N ALA F 115 -25.00 10.60 -35.88
CA ALA F 115 -24.84 10.52 -37.35
C ALA F 115 -23.37 10.47 -37.77
N CYS F 116 -22.52 11.22 -37.09
CA CYS F 116 -21.10 11.27 -37.39
C CYS F 116 -20.48 9.87 -37.30
N THR F 117 -20.90 9.12 -36.28
CA THR F 117 -20.42 7.76 -36.10
C THR F 117 -21.15 6.75 -37.01
N GLU F 118 -22.48 6.84 -37.10
CA GLU F 118 -23.23 5.81 -37.82
C GLU F 118 -23.07 5.88 -39.33
N LEU F 119 -23.03 7.08 -39.91
CA LEU F 119 -22.78 7.18 -41.35
C LEU F 119 -21.41 6.58 -41.66
N GLU F 120 -20.43 6.90 -40.83
CA GLU F 120 -19.07 6.38 -41.03
C GLU F 120 -19.01 4.87 -40.93
N MET F 121 -19.62 4.29 -39.91
CA MET F 121 -19.63 2.82 -39.78
C MET F 121 -20.21 2.17 -41.03
N ASN F 122 -21.35 2.68 -41.48
CA ASN F 122 -22.04 2.09 -42.63
C ASN F 122 -21.27 2.28 -43.93
N VAL F 123 -20.71 3.48 -44.12
CA VAL F 123 -19.93 3.77 -45.32
C VAL F 123 -18.59 3.03 -45.31
N MET F 124 -17.99 2.83 -44.13
CA MET F 124 -16.77 2.02 -44.06
C MET F 124 -17.04 0.56 -44.38
N ASP F 125 -18.23 0.06 -44.03
CA ASP F 125 -18.65 -1.27 -44.47
C ASP F 125 -18.84 -1.31 -46.00
N TRP F 126 -19.48 -0.27 -46.56
CA TRP F 126 -19.61 -0.15 -48.01
C TRP F 126 -18.25 -0.28 -48.68
N LEU F 127 -17.28 0.47 -48.16
CA LEU F 127 -15.99 0.62 -48.79
C LEU F 127 -15.18 -0.67 -48.69
N ALA F 128 -15.27 -1.35 -47.55
CA ALA F 128 -14.61 -2.65 -47.40
C ALA F 128 -15.10 -3.62 -48.49
N LYS F 129 -16.41 -3.65 -48.71
CA LYS F 129 -17.00 -4.51 -49.74
C LYS F 129 -16.52 -4.09 -51.14
N MET F 130 -16.50 -2.78 -51.39
CA MET F 130 -16.05 -2.22 -52.67
C MET F 130 -14.61 -2.62 -53.02
N LEU F 131 -13.77 -2.75 -51.99
CA LEU F 131 -12.35 -3.11 -52.17
C LEU F 131 -12.09 -4.62 -52.19
N GLY F 132 -13.11 -5.41 -51.87
CA GLY F 132 -12.94 -6.86 -51.75
C GLY F 132 -12.22 -7.27 -50.48
N LEU F 133 -12.33 -6.47 -49.42
CA LEU F 133 -11.70 -6.80 -48.13
C LEU F 133 -12.46 -7.93 -47.46
N PRO F 134 -11.78 -8.71 -46.61
CA PRO F 134 -12.43 -9.76 -45.82
C PRO F 134 -13.63 -9.25 -45.02
N GLU F 135 -14.60 -10.12 -44.81
CA GLU F 135 -15.78 -9.80 -44.03
C GLU F 135 -15.44 -9.51 -42.57
N HIS F 136 -14.30 -10.00 -42.10
CA HIS F 136 -13.89 -9.76 -40.71
C HIS F 136 -13.42 -8.32 -40.46
N PHE F 137 -13.45 -7.47 -41.49
CA PHE F 137 -13.24 -6.02 -41.32
C PHE F 137 -14.56 -5.23 -41.25
N LEU F 138 -15.70 -5.91 -41.35
CA LEU F 138 -17.00 -5.24 -41.35
C LEU F 138 -17.50 -5.01 -39.93
N HIS F 139 -18.05 -3.84 -39.67
CA HIS F 139 -18.75 -3.56 -38.41
C HIS F 139 -19.92 -4.52 -38.21
N HIS F 140 -20.74 -4.63 -39.26
CA HIS F 140 -22.00 -5.37 -39.20
C HIS F 140 -21.91 -6.67 -39.98
N HIS F 141 -21.22 -7.66 -39.42
CA HIS F 141 -21.20 -9.00 -39.98
C HIS F 141 -21.09 -9.98 -38.83
N PRO F 142 -21.97 -10.99 -38.78
CA PRO F 142 -21.96 -11.99 -37.70
C PRO F 142 -20.58 -12.60 -37.37
N SER F 143 -19.74 -12.83 -38.38
CA SER F 143 -18.40 -13.40 -38.16
C SER F 143 -17.29 -12.32 -38.15
N SER F 144 -17.60 -11.14 -37.64
CA SER F 144 -16.60 -10.09 -37.49
C SER F 144 -16.62 -9.51 -36.09
N GLN F 145 -15.43 -9.21 -35.57
CA GLN F 145 -15.28 -8.40 -34.36
C GLN F 145 -14.40 -7.19 -34.69
N GLY F 146 -14.40 -6.83 -35.97
CA GLY F 146 -13.58 -5.74 -36.47
C GLY F 146 -14.44 -4.59 -36.94
N GLY F 147 -13.85 -3.73 -37.76
CA GLY F 147 -14.51 -2.55 -38.26
C GLY F 147 -13.52 -1.54 -38.84
N GLY F 148 -14.07 -0.62 -39.63
CA GLY F 148 -13.33 0.45 -40.26
C GLY F 148 -13.63 1.79 -39.62
N VAL F 149 -12.60 2.62 -39.51
CA VAL F 149 -12.71 3.97 -38.99
C VAL F 149 -11.87 4.88 -39.89
N LEU F 150 -12.38 6.08 -40.13
CA LEU F 150 -11.64 7.04 -40.92
C LEU F 150 -10.54 7.66 -40.06
N GLN F 151 -9.44 8.00 -40.71
CA GLN F 151 -8.32 8.70 -40.08
C GLN F 151 -7.92 9.82 -41.04
N SER F 152 -6.91 10.60 -40.68
CA SER F 152 -6.47 11.72 -41.52
C SER F 152 -5.34 11.36 -42.49
N THR F 153 -4.57 10.32 -42.15
CA THR F 153 -3.43 9.91 -42.96
C THR F 153 -3.19 8.43 -42.79
N VAL F 154 -2.52 7.84 -43.77
CA VAL F 154 -2.01 6.48 -43.65
C VAL F 154 -0.91 6.48 -42.58
N SER F 155 -0.11 7.56 -42.51
CA SER F 155 0.93 7.68 -41.50
C SER F 155 0.39 7.38 -40.12
N GLU F 156 -0.70 8.04 -39.75
CA GLU F 156 -1.31 7.86 -38.45
C GLU F 156 -1.92 6.48 -38.29
N SER F 157 -2.49 5.94 -39.37
CA SER F 157 -3.10 4.62 -39.34
C SER F 157 -2.06 3.53 -39.05
N THR F 158 -0.93 3.61 -39.73
CA THR F 158 0.19 2.69 -39.50
C THR F 158 0.75 2.83 -38.08
N LEU F 159 0.88 4.06 -37.60
CA LEU F 159 1.32 4.27 -36.22
C LEU F 159 0.33 3.62 -35.24
N ILE F 160 -0.97 3.86 -35.45
CA ILE F 160 -2.00 3.26 -34.57
C ILE F 160 -1.90 1.74 -34.58
N ALA F 161 -1.71 1.14 -35.76
CA ALA F 161 -1.60 -0.31 -35.87
C ALA F 161 -0.40 -0.81 -35.07
N LEU F 162 0.73 -0.11 -35.18
CA LEU F 162 1.93 -0.47 -34.42
C LEU F 162 1.71 -0.30 -32.90
N LEU F 163 1.08 0.81 -32.52
CA LEU F 163 0.78 1.07 -31.11
C LEU F 163 -0.11 -0.03 -30.54
N ALA F 164 -1.13 -0.43 -31.30
CA ALA F 164 -2.01 -1.50 -30.86
C ALA F 164 -1.28 -2.84 -30.76
N ALA F 165 -0.44 -3.13 -31.75
CA ALA F 165 0.33 -4.37 -31.76
C ALA F 165 1.27 -4.45 -30.57
N ARG F 166 2.02 -3.39 -30.31
CA ARG F 166 2.97 -3.41 -29.19
C ARG F 166 2.24 -3.41 -27.84
N LYS F 167 1.14 -2.69 -27.73
CA LYS F 167 0.39 -2.66 -26.48
C LYS F 167 -0.14 -4.06 -26.15
N ASN F 168 -0.73 -4.72 -27.14
CA ASN F 168 -1.26 -6.06 -26.97
C ASN F 168 -0.19 -7.07 -26.53
N LYS F 169 0.98 -7.00 -27.18
CA LYS F 169 2.07 -7.91 -26.84
C LYS F 169 2.61 -7.62 -25.44
N ILE F 170 2.68 -6.33 -25.09
CA ILE F 170 3.15 -5.94 -23.76
C ILE F 170 2.20 -6.46 -22.68
N LEU F 171 0.89 -6.34 -22.90
CA LEU F 171 -0.10 -6.87 -21.95
C LEU F 171 0.03 -8.38 -21.78
N GLU F 172 0.37 -9.08 -22.87
CA GLU F 172 0.61 -10.52 -22.81
C GLU F 172 1.88 -10.81 -22.00
N MET F 173 2.92 -10.04 -22.26
CA MET F 173 4.20 -10.20 -21.55
C MET F 173 4.06 -9.94 -20.06
N LYS F 174 3.20 -8.99 -19.71
CA LYS F 174 2.95 -8.64 -18.30
C LYS F 174 2.35 -9.80 -17.50
N THR F 175 1.60 -10.68 -18.16
CA THR F 175 1.03 -11.85 -17.48
C THR F 175 2.13 -12.68 -16.79
N SER F 176 3.26 -12.87 -17.47
CA SER F 176 4.36 -13.65 -16.89
C SER F 176 5.41 -12.78 -16.19
N GLU F 177 5.39 -11.47 -16.45
CA GLU F 177 6.29 -10.51 -15.78
C GLU F 177 5.53 -9.29 -15.30
N PRO F 178 4.67 -9.45 -14.27
CA PRO F 178 3.76 -8.38 -13.85
C PRO F 178 4.43 -7.14 -13.27
N ASP F 179 5.68 -7.26 -12.81
CA ASP F 179 6.39 -6.13 -12.21
C ASP F 179 7.31 -5.41 -13.21
N ALA F 180 7.39 -5.92 -14.43
CA ALA F 180 8.20 -5.28 -15.47
C ALA F 180 7.49 -4.01 -15.94
N ASP F 181 8.26 -2.96 -16.20
CA ASP F 181 7.72 -1.72 -16.72
C ASP F 181 7.35 -1.91 -18.20
N GLU F 182 6.23 -1.33 -18.62
CA GLU F 182 5.79 -1.48 -20.02
C GLU F 182 6.86 -1.02 -21.01
N SER F 183 7.55 0.06 -20.68
CA SER F 183 8.58 0.60 -21.57
C SER F 183 9.83 -0.28 -21.63
N SER F 184 10.10 -1.02 -20.55
CA SER F 184 11.20 -1.98 -20.55
C SER F 184 10.84 -3.20 -21.42
N LEU F 185 9.59 -3.65 -21.32
CA LEU F 185 9.11 -4.75 -22.17
C LEU F 185 9.13 -4.33 -23.64
N ASN F 186 8.76 -3.08 -23.90
CA ASN F 186 8.75 -2.53 -25.26
C ASN F 186 10.13 -2.56 -25.91
N ALA F 187 11.17 -2.41 -25.08
CA ALA F 187 12.56 -2.47 -25.54
C ALA F 187 12.95 -3.79 -26.18
N ARG F 188 12.22 -4.86 -25.85
CA ARG F 188 12.52 -6.19 -26.40
C ARG F 188 11.94 -6.40 -27.79
N LEU F 189 11.03 -5.53 -28.20
CA LEU F 189 10.23 -5.77 -29.39
C LEU F 189 10.95 -5.37 -30.65
N VAL F 190 10.61 -6.02 -31.76
CA VAL F 190 11.10 -5.64 -33.08
C VAL F 190 9.95 -5.73 -34.08
N ALA F 191 9.88 -4.74 -34.96
CA ALA F 191 8.89 -4.69 -36.02
C ALA F 191 9.60 -4.71 -37.36
N TYR F 192 8.91 -5.13 -38.42
CA TYR F 192 9.52 -5.29 -39.74
C TYR F 192 8.72 -4.66 -40.87
N ALA F 193 9.44 -4.24 -41.90
CA ALA F 193 8.81 -3.81 -43.14
C ALA F 193 9.81 -3.95 -44.29
N SER F 194 9.33 -3.75 -45.51
CA SER F 194 10.18 -3.75 -46.69
C SER F 194 11.13 -2.56 -46.66
N ASP F 195 12.32 -2.71 -47.23
CA ASP F 195 13.18 -1.55 -47.43
C ASP F 195 12.61 -0.56 -48.45
N GLN F 196 11.50 -0.94 -49.11
CA GLN F 196 10.73 -0.03 -49.95
C GLN F 196 9.55 0.62 -49.22
N ALA F 197 9.32 0.25 -47.96
CA ALA F 197 8.18 0.83 -47.21
C ALA F 197 8.35 2.34 -47.09
N HIS F 198 7.22 3.03 -47.07
CA HIS F 198 7.18 4.48 -46.99
C HIS F 198 7.81 4.95 -45.67
N SER F 199 8.33 6.17 -45.69
CA SER F 199 9.03 6.73 -44.54
C SER F 199 8.16 6.81 -43.27
N SER F 200 6.85 6.83 -43.44
CA SER F 200 5.90 6.74 -42.32
C SER F 200 6.10 5.49 -41.43
N VAL F 201 6.62 4.40 -41.99
CA VAL F 201 6.89 3.20 -41.18
C VAL F 201 8.10 3.46 -40.27
N GLU F 202 9.17 4.03 -40.82
CA GLU F 202 10.31 4.45 -40.02
C GLU F 202 9.88 5.45 -38.95
N LYS F 203 9.04 6.41 -39.34
CA LYS F 203 8.60 7.45 -38.42
C LYS F 203 7.74 6.88 -37.27
N ALA F 204 6.92 5.88 -37.57
CA ALA F 204 6.15 5.19 -36.52
C ALA F 204 7.07 4.54 -35.48
N GLY F 205 8.15 3.93 -35.95
CA GLY F 205 9.16 3.36 -35.06
C GLY F 205 9.83 4.41 -34.19
N LEU F 206 10.18 5.53 -34.79
CA LEU F 206 10.83 6.65 -34.08
C LEU F 206 9.94 7.22 -33.00
N ILE F 207 8.65 7.33 -33.31
CA ILE F 207 7.66 7.89 -32.40
C ILE F 207 7.39 6.95 -31.23
N SER F 208 7.26 5.67 -31.53
CA SER F 208 6.86 4.65 -30.56
C SER F 208 8.04 4.03 -29.79
N LEU F 209 9.26 4.34 -30.21
CA LEU F 209 10.48 3.74 -29.67
C LEU F 209 10.49 2.22 -29.84
N VAL F 210 9.89 1.75 -30.94
CA VAL F 210 9.92 0.34 -31.31
C VAL F 210 10.95 0.18 -32.42
N LYS F 211 11.89 -0.73 -32.20
CA LYS F 211 12.92 -1.04 -33.19
C LYS F 211 12.26 -1.54 -34.47
N MET F 212 12.68 -0.98 -35.60
CA MET F 212 12.05 -1.23 -36.88
C MET F 212 13.14 -1.67 -37.83
N LYS F 213 13.02 -2.89 -38.37
CA LYS F 213 14.03 -3.42 -39.26
C LYS F 213 13.46 -3.49 -40.66
N PHE F 214 14.21 -2.94 -41.62
CA PHE F 214 13.78 -2.89 -43.00
C PHE F 214 14.49 -3.98 -43.77
N LEU F 215 13.70 -4.79 -44.48
CA LEU F 215 14.17 -6.05 -45.03
C LEU F 215 14.42 -5.97 -46.53
N PRO F 216 15.39 -6.76 -47.02
CA PRO F 216 15.68 -6.75 -48.46
C PRO F 216 14.54 -7.33 -49.30
N VAL F 217 14.48 -6.90 -50.55
CA VAL F 217 13.40 -7.26 -51.45
C VAL F 217 13.95 -7.99 -52.68
N ASP F 218 13.05 -8.61 -53.43
CA ASP F 218 13.43 -9.38 -54.61
C ASP F 218 13.62 -8.48 -55.84
N ASP F 219 13.82 -9.08 -57.01
CA ASP F 219 14.08 -8.32 -58.23
C ASP F 219 12.89 -7.48 -58.70
N ASN F 220 11.70 -7.80 -58.19
CA ASN F 220 10.50 -6.98 -58.43
C ASN F 220 10.24 -5.98 -57.28
N PHE F 221 11.24 -5.83 -56.41
CA PHE F 221 11.18 -4.90 -55.27
C PHE F 221 10.05 -5.24 -54.28
N SER F 222 9.79 -6.54 -54.19
CA SER F 222 8.73 -7.09 -53.35
C SER F 222 9.34 -7.82 -52.15
N LEU F 223 8.76 -7.61 -50.97
CA LEU F 223 9.17 -8.33 -49.77
C LEU F 223 8.59 -9.74 -49.80
N ARG F 224 9.48 -10.71 -49.61
CA ARG F 224 9.12 -12.12 -49.69
C ARG F 224 9.20 -12.80 -48.33
N GLY F 225 8.51 -13.93 -48.19
CA GLY F 225 8.47 -14.66 -46.92
C GLY F 225 9.83 -15.03 -46.36
N GLU F 226 10.73 -15.49 -47.23
CA GLU F 226 12.07 -15.92 -46.84
C GLU F 226 12.82 -14.83 -46.06
N ALA F 227 12.76 -13.60 -46.56
CA ALA F 227 13.41 -12.46 -45.90
C ALA F 227 12.85 -12.22 -44.50
N LEU F 228 11.52 -12.26 -44.36
CA LEU F 228 10.88 -12.07 -43.06
C LEU F 228 11.26 -13.15 -42.07
N GLN F 229 11.18 -14.42 -42.48
CA GLN F 229 11.51 -15.49 -41.53
C GLN F 229 12.98 -15.45 -41.12
N LYS F 230 13.86 -15.13 -42.07
CA LYS F 230 15.29 -15.02 -41.77
C LYS F 230 15.52 -13.99 -40.67
N ALA F 231 14.88 -12.83 -40.80
CA ALA F 231 15.03 -11.75 -39.83
C ALA F 231 14.44 -12.13 -38.48
N ILE F 232 13.26 -12.77 -38.49
CA ILE F 232 12.61 -13.24 -37.28
C ILE F 232 13.54 -14.16 -36.48
N GLU F 233 14.16 -15.12 -37.18
CA GLU F 233 15.05 -16.09 -36.53
C GLU F 233 16.30 -15.43 -35.94
N GLU F 234 16.92 -14.54 -36.70
CA GLU F 234 18.11 -13.83 -36.22
C GLU F 234 17.79 -13.02 -34.97
N ASP F 235 16.64 -12.36 -34.98
CA ASP F 235 16.23 -11.52 -33.85
C ASP F 235 15.82 -12.33 -32.62
N LYS F 236 15.14 -13.45 -32.84
CA LYS F 236 14.81 -14.35 -31.73
C LYS F 236 16.09 -14.88 -31.06
N GLN F 237 17.11 -15.15 -31.87
CA GLN F 237 18.39 -15.61 -31.36
C GLN F 237 19.06 -14.55 -30.48
N ARG F 238 18.83 -13.27 -30.79
CA ARG F 238 19.35 -12.15 -30.01
C ARG F 238 18.50 -11.82 -28.77
N GLY F 239 17.43 -12.57 -28.56
CA GLY F 239 16.52 -12.32 -27.44
C GLY F 239 15.48 -11.22 -27.69
N LEU F 240 15.30 -10.82 -28.94
CA LEU F 240 14.27 -9.84 -29.29
C LEU F 240 12.95 -10.56 -29.56
N VAL F 241 11.86 -9.80 -29.53
CA VAL F 241 10.53 -10.35 -29.64
C VAL F 241 9.80 -9.71 -30.82
N PRO F 242 9.76 -10.40 -31.97
CA PRO F 242 8.99 -9.92 -33.12
C PRO F 242 7.54 -9.60 -32.74
N VAL F 243 7.03 -8.48 -33.24
CA VAL F 243 5.69 -8.00 -32.83
C VAL F 243 4.76 -7.53 -33.95
N PHE F 244 5.32 -7.07 -35.07
CA PHE F 244 4.55 -6.32 -36.07
C PHE F 244 5.24 -6.40 -37.43
N VAL F 245 4.44 -6.57 -38.49
CA VAL F 245 4.94 -6.48 -39.84
C VAL F 245 4.04 -5.52 -40.61
N CYS F 246 4.65 -4.59 -41.35
CA CYS F 246 3.93 -3.80 -42.32
C CYS F 246 4.25 -4.30 -43.71
N ALA F 247 3.24 -4.86 -44.37
CA ALA F 247 3.34 -5.24 -45.78
C ALA F 247 2.77 -4.09 -46.60
N THR F 248 3.48 -3.71 -47.66
CA THR F 248 3.06 -2.58 -48.49
C THR F 248 2.55 -3.07 -49.85
N LEU F 249 1.35 -2.62 -50.21
CA LEU F 249 0.77 -2.85 -51.53
C LEU F 249 0.75 -1.51 -52.28
N GLY F 250 1.70 -1.34 -53.19
CA GLY F 250 1.87 -0.09 -53.93
C GLY F 250 2.91 0.81 -53.29
N THR F 251 4.17 0.38 -53.31
CA THR F 251 5.24 1.12 -52.68
C THR F 251 5.43 2.51 -53.32
N THR F 252 5.94 3.43 -52.53
CA THR F 252 6.07 4.83 -52.96
C THR F 252 6.99 4.99 -54.18
N GLY F 253 8.16 4.35 -54.12
CA GLY F 253 9.18 4.52 -55.15
C GLY F 253 8.76 4.02 -56.52
N VAL F 254 8.40 2.75 -56.61
CA VAL F 254 8.13 2.10 -57.89
C VAL F 254 6.77 1.39 -57.97
N CYS F 255 5.93 1.55 -56.94
CA CYS F 255 4.63 0.88 -56.87
C CYS F 255 4.76 -0.63 -57.03
N ALA F 256 5.61 -1.21 -56.20
CA ALA F 256 5.75 -2.65 -56.06
C ALA F 256 4.75 -3.15 -55.02
N PHE F 257 4.60 -4.47 -54.95
CA PHE F 257 3.64 -5.11 -54.04
C PHE F 257 4.32 -6.23 -53.27
N ASP F 258 4.29 -6.12 -51.94
CA ASP F 258 4.83 -7.18 -51.09
C ASP F 258 4.00 -8.46 -51.26
N LEU F 260 2.02 -10.88 -50.05
CA LEU F 260 1.16 -11.09 -48.90
C LEU F 260 0.76 -12.56 -48.71
N SER F 261 0.73 -13.35 -49.79
CA SER F 261 0.43 -14.78 -49.66
C SER F 261 1.54 -15.57 -48.94
N GLU F 262 2.76 -15.04 -48.95
CA GLU F 262 3.88 -15.61 -48.19
C GLU F 262 3.96 -15.01 -46.80
N LEU F 263 3.85 -13.68 -46.72
CA LEU F 263 4.00 -12.99 -45.44
C LEU F 263 2.87 -13.30 -44.47
N GLY F 264 1.66 -13.49 -44.99
CA GLY F 264 0.48 -13.76 -44.17
C GLY F 264 0.58 -14.98 -43.26
N PRO F 265 0.83 -16.16 -43.84
CA PRO F 265 0.97 -17.39 -43.05
C PRO F 265 2.04 -17.27 -41.97
N ILE F 266 3.15 -16.61 -42.27
CA ILE F 266 4.22 -16.41 -41.30
C ILE F 266 3.76 -15.58 -40.11
N CYS F 267 3.10 -14.45 -40.38
CA CYS F 267 2.58 -13.61 -39.31
C CYS F 267 1.55 -14.33 -38.43
N ALA F 268 0.70 -15.13 -39.06
CA ALA F 268 -0.33 -15.87 -38.33
C ALA F 268 0.31 -16.87 -37.36
N ARG F 269 1.26 -17.67 -37.85
N ARG F 269 1.26 -17.64 -37.88
CA ARG F 269 1.92 -18.67 -37.01
CA ARG F 269 1.97 -18.67 -37.11
C ARG F 269 2.78 -18.02 -35.93
C ARG F 269 2.82 -18.06 -35.99
N GLU F 270 3.51 -16.97 -36.29
CA GLU F 270 4.38 -16.28 -35.34
C GLU F 270 3.65 -15.32 -34.40
N GLY F 271 2.35 -15.11 -34.63
CA GLY F 271 1.55 -14.19 -33.80
C GLY F 271 1.97 -12.74 -33.95
N LEU F 272 2.33 -12.35 -35.17
CA LEU F 272 2.72 -10.96 -35.44
C LEU F 272 1.53 -10.24 -36.04
N TRP F 273 1.28 -9.03 -35.55
CA TRP F 273 0.27 -8.15 -36.12
C TRP F 273 0.69 -7.80 -37.54
N LEU F 274 -0.16 -8.10 -38.53
CA LEU F 274 0.13 -7.83 -39.93
C LEU F 274 -0.71 -6.64 -40.39
N HIS F 275 -0.04 -5.52 -40.66
CA HIS F 275 -0.68 -4.29 -41.09
C HIS F 275 -0.36 -4.07 -42.56
N ILE F 276 -1.39 -3.79 -43.36
CA ILE F 276 -1.21 -3.55 -44.79
C ILE F 276 -1.30 -2.06 -45.09
N ASP F 277 -0.25 -1.51 -45.68
CA ASP F 277 -0.24 -0.14 -46.17
C ASP F 277 -0.48 -0.20 -47.67
N ALA F 278 -1.69 0.19 -48.08
CA ALA F 278 -2.07 0.26 -49.49
C ALA F 278 -2.48 1.69 -49.86
N ALA F 279 -1.78 2.67 -49.28
CA ALA F 279 -2.12 4.10 -49.44
C ALA F 279 -2.68 4.47 -50.80
N TYR F 280 -1.87 4.23 -51.83
CA TYR F 280 -2.22 4.57 -53.21
C TYR F 280 -3.01 3.46 -53.88
N ALA F 281 -2.42 2.27 -53.92
CA ALA F 281 -2.97 1.16 -54.70
C ALA F 281 -4.33 0.65 -54.22
N GLY F 282 -4.70 0.94 -52.98
CA GLY F 282 -5.98 0.48 -52.46
C GLY F 282 -7.17 0.84 -53.33
N THR F 283 -7.14 2.02 -53.94
CA THR F 283 -8.22 2.47 -54.81
C THR F 283 -8.38 1.56 -56.03
N ALA F 284 -7.26 0.99 -56.49
CA ALA F 284 -7.28 0.06 -57.62
C ALA F 284 -8.11 -1.19 -57.30
N PHE F 285 -8.20 -1.54 -56.02
CA PHE F 285 -8.95 -2.74 -55.61
C PHE F 285 -10.47 -2.56 -55.75
N LEU F 286 -10.91 -1.37 -56.12
CA LEU F 286 -12.29 -1.19 -56.60
C LEU F 286 -12.57 -2.04 -57.84
N CYS F 287 -11.53 -2.33 -58.62
CA CYS F 287 -11.63 -3.11 -59.85
C CYS F 287 -11.15 -4.54 -59.57
N PRO F 288 -12.01 -5.54 -59.79
CA PRO F 288 -11.59 -6.92 -59.47
C PRO F 288 -10.29 -7.39 -60.13
N GLU F 289 -9.99 -6.89 -61.33
CA GLU F 289 -8.81 -7.34 -62.06
C GLU F 289 -7.49 -6.96 -61.41
N PHE F 290 -7.51 -5.98 -60.49
CA PHE F 290 -6.30 -5.65 -59.74
C PHE F 290 -6.22 -6.32 -58.38
N ARG F 291 -7.19 -7.18 -58.05
CA ARG F 291 -7.21 -7.79 -56.71
C ARG F 291 -6.26 -8.97 -56.53
N GLY F 292 -5.55 -9.39 -57.58
CA GLY F 292 -4.47 -10.37 -57.43
C GLY F 292 -3.43 -9.95 -56.40
N PHE F 293 -3.17 -8.65 -56.30
CA PHE F 293 -2.21 -8.11 -55.33
C PHE F 293 -2.72 -8.18 -53.89
N LEU F 294 -4.01 -8.41 -53.72
CA LEU F 294 -4.63 -8.53 -52.41
C LEU F 294 -4.59 -9.98 -51.90
N LYS F 295 -4.12 -10.92 -52.74
CA LYS F 295 -4.03 -12.32 -52.32
C LYS F 295 -3.27 -12.47 -51.00
N GLY F 296 -3.91 -13.10 -50.02
CA GLY F 296 -3.36 -13.25 -48.68
C GLY F 296 -3.94 -12.28 -47.67
N ILE F 297 -4.84 -11.41 -48.11
CA ILE F 297 -5.42 -10.35 -47.26
C ILE F 297 -6.12 -10.95 -46.03
N GLU F 298 -6.61 -12.18 -46.16
CA GLU F 298 -7.30 -12.83 -45.05
C GLU F 298 -6.42 -12.94 -43.79
N TYR F 299 -5.10 -12.87 -43.95
CA TYR F 299 -4.16 -12.92 -42.83
C TYR F 299 -3.91 -11.57 -42.15
N ALA F 300 -4.42 -10.50 -42.73
CA ALA F 300 -4.15 -9.17 -42.21
C ALA F 300 -4.94 -8.90 -40.93
N ASP F 301 -4.29 -8.21 -39.98
CA ASP F 301 -4.94 -7.72 -38.78
C ASP F 301 -5.45 -6.30 -38.97
N SER F 302 -4.85 -5.57 -39.90
CA SER F 302 -5.28 -4.21 -40.22
C SER F 302 -4.91 -3.84 -41.66
N PHE F 303 -5.66 -2.89 -42.21
CA PHE F 303 -5.50 -2.47 -43.59
C PHE F 303 -5.80 -0.98 -43.66
N THR F 304 -5.01 -0.26 -44.43
CA THR F 304 -5.25 1.16 -44.66
C THR F 304 -4.99 1.54 -46.12
N PHE F 305 -5.82 2.44 -46.63
CA PHE F 305 -5.56 3.09 -47.91
C PHE F 305 -6.13 4.50 -47.88
N ASN F 306 -5.72 5.31 -48.85
CA ASN F 306 -6.20 6.69 -48.96
C ASN F 306 -7.16 6.94 -50.09
N PRO F 307 -8.47 7.05 -49.79
CA PRO F 307 -9.40 7.65 -50.75
C PRO F 307 -8.91 9.04 -51.19
N SER F 308 -8.15 9.68 -50.30
CA SER F 308 -7.58 11.00 -50.55
C SER F 308 -6.38 11.00 -51.48
N LYS F 309 -5.98 9.85 -51.99
CA LYS F 309 -5.02 9.83 -53.08
C LYS F 309 -5.72 9.74 -54.44
N TRP F 310 -6.31 8.59 -54.74
CA TRP F 310 -6.74 8.31 -56.10
C TRP F 310 -8.26 8.18 -56.28
N MET F 311 -9.02 8.25 -55.19
CA MET F 311 -10.47 7.98 -55.26
C MET F 311 -11.34 9.25 -55.34
N MET F 312 -10.71 10.41 -55.48
CA MET F 312 -11.43 11.68 -55.75
C MET F 312 -12.19 12.23 -54.53
N VAL F 313 -11.75 11.85 -53.34
CA VAL F 313 -12.15 12.50 -52.11
C VAL F 313 -11.01 13.42 -51.70
N HIS F 314 -11.32 14.69 -51.50
CA HIS F 314 -10.29 15.63 -51.08
C HIS F 314 -9.80 15.35 -49.65
N PHE F 315 -8.55 15.73 -49.41
CA PHE F 315 -7.86 15.42 -48.14
C PHE F 315 -8.47 16.25 -47.01
N ASP F 316 -8.70 15.70 -45.81
CA ASP F 316 -8.21 14.39 -45.35
C ASP F 316 -9.30 13.31 -45.42
N CYS F 317 -8.91 12.10 -45.77
CA CYS F 317 -9.80 10.95 -45.77
C CYS F 317 -8.98 9.68 -45.97
N THR F 318 -8.69 9.00 -44.87
CA THR F 318 -7.97 7.73 -44.89
C THR F 318 -8.85 6.66 -44.30
N GLY F 319 -8.87 5.48 -44.91
CA GLY F 319 -9.61 4.35 -44.36
C GLY F 319 -8.67 3.45 -43.57
N PHE F 320 -9.09 3.06 -42.36
CA PHE F 320 -8.31 2.17 -41.50
C PHE F 320 -9.25 1.08 -40.96
N TRP F 321 -8.95 -0.17 -41.26
CA TRP F 321 -9.73 -1.30 -40.78
C TRP F 321 -8.91 -2.20 -39.86
N VAL F 322 -9.55 -2.71 -38.81
CA VAL F 322 -8.94 -3.69 -37.93
C VAL F 322 -9.82 -4.94 -37.80
N LYS F 323 -9.17 -6.05 -37.50
CA LYS F 323 -9.81 -7.34 -37.33
C LYS F 323 -10.36 -7.49 -35.91
N ASP F 324 -9.71 -6.82 -34.96
CA ASP F 324 -10.10 -6.94 -33.55
C ASP F 324 -10.23 -5.55 -32.92
N LYS F 325 -11.47 -5.08 -32.83
CA LYS F 325 -11.73 -3.75 -32.28
C LYS F 325 -11.47 -3.69 -30.77
N TYR F 326 -11.49 -4.83 -30.10
CA TYR F 326 -11.24 -4.86 -28.66
C TYR F 326 -9.76 -4.60 -28.38
N LYS F 327 -8.88 -5.26 -29.13
CA LYS F 327 -7.44 -5.02 -29.05
C LYS F 327 -7.09 -3.59 -29.44
N LEU F 328 -7.67 -3.10 -30.53
CA LEU F 328 -7.46 -1.71 -30.90
C LEU F 328 -7.79 -0.77 -29.74
N GLN F 329 -8.96 -0.94 -29.16
CA GLN F 329 -9.46 0.01 -28.17
C GLN F 329 -8.71 -0.03 -26.83
N GLN F 330 -8.13 -1.18 -26.50
CA GLN F 330 -7.22 -1.29 -25.34
C GLN F 330 -6.02 -0.36 -25.40
N THR F 331 -5.60 0.01 -26.61
CA THR F 331 -4.44 0.85 -26.83
C THR F 331 -4.66 2.28 -26.30
N PHE F 332 -5.90 2.72 -26.34
CA PHE F 332 -6.26 4.13 -26.27
C PHE F 332 -7.26 4.51 -25.20
N SER F 333 -7.85 3.53 -24.53
CA SER F 333 -9.06 3.76 -23.74
C SER F 333 -8.83 4.59 -22.48
N VAL F 334 -9.47 5.75 -22.44
CA VAL F 334 -9.66 6.53 -21.23
C VAL F 334 -11.13 6.88 -21.16
N ASN F 335 -11.67 6.95 -19.94
CA ASN F 335 -13.12 7.02 -19.73
C ASN F 335 -13.51 7.97 -18.60
N PRO F 336 -13.28 9.27 -18.79
CA PRO F 336 -13.70 10.27 -17.81
C PRO F 336 -15.22 10.46 -17.80
N ILE F 337 -15.77 10.85 -16.65
CA ILE F 337 -17.22 10.98 -16.50
C ILE F 337 -17.82 11.94 -17.52
N TYR F 338 -17.09 13.00 -17.85
CA TYR F 338 -17.60 14.02 -18.77
C TYR F 338 -17.72 13.54 -20.23
N LEU F 339 -17.24 12.34 -20.53
CA LEU F 339 -17.47 11.71 -21.84
C LEU F 339 -18.46 10.54 -21.78
N ARG F 340 -18.99 10.26 -20.58
CA ARG F 340 -19.93 9.15 -20.42
C ARG F 340 -21.28 9.56 -20.97
N HIS F 341 -21.95 8.63 -21.64
CA HIS F 341 -23.32 8.85 -22.09
C HIS F 341 -24.16 7.61 -21.81
N ALA F 342 -25.47 7.68 -22.06
CA ALA F 342 -26.39 6.61 -21.68
C ALA F 342 -25.99 5.26 -22.30
N ASN F 343 -25.42 5.31 -23.50
CA ASN F 343 -25.08 4.11 -24.24
C ASN F 343 -23.59 3.76 -24.24
N SER F 344 -22.83 4.35 -23.30
CA SER F 344 -21.41 4.05 -23.19
C SER F 344 -21.19 2.55 -23.00
N GLY F 345 -20.32 1.97 -23.82
CA GLY F 345 -20.00 0.56 -23.75
C GLY F 345 -20.85 -0.32 -24.65
N VAL F 346 -21.99 0.21 -25.11
CA VAL F 346 -22.77 -0.49 -26.12
C VAL F 346 -22.54 0.17 -27.49
N ALA F 347 -22.68 1.49 -27.57
CA ALA F 347 -22.45 2.24 -28.81
C ALA F 347 -20.95 2.35 -29.14
N THR F 348 -20.65 2.50 -30.42
CA THR F 348 -19.27 2.78 -30.85
C THR F 348 -18.86 4.22 -30.52
N ASP F 349 -17.78 4.37 -29.74
CA ASP F 349 -17.16 5.65 -29.46
C ASP F 349 -15.82 5.65 -30.17
N PHE F 350 -15.75 6.36 -31.29
CA PHE F 350 -14.57 6.30 -32.14
C PHE F 350 -13.32 6.94 -31.52
N MET F 351 -13.46 7.71 -30.44
CA MET F 351 -12.28 8.21 -29.72
C MET F 351 -11.34 7.09 -29.30
N HIS F 352 -11.89 5.90 -29.02
CA HIS F 352 -11.06 4.75 -28.64
C HIS F 352 -10.35 4.05 -29.81
N TRP F 353 -10.60 4.50 -31.03
CA TRP F 353 -10.04 3.91 -32.25
C TRP F 353 -9.00 4.84 -32.90
N GLN F 354 -8.58 5.87 -32.17
CA GLN F 354 -7.74 6.92 -32.74
C GLN F 354 -6.90 7.58 -31.65
N ILE F 355 -5.95 8.40 -32.08
CA ILE F 355 -5.07 9.09 -31.15
C ILE F 355 -5.76 10.25 -30.42
N PRO F 356 -6.41 11.16 -31.15
CA PRO F 356 -6.99 12.32 -30.45
C PRO F 356 -8.38 12.07 -29.88
N LEU F 357 -8.94 13.08 -29.22
CA LEU F 357 -10.34 13.03 -28.81
C LEU F 357 -11.23 13.45 -29.98
N SER F 358 -11.20 14.73 -30.34
CA SER F 358 -12.12 15.26 -31.34
C SER F 358 -11.93 14.61 -32.70
N ARG F 359 -13.03 14.43 -33.41
CA ARG F 359 -13.00 14.03 -34.81
C ARG F 359 -14.20 14.67 -35.51
N ARG F 360 -14.04 14.92 -36.79
CA ARG F 360 -15.09 15.57 -37.56
C ARG F 360 -15.83 14.61 -38.48
N PHE F 361 -16.85 15.16 -39.12
CA PHE F 361 -17.82 14.39 -39.89
C PHE F 361 -17.28 14.17 -41.31
N ARG F 362 -16.16 13.48 -41.41
CA ARG F 362 -15.51 13.24 -42.70
C ARG F 362 -16.33 12.31 -43.63
N SER F 363 -17.24 11.53 -43.07
CA SER F 363 -17.93 10.53 -43.88
C SER F 363 -18.93 11.13 -44.88
N VAL F 364 -19.36 12.38 -44.69
CA VAL F 364 -20.30 12.99 -45.64
C VAL F 364 -19.68 13.10 -47.04
N LYS F 365 -18.49 13.68 -47.14
CA LYS F 365 -17.84 13.83 -48.45
C LYS F 365 -17.55 12.48 -49.11
N LEU F 366 -17.16 11.48 -48.31
CA LEU F 366 -16.89 10.13 -48.83
C LEU F 366 -18.17 9.52 -49.37
N TRP F 367 -19.22 9.62 -48.58
CA TRP F 367 -20.56 9.18 -48.99
C TRP F 367 -21.01 9.86 -50.29
N PHE F 368 -20.83 11.18 -50.37
CA PHE F 368 -21.26 11.94 -51.55
C PHE F 368 -20.49 11.50 -52.79
N VAL F 369 -19.18 11.32 -52.65
CA VAL F 369 -18.35 10.88 -53.77
C VAL F 369 -18.80 9.50 -54.27
N ILE F 370 -18.99 8.57 -53.35
CA ILE F 370 -19.38 7.21 -53.73
C ILE F 370 -20.74 7.23 -54.44
N ARG F 371 -21.70 7.96 -53.88
CA ARG F 371 -23.06 8.01 -54.47
C ARG F 371 -23.11 8.77 -55.78
N SER F 372 -22.36 9.86 -55.87
CA SER F 372 -22.41 10.73 -57.05
C SER F 372 -21.78 10.06 -58.26
N PHE F 373 -20.66 9.37 -58.06
CA PHE F 373 -20.00 8.66 -59.14
C PHE F 373 -20.64 7.30 -59.38
N GLY F 374 -20.97 6.59 -58.30
CA GLY F 374 -21.36 5.19 -58.39
C GLY F 374 -20.11 4.34 -58.55
N VAL F 375 -20.20 3.07 -58.15
CA VAL F 375 -19.05 2.18 -58.23
C VAL F 375 -18.53 2.07 -59.67
N LYS F 376 -19.45 1.98 -60.63
CA LYS F 376 -19.10 1.85 -62.04
C LYS F 376 -18.14 2.96 -62.50
N ASN F 377 -18.43 4.20 -62.13
CA ASN F 377 -17.62 5.31 -62.60
C ASN F 377 -16.32 5.50 -61.83
N LEU F 378 -16.32 5.09 -60.56
CA LEU F 378 -15.06 5.03 -59.80
C LEU F 378 -14.13 4.00 -60.44
N GLN F 379 -14.67 2.84 -60.79
CA GLN F 379 -13.90 1.84 -61.52
C GLN F 379 -13.36 2.38 -62.85
N ALA F 380 -14.22 3.05 -63.62
CA ALA F 380 -13.80 3.61 -64.92
C ALA F 380 -12.68 4.63 -64.76
N HIS F 381 -12.72 5.39 -63.67
CA HIS F 381 -11.66 6.36 -63.40
C HIS F 381 -10.33 5.66 -63.19
N VAL F 382 -10.33 4.61 -62.36
CA VAL F 382 -9.13 3.82 -62.10
C VAL F 382 -8.58 3.23 -63.40
N ARG F 383 -9.45 2.63 -64.19
CA ARG F 383 -9.04 2.01 -65.43
C ARG F 383 -8.46 3.01 -66.42
N HIS F 384 -9.08 4.19 -66.51
CA HIS F 384 -8.60 5.23 -67.41
C HIS F 384 -7.23 5.76 -66.98
N GLY F 385 -7.06 6.04 -65.70
CA GLY F 385 -5.75 6.43 -65.17
C GLY F 385 -4.64 5.46 -65.54
N THR F 386 -4.94 4.16 -65.44
CA THR F 386 -3.96 3.13 -65.77
C THR F 386 -3.68 3.12 -67.29
N GLU F 387 -4.70 3.34 -68.10
CA GLU F 387 -4.50 3.48 -69.55
C GLU F 387 -3.62 4.68 -69.89
N MET F 388 -3.78 5.78 -69.14
CA MET F 388 -2.92 6.95 -69.38
C MET F 388 -1.46 6.61 -69.06
N ALA F 389 -1.26 5.85 -67.98
CA ALA F 389 0.08 5.41 -67.60
C ALA F 389 0.66 4.43 -68.62
N LYS F 390 -0.17 3.51 -69.11
CA LYS F 390 0.25 2.59 -70.17
C LYS F 390 0.71 3.35 -71.41
N TYR F 391 -0.04 4.40 -71.76
CA TYR F 391 0.31 5.23 -72.91
C TYR F 391 1.66 5.93 -72.67
N PHE F 392 1.83 6.54 -71.50
CA PHE F 392 3.12 7.12 -71.13
C PHE F 392 4.24 6.11 -71.23
N GLU F 393 4.01 4.93 -70.65
CA GLU F 393 4.98 3.85 -70.68
C GLU F 393 5.41 3.49 -72.11
N SER F 394 4.44 3.41 -73.02
CA SER F 394 4.72 3.08 -74.42
C SER F 394 5.61 4.16 -75.07
N LEU F 395 5.39 5.42 -74.71
CA LEU F 395 6.21 6.52 -75.24
C LEU F 395 7.67 6.40 -74.80
N VAL F 396 7.87 6.18 -73.50
CA VAL F 396 9.22 5.99 -72.95
C VAL F 396 9.88 4.77 -73.58
N ARG F 397 9.14 3.67 -73.66
CA ARG F 397 9.67 2.39 -74.14
C ARG F 397 10.14 2.46 -75.61
N ASN F 398 9.53 3.35 -76.39
CA ASN F 398 9.92 3.56 -77.80
C ASN F 398 11.16 4.44 -77.97
N ASP F 399 11.70 4.98 -76.87
CA ASP F 399 12.85 5.87 -76.93
C ASP F 399 14.09 5.21 -76.30
N PRO F 400 15.08 4.82 -77.12
CA PRO F 400 16.20 4.01 -76.65
C PRO F 400 17.20 4.71 -75.72
N SER F 401 17.09 6.03 -75.57
CA SER F 401 17.89 6.78 -74.58
C SER F 401 17.43 6.54 -73.15
N PHE F 402 16.21 6.04 -72.98
CA PHE F 402 15.62 5.83 -71.67
C PHE F 402 15.52 4.35 -71.35
N GLU F 403 15.32 4.05 -70.07
CA GLU F 403 15.07 2.68 -69.61
C GLU F 403 14.05 2.71 -68.48
N ILE F 404 13.33 1.61 -68.30
CA ILE F 404 12.26 1.48 -67.30
C ILE F 404 12.64 0.33 -66.36
N PRO F 405 13.21 0.66 -65.19
CA PRO F 405 13.81 -0.35 -64.32
C PRO F 405 12.85 -1.05 -63.35
N ALA F 406 11.55 -0.73 -63.41
CA ALA F 406 10.55 -1.45 -62.63
C ALA F 406 9.23 -1.49 -63.41
N LYS F 407 8.43 -2.55 -63.18
CA LYS F 407 7.18 -2.74 -63.88
C LYS F 407 6.12 -1.74 -63.45
N ARG F 408 5.34 -1.26 -64.43
CA ARG F 408 4.16 -0.43 -64.17
C ARG F 408 2.96 -1.35 -63.97
N HIS F 409 2.41 -1.35 -62.76
CA HIS F 409 1.20 -2.13 -62.45
C HIS F 409 -0.08 -1.29 -62.48
N LEU F 410 0.05 0.02 -62.20
CA LEU F 410 -1.09 0.92 -62.08
C LEU F 410 -0.76 2.24 -62.78
N GLY F 411 -0.87 3.37 -62.09
CA GLY F 411 -0.70 4.68 -62.69
C GLY F 411 0.66 5.35 -62.52
N LEU F 412 1.62 4.62 -61.97
CA LEU F 412 3.00 5.13 -61.79
C LEU F 412 3.95 4.43 -62.76
N VAL F 413 4.66 5.22 -63.56
CA VAL F 413 5.75 4.70 -64.39
C VAL F 413 7.05 5.32 -63.91
N VAL F 414 8.09 4.50 -63.77
CA VAL F 414 9.40 5.00 -63.39
C VAL F 414 10.37 4.79 -64.55
N PHE F 415 11.28 5.74 -64.73
CA PHE F 415 12.19 5.72 -65.86
C PHE F 415 13.43 6.58 -65.56
N ARG F 416 14.45 6.42 -66.40
CA ARG F 416 15.66 7.21 -66.26
C ARG F 416 16.39 7.18 -67.59
N LEU F 417 17.26 8.15 -67.82
CA LEU F 417 18.16 8.09 -68.97
C LEU F 417 19.20 7.00 -68.71
N LYS F 418 19.53 6.24 -69.75
CA LYS F 418 20.63 5.29 -69.66
C LYS F 418 21.92 6.09 -69.41
N GLY F 419 22.78 5.56 -68.55
CA GLY F 419 24.03 6.22 -68.19
C GLY F 419 24.06 6.68 -66.74
N PRO F 420 25.01 7.57 -66.39
CA PRO F 420 25.15 8.02 -65.01
C PRO F 420 23.92 8.73 -64.45
N ASN F 421 23.72 8.63 -63.14
CA ASN F 421 22.60 9.28 -62.46
C ASN F 421 22.53 10.79 -62.71
N SER F 422 23.68 11.42 -62.90
CA SER F 422 23.76 12.86 -63.14
C SER F 422 22.92 13.35 -64.33
N LEU F 423 22.80 12.53 -65.38
CA LEU F 423 21.98 12.88 -66.54
C LEU F 423 20.49 13.02 -66.17
N THR F 424 20.01 12.06 -65.40
CA THR F 424 18.62 12.05 -64.94
C THR F 424 18.38 13.20 -63.95
N GLU F 425 19.35 13.41 -63.07
CA GLU F 425 19.35 14.52 -62.13
C GLU F 425 19.24 15.88 -62.85
N ASN F 426 20.00 16.04 -63.92
CA ASN F 426 20.01 17.29 -64.66
C ASN F 426 18.75 17.49 -65.52
N VAL F 427 18.14 16.39 -65.95
CA VAL F 427 16.84 16.47 -66.64
C VAL F 427 15.78 17.06 -65.70
N LEU F 428 15.76 16.59 -64.46
CA LEU F 428 14.84 17.10 -63.45
C LEU F 428 15.09 18.59 -63.17
N LYS F 429 16.36 18.95 -63.03
CA LYS F 429 16.71 20.36 -62.81
C LYS F 429 16.24 21.24 -63.98
N GLU F 430 16.41 20.76 -65.21
CA GLU F 430 15.97 21.51 -66.41
C GLU F 430 14.46 21.68 -66.45
N ILE F 431 13.73 20.59 -66.19
CA ILE F 431 12.26 20.63 -66.16
C ILE F 431 11.76 21.61 -65.10
N ALA F 432 12.46 21.65 -63.96
CA ALA F 432 12.10 22.54 -62.84
C ALA F 432 12.14 24.02 -63.18
N LYS F 433 12.89 24.40 -64.22
CA LYS F 433 13.06 25.81 -64.55
C LYS F 433 11.75 26.47 -64.96
N ALA F 434 11.01 25.82 -65.85
CA ALA F 434 9.73 26.35 -66.33
C ALA F 434 8.54 25.86 -65.48
N GLY F 435 8.74 24.73 -64.79
CA GLY F 435 7.71 24.17 -63.90
C GLY F 435 6.38 23.88 -64.58
N ARG F 436 6.43 23.52 -65.86
CA ARG F 436 5.23 23.24 -66.63
C ARG F 436 4.66 21.86 -66.29
N LEU F 437 5.51 20.97 -65.80
CA LEU F 437 5.08 19.77 -65.10
C LEU F 437 5.92 19.56 -63.85
N PHE F 438 5.38 18.79 -62.91
CA PHE F 438 6.05 18.52 -61.64
C PHE F 438 6.32 17.03 -61.51
N LEU F 439 7.60 16.68 -61.36
CA LEU F 439 8.09 15.31 -61.23
C LEU F 439 9.06 15.24 -60.07
N ILE F 440 9.10 14.12 -59.36
CA ILE F 440 10.11 13.92 -58.30
C ILE F 440 10.78 12.55 -58.45
N PRO F 441 11.97 12.39 -57.85
CA PRO F 441 12.74 11.16 -58.00
C PRO F 441 12.60 10.14 -56.85
N ALA F 442 13.07 8.93 -57.11
CA ALA F 442 13.30 7.92 -56.09
C ALA F 442 14.60 7.20 -56.43
N THR F 443 14.95 6.21 -55.61
CA THR F 443 16.15 5.43 -55.80
C THR F 443 15.80 3.95 -55.79
N ILE F 444 16.33 3.20 -56.74
CA ILE F 444 16.29 1.74 -56.69
C ILE F 444 17.72 1.23 -56.83
N GLN F 445 18.12 0.39 -55.88
CA GLN F 445 19.52 0.03 -55.64
C GLN F 445 20.47 1.23 -55.83
N ASP F 446 21.25 1.25 -56.91
CA ASP F 446 22.23 2.31 -57.13
C ASP F 446 21.74 3.37 -58.14
N LYS F 447 20.48 3.27 -58.57
CA LYS F 447 19.99 4.08 -59.68
C LYS F 447 18.97 5.14 -59.26
N LEU F 448 19.19 6.38 -59.73
CA LEU F 448 18.22 7.46 -59.61
C LEU F 448 17.17 7.27 -60.69
N ILE F 449 15.89 7.32 -60.30
CA ILE F 449 14.79 7.24 -61.25
C ILE F 449 13.84 8.43 -61.12
N ILE F 450 13.22 8.79 -62.23
CA ILE F 450 12.14 9.78 -62.24
C ILE F 450 10.83 9.03 -62.12
N ARG F 451 9.97 9.49 -61.22
CA ARG F 451 8.63 8.93 -61.10
C ARG F 451 7.66 9.79 -61.92
N PHE F 452 6.81 9.13 -62.70
CA PHE F 452 5.71 9.79 -63.43
C PHE F 452 4.40 9.20 -62.97
N THR F 453 3.68 9.95 -62.15
CA THR F 453 2.39 9.55 -61.64
C THR F 453 1.27 10.22 -62.43
N VAL F 454 0.35 9.42 -62.96
CA VAL F 454 -0.87 9.95 -63.56
C VAL F 454 -1.78 10.38 -62.41
N THR F 455 -2.30 11.59 -62.48
CA THR F 455 -3.06 12.16 -61.37
C THR F 455 -4.50 12.48 -61.78
N SER F 456 -4.73 13.68 -62.31
CA SER F 456 -6.09 14.17 -62.56
C SER F 456 -7.01 13.15 -63.24
N GLN F 457 -8.23 13.05 -62.72
CA GLN F 457 -9.27 12.25 -63.36
C GLN F 457 -9.61 12.74 -64.77
N PHE F 458 -9.19 13.96 -65.10
CA PHE F 458 -9.44 14.55 -66.41
C PHE F 458 -8.25 14.44 -67.36
N THR F 459 -7.22 13.70 -66.95
CA THR F 459 -6.04 13.49 -67.79
C THR F 459 -6.44 12.80 -69.09
N THR F 460 -5.93 13.31 -70.20
CA THR F 460 -6.11 12.71 -71.53
C THR F 460 -4.76 12.31 -72.11
N ARG F 461 -4.79 11.54 -73.19
CA ARG F 461 -3.55 11.18 -73.87
C ARG F 461 -2.81 12.40 -74.41
N ASP F 462 -3.56 13.42 -74.81
CA ASP F 462 -2.95 14.70 -75.20
C ASP F 462 -2.11 15.31 -74.07
N ASP F 463 -2.62 15.27 -72.84
CA ASP F 463 -1.88 15.75 -71.67
C ASP F 463 -0.60 14.93 -71.47
N ILE F 464 -0.73 13.61 -71.62
CA ILE F 464 0.40 12.69 -71.42
C ILE F 464 1.49 12.96 -72.45
N LEU F 465 1.11 13.05 -73.73
CA LEU F 465 2.07 13.33 -74.79
C LEU F 465 2.75 14.69 -74.60
N ARG F 466 1.96 15.70 -74.23
CA ARG F 466 2.48 17.04 -73.97
C ARG F 466 3.60 17.00 -72.93
N ASP F 467 3.37 16.25 -71.85
CA ASP F 467 4.34 16.12 -70.77
C ASP F 467 5.54 15.25 -71.15
N TRP F 468 5.30 14.17 -71.88
CA TRP F 468 6.41 13.38 -72.42
C TRP F 468 7.32 14.26 -73.29
N ASN F 469 6.71 15.08 -74.15
CA ASN F 469 7.50 15.92 -75.07
C ASN F 469 8.39 16.93 -74.33
N LEU F 470 7.88 17.47 -73.22
CA LEU F 470 8.68 18.35 -72.35
C LEU F 470 9.83 17.58 -71.72
N ILE F 471 9.56 16.35 -71.30
CA ILE F 471 10.60 15.48 -70.74
C ILE F 471 11.66 15.16 -71.80
N ARG F 472 11.23 14.79 -73.00
CA ARG F 472 12.18 14.48 -74.09
C ARG F 472 12.99 15.72 -74.49
N ASP F 473 12.36 16.90 -74.49
CA ASP F 473 13.06 18.15 -74.81
C ASP F 473 14.19 18.39 -73.82
N ALA F 474 13.91 18.16 -72.53
CA ALA F 474 14.91 18.32 -71.49
C ALA F 474 16.04 17.30 -71.64
N ALA F 475 15.70 16.05 -71.96
CA ALA F 475 16.70 15.01 -72.14
C ALA F 475 17.61 15.30 -73.35
N THR F 476 17.02 15.83 -74.42
CA THR F 476 17.78 16.20 -75.61
C THR F 476 18.82 17.27 -75.29
N LEU F 477 18.44 18.26 -74.48
CA LEU F 477 19.37 19.29 -74.03
C LEU F 477 20.50 18.67 -73.20
N ILE F 478 20.14 17.91 -72.17
CA ILE F 478 21.12 17.28 -71.29
C ILE F 478 22.08 16.34 -72.04
N LEU F 479 21.55 15.55 -72.98
CA LEU F 479 22.38 14.60 -73.74
C LEU F 479 23.34 15.30 -74.73
N SER F 480 23.06 16.56 -75.05
CA SER F 480 23.95 17.34 -75.92
C SER F 480 25.08 18.03 -75.14
N GLN F 481 24.92 18.18 -73.82
CA GLN F 481 25.90 18.88 -72.99
C GLN F 481 27.14 18.04 -72.71
#